data_4GKH
#
_entry.id   4GKH
#
_cell.length_a   97.185
_cell.length_b   97.298
_cell.length_c   112.738
_cell.angle_alpha   102.97
_cell.angle_beta   106.21
_cell.angle_gamma   112.66
#
_symmetry.space_group_name_H-M   'P 1'
#
loop_
_entity.id
_entity.type
_entity.pdbx_description
1 polymer "Aminoglycoside 3'-phosphotransferase AphA1-IAB"
2 non-polymer 'KANAMYCIN A'
3 non-polymer 1-tert-butyl-3-(naphthalen-1-yl)-1H-pyrazolo[3,4-d]pyrimidin-4-amine
4 non-polymer 'SODIUM ION'
5 non-polymer 'ACETATE ION'
6 non-polymer 'CHLORIDE ION'
7 non-polymer DI(HYDROXYETHYL)ETHER
8 water water
#
_entity_poly.entity_id   1
_entity_poly.type   'polypeptide(L)'
_entity_poly.pdbx_seq_one_letter_code
;G(MSE)SHIQRETSCSRPRLNSNLDADLYGYRWARDNVGQSGATIYRLYGKPNAPELFLKHGKGSVANDVTDE(MSE)VR
LNWLTAF(MSE)PLPTIKHFIRTPDDAWLLTTAIPGKTAFQVLEEYPDSGENIVDALAVFLRRLHSIPVCNCPFNSDRVF
RLAQAQSR(MSE)NNGLVDASDFDDERNGWPVEQVWKE(MSE)HKLLPFSPDSVVTHGDFSLDNLIFDEGKLIGCIDVGR
VGIADRYQDLAILWNCLGEFSPSLQKRLFQKYGIDNPD(MSE)NKLQFHL(MSE)LDEFF
;
_entity_poly.pdbx_strand_id   A,B,C,D,E,F,G,H,I,J,K,L
#
loop_
_chem_comp.id
_chem_comp.type
_chem_comp.name
_chem_comp.formula
0J9 non-polymer 1-tert-butyl-3-(naphthalen-1-yl)-1H-pyrazolo[3,4-d]pyrimidin-4-amine 'C19 H19 N5'
ACT non-polymer 'ACETATE ION' 'C2 H3 O2 -1'
CL non-polymer 'CHLORIDE ION' 'Cl -1'
KAN non-polymer 'KANAMYCIN A' 'C18 H36 N4 O11'
NA non-polymer 'SODIUM ION' 'Na 1'
PEG non-polymer DI(HYDROXYETHYL)ETHER 'C4 H10 O3'
#
# COMPACT_ATOMS: atom_id res chain seq x y z
N ASN A 19 -10.60 27.95 -20.55
CA ASN A 19 -10.15 27.10 -19.44
C ASN A 19 -11.28 26.38 -18.72
N LEU A 20 -11.06 25.11 -18.41
CA LEU A 20 -12.03 24.37 -17.59
C LEU A 20 -12.10 25.04 -16.23
N ASP A 21 -10.95 25.45 -15.71
CA ASP A 21 -10.86 26.16 -14.44
C ASP A 21 -11.75 27.39 -14.37
N ALA A 22 -11.82 28.13 -15.47
CA ALA A 22 -12.61 29.34 -15.53
C ALA A 22 -14.10 29.00 -15.42
N ASP A 23 -14.48 27.88 -16.02
CA ASP A 23 -15.87 27.45 -16.03
C ASP A 23 -16.30 26.82 -14.71
N LEU A 24 -15.33 26.42 -13.88
CA LEU A 24 -15.65 25.68 -12.66
C LEU A 24 -15.51 26.53 -11.39
N TYR A 25 -14.97 27.74 -11.53
CA TYR A 25 -14.70 28.60 -10.38
C TYR A 25 -15.94 28.91 -9.53
N GLY A 26 -15.75 28.89 -8.20
CA GLY A 26 -16.78 29.29 -7.26
C GLY A 26 -17.93 28.31 -7.03
N TYR A 27 -17.78 27.07 -7.48
CA TYR A 27 -18.84 26.08 -7.32
C TYR A 27 -18.56 25.18 -6.13
N ARG A 28 -19.63 24.72 -5.48
CA ARG A 28 -19.49 23.64 -4.49
C ARG A 28 -19.51 22.32 -5.25
N TRP A 29 -18.81 21.32 -4.72
CA TRP A 29 -18.68 20.03 -5.42
C TRP A 29 -19.32 18.88 -4.67
N ALA A 30 -20.09 18.06 -5.38
CA ALA A 30 -20.60 16.81 -4.82
C ALA A 30 -20.33 15.70 -5.83
N ARG A 31 -20.29 14.46 -5.35
CA ARG A 31 -20.03 13.30 -6.19
C ARG A 31 -21.29 12.42 -6.18
N ASP A 32 -21.79 12.06 -7.34
CA ASP A 32 -23.04 11.31 -7.43
C ASP A 32 -22.78 9.89 -7.92
N ASN A 33 -23.15 8.90 -7.12
CA ASN A 33 -23.13 7.53 -7.59
C ASN A 33 -24.45 7.25 -8.30
N VAL A 34 -24.38 7.37 -9.62
CA VAL A 34 -25.53 7.45 -10.50
C VAL A 34 -24.91 7.41 -11.89
N GLY A 35 -25.72 7.33 -12.95
CA GLY A 35 -25.19 7.43 -14.30
C GLY A 35 -24.87 6.14 -15.05
N GLN A 36 -24.96 6.23 -16.38
CA GLN A 36 -24.91 5.09 -17.29
C GLN A 36 -23.59 4.30 -17.32
N SER A 37 -22.47 5.00 -17.55
CA SER A 37 -21.17 4.35 -17.58
C SER A 37 -20.54 4.34 -16.19
N GLY A 38 -19.30 3.86 -16.10
CA GLY A 38 -18.58 3.88 -14.84
C GLY A 38 -17.86 5.22 -14.63
N ALA A 39 -18.32 6.26 -15.32
CA ALA A 39 -17.72 7.57 -15.16
C ALA A 39 -17.90 8.09 -13.74
N THR A 40 -17.00 8.98 -13.30
CA THR A 40 -17.24 9.69 -12.05
C THR A 40 -18.09 10.91 -12.36
N ILE A 41 -19.17 11.08 -11.63
CA ILE A 41 -20.08 12.20 -11.90
C ILE A 41 -20.04 13.20 -10.76
N TYR A 42 -19.75 14.46 -11.10
CA TYR A 42 -19.75 15.55 -10.13
C TYR A 42 -20.92 16.49 -10.38
N ARG A 43 -21.57 16.92 -9.30
CA ARG A 43 -22.57 17.97 -9.36
C ARG A 43 -21.93 19.26 -8.85
N LEU A 44 -22.01 20.31 -9.67
CA LEU A 44 -21.48 21.63 -9.31
C LEU A 44 -22.68 22.52 -9.00
N TYR A 45 -22.70 23.11 -7.81
CA TYR A 45 -23.88 23.82 -7.35
C TYR A 45 -23.47 24.87 -6.33
N GLY A 46 -24.44 25.62 -5.83
CA GLY A 46 -24.19 26.55 -4.74
C GLY A 46 -23.47 27.81 -5.13
N LYS A 47 -23.36 28.07 -6.43
CA LYS A 47 -22.72 29.31 -6.89
C LYS A 47 -23.75 30.39 -7.13
N PRO A 48 -23.65 31.50 -6.38
CA PRO A 48 -24.58 32.62 -6.55
C PRO A 48 -24.65 33.09 -8.00
N ASN A 49 -25.87 33.33 -8.50
CA ASN A 49 -26.08 33.82 -9.86
C ASN A 49 -25.53 32.90 -10.94
N ALA A 50 -25.45 31.61 -10.66
CA ALA A 50 -24.96 30.65 -11.64
C ALA A 50 -25.78 29.36 -11.59
N PRO A 51 -25.97 28.72 -12.75
CA PRO A 51 -26.74 27.47 -12.84
C PRO A 51 -26.00 26.29 -12.24
N GLU A 52 -26.72 25.23 -11.93
CA GLU A 52 -26.11 23.96 -11.56
C GLU A 52 -25.52 23.29 -12.82
N LEU A 53 -24.38 22.60 -12.68
CA LEU A 53 -23.76 21.91 -13.81
C LEU A 53 -23.43 20.48 -13.44
N PHE A 54 -23.18 19.64 -14.45
CA PHE A 54 -22.64 18.31 -14.17
C PHE A 54 -21.31 18.13 -14.88
N LEU A 55 -20.39 17.42 -14.22
CA LEU A 55 -19.09 17.14 -14.83
C LEU A 55 -18.86 15.64 -14.80
N LYS A 56 -18.74 15.03 -15.98
CA LYS A 56 -18.45 13.61 -16.04
C LYS A 56 -16.96 13.42 -16.30
N HIS A 57 -16.33 12.53 -15.55
CA HIS A 57 -14.92 12.25 -15.80
C HIS A 57 -14.76 10.77 -16.10
N GLY A 58 -14.19 10.46 -17.26
CA GLY A 58 -13.90 9.08 -17.60
C GLY A 58 -12.41 8.86 -17.72
N LYS A 59 -11.92 7.81 -17.05
CA LYS A 59 -10.51 7.48 -17.06
C LYS A 59 -10.32 6.13 -17.78
N GLY A 60 -9.23 5.98 -18.54
CA GLY A 60 -8.97 4.72 -19.25
C GLY A 60 -10.06 4.37 -20.24
N SER A 61 -10.58 3.14 -20.17
CA SER A 61 -11.63 2.70 -21.09
C SER A 61 -12.84 3.64 -21.02
N VAL A 62 -13.14 4.11 -19.82
CA VAL A 62 -14.31 4.96 -19.60
C VAL A 62 -14.18 6.33 -20.28
N ALA A 63 -12.95 6.74 -20.57
CA ALA A 63 -12.75 7.95 -21.37
C ALA A 63 -13.47 7.83 -22.70
N ASN A 64 -13.45 6.65 -23.29
CA ASN A 64 -14.14 6.45 -24.58
C ASN A 64 -15.65 6.60 -24.44
N ASP A 65 -16.20 6.05 -23.35
CA ASP A 65 -17.64 6.16 -23.11
C ASP A 65 -18.08 7.61 -22.97
N VAL A 66 -17.31 8.39 -22.24
CA VAL A 66 -17.62 9.80 -22.07
C VAL A 66 -17.49 10.59 -23.41
N THR A 67 -16.48 10.25 -24.19
CA THR A 67 -16.29 10.85 -25.52
C THR A 67 -17.47 10.51 -26.42
N ASP A 68 -17.95 9.26 -26.32
CA ASP A 68 -19.09 8.81 -27.10
C ASP A 68 -20.31 9.65 -26.75
N GLU A 69 -20.50 9.91 -25.47
CA GLU A 69 -21.66 10.71 -25.08
C GLU A 69 -21.56 12.12 -25.60
N MSE A 70 -20.37 12.70 -25.51
CA MSE A 70 -20.18 14.07 -25.98
C MSE A 70 -20.63 14.25 -27.42
O MSE A 70 -21.35 15.17 -27.73
CB MSE A 70 -18.73 14.53 -25.81
CG MSE A 70 -18.50 16.00 -26.17
SE MSE A 70 -18.09 16.28 -28.08
CE MSE A 70 -16.49 15.24 -28.13
N VAL A 71 -20.18 13.37 -28.32
CA VAL A 71 -20.50 13.63 -29.73
C VAL A 71 -21.95 13.36 -30.04
N ARG A 72 -22.54 12.41 -29.33
CA ARG A 72 -23.96 12.13 -29.49
C ARG A 72 -24.82 13.30 -28.97
N LEU A 73 -24.39 13.91 -27.85
CA LEU A 73 -25.07 15.11 -27.34
C LEU A 73 -24.98 16.23 -28.36
N ASN A 74 -23.79 16.39 -28.91
CA ASN A 74 -23.56 17.44 -29.89
C ASN A 74 -24.48 17.27 -31.11
N TRP A 75 -24.71 16.03 -31.52
CA TRP A 75 -25.56 15.75 -32.68
C TRP A 75 -27.05 15.88 -32.39
N LEU A 76 -27.48 15.21 -31.33
CA LEU A 76 -28.91 15.03 -31.09
C LEU A 76 -29.61 16.32 -30.64
N THR A 77 -28.83 17.27 -30.16
CA THR A 77 -29.38 18.53 -29.65
C THR A 77 -30.12 19.33 -30.73
N ALA A 78 -29.81 19.07 -32.00
CA ALA A 78 -30.52 19.71 -33.10
C ALA A 78 -31.98 19.22 -33.18
N PHE A 79 -32.23 18.04 -32.60
CA PHE A 79 -33.52 17.37 -32.73
C PHE A 79 -34.36 17.21 -31.46
N MSE A 80 -33.71 17.12 -30.30
CA MSE A 80 -34.37 16.80 -29.05
C MSE A 80 -33.80 17.64 -27.91
O MSE A 80 -32.64 18.05 -27.99
CB MSE A 80 -34.17 15.31 -28.72
CG MSE A 80 -34.77 14.36 -29.78
SE MSE A 80 -36.69 14.46 -29.90
CE MSE A 80 -37.11 13.59 -28.19
N PRO A 81 -34.58 17.85 -26.85
CA PRO A 81 -34.09 18.59 -25.66
C PRO A 81 -33.13 17.74 -24.81
N LEU A 82 -31.88 18.20 -24.67
CA LEU A 82 -30.81 17.46 -23.98
C LEU A 82 -30.00 18.48 -23.20
N PRO A 83 -29.09 18.02 -22.31
CA PRO A 83 -28.23 19.00 -21.65
C PRO A 83 -27.38 19.71 -22.69
N THR A 84 -26.94 20.93 -22.38
CA THR A 84 -26.08 21.71 -23.28
C THR A 84 -24.63 21.49 -22.88
N ILE A 85 -23.76 21.19 -23.84
CA ILE A 85 -22.32 21.05 -23.58
C ILE A 85 -21.69 22.39 -23.30
N LYS A 86 -21.08 22.53 -22.12
CA LYS A 86 -20.35 23.73 -21.83
C LYS A 86 -18.84 23.63 -22.14
N HIS A 87 -18.25 22.46 -21.92
CA HIS A 87 -16.81 22.29 -22.16
C HIS A 87 -16.53 20.81 -22.24
N PHE A 88 -15.60 20.41 -23.11
CA PHE A 88 -15.18 19.02 -23.13
C PHE A 88 -13.69 18.96 -23.40
N ILE A 89 -13.03 18.01 -22.74
CA ILE A 89 -11.59 17.86 -22.92
CA ILE A 89 -11.58 17.86 -22.86
C ILE A 89 -11.28 16.38 -23.03
N ARG A 90 -10.41 16.04 -23.98
CA ARG A 90 -9.95 14.67 -24.13
C ARG A 90 -8.43 14.68 -24.20
N THR A 91 -7.81 13.93 -23.30
CA THR A 91 -6.39 13.61 -23.39
C THR A 91 -6.31 12.09 -23.59
N PRO A 92 -5.10 11.52 -23.81
CA PRO A 92 -5.06 10.08 -24.12
C PRO A 92 -5.80 9.19 -23.14
N ASP A 93 -5.66 9.43 -21.83
CA ASP A 93 -6.26 8.58 -20.81
C ASP A 93 -7.49 9.16 -20.08
N ASP A 94 -7.93 10.37 -20.45
CA ASP A 94 -8.98 11.03 -19.69
C ASP A 94 -9.93 11.82 -20.57
N ALA A 95 -11.19 11.84 -20.16
CA ALA A 95 -12.19 12.67 -20.82
C ALA A 95 -13.00 13.37 -19.74
N TRP A 96 -13.23 14.68 -19.93
CA TRP A 96 -14.01 15.47 -19.00
C TRP A 96 -15.15 16.13 -19.77
N LEU A 97 -16.40 15.90 -19.35
CA LEU A 97 -17.56 16.47 -20.06
C LEU A 97 -18.40 17.34 -19.10
N LEU A 98 -18.44 18.65 -19.35
CA LEU A 98 -19.16 19.58 -18.49
C LEU A 98 -20.45 20.01 -19.20
N THR A 99 -21.60 19.74 -18.59
CA THR A 99 -22.88 20.08 -19.21
C THR A 99 -23.79 20.85 -18.24
N THR A 100 -24.78 21.53 -18.79
CA THR A 100 -25.79 22.18 -17.96
C THR A 100 -26.68 21.12 -17.31
N ALA A 101 -27.25 21.42 -16.14
CA ALA A 101 -28.19 20.49 -15.52
C ALA A 101 -29.58 20.76 -16.05
N ILE A 102 -30.29 19.71 -16.46
CA ILE A 102 -31.72 19.87 -16.73
C ILE A 102 -32.48 19.86 -15.41
N PRO A 103 -33.17 20.97 -15.08
CA PRO A 103 -33.87 21.03 -13.79
C PRO A 103 -34.98 20.00 -13.71
N GLY A 104 -35.31 19.54 -12.51
CA GLY A 104 -36.40 18.59 -12.33
C GLY A 104 -35.97 17.26 -11.71
N LYS A 105 -36.83 16.26 -11.85
CA LYS A 105 -36.61 14.94 -11.27
C LYS A 105 -36.77 13.88 -12.34
N THR A 106 -36.26 12.68 -12.12
CA THR A 106 -36.41 11.61 -13.10
C THR A 106 -37.86 11.12 -13.18
N ALA A 107 -38.21 10.48 -14.29
CA ALA A 107 -39.54 9.90 -14.43
C ALA A 107 -39.81 8.94 -13.28
N PHE A 108 -38.77 8.20 -12.88
CA PHE A 108 -38.93 7.27 -11.75
C PHE A 108 -39.34 8.02 -10.48
N GLN A 109 -38.61 9.09 -10.17
CA GLN A 109 -38.90 9.90 -9.00
C GLN A 109 -40.31 10.47 -9.02
N VAL A 110 -40.73 11.03 -10.15
CA VAL A 110 -42.05 11.67 -10.17
CA VAL A 110 -42.05 11.67 -10.25
C VAL A 110 -43.16 10.64 -10.16
N LEU A 111 -42.90 9.46 -10.73
CA LEU A 111 -43.89 8.38 -10.63
C LEU A 111 -44.09 7.98 -9.16
N GLU A 112 -43.00 7.81 -8.40
CA GLU A 112 -43.13 7.50 -6.96
C GLU A 112 -43.80 8.61 -6.16
N GLU A 113 -43.55 9.85 -6.57
CA GLU A 113 -44.11 11.01 -5.88
C GLU A 113 -45.58 11.24 -6.20
N TYR A 114 -45.98 10.91 -7.43
CA TYR A 114 -47.36 11.10 -7.83
C TYR A 114 -47.89 9.82 -8.44
N PRO A 115 -48.13 8.80 -7.61
CA PRO A 115 -48.54 7.50 -8.15
C PRO A 115 -49.84 7.59 -8.95
N ASP A 116 -50.72 8.52 -8.59
CA ASP A 116 -51.97 8.78 -9.33
C ASP A 116 -51.77 9.33 -10.75
N SER A 117 -50.58 9.82 -11.05
CA SER A 117 -50.27 10.41 -12.35
C SER A 117 -49.61 9.43 -13.32
N GLY A 118 -49.61 8.15 -12.99
CA GLY A 118 -48.96 7.15 -13.85
C GLY A 118 -49.40 7.16 -15.31
N GLU A 119 -50.71 7.21 -15.55
CA GLU A 119 -51.18 7.24 -16.92
C GLU A 119 -50.67 8.48 -17.65
N ASN A 120 -50.71 9.64 -17.00
CA ASN A 120 -50.23 10.86 -17.64
C ASN A 120 -48.73 10.80 -17.90
N ILE A 121 -47.99 10.20 -16.97
CA ILE A 121 -46.53 10.11 -17.11
C ILE A 121 -46.15 9.21 -18.29
N VAL A 122 -46.82 8.07 -18.39
CA VAL A 122 -46.55 7.16 -19.50
C VAL A 122 -46.97 7.77 -20.85
N ASP A 123 -48.12 8.46 -20.87
CA ASP A 123 -48.57 9.14 -22.08
C ASP A 123 -47.50 10.13 -22.56
N ALA A 124 -46.93 10.88 -21.64
CA ALA A 124 -45.88 11.84 -21.99
C ALA A 124 -44.64 11.11 -22.50
N LEU A 125 -44.31 9.98 -21.89
CA LEU A 125 -43.13 9.21 -22.30
C LEU A 125 -43.30 8.67 -23.73
N ALA A 126 -44.50 8.19 -24.04
CA ALA A 126 -44.78 7.68 -25.39
C ALA A 126 -44.65 8.78 -26.44
N VAL A 127 -45.19 9.95 -26.12
CA VAL A 127 -45.14 11.09 -27.06
C VAL A 127 -43.68 11.46 -27.35
N PHE A 128 -42.88 11.46 -26.30
CA PHE A 128 -41.47 11.84 -26.38
C PHE A 128 -40.70 10.80 -27.20
N LEU A 129 -40.99 9.54 -26.98
CA LEU A 129 -40.37 8.45 -27.71
C LEU A 129 -40.78 8.46 -29.18
N ARG A 130 -42.06 8.77 -29.43
CA ARG A 130 -42.53 8.92 -30.80
C ARG A 130 -41.76 10.02 -31.54
N ARG A 131 -41.51 11.13 -30.85
CA ARG A 131 -40.73 12.23 -31.43
C ARG A 131 -39.34 11.75 -31.82
N LEU A 132 -38.65 11.13 -30.86
CA LEU A 132 -37.30 10.61 -31.12
C LEU A 132 -37.27 9.65 -32.30
N HIS A 133 -38.23 8.72 -32.32
CA HIS A 133 -38.29 7.75 -33.38
C HIS A 133 -38.79 8.29 -34.72
N SER A 134 -39.20 9.57 -34.75
CA SER A 134 -39.64 10.17 -36.00
CA SER A 134 -39.64 10.17 -36.00
C SER A 134 -38.51 10.91 -36.71
N ILE A 135 -37.34 11.00 -36.07
CA ILE A 135 -36.21 11.67 -36.73
C ILE A 135 -35.80 10.83 -37.94
N PRO A 136 -35.78 11.43 -39.14
CA PRO A 136 -35.38 10.59 -40.30
C PRO A 136 -33.97 10.00 -40.08
N VAL A 137 -33.81 8.69 -40.29
CA VAL A 137 -32.53 8.06 -39.97
C VAL A 137 -31.41 8.57 -40.88
N CYS A 138 -31.77 9.20 -41.99
CA CYS A 138 -30.75 9.79 -42.87
C CYS A 138 -29.96 10.92 -42.19
N ASN A 139 -30.47 11.42 -41.06
CA ASN A 139 -29.80 12.47 -40.31
C ASN A 139 -28.72 11.95 -39.35
N CYS A 140 -28.71 10.64 -39.12
CA CYS A 140 -27.98 10.08 -37.98
C CYS A 140 -26.67 9.37 -38.35
N PRO A 141 -25.53 9.90 -37.89
CA PRO A 141 -24.22 9.37 -38.28
C PRO A 141 -23.77 8.23 -37.36
N PHE A 142 -24.64 7.80 -36.46
CA PHE A 142 -24.27 6.76 -35.49
C PHE A 142 -24.96 5.41 -35.73
N ASN A 143 -24.16 4.35 -35.66
CA ASN A 143 -24.64 2.99 -35.82
C ASN A 143 -24.76 2.33 -34.47
N SER A 144 -25.97 1.94 -34.08
CA SER A 144 -26.19 1.20 -32.84
C SER A 144 -26.94 -0.12 -33.10
N ASP A 145 -26.75 -0.70 -34.27
CA ASP A 145 -27.55 -1.84 -34.65
C ASP A 145 -27.18 -3.10 -33.89
N ARG A 146 -27.99 -4.13 -34.09
CA ARG A 146 -27.84 -5.31 -33.26
C ARG A 146 -26.52 -6.05 -33.50
N VAL A 147 -26.01 -6.05 -34.72
CA VAL A 147 -24.72 -6.68 -35.00
CA VAL A 147 -24.73 -6.71 -34.95
C VAL A 147 -23.62 -5.98 -34.19
N PHE A 148 -23.70 -4.65 -34.15
CA PHE A 148 -22.76 -3.83 -33.38
C PHE A 148 -22.88 -4.07 -31.86
N ARG A 149 -24.10 -4.09 -31.35
CA ARG A 149 -24.32 -4.24 -29.92
C ARG A 149 -24.02 -5.66 -29.47
N LEU A 150 -24.30 -6.64 -30.32
CA LEU A 150 -24.01 -8.02 -29.95
C LEU A 150 -22.50 -8.22 -29.79
N ALA A 151 -21.73 -7.63 -30.70
CA ALA A 151 -20.28 -7.71 -30.59
C ALA A 151 -19.79 -6.99 -29.33
N GLN A 152 -20.42 -5.86 -29.00
CA GLN A 152 -20.09 -5.17 -27.76
C GLN A 152 -20.37 -6.07 -26.56
N ALA A 153 -21.51 -6.73 -26.60
CA ALA A 153 -21.93 -7.60 -25.49
C ALA A 153 -20.96 -8.77 -25.32
N GLN A 154 -20.57 -9.35 -26.46
CA GLN A 154 -19.67 -10.50 -26.42
C GLN A 154 -18.37 -10.11 -25.73
N SER A 155 -17.84 -8.94 -26.10
CA SER A 155 -16.61 -8.42 -25.51
C SER A 155 -16.72 -8.11 -24.03
N ARG A 156 -17.81 -7.48 -23.62
CA ARG A 156 -18.06 -7.24 -22.21
C ARG A 156 -18.13 -8.53 -21.41
N MSE A 157 -18.80 -9.54 -21.96
CA MSE A 157 -18.87 -10.85 -21.32
C MSE A 157 -17.48 -11.45 -21.19
O MSE A 157 -17.11 -11.96 -20.15
CB MSE A 157 -19.76 -11.80 -22.12
CG MSE A 157 -19.79 -13.23 -21.55
SE MSE A 157 -21.02 -14.44 -22.47
CE MSE A 157 -20.32 -14.22 -24.28
N ASN A 158 -16.73 -11.39 -22.28
CA ASN A 158 -15.40 -11.99 -22.32
C ASN A 158 -14.40 -11.28 -21.41
N ASN A 159 -14.59 -9.98 -21.25
CA ASN A 159 -13.74 -9.18 -20.37
C ASN A 159 -14.15 -9.26 -18.91
N GLY A 160 -15.26 -9.96 -18.65
CA GLY A 160 -15.71 -10.17 -17.30
C GLY A 160 -16.49 -9.00 -16.72
N LEU A 161 -17.03 -8.17 -17.60
CA LEU A 161 -17.63 -6.91 -17.16
C LEU A 161 -19.14 -6.99 -16.94
N VAL A 162 -19.76 -8.11 -17.30
CA VAL A 162 -21.21 -8.21 -17.14
C VAL A 162 -21.63 -8.36 -15.68
N ASP A 163 -22.60 -7.56 -15.22
CA ASP A 163 -23.08 -7.68 -13.84
C ASP A 163 -24.13 -8.77 -13.72
N ALA A 164 -23.72 -9.98 -13.37
CA ALA A 164 -24.64 -11.12 -13.35
C ALA A 164 -25.63 -11.08 -12.18
N SER A 165 -25.40 -10.18 -11.24
CA SER A 165 -26.30 -10.01 -10.11
C SER A 165 -27.48 -9.13 -10.48
N ASP A 166 -27.36 -8.40 -11.59
CA ASP A 166 -28.36 -7.39 -11.95
C ASP A 166 -29.32 -7.85 -13.05
N PHE A 167 -29.38 -9.16 -13.31
CA PHE A 167 -30.28 -9.65 -14.36
C PHE A 167 -31.75 -9.49 -13.94
N ASP A 168 -32.65 -9.48 -14.92
CA ASP A 168 -34.09 -9.50 -14.64
C ASP A 168 -34.53 -10.78 -13.91
N ASP A 169 -35.76 -10.78 -13.38
CA ASP A 169 -36.21 -11.91 -12.57
C ASP A 169 -36.28 -13.21 -13.37
N GLU A 170 -36.68 -13.13 -14.65
CA GLU A 170 -36.72 -14.31 -15.51
C GLU A 170 -35.38 -15.04 -15.56
N ARG A 171 -34.30 -14.28 -15.44
CA ARG A 171 -32.95 -14.86 -15.56
C ARG A 171 -32.12 -14.79 -14.28
N ASN A 172 -32.79 -14.82 -13.15
CA ASN A 172 -32.10 -14.72 -11.88
C ASN A 172 -31.28 -15.99 -11.65
N GLY A 173 -29.97 -15.83 -11.44
CA GLY A 173 -29.11 -16.96 -11.18
C GLY A 173 -28.58 -17.63 -12.44
N TRP A 174 -28.97 -17.13 -13.60
CA TRP A 174 -28.45 -17.65 -14.87
C TRP A 174 -26.98 -17.30 -15.02
N PRO A 175 -26.15 -18.28 -15.43
CA PRO A 175 -24.79 -17.91 -15.83
C PRO A 175 -24.85 -16.97 -17.03
N VAL A 176 -23.97 -15.98 -17.10
CA VAL A 176 -23.97 -15.06 -18.24
C VAL A 176 -23.91 -15.82 -19.58
N GLU A 177 -23.16 -16.93 -19.61
CA GLU A 177 -23.07 -17.77 -20.80
C GLU A 177 -24.41 -18.32 -21.25
N GLN A 178 -25.28 -18.67 -20.29
CA GLN A 178 -26.62 -19.14 -20.62
C GLN A 178 -27.51 -18.02 -21.19
N VAL A 179 -27.42 -16.82 -20.63
CA VAL A 179 -28.10 -15.66 -21.21
C VAL A 179 -27.66 -15.46 -22.66
N TRP A 180 -26.35 -15.52 -22.89
CA TRP A 180 -25.80 -15.38 -24.25
C TRP A 180 -26.35 -16.46 -25.20
N LYS A 181 -26.28 -17.72 -24.81
CA LYS A 181 -26.74 -18.81 -25.67
C LYS A 181 -28.24 -18.72 -25.98
N GLU A 182 -29.04 -18.47 -24.95
CA GLU A 182 -30.48 -18.43 -25.10
C GLU A 182 -30.90 -17.27 -25.99
N MSE A 183 -30.19 -16.17 -25.85
CA MSE A 183 -30.49 -14.98 -26.63
C MSE A 183 -30.36 -15.27 -28.13
O MSE A 183 -31.12 -14.74 -28.93
CB MSE A 183 -29.56 -13.83 -26.22
CG MSE A 183 -29.87 -12.53 -26.95
SE MSE A 183 -28.88 -11.00 -26.29
CE MSE A 183 -27.07 -11.73 -26.47
N HIS A 184 -29.40 -16.10 -28.52
CA HIS A 184 -29.18 -16.34 -29.95
C HIS A 184 -30.26 -17.21 -30.60
N LYS A 185 -31.03 -17.91 -29.78
CA LYS A 185 -32.16 -18.69 -30.28
C LYS A 185 -33.35 -17.88 -30.82
N LEU A 186 -33.41 -16.60 -30.46
CA LEU A 186 -34.46 -15.70 -30.95
C LEU A 186 -34.18 -15.14 -32.35
N LEU A 187 -32.89 -15.05 -32.70
CA LEU A 187 -32.45 -14.46 -33.97
C LEU A 187 -32.70 -15.40 -35.16
N PRO A 188 -32.93 -14.84 -36.35
CA PRO A 188 -32.89 -13.41 -36.67
C PRO A 188 -34.24 -12.77 -37.00
N PHE A 189 -34.27 -11.44 -36.99
CA PHE A 189 -35.43 -10.68 -37.43
C PHE A 189 -35.00 -9.47 -38.25
N SER A 190 -35.89 -8.95 -39.09
CA SER A 190 -35.57 -7.75 -39.86
C SER A 190 -35.79 -6.52 -38.98
N PRO A 191 -34.75 -5.69 -38.82
CA PRO A 191 -34.89 -4.51 -37.96
C PRO A 191 -35.86 -3.49 -38.54
N ASP A 192 -36.57 -2.82 -37.64
CA ASP A 192 -37.42 -1.69 -37.97
C ASP A 192 -36.63 -0.50 -37.41
N SER A 193 -35.72 0.02 -38.23
CA SER A 193 -34.66 0.92 -37.72
C SER A 193 -35.12 2.36 -37.57
N VAL A 194 -34.79 2.95 -36.43
CA VAL A 194 -35.12 4.34 -36.16
C VAL A 194 -33.95 4.91 -35.38
N VAL A 195 -33.96 6.22 -35.17
CA VAL A 195 -32.98 6.81 -34.24
C VAL A 195 -33.37 6.43 -32.81
N THR A 196 -32.47 5.76 -32.09
CA THR A 196 -32.77 5.31 -30.73
C THR A 196 -31.89 6.00 -29.70
N HIS A 197 -32.38 6.03 -28.46
CA HIS A 197 -31.66 6.63 -27.35
C HIS A 197 -30.62 5.63 -26.83
N GLY A 198 -31.03 4.38 -26.69
CA GLY A 198 -30.14 3.32 -26.23
C GLY A 198 -30.22 2.94 -24.76
N ASP A 199 -30.70 3.84 -23.92
CA ASP A 199 -30.96 3.53 -22.51
C ASP A 199 -32.19 4.33 -22.05
N PHE A 200 -33.33 4.07 -22.70
CA PHE A 200 -34.56 4.83 -22.48
C PHE A 200 -35.26 4.31 -21.23
N SER A 201 -34.64 4.54 -20.08
CA SER A 201 -35.17 4.08 -18.82
C SER A 201 -35.84 5.22 -18.07
N LEU A 202 -36.54 4.89 -16.98
CA LEU A 202 -37.16 5.92 -16.16
C LEU A 202 -36.15 6.83 -15.45
N ASP A 203 -34.89 6.42 -15.38
CA ASP A 203 -33.89 7.27 -14.75
C ASP A 203 -33.34 8.33 -15.71
N ASN A 204 -33.61 8.17 -17.00
CA ASN A 204 -32.94 9.03 -18.00
C ASN A 204 -33.85 10.03 -18.71
N LEU A 205 -35.07 10.16 -18.21
CA LEU A 205 -36.05 11.09 -18.75
C LEU A 205 -36.40 12.05 -17.62
N ILE A 206 -36.35 13.35 -17.89
CA ILE A 206 -36.48 14.33 -16.81
C ILE A 206 -37.77 15.13 -16.86
N PHE A 207 -38.50 15.13 -15.75
CA PHE A 207 -39.76 15.84 -15.63
C PHE A 207 -39.57 17.07 -14.77
N ASP A 208 -40.22 18.16 -15.16
CA ASP A 208 -40.14 19.41 -14.44
C ASP A 208 -41.47 20.14 -14.52
N GLU A 209 -42.04 20.46 -13.37
CA GLU A 209 -43.35 21.11 -13.30
C GLU A 209 -44.42 20.41 -14.14
N GLY A 210 -44.37 19.09 -14.16
CA GLY A 210 -45.41 18.31 -14.82
C GLY A 210 -45.08 17.88 -16.22
N LYS A 211 -44.06 18.50 -16.80
CA LYS A 211 -43.74 18.26 -18.20
C LYS A 211 -42.43 17.50 -18.35
N LEU A 212 -42.40 16.58 -19.30
CA LEU A 212 -41.17 15.91 -19.66
C LEU A 212 -40.37 16.87 -20.53
N ILE A 213 -39.25 17.36 -20.00
CA ILE A 213 -38.54 18.45 -20.65
C ILE A 213 -37.17 18.09 -21.23
N GLY A 214 -36.72 16.85 -21.02
CA GLY A 214 -35.44 16.44 -21.56
C GLY A 214 -35.05 15.00 -21.28
N CYS A 215 -34.04 14.53 -21.99
CA CYS A 215 -33.44 13.23 -21.70
C CYS A 215 -31.95 13.39 -21.45
N ILE A 216 -31.37 12.44 -20.73
CA ILE A 216 -29.96 12.49 -20.38
C ILE A 216 -29.31 11.14 -20.72
N ASP A 217 -27.98 11.05 -20.53
CA ASP A 217 -27.25 9.80 -20.72
C ASP A 217 -27.39 9.26 -22.14
N VAL A 218 -26.91 10.01 -23.13
CA VAL A 218 -27.20 9.65 -24.51
C VAL A 218 -26.03 8.93 -25.20
N GLY A 219 -25.15 8.35 -24.40
CA GLY A 219 -23.97 7.70 -24.92
C GLY A 219 -24.18 6.53 -25.88
N ARG A 220 -25.37 5.94 -25.85
CA ARG A 220 -25.67 4.79 -26.71
C ARG A 220 -26.61 5.15 -27.88
N VAL A 221 -26.81 6.46 -28.10
CA VAL A 221 -27.61 6.92 -29.25
C VAL A 221 -27.09 6.39 -30.60
N GLY A 222 -28.01 5.91 -31.44
CA GLY A 222 -27.67 5.53 -32.79
C GLY A 222 -28.81 4.83 -33.48
N ILE A 223 -28.65 4.53 -34.77
CA ILE A 223 -29.68 3.79 -35.49
C ILE A 223 -29.77 2.34 -34.95
N ALA A 224 -30.97 1.94 -34.55
CA ALA A 224 -31.23 0.58 -34.04
C ALA A 224 -32.71 0.25 -34.20
N ASP A 225 -33.11 -0.96 -33.85
CA ASP A 225 -34.54 -1.32 -33.94
C ASP A 225 -35.31 -0.50 -32.89
N ARG A 226 -36.54 -0.11 -33.20
CA ARG A 226 -37.31 0.71 -32.23
C ARG A 226 -37.52 0.00 -30.88
N TYR A 227 -37.50 -1.33 -30.87
CA TYR A 227 -37.66 -2.07 -29.61
C TYR A 227 -36.47 -1.94 -28.64
N GLN A 228 -35.35 -1.40 -29.11
CA GLN A 228 -34.26 -1.10 -28.17
C GLN A 228 -34.74 -0.15 -27.08
N ASP A 229 -35.55 0.83 -27.46
CA ASP A 229 -36.04 1.82 -26.49
C ASP A 229 -37.31 1.33 -25.82
N LEU A 230 -38.19 0.74 -26.61
CA LEU A 230 -39.44 0.24 -26.08
C LEU A 230 -39.19 -0.81 -24.99
N ALA A 231 -38.21 -1.68 -25.20
CA ALA A 231 -38.00 -2.81 -24.27
C ALA A 231 -37.56 -2.32 -22.90
N ILE A 232 -36.60 -1.40 -22.90
CA ILE A 232 -36.03 -0.94 -21.66
C ILE A 232 -37.04 -0.16 -20.83
N LEU A 233 -37.84 0.68 -21.49
CA LEU A 233 -38.85 1.43 -20.75
C LEU A 233 -39.94 0.49 -20.24
N TRP A 234 -40.34 -0.46 -21.09
CA TRP A 234 -41.35 -1.45 -20.71
C TRP A 234 -40.90 -2.26 -19.48
N ASN A 235 -39.61 -2.58 -19.46
CA ASN A 235 -39.05 -3.30 -18.33
C ASN A 235 -39.16 -2.46 -17.04
N CYS A 236 -38.82 -1.19 -17.13
CA CYS A 236 -38.91 -0.28 -15.97
C CYS A 236 -40.31 -0.19 -15.42
N LEU A 237 -41.27 -0.03 -16.33
CA LEU A 237 -42.67 0.10 -15.95
C LEU A 237 -43.21 -1.16 -15.29
N GLY A 238 -42.59 -2.29 -15.57
CA GLY A 238 -42.96 -3.55 -14.94
C GLY A 238 -42.77 -3.55 -13.44
N GLU A 239 -42.02 -2.58 -12.94
CA GLU A 239 -41.87 -2.44 -11.49
C GLU A 239 -43.12 -1.85 -10.87
N PHE A 240 -43.95 -1.21 -11.69
CA PHE A 240 -45.10 -0.46 -11.19
C PHE A 240 -46.46 -1.10 -11.53
N SER A 241 -46.63 -1.53 -12.78
CA SER A 241 -47.97 -1.87 -13.24
C SER A 241 -47.99 -2.52 -14.63
N PRO A 242 -48.66 -3.69 -14.73
CA PRO A 242 -48.84 -4.30 -16.06
C PRO A 242 -49.67 -3.38 -16.96
N SER A 243 -50.61 -2.63 -16.39
N SER A 243 -50.60 -2.63 -16.38
CA SER A 243 -51.39 -1.70 -17.19
CA SER A 243 -51.41 -1.71 -17.17
C SER A 243 -50.52 -0.60 -17.80
C SER A 243 -50.56 -0.56 -17.78
N LEU A 244 -49.58 -0.08 -17.02
CA LEU A 244 -48.73 0.99 -17.51
C LEU A 244 -47.82 0.47 -18.63
N GLN A 245 -47.41 -0.79 -18.54
CA GLN A 245 -46.58 -1.42 -19.58
C GLN A 245 -47.37 -1.51 -20.88
N LYS A 246 -48.62 -1.97 -20.78
CA LYS A 246 -49.47 -2.10 -21.96
C LYS A 246 -49.77 -0.72 -22.54
N ARG A 247 -49.98 0.26 -21.65
CA ARG A 247 -50.29 1.63 -22.08
C ARG A 247 -49.17 2.27 -22.90
N LEU A 248 -47.94 1.92 -22.55
CA LEU A 248 -46.77 2.43 -23.28
C LEU A 248 -46.85 2.06 -24.75
N PHE A 249 -47.05 0.78 -25.03
CA PHE A 249 -47.23 0.32 -26.41
C PHE A 249 -48.45 0.94 -27.09
N GLN A 250 -49.59 0.91 -26.40
CA GLN A 250 -50.82 1.49 -26.94
C GLN A 250 -50.64 2.95 -27.40
N LYS A 251 -50.12 3.79 -26.52
CA LYS A 251 -49.99 5.23 -26.81
C LYS A 251 -48.91 5.46 -27.84
N TYR A 252 -47.88 4.61 -27.84
CA TYR A 252 -46.78 4.73 -28.81
C TYR A 252 -47.30 4.43 -30.22
N GLY A 253 -48.31 3.56 -30.30
CA GLY A 253 -48.97 3.27 -31.56
C GLY A 253 -48.87 1.81 -31.97
N ILE A 254 -48.47 0.95 -31.05
CA ILE A 254 -48.35 -0.49 -31.31
C ILE A 254 -49.41 -1.29 -30.57
N ASP A 255 -50.31 -1.93 -31.31
CA ASP A 255 -51.39 -2.70 -30.70
C ASP A 255 -51.04 -4.16 -30.44
N ASN A 256 -50.12 -4.72 -31.21
CA ASN A 256 -49.67 -6.09 -30.96
C ASN A 256 -48.16 -6.14 -30.81
N PRO A 257 -47.68 -5.92 -29.58
CA PRO A 257 -46.23 -5.95 -29.31
C PRO A 257 -45.58 -7.22 -29.85
N ASP A 258 -44.39 -7.08 -30.42
CA ASP A 258 -43.64 -8.18 -30.99
C ASP A 258 -42.84 -8.78 -29.84
N MSE A 259 -43.35 -9.87 -29.26
CA MSE A 259 -42.76 -10.43 -28.05
C MSE A 259 -41.32 -10.92 -28.28
O MSE A 259 -40.48 -10.82 -27.39
CB MSE A 259 -43.64 -11.58 -27.52
CG MSE A 259 -45.05 -11.15 -27.14
SE MSE A 259 -45.03 -9.57 -26.00
CE MSE A 259 -44.21 -10.33 -24.41
N ASN A 260 -41.04 -11.42 -29.48
CA ASN A 260 -39.68 -11.86 -29.82
C ASN A 260 -38.68 -10.70 -29.79
N LYS A 261 -39.07 -9.56 -30.36
CA LYS A 261 -38.17 -8.42 -30.37
C LYS A 261 -38.08 -7.82 -28.98
N LEU A 262 -39.17 -7.87 -28.24
CA LEU A 262 -39.14 -7.38 -26.86
C LEU A 262 -38.12 -8.20 -26.05
N GLN A 263 -38.27 -9.52 -26.13
CA GLN A 263 -37.43 -10.43 -25.34
C GLN A 263 -35.97 -10.29 -25.76
N PHE A 264 -35.73 -10.23 -27.07
CA PHE A 264 -34.37 -10.03 -27.53
C PHE A 264 -33.69 -8.80 -26.90
N HIS A 265 -34.38 -7.66 -26.92
CA HIS A 265 -33.75 -6.44 -26.44
C HIS A 265 -33.58 -6.40 -24.93
N LEU A 266 -34.51 -7.03 -24.20
CA LEU A 266 -34.37 -7.20 -22.76
C LEU A 266 -33.14 -8.04 -22.44
N MSE A 267 -32.98 -9.12 -23.19
CA MSE A 267 -31.83 -9.98 -22.95
C MSE A 267 -30.53 -9.27 -23.31
O MSE A 267 -29.53 -9.36 -22.60
CB MSE A 267 -31.99 -11.30 -23.71
CG MSE A 267 -33.14 -12.17 -23.18
SE MSE A 267 -33.24 -13.86 -24.09
CE MSE A 267 -31.97 -14.83 -23.01
N LEU A 268 -30.55 -8.48 -24.38
CA LEU A 268 -29.33 -7.76 -24.77
C LEU A 268 -28.90 -6.76 -23.71
N ASP A 269 -29.88 -6.13 -23.07
CA ASP A 269 -29.55 -5.12 -22.06
C ASP A 269 -28.94 -5.73 -20.80
N GLU A 270 -29.09 -7.04 -20.60
CA GLU A 270 -28.44 -7.73 -19.47
C GLU A 270 -26.92 -7.57 -19.51
N PHE A 271 -26.40 -7.36 -20.71
CA PHE A 271 -24.95 -7.33 -20.93
C PHE A 271 -24.29 -5.96 -20.67
N PHE A 272 -25.11 -4.95 -20.42
CA PHE A 272 -24.62 -3.57 -20.35
C PHE A 272 -24.82 -2.94 -18.99
N MSE B 2 -28.97 -3.25 -6.75
CA MSE B 2 -30.22 -2.50 -6.61
C MSE B 2 -30.44 -1.59 -7.83
O MSE B 2 -29.60 -1.50 -8.72
CB MSE B 2 -30.21 -1.66 -5.34
CG MSE B 2 -31.58 -1.54 -4.68
SE MSE B 2 -31.63 -0.11 -3.37
CE MSE B 2 -33.48 -0.34 -2.80
N SER B 3 -31.59 -0.91 -7.85
CA SER B 3 -31.93 -0.04 -8.98
C SER B 3 -32.22 1.40 -8.54
N HIS B 4 -32.11 2.32 -9.50
CA HIS B 4 -32.46 3.72 -9.29
C HIS B 4 -31.66 4.37 -8.18
N ILE B 5 -30.44 3.87 -7.98
CA ILE B 5 -29.52 4.39 -6.97
C ILE B 5 -29.20 5.85 -7.28
N GLN B 6 -29.18 6.66 -6.22
CA GLN B 6 -28.95 8.09 -6.34
C GLN B 6 -28.29 8.56 -5.05
N ARG B 7 -27.00 8.28 -4.90
CA ARG B 7 -26.27 8.54 -3.67
C ARG B 7 -25.24 9.64 -3.88
N GLU B 8 -25.31 10.68 -3.05
CA GLU B 8 -24.41 11.81 -3.20
C GLU B 8 -23.52 11.96 -1.97
N THR B 9 -22.24 12.26 -2.19
CA THR B 9 -21.31 12.50 -1.09
C THR B 9 -20.62 13.82 -1.36
N SER B 10 -20.27 14.54 -0.29
CA SER B 10 -19.50 15.77 -0.44
C SER B 10 -18.10 15.43 -0.93
N CYS B 11 -17.50 16.31 -1.72
CA CYS B 11 -16.12 16.08 -2.18
C CYS B 11 -15.38 17.38 -2.44
N SER B 12 -14.06 17.27 -2.53
CA SER B 12 -13.23 18.38 -2.96
C SER B 12 -13.11 18.35 -4.46
N ARG B 13 -12.60 19.44 -5.02
CA ARG B 13 -12.37 19.54 -6.45
C ARG B 13 -11.37 18.44 -6.86
N PRO B 14 -11.73 17.64 -7.89
CA PRO B 14 -10.82 16.61 -8.39
C PRO B 14 -9.59 17.22 -9.05
N ARG B 15 -8.51 16.45 -9.18
CA ARG B 15 -7.34 16.92 -9.90
C ARG B 15 -7.65 17.08 -11.39
N LEU B 16 -7.49 18.30 -11.88
CA LEU B 16 -7.73 18.60 -13.29
C LEU B 16 -6.46 18.47 -14.12
N ASN B 17 -6.59 17.87 -15.29
CA ASN B 17 -5.44 17.68 -16.17
C ASN B 17 -5.01 19.01 -16.81
N SER B 18 -3.73 19.08 -17.19
CA SER B 18 -3.12 20.29 -17.76
C SER B 18 -3.94 20.94 -18.89
N ASN B 19 -3.77 22.25 -19.04
CA ASN B 19 -4.36 22.98 -20.16
C ASN B 19 -3.75 22.58 -21.49
N LEU B 20 -4.22 23.17 -22.58
CA LEU B 20 -3.63 22.93 -23.89
C LEU B 20 -2.19 23.43 -23.94
N ASP B 21 -1.89 24.48 -23.18
CA ASP B 21 -0.59 25.14 -23.25
C ASP B 21 0.56 24.29 -22.73
N ALA B 22 0.28 23.46 -21.73
CA ALA B 22 1.33 22.63 -21.14
C ALA B 22 1.82 21.61 -22.17
N ASP B 23 0.89 21.10 -22.97
CA ASP B 23 1.22 20.17 -24.04
C ASP B 23 2.10 20.84 -25.09
N LEU B 24 1.68 22.02 -25.53
CA LEU B 24 2.37 22.70 -26.64
C LEU B 24 3.19 23.92 -26.21
N TYR B 25 4.11 23.72 -25.28
CA TYR B 25 4.98 24.80 -24.82
C TYR B 25 6.31 24.77 -25.55
N GLY B 26 6.74 25.92 -26.07
CA GLY B 26 8.01 26.01 -26.77
C GLY B 26 7.99 25.32 -28.13
N TYR B 27 7.24 25.90 -29.07
CA TYR B 27 7.17 25.40 -30.43
C TYR B 27 7.19 26.57 -31.41
N ARG B 28 7.63 26.32 -32.63
CA ARG B 28 7.49 27.31 -33.68
C ARG B 28 6.20 27.02 -34.45
N TRP B 29 5.66 28.01 -35.14
CA TRP B 29 4.30 27.90 -35.69
C TRP B 29 4.19 28.29 -37.17
N ALA B 30 3.46 27.49 -37.93
CA ALA B 30 3.20 27.78 -39.34
C ALA B 30 1.73 27.50 -39.66
N ARG B 31 1.11 28.38 -40.43
CA ARG B 31 -0.35 28.31 -40.63
C ARG B 31 -0.74 27.57 -41.91
N ASP B 32 -0.49 26.27 -41.97
CA ASP B 32 -0.80 25.49 -43.17
C ASP B 32 -2.29 25.37 -43.45
N GLN B 36 -6.86 25.82 -46.32
CA GLN B 36 -7.49 27.13 -46.33
C GLN B 36 -8.92 27.07 -45.81
N SER B 37 -9.82 26.54 -46.61
CA SER B 37 -11.21 26.37 -46.19
C SER B 37 -11.28 25.31 -45.11
N GLY B 38 -12.41 25.28 -44.40
CA GLY B 38 -12.55 24.38 -43.27
C GLY B 38 -11.72 24.87 -42.10
N ALA B 39 -11.08 23.94 -41.40
CA ALA B 39 -10.34 24.28 -40.18
C ALA B 39 -9.04 25.04 -40.46
N THR B 40 -8.69 25.95 -39.56
CA THR B 40 -7.37 26.57 -39.57
C THR B 40 -6.37 25.56 -39.04
N ILE B 41 -5.27 25.35 -39.77
CA ILE B 41 -4.30 24.34 -39.36
C ILE B 41 -2.94 24.95 -39.02
N TYR B 42 -2.42 24.60 -37.85
CA TYR B 42 -1.12 25.05 -37.41
C TYR B 42 -0.15 23.87 -37.34
N ARG B 43 1.05 24.09 -37.84
CA ARG B 43 2.13 23.12 -37.70
C ARG B 43 3.03 23.56 -36.55
N LEU B 44 3.27 22.66 -35.60
CA LEU B 44 4.12 22.97 -34.46
C LEU B 44 5.41 22.16 -34.50
N TYR B 45 6.55 22.86 -34.48
CA TYR B 45 7.83 22.21 -34.67
C TYR B 45 8.96 22.87 -33.87
N GLY B 46 10.17 22.34 -34.02
CA GLY B 46 11.36 22.93 -33.45
C GLY B 46 11.47 22.91 -31.94
N LYS B 47 11.18 21.77 -31.33
CA LYS B 47 11.33 21.61 -29.88
C LYS B 47 12.14 20.36 -29.55
N PRO B 48 13.24 20.54 -28.80
CA PRO B 48 14.21 19.50 -28.45
C PRO B 48 13.58 18.18 -28.00
N ASN B 49 13.94 17.10 -28.71
CA ASN B 49 13.38 15.75 -28.51
C ASN B 49 11.90 15.61 -28.88
N ALA B 50 11.15 16.69 -28.75
CA ALA B 50 9.70 16.66 -28.97
C ALA B 50 9.33 16.48 -30.45
N PRO B 51 8.28 15.69 -30.71
CA PRO B 51 7.82 15.41 -32.08
C PRO B 51 6.95 16.54 -32.66
N GLU B 52 6.91 16.62 -33.99
CA GLU B 52 6.06 17.59 -34.67
C GLU B 52 4.61 17.32 -34.35
N LEU B 53 3.83 18.38 -34.17
CA LEU B 53 2.41 18.25 -33.93
C LEU B 53 1.63 19.08 -34.95
N PHE B 54 0.34 18.76 -35.08
CA PHE B 54 -0.57 19.57 -35.84
C PHE B 54 -1.71 20.00 -34.93
N LEU B 55 -2.14 21.24 -35.06
CA LEU B 55 -3.28 21.74 -34.29
C LEU B 55 -4.35 22.27 -35.24
N LYS B 56 -5.54 21.68 -35.16
CA LYS B 56 -6.68 22.11 -35.97
C LYS B 56 -7.64 22.89 -35.10
N HIS B 57 -8.05 24.06 -35.60
CA HIS B 57 -9.04 24.88 -34.93
C HIS B 57 -10.25 25.06 -35.83
N GLY B 58 -11.43 24.64 -35.35
CA GLY B 58 -12.66 24.86 -36.08
C GLY B 58 -13.63 25.73 -35.31
N LYS B 59 -14.31 26.61 -36.02
CA LYS B 59 -15.26 27.53 -35.41
C LYS B 59 -16.64 27.34 -36.05
N GLY B 60 -17.70 27.58 -35.28
CA GLY B 60 -19.06 27.35 -35.77
C GLY B 60 -19.27 25.93 -36.27
N SER B 61 -19.82 25.81 -37.48
CA SER B 61 -20.06 24.50 -38.07
C SER B 61 -18.78 23.70 -38.24
N VAL B 62 -17.68 24.39 -38.51
CA VAL B 62 -16.37 23.72 -38.65
C VAL B 62 -15.94 23.04 -37.35
N ALA B 63 -16.39 23.58 -36.21
CA ALA B 63 -16.14 22.94 -34.92
C ALA B 63 -16.72 21.53 -34.90
N ASN B 64 -17.87 21.35 -35.53
CA ASN B 64 -18.44 20.02 -35.62
C ASN B 64 -17.60 19.07 -36.48
N ASP B 65 -17.07 19.59 -37.58
CA ASP B 65 -16.20 18.79 -38.46
C ASP B 65 -14.98 18.29 -37.71
N VAL B 66 -14.36 19.18 -36.94
CA VAL B 66 -13.17 18.83 -36.19
C VAL B 66 -13.52 17.78 -35.13
N THR B 67 -14.69 17.93 -34.50
CA THR B 67 -15.15 16.96 -33.51
C THR B 67 -15.37 15.59 -34.15
N ASP B 68 -15.94 15.59 -35.36
CA ASP B 68 -16.17 14.36 -36.11
C ASP B 68 -14.88 13.63 -36.37
N GLU B 69 -13.85 14.41 -36.73
CA GLU B 69 -12.54 13.80 -36.98
C GLU B 69 -11.94 13.21 -35.72
N MSE B 70 -12.08 13.95 -34.61
CA MSE B 70 -11.50 13.52 -33.33
C MSE B 70 -12.04 12.16 -32.93
O MSE B 70 -11.27 11.26 -32.59
CB MSE B 70 -11.77 14.55 -32.22
CG MSE B 70 -11.10 14.23 -30.89
SE MSE B 70 -12.13 12.96 -29.78
CE MSE B 70 -13.69 14.02 -29.62
N VAL B 71 -13.36 11.98 -32.96
CA VAL B 71 -13.90 10.70 -32.52
CA VAL B 71 -13.94 10.72 -32.53
C VAL B 71 -13.59 9.56 -33.47
N ARG B 72 -13.51 9.86 -34.77
CA ARG B 72 -13.12 8.83 -35.71
C ARG B 72 -11.63 8.46 -35.58
N LEU B 73 -10.77 9.42 -35.28
CA LEU B 73 -9.35 9.13 -35.00
C LEU B 73 -9.23 8.21 -33.78
N ASN B 74 -9.96 8.54 -32.73
CA ASN B 74 -9.94 7.78 -31.49
C ASN B 74 -10.40 6.33 -31.70
N TRP B 75 -11.44 6.15 -32.49
CA TRP B 75 -11.97 4.82 -32.76
C TRP B 75 -11.06 4.01 -33.66
N LEU B 76 -10.74 4.59 -34.82
CA LEU B 76 -10.06 3.83 -35.87
C LEU B 76 -8.59 3.53 -35.54
N THR B 77 -8.01 4.28 -34.61
CA THR B 77 -6.59 4.06 -34.33
C THR B 77 -6.31 2.69 -33.71
N ALA B 78 -7.33 2.02 -33.20
CA ALA B 78 -7.18 0.67 -32.66
C ALA B 78 -6.94 -0.36 -33.75
N PHE B 79 -7.19 0.03 -34.99
CA PHE B 79 -7.12 -0.89 -36.13
C PHE B 79 -6.12 -0.45 -37.19
N MSE B 80 -5.82 0.85 -37.25
CA MSE B 80 -5.02 1.43 -38.33
C MSE B 80 -4.00 2.44 -37.82
O MSE B 80 -4.18 3.03 -36.76
CB MSE B 80 -5.93 2.08 -39.39
CG MSE B 80 -6.91 1.16 -40.08
SE MSE B 80 -6.11 -0.27 -41.14
CE MSE B 80 -5.78 0.72 -42.77
N PRO B 81 -2.91 2.66 -38.58
CA PRO B 81 -1.91 3.65 -38.16
C PRO B 81 -2.40 5.07 -38.47
N LEU B 82 -2.71 5.81 -37.41
CA LEU B 82 -3.29 7.15 -37.52
C LEU B 82 -2.51 8.13 -36.65
N PRO B 83 -2.69 9.44 -36.90
CA PRO B 83 -2.12 10.39 -35.94
C PRO B 83 -2.67 10.13 -34.54
N THR B 84 -1.86 10.36 -33.53
CA THR B 84 -2.29 10.16 -32.15
C THR B 84 -2.87 11.46 -31.57
N ILE B 85 -4.00 11.34 -30.89
CA ILE B 85 -4.63 12.49 -30.25
C ILE B 85 -3.86 12.89 -28.99
N LYS B 86 -3.29 14.09 -28.97
CA LYS B 86 -2.59 14.55 -27.79
C LYS B 86 -3.54 15.33 -26.88
N HIS B 87 -4.46 16.06 -27.48
CA HIS B 87 -5.34 16.91 -26.69
C HIS B 87 -6.48 17.37 -27.59
N PHE B 88 -7.70 17.39 -27.06
CA PHE B 88 -8.84 17.91 -27.79
C PHE B 88 -9.69 18.74 -26.83
N ILE B 89 -10.23 19.86 -27.30
CA ILE B 89 -11.03 20.74 -26.47
C ILE B 89 -12.25 21.13 -27.30
N ARG B 90 -13.45 21.03 -26.71
N ARG B 90 -13.44 21.04 -26.70
CA ARG B 90 -14.66 21.54 -27.34
CA ARG B 90 -14.67 21.53 -27.34
C ARG B 90 -15.37 22.54 -26.43
C ARG B 90 -15.36 22.54 -26.42
N THR B 91 -15.65 23.72 -26.95
CA THR B 91 -16.48 24.69 -26.24
C THR B 91 -17.66 24.94 -27.18
N PRO B 92 -18.68 25.71 -26.74
CA PRO B 92 -19.86 25.81 -27.60
C PRO B 92 -19.59 26.17 -29.07
N ASP B 93 -18.66 27.08 -29.33
N ASP B 93 -18.67 27.08 -29.34
CA ASP B 93 -18.42 27.55 -30.69
CA ASP B 93 -18.43 27.52 -30.71
C ASP B 93 -17.06 27.17 -31.28
C ASP B 93 -17.03 27.24 -31.25
N ASP B 94 -16.25 26.45 -30.53
CA ASP B 94 -14.88 26.16 -30.97
C ASP B 94 -14.45 24.74 -30.67
N ALA B 95 -13.63 24.17 -31.55
CA ALA B 95 -12.97 22.90 -31.26
C ALA B 95 -11.51 23.02 -31.64
N TRP B 96 -10.66 22.45 -30.80
CA TRP B 96 -9.22 22.45 -30.98
C TRP B 96 -8.76 21.01 -30.91
N LEU B 97 -8.03 20.56 -31.93
CA LEU B 97 -7.59 19.18 -32.01
C LEU B 97 -6.08 19.11 -32.23
N LEU B 98 -5.36 18.61 -31.24
CA LEU B 98 -3.91 18.56 -31.28
C LEU B 98 -3.49 17.12 -31.47
N THR B 99 -2.72 16.85 -32.52
CA THR B 99 -2.33 15.49 -32.86
C THR B 99 -0.86 15.43 -33.27
N THR B 100 -0.27 14.25 -33.15
CA THR B 100 1.11 14.04 -33.52
C THR B 100 1.21 13.97 -35.04
N ALA B 101 2.30 14.48 -35.60
CA ALA B 101 2.48 14.42 -37.05
C ALA B 101 2.93 13.02 -37.45
N ILE B 102 2.44 12.54 -38.58
CA ILE B 102 3.00 11.34 -39.16
C ILE B 102 4.06 11.78 -40.14
N PRO B 103 5.33 11.44 -39.83
CA PRO B 103 6.42 11.84 -40.72
C PRO B 103 6.29 11.22 -42.10
N GLY B 104 6.72 11.94 -43.13
CA GLY B 104 6.71 11.42 -44.48
C GLY B 104 6.12 12.40 -45.48
N LYS B 105 5.81 11.88 -46.67
CA LYS B 105 5.20 12.67 -47.74
C LYS B 105 3.91 11.99 -48.18
N THR B 106 3.02 12.72 -48.82
CA THR B 106 1.76 12.10 -49.25
C THR B 106 2.04 11.15 -50.40
N ALA B 107 1.09 10.26 -50.67
CA ALA B 107 1.21 9.37 -51.81
C ALA B 107 1.32 10.15 -53.11
N PHE B 108 0.59 11.27 -53.20
CA PHE B 108 0.74 12.17 -54.35
C PHE B 108 2.19 12.62 -54.53
N GLN B 109 2.79 13.11 -53.45
CA GLN B 109 4.16 13.63 -53.54
C GLN B 109 5.15 12.55 -53.95
N VAL B 110 4.96 11.37 -53.38
CA VAL B 110 5.86 10.24 -53.63
C VAL B 110 5.72 9.72 -55.05
N LEU B 111 4.48 9.63 -55.54
CA LEU B 111 4.26 9.27 -56.94
C LEU B 111 4.92 10.27 -57.89
N GLU B 112 4.81 11.56 -57.57
CA GLU B 112 5.44 12.58 -58.42
C GLU B 112 6.97 12.46 -58.40
N GLU B 113 7.51 12.15 -57.24
CA GLU B 113 8.97 12.11 -57.07
C GLU B 113 9.59 10.82 -57.63
N TYR B 114 8.82 9.74 -57.51
CA TYR B 114 9.22 8.41 -57.95
C TYR B 114 8.27 7.81 -59.01
N PRO B 115 8.12 8.47 -60.17
CA PRO B 115 7.16 8.01 -61.18
C PRO B 115 7.48 6.61 -61.73
N ASP B 116 8.75 6.19 -61.68
CA ASP B 116 9.13 4.85 -62.09
C ASP B 116 8.64 3.80 -61.11
N SER B 117 8.16 4.23 -59.95
CA SER B 117 7.67 3.30 -58.94
C SER B 117 6.14 3.25 -58.87
N GLY B 118 5.46 3.77 -59.89
CA GLY B 118 4.02 3.89 -59.84
C GLY B 118 3.31 2.58 -59.53
N GLU B 119 3.74 1.51 -60.21
CA GLU B 119 3.13 0.21 -60.01
C GLU B 119 3.30 -0.30 -58.59
N ASN B 120 4.50 -0.21 -58.03
CA ASN B 120 4.73 -0.60 -56.62
C ASN B 120 3.95 0.28 -55.64
N ILE B 121 3.86 1.57 -55.92
CA ILE B 121 3.11 2.47 -55.05
C ILE B 121 1.63 2.08 -55.03
N VAL B 122 1.08 1.79 -56.21
CA VAL B 122 -0.31 1.36 -56.28
C VAL B 122 -0.53 0.03 -55.56
N ASP B 123 0.41 -0.91 -55.68
CA ASP B 123 0.29 -2.20 -54.97
C ASP B 123 0.17 -1.96 -53.47
N ALA B 124 0.97 -1.03 -52.96
CA ALA B 124 0.96 -0.70 -51.54
C ALA B 124 -0.35 -0.04 -51.09
N LEU B 125 -0.88 0.84 -51.93
CA LEU B 125 -2.16 1.49 -51.66
C LEU B 125 -3.27 0.45 -51.61
N ALA B 126 -3.24 -0.48 -52.56
CA ALA B 126 -4.25 -1.54 -52.56
C ALA B 126 -4.18 -2.45 -51.32
N VAL B 127 -2.98 -2.78 -50.85
CA VAL B 127 -2.85 -3.63 -49.66
C VAL B 127 -3.40 -2.89 -48.45
N PHE B 128 -3.06 -1.61 -48.36
CA PHE B 128 -3.52 -0.76 -47.27
C PHE B 128 -5.04 -0.66 -47.28
N LEU B 129 -5.64 -0.45 -48.45
CA LEU B 129 -7.10 -0.37 -48.52
C LEU B 129 -7.76 -1.71 -48.17
N ARG B 130 -7.12 -2.83 -48.51
CA ARG B 130 -7.70 -4.14 -48.19
C ARG B 130 -7.72 -4.34 -46.67
N ARG B 131 -6.71 -3.79 -45.99
N ARG B 131 -6.70 -3.77 -46.02
CA ARG B 131 -6.61 -3.90 -44.55
CA ARG B 131 -6.54 -3.83 -44.57
C ARG B 131 -7.71 -3.08 -43.86
C ARG B 131 -7.68 -3.09 -43.89
N LEU B 132 -7.91 -1.85 -44.32
CA LEU B 132 -9.01 -1.03 -43.81
C LEU B 132 -10.36 -1.74 -43.97
N HIS B 133 -10.60 -2.25 -45.18
CA HIS B 133 -11.86 -2.91 -45.53
C HIS B 133 -12.05 -4.30 -44.92
N SER B 134 -11.02 -4.81 -44.25
CA SER B 134 -11.13 -6.11 -43.58
CA SER B 134 -11.11 -6.11 -43.58
C SER B 134 -11.58 -5.97 -42.13
N ILE B 135 -11.62 -4.74 -41.62
CA ILE B 135 -12.11 -4.54 -40.26
C ILE B 135 -13.59 -4.97 -40.19
N PRO B 136 -13.92 -5.90 -39.30
CA PRO B 136 -15.33 -6.35 -39.25
C PRO B 136 -16.28 -5.18 -38.94
N VAL B 137 -17.37 -5.03 -39.70
CA VAL B 137 -18.23 -3.85 -39.56
C VAL B 137 -18.89 -3.78 -38.19
N CYS B 138 -18.97 -4.93 -37.53
CA CYS B 138 -19.53 -5.00 -36.18
C CYS B 138 -18.74 -4.17 -35.17
N ASN B 139 -17.52 -3.77 -35.55
CA ASN B 139 -16.68 -2.93 -34.69
C ASN B 139 -16.97 -1.44 -34.81
N CYS B 140 -17.69 -1.04 -35.86
CA CYS B 140 -17.76 0.37 -36.23
C CYS B 140 -19.06 1.09 -35.82
N PRO B 141 -18.93 2.15 -34.99
CA PRO B 141 -20.13 2.84 -34.49
C PRO B 141 -20.59 4.01 -35.39
N PHE B 142 -19.97 4.14 -36.56
CA PHE B 142 -20.24 5.25 -37.47
C PHE B 142 -20.94 4.84 -38.77
N ASN B 143 -21.96 5.62 -39.11
CA ASN B 143 -22.77 5.37 -40.30
C ASN B 143 -22.36 6.37 -41.36
N SER B 144 -21.80 5.88 -42.46
CA SER B 144 -21.52 6.72 -43.64
C SER B 144 -22.28 6.21 -44.88
N ASP B 145 -23.46 5.63 -44.69
CA ASP B 145 -24.12 4.97 -45.81
C ASP B 145 -24.72 5.97 -46.83
N ARG B 146 -25.14 5.45 -47.98
CA ARG B 146 -25.51 6.34 -49.06
C ARG B 146 -26.78 7.14 -48.74
N VAL B 147 -27.69 6.55 -47.97
CA VAL B 147 -28.86 7.31 -47.53
C VAL B 147 -28.44 8.57 -46.74
N PHE B 148 -27.50 8.38 -45.82
CA PHE B 148 -26.93 9.47 -45.04
C PHE B 148 -26.18 10.51 -45.91
N ARG B 149 -25.33 10.03 -46.82
CA ARG B 149 -24.50 10.93 -47.64
C ARG B 149 -25.36 11.66 -48.67
N LEU B 150 -26.36 10.96 -49.20
CA LEU B 150 -27.25 11.58 -50.18
C LEU B 150 -28.03 12.73 -49.55
N ALA B 151 -28.46 12.55 -48.30
CA ALA B 151 -29.15 13.64 -47.59
C ALA B 151 -28.23 14.83 -47.37
N GLN B 152 -26.98 14.56 -46.98
CA GLN B 152 -25.99 15.62 -46.89
C GLN B 152 -25.78 16.32 -48.22
N ALA B 153 -25.71 15.53 -49.29
CA ALA B 153 -25.49 16.10 -50.63
C ALA B 153 -26.64 17.01 -51.03
N GLN B 154 -27.87 16.59 -50.76
CA GLN B 154 -29.04 17.37 -51.10
C GLN B 154 -28.98 18.72 -50.41
N SER B 155 -28.61 18.70 -49.14
CA SER B 155 -28.52 19.89 -48.33
C SER B 155 -27.46 20.85 -48.86
N ARG B 156 -26.29 20.32 -49.19
CA ARG B 156 -25.23 21.16 -49.75
C ARG B 156 -25.68 21.80 -51.08
N MSE B 157 -26.41 21.04 -51.88
CA MSE B 157 -26.89 21.54 -53.17
C MSE B 157 -27.87 22.66 -52.92
O MSE B 157 -27.77 23.74 -53.50
CB MSE B 157 -27.55 20.42 -53.99
CG MSE B 157 -28.32 20.90 -55.20
SE MSE B 157 -29.05 19.44 -56.28
CE MSE B 157 -30.37 18.76 -55.03
N ASN B 158 -28.83 22.41 -52.03
CA ASN B 158 -29.86 23.42 -51.77
C ASN B 158 -29.33 24.67 -51.07
N ASN B 159 -28.21 24.54 -50.36
CA ASN B 159 -27.61 25.69 -49.68
C ASN B 159 -26.54 26.39 -50.52
N GLY B 160 -26.40 25.96 -51.76
CA GLY B 160 -25.44 26.56 -52.69
C GLY B 160 -23.99 26.30 -52.31
N LEU B 161 -23.72 25.16 -51.69
CA LEU B 161 -22.37 24.91 -51.21
C LEU B 161 -21.55 23.98 -52.11
N VAL B 162 -22.17 23.45 -53.16
CA VAL B 162 -21.45 22.54 -54.05
C VAL B 162 -20.43 23.31 -54.91
N ASP B 163 -19.22 22.77 -55.02
CA ASP B 163 -18.17 23.43 -55.81
C ASP B 163 -18.27 22.99 -57.28
N ALA B 164 -19.10 23.69 -58.03
CA ALA B 164 -19.41 23.32 -59.41
C ALA B 164 -18.21 23.44 -60.32
N SER B 165 -17.22 24.22 -59.90
CA SER B 165 -16.01 24.40 -60.71
C SER B 165 -15.08 23.19 -60.63
N ASP B 166 -15.37 22.28 -59.72
CA ASP B 166 -14.43 21.21 -59.39
C ASP B 166 -14.95 19.81 -59.78
N PHE B 167 -15.93 19.75 -60.67
CA PHE B 167 -16.46 18.46 -61.10
C PHE B 167 -15.42 17.75 -61.94
N ASP B 168 -15.49 16.43 -62.03
CA ASP B 168 -14.67 15.68 -62.99
C ASP B 168 -14.98 16.10 -64.42
N ASP B 169 -14.02 15.85 -65.31
CA ASP B 169 -14.10 16.32 -66.68
C ASP B 169 -15.37 15.92 -67.42
N GLU B 170 -15.80 14.69 -67.23
CA GLU B 170 -17.01 14.17 -67.86
C GLU B 170 -18.28 14.93 -67.44
N ARG B 171 -18.19 15.70 -66.35
CA ARG B 171 -19.33 16.50 -65.88
C ARG B 171 -19.01 17.99 -65.85
N ASN B 172 -17.99 18.38 -66.61
CA ASN B 172 -17.53 19.76 -66.61
C ASN B 172 -18.59 20.74 -67.10
N GLY B 173 -18.90 21.73 -66.27
CA GLY B 173 -19.90 22.71 -66.64
C GLY B 173 -21.34 22.28 -66.44
N TRP B 174 -21.58 21.05 -65.99
CA TRP B 174 -22.95 20.63 -65.68
C TRP B 174 -23.50 21.44 -64.52
N PRO B 175 -24.80 21.82 -64.60
CA PRO B 175 -25.44 22.40 -63.43
C PRO B 175 -25.46 21.34 -62.33
N VAL B 176 -25.41 21.75 -61.06
CA VAL B 176 -25.43 20.80 -59.95
C VAL B 176 -26.67 19.93 -60.00
N GLU B 177 -27.80 20.53 -60.36
CA GLU B 177 -29.07 19.80 -60.46
C GLU B 177 -28.99 18.66 -61.47
N GLN B 178 -28.24 18.86 -62.55
CA GLN B 178 -28.06 17.79 -63.54
C GLN B 178 -27.24 16.60 -62.99
N VAL B 179 -26.21 16.90 -62.21
CA VAL B 179 -25.46 15.83 -61.56
C VAL B 179 -26.38 15.03 -60.62
N TRP B 180 -27.21 15.75 -59.86
CA TRP B 180 -28.14 15.15 -58.92
C TRP B 180 -29.13 14.19 -59.60
N LYS B 181 -29.77 14.65 -60.68
CA LYS B 181 -30.77 13.84 -61.38
C LYS B 181 -30.14 12.60 -62.00
N GLU B 182 -29.05 12.79 -62.73
CA GLU B 182 -28.41 11.71 -63.45
C GLU B 182 -27.84 10.65 -62.51
N MSE B 183 -27.31 11.10 -61.37
CA MSE B 183 -26.81 10.17 -60.35
C MSE B 183 -27.91 9.23 -59.85
O MSE B 183 -27.64 8.06 -59.59
CB MSE B 183 -26.22 10.95 -59.18
CG MSE B 183 -25.72 10.07 -58.04
SE MSE B 183 -24.85 11.10 -56.65
CE MSE B 183 -26.38 12.24 -56.19
N HIS B 184 -29.13 9.74 -59.72
CA HIS B 184 -30.22 8.92 -59.20
C HIS B 184 -30.70 7.85 -60.17
N LYS B 185 -30.29 7.97 -61.43
CA LYS B 185 -30.62 6.95 -62.42
C LYS B 185 -29.80 5.67 -62.19
N LEU B 186 -28.74 5.77 -61.40
CA LEU B 186 -27.88 4.61 -61.11
C LEU B 186 -28.37 3.83 -59.88
N LEU B 187 -29.39 4.37 -59.20
CA LEU B 187 -29.92 3.71 -58.01
C LEU B 187 -31.15 2.89 -58.40
N PRO B 188 -31.44 1.82 -57.65
CA PRO B 188 -30.70 1.33 -56.48
C PRO B 188 -29.67 0.25 -56.82
N PHE B 189 -28.80 -0.04 -55.87
CA PHE B 189 -27.92 -1.20 -55.95
C PHE B 189 -27.69 -1.77 -54.54
N SER B 190 -27.34 -3.05 -54.45
CA SER B 190 -27.08 -3.68 -53.16
C SER B 190 -25.75 -3.21 -52.60
N PRO B 191 -25.77 -2.64 -51.39
CA PRO B 191 -24.50 -2.18 -50.82
C PRO B 191 -23.61 -3.35 -50.41
N ASP B 192 -22.31 -3.18 -50.60
CA ASP B 192 -21.32 -4.13 -50.16
C ASP B 192 -20.53 -3.41 -49.06
N SER B 193 -21.08 -3.44 -47.85
CA SER B 193 -20.70 -2.52 -46.79
C SER B 193 -19.44 -2.95 -46.06
N VAL B 194 -18.53 -2.00 -45.89
CA VAL B 194 -17.28 -2.23 -45.18
C VAL B 194 -16.98 -0.97 -44.38
N VAL B 195 -15.98 -1.02 -43.51
CA VAL B 195 -15.48 0.19 -42.88
C VAL B 195 -14.74 1.02 -43.93
N THR B 196 -15.21 2.24 -44.17
CA THR B 196 -14.57 3.12 -45.16
C THR B 196 -13.93 4.35 -44.55
N HIS B 197 -12.91 4.86 -45.23
CA HIS B 197 -12.24 6.11 -44.87
C HIS B 197 -13.10 7.33 -45.19
N GLY B 198 -13.66 7.37 -46.40
CA GLY B 198 -14.50 8.49 -46.80
C GLY B 198 -13.86 9.54 -47.71
N ASP B 199 -12.55 9.66 -47.63
CA ASP B 199 -11.80 10.51 -48.55
C ASP B 199 -10.43 9.87 -48.83
N PHE B 200 -10.46 8.70 -49.43
CA PHE B 200 -9.26 7.89 -49.58
C PHE B 200 -8.49 8.38 -50.80
N SER B 201 -7.95 9.58 -50.70
CA SER B 201 -7.29 10.20 -51.85
C SER B 201 -5.78 10.14 -51.69
N LEU B 202 -5.04 10.45 -52.75
CA LEU B 202 -3.58 10.40 -52.67
C LEU B 202 -3.02 11.43 -51.67
N ASP B 203 -3.78 12.45 -51.33
CA ASP B 203 -3.31 13.45 -50.37
C ASP B 203 -3.40 12.99 -48.91
N ASN B 204 -4.18 11.95 -48.67
CA ASN B 204 -4.48 11.52 -47.30
C ASN B 204 -3.78 10.23 -46.87
N LEU B 205 -2.82 9.77 -47.67
CA LEU B 205 -2.07 8.58 -47.33
C LEU B 205 -0.60 8.93 -47.28
N ILE B 206 0.07 8.53 -46.22
CA ILE B 206 1.43 9.01 -45.97
C ILE B 206 2.47 7.91 -46.10
N PHE B 207 3.51 8.18 -46.90
CA PHE B 207 4.63 7.25 -47.09
C PHE B 207 5.87 7.76 -46.37
N ASP B 208 6.64 6.86 -45.78
CA ASP B 208 7.93 7.23 -45.20
C ASP B 208 8.91 6.09 -45.41
N GLU B 209 10.10 6.43 -45.90
CA GLU B 209 11.12 5.43 -46.19
C GLU B 209 10.58 4.31 -47.07
N GLY B 210 9.74 4.67 -48.04
CA GLY B 210 9.26 3.73 -49.03
C GLY B 210 8.08 2.85 -48.62
N LYS B 211 7.56 3.05 -47.42
CA LYS B 211 6.41 2.27 -46.95
C LYS B 211 5.22 3.15 -46.59
N LEU B 212 4.03 2.62 -46.84
CA LEU B 212 2.80 3.32 -46.53
C LEU B 212 2.57 3.21 -45.03
N ILE B 213 2.82 4.29 -44.30
CA ILE B 213 2.82 4.20 -42.84
C ILE B 213 1.62 4.79 -42.13
N GLY B 214 0.75 5.49 -42.84
CA GLY B 214 -0.49 5.96 -42.22
C GLY B 214 -1.47 6.69 -43.11
N CYS B 215 -2.67 6.95 -42.58
CA CYS B 215 -3.63 7.79 -43.27
C CYS B 215 -4.10 8.93 -42.37
N ILE B 216 -4.61 9.99 -42.99
CA ILE B 216 -5.02 11.17 -42.23
C ILE B 216 -6.39 11.63 -42.74
N ASP B 217 -6.93 12.69 -42.12
CA ASP B 217 -8.19 13.28 -42.54
CA ASP B 217 -8.20 13.28 -42.52
C ASP B 217 -9.36 12.27 -42.52
N VAL B 218 -9.65 11.74 -41.34
CA VAL B 218 -10.57 10.63 -41.22
C VAL B 218 -11.99 11.05 -40.78
N GLY B 219 -12.32 12.33 -40.89
CA GLY B 219 -13.63 12.82 -40.48
C GLY B 219 -14.85 12.16 -41.11
N ARG B 220 -14.67 11.49 -42.25
CA ARG B 220 -15.80 10.84 -42.93
C ARG B 220 -15.87 9.32 -42.75
N VAL B 221 -15.01 8.79 -41.88
CA VAL B 221 -15.00 7.35 -41.61
C VAL B 221 -16.38 6.83 -41.20
N GLY B 222 -16.76 5.67 -41.75
CA GLY B 222 -17.96 4.98 -41.32
C GLY B 222 -18.28 3.84 -42.25
N ILE B 223 -19.32 3.07 -41.90
CA ILE B 223 -19.78 1.99 -42.74
C ILE B 223 -20.40 2.56 -44.03
N ALA B 224 -19.86 2.13 -45.17
CA ALA B 224 -20.37 2.52 -46.50
C ALA B 224 -20.02 1.43 -47.50
N ASP B 225 -20.48 1.55 -48.74
CA ASP B 225 -20.07 0.61 -49.77
C ASP B 225 -18.55 0.72 -50.04
N ARG B 226 -17.89 -0.39 -50.33
CA ARG B 226 -16.44 -0.36 -50.54
C ARG B 226 -16.04 0.58 -51.69
N TYR B 227 -16.92 0.76 -52.65
CA TYR B 227 -16.61 1.68 -53.75
C TYR B 227 -16.48 3.15 -53.32
N GLN B 228 -16.90 3.49 -52.10
CA GLN B 228 -16.69 4.85 -51.63
C GLN B 228 -15.20 5.18 -51.64
N ASP B 229 -14.38 4.22 -51.22
CA ASP B 229 -12.95 4.41 -51.17
C ASP B 229 -12.29 4.11 -52.50
N LEU B 230 -12.71 3.02 -53.15
CA LEU B 230 -12.13 2.67 -54.45
C LEU B 230 -12.31 3.79 -55.48
N ALA B 231 -13.48 4.42 -55.47
CA ALA B 231 -13.79 5.45 -56.47
C ALA B 231 -12.91 6.68 -56.32
N ILE B 232 -12.78 7.15 -55.09
CA ILE B 232 -11.99 8.35 -54.86
C ILE B 232 -10.51 8.11 -55.21
N LEU B 233 -9.96 6.97 -54.83
CA LEU B 233 -8.56 6.69 -55.16
C LEU B 233 -8.36 6.46 -56.66
N TRP B 234 -9.30 5.72 -57.26
CA TRP B 234 -9.30 5.46 -58.70
C TRP B 234 -9.27 6.79 -59.45
N ASN B 235 -10.08 7.73 -58.98
CA ASN B 235 -10.16 9.05 -59.59
C ASN B 235 -8.79 9.75 -59.54
N CYS B 236 -8.18 9.78 -58.36
CA CYS B 236 -6.86 10.39 -58.17
C CYS B 236 -5.78 9.78 -59.08
N LEU B 237 -5.82 8.48 -59.29
CA LEU B 237 -4.82 7.79 -60.10
C LEU B 237 -4.95 8.13 -61.59
N GLY B 238 -6.10 8.72 -61.96
CA GLY B 238 -6.30 9.22 -63.31
C GLY B 238 -5.32 10.35 -63.70
N GLU B 239 -4.80 11.06 -62.71
CA GLU B 239 -3.77 12.07 -62.96
C GLU B 239 -2.43 11.43 -63.39
N PHE B 240 -2.35 10.12 -63.28
CA PHE B 240 -1.12 9.38 -63.59
C PHE B 240 -1.21 8.47 -64.81
N SER B 241 -2.11 7.49 -64.79
CA SER B 241 -2.37 6.71 -66.01
C SER B 241 -3.58 5.82 -65.83
N PRO B 242 -4.23 5.45 -66.93
CA PRO B 242 -5.33 4.48 -66.82
C PRO B 242 -4.84 3.09 -66.40
N SER B 243 -3.58 2.76 -66.67
CA SER B 243 -3.06 1.45 -66.28
C SER B 243 -2.99 1.37 -64.76
N LEU B 244 -2.58 2.46 -64.12
CA LEU B 244 -2.49 2.48 -62.66
C LEU B 244 -3.89 2.45 -62.05
N GLN B 245 -4.85 3.07 -62.73
CA GLN B 245 -6.24 3.00 -62.30
C GLN B 245 -6.75 1.56 -62.30
N LYS B 246 -6.50 0.83 -63.39
CA LYS B 246 -6.92 -0.56 -63.47
C LYS B 246 -6.20 -1.39 -62.42
N ARG B 247 -4.91 -1.11 -62.24
CA ARG B 247 -4.08 -1.87 -61.30
C ARG B 247 -4.59 -1.77 -59.87
N LEU B 248 -5.11 -0.61 -59.46
CA LEU B 248 -5.72 -0.49 -58.15
C LEU B 248 -6.79 -1.56 -57.92
N PHE B 249 -7.72 -1.69 -58.87
CA PHE B 249 -8.76 -2.72 -58.73
C PHE B 249 -8.17 -4.12 -58.77
N GLN B 250 -7.25 -4.34 -59.71
CA GLN B 250 -6.65 -5.66 -59.89
C GLN B 250 -6.05 -6.17 -58.58
N LYS B 251 -5.21 -5.34 -57.98
CA LYS B 251 -4.47 -5.71 -56.77
C LYS B 251 -5.37 -5.76 -55.54
N TYR B 252 -6.40 -4.92 -55.52
CA TYR B 252 -7.36 -4.93 -54.42
C TYR B 252 -8.15 -6.23 -54.46
N GLY B 253 -8.33 -6.76 -55.67
CA GLY B 253 -8.94 -8.06 -55.84
C GLY B 253 -10.25 -8.08 -56.61
N ILE B 254 -10.53 -7.00 -57.32
CA ILE B 254 -11.71 -6.93 -58.16
C ILE B 254 -11.34 -7.07 -59.62
N ASP B 255 -11.67 -8.21 -60.20
CA ASP B 255 -11.33 -8.55 -61.58
C ASP B 255 -11.99 -7.65 -62.61
N ASN B 256 -13.32 -7.55 -62.52
CA ASN B 256 -14.08 -6.62 -63.33
C ASN B 256 -14.84 -5.68 -62.42
N PRO B 257 -14.42 -4.42 -62.36
CA PRO B 257 -15.02 -3.41 -61.49
C PRO B 257 -16.47 -3.08 -61.89
N ASP B 258 -17.31 -2.82 -60.90
CA ASP B 258 -18.71 -2.47 -61.13
C ASP B 258 -18.80 -1.00 -61.58
N MSE B 259 -18.96 -0.80 -62.88
CA MSE B 259 -18.96 0.54 -63.44
C MSE B 259 -20.10 1.42 -62.92
O MSE B 259 -19.94 2.62 -62.78
CB MSE B 259 -18.96 0.51 -64.97
CG MSE B 259 -17.74 -0.18 -65.58
SE MSE B 259 -16.08 0.68 -65.08
CE MSE B 259 -14.99 -0.91 -64.86
N ASN B 260 -21.26 0.81 -62.64
CA ASN B 260 -22.37 1.55 -62.03
C ASN B 260 -22.03 2.07 -60.63
N LYS B 261 -21.50 1.20 -59.78
CA LYS B 261 -21.11 1.59 -58.44
C LYS B 261 -19.98 2.61 -58.47
N LEU B 262 -19.05 2.43 -59.40
CA LEU B 262 -17.95 3.37 -59.53
C LEU B 262 -18.47 4.76 -59.89
N GLN B 263 -19.31 4.81 -60.91
CA GLN B 263 -19.85 6.09 -61.36
CA GLN B 263 -19.85 6.09 -61.36
C GLN B 263 -20.69 6.74 -60.27
N PHE B 264 -21.49 5.93 -59.58
CA PHE B 264 -22.33 6.50 -58.52
C PHE B 264 -21.48 7.23 -57.49
N HIS B 265 -20.41 6.59 -57.04
CA HIS B 265 -19.58 7.17 -55.99
C HIS B 265 -18.74 8.36 -56.45
N LEU B 266 -18.33 8.35 -57.72
CA LEU B 266 -17.63 9.52 -58.28
C LEU B 266 -18.59 10.69 -58.32
N MSE B 267 -19.83 10.42 -58.73
CA MSE B 267 -20.84 11.47 -58.80
C MSE B 267 -21.21 12.01 -57.42
O MSE B 267 -21.35 13.21 -57.24
CB MSE B 267 -22.07 10.98 -59.55
CG MSE B 267 -21.79 10.76 -61.04
SE MSE B 267 -23.35 10.14 -62.03
CE MSE B 267 -24.17 11.85 -62.43
N LEU B 268 -21.33 11.10 -56.45
CA LEU B 268 -21.66 11.51 -55.08
C LEU B 268 -20.57 12.42 -54.52
N ASP B 269 -19.31 12.11 -54.78
CA ASP B 269 -18.24 12.97 -54.27
C ASP B 269 -18.27 14.39 -54.88
N GLU B 270 -18.98 14.59 -55.98
CA GLU B 270 -19.06 15.94 -56.59
C GLU B 270 -19.70 16.92 -55.59
N PHE B 271 -20.52 16.41 -54.69
CA PHE B 271 -21.30 17.27 -53.79
C PHE B 271 -20.55 17.70 -52.54
N PHE B 272 -19.30 17.25 -52.40
CA PHE B 272 -18.58 17.41 -51.15
C PHE B 272 -17.26 18.16 -51.28
N GLN C 6 -1.68 -21.54 53.27
CA GLN C 6 -0.74 -20.56 52.75
C GLN C 6 -0.26 -19.58 53.83
N ARG C 7 0.12 -18.37 53.42
CA ARG C 7 0.75 -17.42 54.33
C ARG C 7 0.23 -15.99 54.13
N GLU C 8 0.01 -15.29 55.24
CA GLU C 8 -0.47 -13.91 55.22
C GLU C 8 0.32 -13.03 56.18
N THR C 9 0.83 -11.91 55.68
CA THR C 9 1.65 -11.00 56.47
C THR C 9 1.17 -9.55 56.32
N SER C 10 1.24 -8.78 57.41
CA SER C 10 0.77 -7.40 57.40
C SER C 10 1.54 -6.51 56.42
N CYS C 11 0.95 -5.38 56.07
CA CYS C 11 1.54 -4.49 55.08
C CYS C 11 1.00 -3.08 55.22
N SER C 12 1.67 -2.13 54.56
CA SER C 12 1.19 -0.76 54.47
C SER C 12 0.27 -0.67 53.25
N ARG C 13 0.17 0.52 52.65
CA ARG C 13 -0.64 0.69 51.45
C ARG C 13 0.26 1.03 50.27
N PRO C 14 1.00 0.03 49.76
CA PRO C 14 2.08 0.26 48.79
C PRO C 14 1.61 0.93 47.50
N ARG C 15 2.54 1.61 46.82
CA ARG C 15 2.28 2.23 45.52
C ARG C 15 1.68 1.19 44.55
N LEU C 16 0.41 1.32 44.12
CA LEU C 16 -0.46 2.52 44.11
C LEU C 16 0.04 3.56 43.12
N ASN C 17 -0.24 3.31 41.85
CA ASN C 17 0.25 4.16 40.77
C ASN C 17 -0.76 5.24 40.36
N SER C 18 -0.56 5.80 39.17
CA SER C 18 -1.17 7.07 38.77
C SER C 18 -2.64 6.99 38.31
N ASN C 19 -3.27 8.16 38.25
CA ASN C 19 -4.63 8.32 37.75
C ASN C 19 -4.72 9.35 36.62
N LEU C 20 -5.93 9.52 36.06
CA LEU C 20 -6.16 10.33 34.86
C LEU C 20 -5.71 11.78 35.01
N ASP C 21 -6.32 12.47 35.98
CA ASP C 21 -6.06 13.88 36.27
C ASP C 21 -4.68 14.43 35.86
N ALA C 22 -3.63 13.66 36.11
CA ALA C 22 -2.27 14.08 35.75
C ALA C 22 -1.93 13.78 34.28
N ASP C 23 -2.53 12.72 33.73
CA ASP C 23 -2.37 12.40 32.32
C ASP C 23 -3.06 13.45 31.44
N LEU C 24 -3.84 14.32 32.06
CA LEU C 24 -4.71 15.22 31.32
C LEU C 24 -4.34 16.69 31.50
N TYR C 25 -3.36 16.97 32.36
CA TYR C 25 -2.88 18.34 32.57
C TYR C 25 -2.47 18.97 31.24
N GLY C 26 -2.94 20.18 30.98
CA GLY C 26 -2.47 20.96 29.85
C GLY C 26 -3.17 20.75 28.52
N TYR C 27 -4.06 19.75 28.43
CA TYR C 27 -4.80 19.51 27.20
C TYR C 27 -6.02 20.40 27.05
N ARG C 28 -6.36 20.71 25.80
CA ARG C 28 -7.68 21.27 25.50
C ARG C 28 -8.64 20.13 25.18
N TRP C 29 -9.88 20.28 25.64
CA TRP C 29 -10.89 19.25 25.48
C TRP C 29 -11.88 19.61 24.38
N ALA C 30 -12.28 18.61 23.60
CA ALA C 30 -13.39 18.79 22.67
C ALA C 30 -14.24 17.52 22.66
N ARG C 31 -15.55 17.67 22.49
CA ARG C 31 -16.44 16.50 22.47
C ARG C 31 -16.82 16.13 21.04
N ASP C 32 -16.70 14.85 20.70
CA ASP C 32 -16.94 14.44 19.32
C ASP C 32 -18.22 13.62 19.07
N ASN C 33 -18.21 12.88 17.97
CA ASN C 33 -19.39 12.25 17.36
C ASN C 33 -20.38 11.38 18.17
N VAL C 34 -19.95 10.84 19.32
CA VAL C 34 -20.71 9.95 20.27
C VAL C 34 -20.46 8.41 20.26
N GLY C 35 -19.49 7.91 19.50
CA GLY C 35 -19.04 6.53 19.67
C GLY C 35 -19.85 5.37 19.07
N GLN C 36 -19.14 4.28 18.76
CA GLN C 36 -19.71 3.13 18.01
C GLN C 36 -20.78 2.34 18.77
N SER C 37 -20.62 2.25 20.09
CA SER C 37 -21.63 1.63 20.92
C SER C 37 -22.29 2.70 21.79
N GLY C 38 -22.00 3.96 21.46
CA GLY C 38 -22.64 5.08 22.11
C GLY C 38 -21.78 5.75 23.16
N ALA C 39 -20.49 5.40 23.26
CA ALA C 39 -19.65 6.01 24.29
C ALA C 39 -19.33 7.44 23.91
N THR C 40 -19.33 8.37 24.88
CA THR C 40 -18.94 9.72 24.48
C THR C 40 -17.43 9.81 24.25
N ILE C 41 -17.06 10.55 23.20
CA ILE C 41 -15.67 10.64 22.76
C ILE C 41 -15.13 12.04 23.04
N TYR C 42 -14.02 12.11 23.77
CA TYR C 42 -13.32 13.36 23.98
C TYR C 42 -12.02 13.34 23.20
N ARG C 43 -11.73 14.45 22.51
CA ARG C 43 -10.45 14.62 21.85
C ARG C 43 -9.59 15.57 22.68
N LEU C 44 -8.36 15.16 22.97
CA LEU C 44 -7.44 15.93 23.78
C LEU C 44 -6.32 16.43 22.88
N TYR C 45 -6.22 17.75 22.74
CA TYR C 45 -5.35 18.37 21.76
C TYR C 45 -4.76 19.67 22.30
N GLY C 46 -3.88 20.27 21.51
CA GLY C 46 -3.35 21.58 21.83
C GLY C 46 -2.41 21.63 23.03
N LYS C 47 -1.99 20.46 23.52
CA LYS C 47 -0.97 20.44 24.57
C LYS C 47 0.40 20.38 23.90
N PRO C 48 1.23 21.40 24.17
CA PRO C 48 2.55 21.46 23.54
C PRO C 48 3.39 20.27 23.96
N ASN C 49 4.18 19.73 23.04
CA ASN C 49 5.10 18.64 23.33
C ASN C 49 4.39 17.41 23.88
N ALA C 50 3.17 17.20 23.41
CA ALA C 50 2.38 16.05 23.79
C ALA C 50 1.46 15.64 22.63
N PRO C 51 1.33 14.33 22.38
CA PRO C 51 0.54 13.87 21.24
C PRO C 51 -0.95 14.02 21.49
N GLU C 52 -1.72 14.04 20.42
CA GLU C 52 -3.17 14.04 20.55
C GLU C 52 -3.59 12.72 21.21
N LEU C 53 -4.63 12.78 22.04
CA LEU C 53 -5.19 11.60 22.67
C LEU C 53 -6.71 11.57 22.48
N PHE C 54 -7.31 10.39 22.64
CA PHE C 54 -8.75 10.28 22.71
C PHE C 54 -9.15 9.64 24.02
N LEU C 55 -10.25 10.12 24.60
CA LEU C 55 -10.79 9.54 25.82
C LEU C 55 -12.23 9.09 25.57
N LYS C 56 -12.46 7.79 25.76
CA LYS C 56 -13.79 7.22 25.65
C LYS C 56 -14.36 7.02 27.05
N HIS C 57 -15.58 7.49 27.24
CA HIS C 57 -16.31 7.25 28.48
C HIS C 57 -17.59 6.48 28.20
N GLY C 58 -17.69 5.27 28.72
CA GLY C 58 -18.93 4.52 28.59
C GLY C 58 -19.56 4.37 29.95
N LYS C 59 -20.88 4.52 30.02
CA LYS C 59 -21.62 4.29 31.27
C LYS C 59 -22.59 3.13 31.09
N GLY C 60 -22.80 2.35 32.13
CA GLY C 60 -23.78 1.28 32.09
C GLY C 60 -23.39 0.18 31.12
N SER C 61 -24.34 -0.25 30.28
CA SER C 61 -24.05 -1.25 29.25
C SER C 61 -22.91 -0.82 28.35
N VAL C 62 -22.88 0.48 28.05
CA VAL C 62 -21.83 1.02 27.18
C VAL C 62 -20.44 0.86 27.80
N ALA C 63 -20.37 0.85 29.14
CA ALA C 63 -19.09 0.57 29.81
C ALA C 63 -18.55 -0.79 29.39
N ASN C 64 -19.46 -1.74 29.14
CA ASN C 64 -19.03 -3.07 28.73
C ASN C 64 -18.42 -3.07 27.35
N ASP C 65 -18.96 -2.22 26.47
CA ASP C 65 -18.41 -2.12 25.12
C ASP C 65 -17.03 -1.45 25.12
N VAL C 66 -16.81 -0.49 26.01
CA VAL C 66 -15.54 0.23 26.06
C VAL C 66 -14.47 -0.72 26.60
N THR C 67 -14.86 -1.51 27.59
CA THR C 67 -14.02 -2.58 28.12
C THR C 67 -13.65 -3.62 27.05
N ASP C 68 -14.63 -3.99 26.24
CA ASP C 68 -14.40 -4.92 25.13
C ASP C 68 -13.36 -4.36 24.17
N GLU C 69 -13.43 -3.06 23.88
CA GLU C 69 -12.45 -2.45 22.98
C GLU C 69 -11.08 -2.42 23.61
N MSE C 70 -11.01 -2.15 24.90
CA MSE C 70 -9.73 -2.06 25.59
C MSE C 70 -8.97 -3.39 25.47
O MSE C 70 -7.80 -3.40 25.11
CB MSE C 70 -9.90 -1.66 27.05
CG MSE C 70 -8.56 -1.49 27.80
SE MSE C 70 -7.79 -3.16 28.49
CE MSE C 70 -9.26 -3.61 29.62
N VAL C 71 -9.62 -4.52 25.76
CA VAL C 71 -8.88 -5.78 25.68
C VAL C 71 -8.53 -6.18 24.27
N ARG C 72 -9.34 -5.79 23.30
CA ARG C 72 -9.02 -6.11 21.93
C ARG C 72 -7.88 -5.24 21.39
N LEU C 73 -7.84 -3.98 21.82
CA LEU C 73 -6.68 -3.12 21.51
C LEU C 73 -5.41 -3.74 22.06
N ASN C 74 -5.48 -4.17 23.31
CA ASN C 74 -4.31 -4.74 23.98
C ASN C 74 -3.81 -5.99 23.26
N TRP C 75 -4.73 -6.85 22.84
CA TRP C 75 -4.33 -8.07 22.14
C TRP C 75 -3.82 -7.81 20.71
N LEU C 76 -4.64 -7.15 19.89
CA LEU C 76 -4.35 -7.03 18.47
C LEU C 76 -3.15 -6.16 18.14
N THR C 77 -2.79 -5.27 19.06
CA THR C 77 -1.68 -4.35 18.78
C THR C 77 -0.34 -5.11 18.60
N ALA C 78 -0.28 -6.33 19.10
CA ALA C 78 0.92 -7.14 18.88
C ALA C 78 1.05 -7.51 17.39
N PHE C 79 -0.03 -7.41 16.63
CA PHE C 79 -0.04 -7.87 15.23
C PHE C 79 -0.29 -6.80 14.20
N MSE C 80 -0.90 -5.68 14.61
CA MSE C 80 -1.35 -4.65 13.65
C MSE C 80 -1.16 -3.27 14.26
O MSE C 80 -1.08 -3.14 15.48
CB MSE C 80 -2.83 -4.87 13.27
CG MSE C 80 -3.11 -6.19 12.54
SE MSE C 80 -2.35 -6.31 10.75
CE MSE C 80 -3.70 -5.31 9.79
N PRO C 81 -1.08 -2.22 13.42
CA PRO C 81 -0.87 -0.86 13.93
C PRO C 81 -2.18 -0.26 14.48
N LEU C 82 -2.25 -0.11 15.80
CA LEU C 82 -3.45 0.31 16.52
C LEU C 82 -3.11 1.50 17.41
N PRO C 83 -4.12 2.22 17.92
CA PRO C 83 -3.82 3.20 18.95
C PRO C 83 -3.23 2.53 20.20
N THR C 84 -2.39 3.24 20.93
CA THR C 84 -1.80 2.71 22.17
C THR C 84 -2.64 3.05 23.39
N ILE C 85 -2.89 2.05 24.23
CA ILE C 85 -3.56 2.30 25.50
C ILE C 85 -2.65 3.03 26.46
N LYS C 86 -3.08 4.21 26.89
CA LYS C 86 -2.33 4.95 27.89
C LYS C 86 -2.89 4.70 29.30
N HIS C 87 -4.19 4.51 29.39
CA HIS C 87 -4.83 4.39 30.70
C HIS C 87 -6.25 3.88 30.50
N PHE C 88 -6.70 3.01 31.41
CA PHE C 88 -8.05 2.49 31.38
C PHE C 88 -8.53 2.32 32.81
N ILE C 89 -9.75 2.77 33.07
CA ILE C 89 -10.33 2.63 34.40
C ILE C 89 -11.71 1.98 34.25
N ARG C 90 -11.99 1.00 35.10
CA ARG C 90 -13.30 0.39 35.19
C ARG C 90 -13.82 0.47 36.62
N THR C 91 -14.99 1.08 36.80
CA THR C 91 -15.71 1.05 38.06
C THR C 91 -17.00 0.32 37.76
N PRO C 92 -17.84 0.02 38.79
CA PRO C 92 -19.03 -0.79 38.52
C PRO C 92 -19.92 -0.31 37.37
N ASP C 93 -20.10 1.00 37.23
CA ASP C 93 -20.97 1.52 36.16
C ASP C 93 -20.27 2.36 35.09
N ASP C 94 -18.94 2.47 35.17
CA ASP C 94 -18.23 3.34 34.25
C ASP C 94 -16.94 2.72 33.73
N ALA C 95 -16.58 3.10 32.50
CA ALA C 95 -15.31 2.70 31.90
C ALA C 95 -14.70 3.91 31.19
N TRP C 96 -13.42 4.16 31.46
CA TRP C 96 -12.70 5.25 30.81
C TRP C 96 -11.52 4.68 30.03
N LEU C 97 -11.43 5.01 28.75
CA LEU C 97 -10.37 4.47 27.92
C LEU C 97 -9.61 5.60 27.23
N LEU C 98 -8.35 5.75 27.62
CA LEU C 98 -7.50 6.81 27.11
C LEU C 98 -6.46 6.21 26.17
N THR C 99 -6.47 6.65 24.92
CA THR C 99 -5.60 6.11 23.90
C THR C 99 -4.89 7.24 23.18
N THR C 100 -3.74 6.93 22.58
CA THR C 100 -3.04 7.90 21.74
C THR C 100 -3.73 7.94 20.38
N ALA C 101 -3.81 9.13 19.78
CA ALA C 101 -4.44 9.26 18.47
C ALA C 101 -3.50 8.73 17.40
N ILE C 102 -4.06 8.07 16.39
CA ILE C 102 -3.29 7.81 15.19
C ILE C 102 -3.44 9.06 14.35
N PRO C 103 -2.33 9.73 13.99
CA PRO C 103 -2.43 10.94 13.18
C PRO C 103 -3.02 10.66 11.80
N GLY C 104 -3.72 11.64 11.21
CA GLY C 104 -4.23 11.45 9.87
C GLY C 104 -5.73 11.60 9.70
N LYS C 105 -6.24 11.05 8.60
CA LYS C 105 -7.65 11.20 8.25
C LYS C 105 -8.23 9.83 7.98
N THR C 106 -9.54 9.69 8.13
CA THR C 106 -10.20 8.43 7.81
C THR C 106 -10.18 8.20 6.32
N ALA C 107 -10.27 6.94 5.91
CA ALA C 107 -10.34 6.58 4.49
C ALA C 107 -11.49 7.35 3.85
N PHE C 108 -12.58 7.48 4.59
CA PHE C 108 -13.75 8.20 4.09
C PHE C 108 -13.38 9.63 3.79
N GLN C 109 -12.67 10.28 4.71
CA GLN C 109 -12.25 11.66 4.51
C GLN C 109 -11.32 11.84 3.31
N VAL C 110 -10.33 10.97 3.18
CA VAL C 110 -9.35 11.13 2.10
CA VAL C 110 -9.34 11.08 2.10
C VAL C 110 -9.99 10.84 0.75
N LEU C 111 -10.97 9.93 0.72
CA LEU C 111 -11.66 9.63 -0.52
C LEU C 111 -12.49 10.83 -0.99
N GLU C 112 -13.12 11.53 -0.04
CA GLU C 112 -13.85 12.76 -0.38
C GLU C 112 -12.90 13.86 -0.83
N GLU C 113 -11.76 13.96 -0.16
CA GLU C 113 -10.78 15.00 -0.45
C GLU C 113 -9.99 14.73 -1.74
N TYR C 114 -9.76 13.46 -2.04
CA TYR C 114 -9.04 13.09 -3.26
C TYR C 114 -9.85 12.06 -4.07
N PRO C 115 -10.94 12.52 -4.71
CA PRO C 115 -11.79 11.60 -5.46
C PRO C 115 -11.05 10.78 -6.53
N ASP C 116 -10.00 11.35 -7.12
CA ASP C 116 -9.22 10.61 -8.12
C ASP C 116 -8.40 9.47 -7.52
N SER C 117 -8.23 9.46 -6.20
CA SER C 117 -7.36 8.48 -5.55
C SER C 117 -8.12 7.26 -5.08
N GLY C 118 -9.38 7.17 -5.46
CA GLY C 118 -10.25 6.08 -5.03
C GLY C 118 -9.68 4.68 -5.26
N GLU C 119 -9.08 4.47 -6.43
CA GLU C 119 -8.57 3.16 -6.78
C GLU C 119 -7.38 2.77 -5.89
N ASN C 120 -6.49 3.73 -5.66
CA ASN C 120 -5.34 3.50 -4.80
C ASN C 120 -5.77 3.27 -3.35
N ILE C 121 -6.80 3.99 -2.92
CA ILE C 121 -7.32 3.81 -1.57
C ILE C 121 -7.91 2.41 -1.37
N VAL C 122 -8.70 1.94 -2.34
CA VAL C 122 -9.30 0.60 -2.25
C VAL C 122 -8.23 -0.49 -2.27
N ASP C 123 -7.25 -0.36 -3.16
CA ASP C 123 -6.17 -1.34 -3.16
C ASP C 123 -5.46 -1.40 -1.80
N ALA C 124 -5.22 -0.24 -1.19
CA ALA C 124 -4.55 -0.22 0.12
C ALA C 124 -5.40 -0.90 1.19
N LEU C 125 -6.70 -0.64 1.14
CA LEU C 125 -7.63 -1.24 2.10
C LEU C 125 -7.66 -2.76 1.93
N ALA C 126 -7.67 -3.22 0.68
CA ALA C 126 -7.72 -4.66 0.41
C ALA C 126 -6.47 -5.37 0.92
N VAL C 127 -5.31 -4.76 0.69
CA VAL C 127 -4.04 -5.31 1.15
C VAL C 127 -3.96 -5.36 2.68
N PHE C 128 -4.40 -4.29 3.32
CA PHE C 128 -4.42 -4.21 4.77
C PHE C 128 -5.36 -5.27 5.35
N LEU C 129 -6.49 -5.46 4.69
CA LEU C 129 -7.44 -6.45 5.15
C LEU C 129 -6.87 -7.86 5.02
N ARG C 130 -6.17 -8.12 3.91
CA ARG C 130 -5.47 -9.39 3.78
C ARG C 130 -4.47 -9.64 4.91
N ARG C 131 -3.75 -8.59 5.32
CA ARG C 131 -2.82 -8.69 6.44
C ARG C 131 -3.54 -9.13 7.72
N LEU C 132 -4.63 -8.46 8.04
CA LEU C 132 -5.38 -8.77 9.23
C LEU C 132 -5.88 -10.21 9.18
N HIS C 133 -6.43 -10.60 8.04
CA HIS C 133 -7.00 -11.94 7.89
C HIS C 133 -5.94 -13.02 7.85
N SER C 134 -4.67 -12.64 7.71
CA SER C 134 -3.61 -13.62 7.68
C SER C 134 -3.09 -14.02 9.07
N ILE C 135 -3.51 -13.30 10.11
CA ILE C 135 -3.09 -13.67 11.47
C ILE C 135 -3.66 -15.04 11.84
N PRO C 136 -2.79 -16.04 12.10
CA PRO C 136 -3.33 -17.38 12.41
C PRO C 136 -4.32 -17.33 13.57
N VAL C 137 -5.46 -18.01 13.44
CA VAL C 137 -6.52 -17.90 14.45
C VAL C 137 -6.10 -18.49 15.80
N CYS C 138 -5.09 -19.36 15.80
CA CYS C 138 -4.57 -19.90 17.05
C CYS C 138 -4.08 -18.81 18.02
N ASN C 139 -3.83 -17.60 17.49
CA ASN C 139 -3.40 -16.46 18.32
C ASN C 139 -4.53 -15.69 18.99
N CYS C 140 -5.78 -15.93 18.57
CA CYS C 140 -6.87 -15.03 18.97
C CYS C 140 -7.80 -15.62 20.04
N PRO C 141 -7.93 -14.91 21.19
CA PRO C 141 -8.77 -15.38 22.30
C PRO C 141 -10.21 -14.92 22.19
N PHE C 142 -10.57 -14.26 21.09
CA PHE C 142 -11.92 -13.71 20.95
C PHE C 142 -12.79 -14.41 19.91
N ASN C 143 -13.98 -14.77 20.33
CA ASN C 143 -15.00 -15.38 19.47
C ASN C 143 -15.96 -14.31 19.01
N SER C 144 -16.06 -14.09 17.70
CA SER C 144 -17.03 -13.15 17.15
CA SER C 144 -17.05 -13.16 17.17
C SER C 144 -17.82 -13.81 16.03
N ASP C 145 -18.01 -15.12 16.13
CA ASP C 145 -18.62 -15.88 15.02
C ASP C 145 -20.11 -15.61 14.86
N ARG C 146 -20.70 -16.13 13.80
CA ARG C 146 -22.06 -15.73 13.47
C ARG C 146 -23.06 -16.21 14.52
N VAL C 147 -22.79 -17.36 15.15
CA VAL C 147 -23.67 -17.85 16.20
C VAL C 147 -23.69 -16.83 17.36
N PHE C 148 -22.51 -16.31 17.68
CA PHE C 148 -22.35 -15.33 18.74
C PHE C 148 -23.00 -14.00 18.34
N ARG C 149 -22.72 -13.54 17.12
CA ARG C 149 -23.29 -12.26 16.67
C ARG C 149 -24.81 -12.34 16.51
N LEU C 150 -25.31 -13.50 16.10
CA LEU C 150 -26.76 -13.63 15.91
C LEU C 150 -27.48 -13.52 17.24
N ALA C 151 -26.89 -14.09 18.28
CA ALA C 151 -27.52 -14.03 19.60
C ALA C 151 -27.44 -12.60 20.15
N GLN C 152 -26.34 -11.90 19.85
CA GLN C 152 -26.23 -10.49 20.19
C GLN C 152 -27.32 -9.68 19.46
N ALA C 153 -27.48 -9.98 18.17
CA ALA C 153 -28.48 -9.30 17.35
C ALA C 153 -29.91 -9.54 17.88
N GLN C 154 -30.20 -10.77 18.24
CA GLN C 154 -31.51 -11.10 18.80
C GLN C 154 -31.79 -10.28 20.04
N SER C 155 -30.79 -10.17 20.93
CA SER C 155 -30.97 -9.41 22.16
C SER C 155 -31.14 -7.92 21.87
N ARG C 156 -30.33 -7.37 20.97
CA ARG C 156 -30.52 -5.97 20.59
C ARG C 156 -31.92 -5.70 20.07
N MSE C 157 -32.40 -6.60 19.20
CA MSE C 157 -33.77 -6.47 18.71
C MSE C 157 -34.77 -6.53 19.86
O MSE C 157 -35.65 -5.68 20.00
CB MSE C 157 -34.08 -7.60 17.72
CG MSE C 157 -35.54 -7.58 17.23
SE MSE C 157 -35.90 -8.91 15.84
CE MSE C 157 -35.38 -10.51 16.85
N ASN C 158 -34.62 -7.56 20.69
CA ASN C 158 -35.56 -7.79 21.78
C ASN C 158 -35.56 -6.70 22.85
N ASN C 159 -34.40 -6.07 23.05
CA ASN C 159 -34.26 -5.00 24.02
C ASN C 159 -34.67 -3.64 23.45
N GLY C 160 -35.07 -3.63 22.18
CA GLY C 160 -35.56 -2.41 21.55
C GLY C 160 -34.48 -1.43 21.10
N LEU C 161 -33.28 -1.94 20.86
CA LEU C 161 -32.12 -1.10 20.60
C LEU C 161 -31.77 -0.94 19.12
N VAL C 162 -32.44 -1.68 18.24
CA VAL C 162 -32.08 -1.61 16.82
C VAL C 162 -32.52 -0.28 16.22
N ASP C 163 -31.63 0.35 15.45
CA ASP C 163 -31.95 1.63 14.80
C ASP C 163 -32.56 1.34 13.44
N ALA C 164 -33.88 1.19 13.39
CA ALA C 164 -34.52 0.75 12.16
C ALA C 164 -34.51 1.85 11.10
N SER C 165 -34.20 3.08 11.52
CA SER C 165 -34.15 4.19 10.59
C SER C 165 -32.81 4.25 9.85
N ASP C 166 -31.89 3.37 10.23
CA ASP C 166 -30.55 3.38 9.65
C ASP C 166 -30.30 2.16 8.75
N PHE C 167 -31.37 1.48 8.32
CA PHE C 167 -31.21 0.29 7.46
C PHE C 167 -30.73 0.70 6.07
N ASP C 168 -30.07 -0.22 5.38
CA ASP C 168 -29.64 0.01 4.00
C ASP C 168 -30.86 0.23 3.10
N ASP C 169 -30.64 0.75 1.90
CA ASP C 169 -31.76 1.12 1.02
C ASP C 169 -32.72 -0.04 0.73
N GLU C 170 -32.15 -1.23 0.56
CA GLU C 170 -32.93 -2.42 0.22
C GLU C 170 -33.93 -2.71 1.33
N ARG C 171 -33.60 -2.27 2.54
CA ARG C 171 -34.42 -2.62 3.71
C ARG C 171 -35.09 -1.41 4.36
N ASN C 172 -35.09 -0.29 3.64
CA ASN C 172 -35.70 0.92 4.17
C ASN C 172 -37.17 0.71 4.49
N GLY C 173 -37.55 1.01 5.73
CA GLY C 173 -38.94 0.91 6.14
C GLY C 173 -39.36 -0.47 6.62
N TRP C 174 -38.48 -1.45 6.47
CA TRP C 174 -38.79 -2.80 6.96
C TRP C 174 -38.82 -2.78 8.47
N PRO C 175 -39.81 -3.47 9.05
CA PRO C 175 -39.73 -3.68 10.50
C PRO C 175 -38.55 -4.60 10.85
N VAL C 176 -37.95 -4.39 12.02
CA VAL C 176 -36.77 -5.16 12.41
C VAL C 176 -37.01 -6.67 12.37
N GLU C 177 -38.23 -7.07 12.71
N GLU C 177 -38.23 -7.09 12.72
CA GLU C 177 -38.58 -8.49 12.73
CA GLU C 177 -38.58 -8.49 12.74
C GLU C 177 -38.53 -9.10 11.33
C GLU C 177 -38.53 -9.11 11.33
N GLN C 178 -38.83 -8.31 10.31
CA GLN C 178 -38.75 -8.79 8.93
C GLN C 178 -37.29 -9.01 8.50
N VAL C 179 -36.40 -8.13 8.92
CA VAL C 179 -34.98 -8.31 8.67
C VAL C 179 -34.49 -9.58 9.35
N TRP C 180 -34.91 -9.77 10.60
CA TRP C 180 -34.52 -10.94 11.37
C TRP C 180 -34.94 -12.23 10.66
N LYS C 181 -36.23 -12.32 10.31
CA LYS C 181 -36.75 -13.53 9.66
C LYS C 181 -36.10 -13.76 8.31
N GLU C 182 -35.98 -12.71 7.49
CA GLU C 182 -35.46 -12.86 6.13
C GLU C 182 -33.98 -13.21 6.11
N MSE C 183 -33.24 -12.66 7.08
CA MSE C 183 -31.83 -13.02 7.24
C MSE C 183 -31.65 -14.53 7.45
O MSE C 183 -30.72 -15.13 6.94
CB MSE C 183 -31.23 -12.26 8.42
CG MSE C 183 -29.77 -12.54 8.65
SE MSE C 183 -29.02 -11.33 9.95
CE MSE C 183 -30.18 -11.75 11.45
N HIS C 184 -32.55 -15.12 8.24
CA HIS C 184 -32.43 -16.54 8.57
C HIS C 184 -32.59 -17.51 7.39
N LYS C 185 -33.25 -17.05 6.32
CA LYS C 185 -33.37 -17.85 5.10
C LYS C 185 -32.02 -18.08 4.38
N LEU C 186 -31.05 -17.22 4.63
CA LEU C 186 -29.74 -17.33 3.99
C LEU C 186 -28.84 -18.39 4.67
N LEU C 187 -29.23 -18.79 5.88
CA LEU C 187 -28.51 -19.83 6.62
C LEU C 187 -28.98 -21.21 6.16
N PRO C 188 -28.07 -22.20 6.15
CA PRO C 188 -26.68 -22.08 6.60
C PRO C 188 -25.70 -21.85 5.46
N PHE C 189 -24.47 -21.46 5.82
CA PHE C 189 -23.38 -21.49 4.86
C PHE C 189 -22.12 -22.02 5.52
N SER C 190 -21.15 -22.37 4.70
CA SER C 190 -19.97 -23.09 5.17
C SER C 190 -19.05 -22.24 6.04
N PRO C 191 -18.59 -22.83 7.15
CA PRO C 191 -17.65 -22.19 8.08
C PRO C 191 -16.39 -21.68 7.40
N ASP C 192 -16.17 -20.38 7.52
CA ASP C 192 -14.87 -19.80 7.22
C ASP C 192 -14.48 -19.00 8.46
N SER C 193 -13.21 -19.06 8.83
CA SER C 193 -12.78 -18.40 10.06
C SER C 193 -11.44 -17.72 9.91
N VAL C 194 -11.44 -16.40 10.11
CA VAL C 194 -10.20 -15.63 10.14
C VAL C 194 -10.33 -14.62 11.28
N VAL C 195 -9.21 -14.05 11.70
CA VAL C 195 -9.25 -12.87 12.58
C VAL C 195 -9.89 -11.69 11.84
N THR C 196 -11.01 -11.19 12.35
CA THR C 196 -11.72 -10.06 11.73
C THR C 196 -11.73 -8.82 12.63
N HIS C 197 -11.91 -7.66 12.00
CA HIS C 197 -12.01 -6.37 12.68
C HIS C 197 -13.40 -6.19 13.30
N GLY C 198 -14.42 -6.48 12.49
CA GLY C 198 -15.80 -6.47 12.99
C GLY C 198 -16.59 -5.22 12.60
N ASP C 199 -15.89 -4.13 12.32
CA ASP C 199 -16.53 -2.92 11.83
C ASP C 199 -15.61 -2.22 10.85
N PHE C 200 -15.32 -2.90 9.74
CA PHE C 200 -14.27 -2.48 8.82
C PHE C 200 -14.87 -1.53 7.79
N SER C 201 -15.20 -0.33 8.26
CA SER C 201 -15.85 0.70 7.45
C SER C 201 -14.80 1.75 7.05
N LEU C 202 -15.17 2.66 6.16
CA LEU C 202 -14.23 3.71 5.75
C LEU C 202 -13.91 4.70 6.89
N ASP C 203 -14.72 4.71 7.94
CA ASP C 203 -14.47 5.59 9.08
C ASP C 203 -13.38 5.04 10.00
N ASN C 204 -13.04 3.76 9.86
CA ASN C 204 -12.21 3.10 10.88
C ASN C 204 -10.79 2.77 10.42
N LEU C 205 -10.45 3.23 9.22
CA LEU C 205 -9.10 3.04 8.69
C LEU C 205 -8.47 4.42 8.48
N ILE C 206 -7.23 4.57 8.92
CA ILE C 206 -6.61 5.89 8.96
C ILE C 206 -5.44 6.03 7.99
N PHE C 207 -5.49 7.08 7.17
CA PHE C 207 -4.45 7.39 6.18
C PHE C 207 -3.65 8.60 6.63
N ASP C 208 -2.33 8.53 6.52
CA ASP C 208 -1.53 9.70 6.85
C ASP C 208 -0.42 9.85 5.85
N GLU C 209 -0.25 11.06 5.33
CA GLU C 209 0.71 11.33 4.28
C GLU C 209 0.62 10.31 3.16
N GLY C 210 -0.62 9.98 2.77
CA GLY C 210 -0.87 9.12 1.62
C GLY C 210 -0.78 7.63 1.83
N LYS C 211 -0.54 7.21 3.06
CA LYS C 211 -0.37 5.80 3.36
C LYS C 211 -1.36 5.35 4.43
N LEU C 212 -1.90 4.15 4.29
CA LEU C 212 -2.78 3.57 5.30
C LEU C 212 -1.95 3.16 6.50
N ILE C 213 -2.10 3.85 7.62
CA ILE C 213 -1.21 3.60 8.76
C ILE C 213 -1.83 2.93 9.99
N GLY C 214 -3.11 2.62 9.95
CA GLY C 214 -3.70 1.92 11.08
C GLY C 214 -5.21 1.81 11.05
N CYS C 215 -5.76 1.05 12.00
CA CYS C 215 -7.22 0.99 12.12
C CYS C 215 -7.63 1.32 13.57
N ILE C 216 -8.88 1.69 13.76
CA ILE C 216 -9.36 2.11 15.07
C ILE C 216 -10.69 1.42 15.33
N ASP C 217 -11.27 1.61 16.51
CA ASP C 217 -12.59 1.07 16.83
C ASP C 217 -12.64 -0.45 16.71
N VAL C 218 -11.84 -1.13 17.53
CA VAL C 218 -11.64 -2.56 17.37
C VAL C 218 -12.46 -3.40 18.35
N GLY C 219 -13.53 -2.82 18.90
CA GLY C 219 -14.31 -3.50 19.91
C GLY C 219 -15.05 -4.75 19.47
N ARG C 220 -15.18 -4.98 18.17
CA ARG C 220 -15.84 -6.18 17.66
C ARG C 220 -14.86 -7.21 17.10
N VAL C 221 -13.57 -6.98 17.33
CA VAL C 221 -12.53 -7.90 16.85
C VAL C 221 -12.72 -9.32 17.35
N GLY C 222 -12.54 -10.29 16.46
CA GLY C 222 -12.51 -11.68 16.88
C GLY C 222 -12.57 -12.62 15.69
N ILE C 223 -12.54 -13.92 15.96
CA ILE C 223 -12.63 -14.92 14.90
C ILE C 223 -14.04 -14.96 14.31
N ALA C 224 -14.13 -14.79 13.00
CA ALA C 224 -15.41 -14.80 12.28
C ALA C 224 -15.20 -15.05 10.76
N ASP C 225 -16.26 -15.04 9.96
CA ASP C 225 -16.12 -15.22 8.51
C ASP C 225 -15.48 -13.97 7.95
N ARG C 226 -14.58 -14.12 6.97
CA ARG C 226 -13.93 -12.95 6.37
C ARG C 226 -14.94 -11.99 5.75
N TYR C 227 -16.12 -12.49 5.40
CA TYR C 227 -17.13 -11.58 4.82
C TYR C 227 -17.72 -10.61 5.84
N GLN C 228 -17.52 -10.86 7.15
CA GLN C 228 -17.86 -9.84 8.14
C GLN C 228 -17.18 -8.49 7.82
N ASP C 229 -15.92 -8.56 7.41
CA ASP C 229 -15.18 -7.35 7.04
C ASP C 229 -15.39 -6.94 5.57
N LEU C 230 -15.39 -7.92 4.66
CA LEU C 230 -15.61 -7.60 3.27
C LEU C 230 -16.99 -6.92 3.07
N ALA C 231 -18.02 -7.44 3.72
CA ALA C 231 -19.37 -6.89 3.52
C ALA C 231 -19.49 -5.43 3.94
N ILE C 232 -19.00 -5.12 5.14
CA ILE C 232 -19.16 -3.77 5.66
C ILE C 232 -18.41 -2.75 4.79
N LEU C 233 -17.21 -3.10 4.34
CA LEU C 233 -16.43 -2.24 3.48
C LEU C 233 -17.10 -2.09 2.13
N TRP C 234 -17.57 -3.20 1.57
CA TRP C 234 -18.21 -3.20 0.26
C TRP C 234 -19.43 -2.28 0.27
N ASN C 235 -20.17 -2.32 1.38
CA ASN C 235 -21.35 -1.49 1.54
C ASN C 235 -20.97 0.00 1.53
N CYS C 236 -19.93 0.35 2.30
CA CYS C 236 -19.45 1.73 2.35
C CYS C 236 -19.01 2.21 0.99
N LEU C 237 -18.28 1.36 0.27
CA LEU C 237 -17.83 1.73 -1.09
C LEU C 237 -18.99 1.98 -2.06
N GLY C 238 -20.12 1.36 -1.78
CA GLY C 238 -21.32 1.56 -2.57
C GLY C 238 -21.91 2.96 -2.50
N GLU C 239 -21.43 3.78 -1.57
CA GLU C 239 -21.80 5.18 -1.57
C GLU C 239 -21.11 5.89 -2.72
N PHE C 240 -20.02 5.30 -3.20
CA PHE C 240 -19.11 5.97 -4.12
C PHE C 240 -19.19 5.45 -5.55
N SER C 241 -18.97 4.15 -5.76
CA SER C 241 -19.10 3.56 -7.10
C SER C 241 -19.08 2.04 -7.13
N PRO C 242 -19.83 1.44 -8.07
CA PRO C 242 -19.83 -0.02 -8.26
C PRO C 242 -18.46 -0.51 -8.66
N SER C 243 -17.72 0.29 -9.42
CA SER C 243 -16.36 -0.12 -9.83
C SER C 243 -15.43 -0.28 -8.61
N LEU C 244 -15.54 0.62 -7.64
CA LEU C 244 -14.74 0.51 -6.42
C LEU C 244 -15.15 -0.70 -5.58
N GLN C 245 -16.46 -0.94 -5.49
CA GLN C 245 -16.96 -2.16 -4.86
C GLN C 245 -16.36 -3.44 -5.47
N LYS C 246 -16.43 -3.56 -6.78
CA LYS C 246 -15.87 -4.70 -7.50
C LYS C 246 -14.36 -4.80 -7.28
N ARG C 247 -13.67 -3.66 -7.32
CA ARG C 247 -12.22 -3.66 -7.18
C ARG C 247 -11.74 -4.20 -5.82
N LEU C 248 -12.53 -3.95 -4.78
CA LEU C 248 -12.21 -4.49 -3.46
C LEU C 248 -12.02 -6.00 -3.53
N PHE C 249 -13.00 -6.71 -4.10
CA PHE C 249 -12.88 -8.17 -4.19
C PHE C 249 -11.75 -8.63 -5.13
N GLN C 250 -11.59 -7.91 -6.23
CA GLN C 250 -10.53 -8.23 -7.18
C GLN C 250 -9.15 -8.12 -6.55
N LYS C 251 -8.91 -7.03 -5.83
CA LYS C 251 -7.61 -6.85 -5.21
C LYS C 251 -7.41 -7.85 -4.07
N TYR C 252 -8.48 -8.10 -3.32
CA TYR C 252 -8.43 -9.02 -2.17
C TYR C 252 -8.15 -10.41 -2.70
N GLY C 253 -8.68 -10.71 -3.89
CA GLY C 253 -8.36 -11.95 -4.55
C GLY C 253 -9.47 -12.97 -4.62
N ILE C 254 -10.71 -12.50 -4.62
CA ILE C 254 -11.86 -13.41 -4.74
C ILE C 254 -12.48 -13.31 -6.13
N ASP C 255 -12.55 -14.44 -6.84
CA ASP C 255 -13.06 -14.46 -8.22
C ASP C 255 -14.57 -14.23 -8.34
N ASN C 256 -15.32 -14.86 -7.44
CA ASN C 256 -16.77 -14.85 -7.48
C ASN C 256 -17.30 -14.55 -6.10
N PRO C 257 -17.41 -13.25 -5.77
CA PRO C 257 -17.92 -12.79 -4.48
C PRO C 257 -19.18 -13.56 -4.14
N ASP C 258 -19.25 -14.07 -2.92
CA ASP C 258 -20.35 -14.90 -2.47
C ASP C 258 -21.51 -13.98 -2.07
N MSE C 259 -22.49 -13.80 -2.93
CA MSE C 259 -23.53 -12.80 -2.71
C MSE C 259 -24.42 -13.14 -1.51
O MSE C 259 -24.95 -12.26 -0.83
CB MSE C 259 -24.38 -12.59 -3.97
CG MSE C 259 -23.57 -12.14 -5.19
SE MSE C 259 -22.44 -10.60 -4.80
CE MSE C 259 -23.76 -9.21 -5.04
N ASN C 260 -24.60 -14.44 -1.26
CA ASN C 260 -25.34 -14.91 -0.08
C ASN C 260 -24.63 -14.51 1.22
N LYS C 261 -23.34 -14.81 1.31
CA LYS C 261 -22.57 -14.39 2.47
C LYS C 261 -22.54 -12.89 2.63
N LEU C 262 -22.38 -12.18 1.51
CA LEU C 262 -22.40 -10.73 1.51
C LEU C 262 -23.72 -10.22 2.09
N GLN C 263 -24.83 -10.69 1.54
CA GLN C 263 -26.14 -10.24 2.00
C GLN C 263 -26.35 -10.57 3.47
N PHE C 264 -25.97 -11.78 3.87
CA PHE C 264 -26.11 -12.15 5.28
C PHE C 264 -25.39 -11.19 6.20
N HIS C 265 -24.14 -10.85 5.90
CA HIS C 265 -23.38 -9.96 6.78
C HIS C 265 -23.84 -8.51 6.76
N LEU C 266 -24.37 -8.06 5.63
CA LEU C 266 -25.00 -6.74 5.58
C LEU C 266 -26.27 -6.72 6.44
N MSE C 267 -27.07 -7.78 6.33
CA MSE C 267 -28.29 -7.81 7.13
C MSE C 267 -27.95 -7.89 8.60
O MSE C 267 -28.57 -7.23 9.43
CB MSE C 267 -29.19 -8.98 6.70
CG MSE C 267 -29.77 -8.76 5.33
SE MSE C 267 -30.87 -10.21 4.73
CE MSE C 267 -32.57 -9.66 5.49
N LEU C 268 -26.96 -8.68 8.95
CA LEU C 268 -26.55 -8.79 10.35
C LEU C 268 -26.12 -7.43 10.93
N ASP C 269 -25.39 -6.63 10.16
CA ASP C 269 -24.93 -5.32 10.67
C ASP C 269 -26.07 -4.32 10.91
N GLU C 270 -27.23 -4.59 10.30
CA GLU C 270 -28.42 -3.78 10.53
C GLU C 270 -28.80 -3.73 12.01
N PHE C 271 -28.43 -4.76 12.76
CA PHE C 271 -28.84 -4.89 14.18
C PHE C 271 -27.88 -4.19 15.14
N PHE C 272 -26.79 -3.65 14.62
CA PHE C 272 -25.73 -3.11 15.45
C PHE C 272 -25.51 -1.60 15.34
N HIS D 4 -19.93 9.62 10.02
CA HIS D 4 -18.79 10.36 9.48
C HIS D 4 -19.07 11.83 9.21
N ILE D 5 -20.32 12.25 9.47
CA ILE D 5 -20.67 13.66 9.40
C ILE D 5 -20.14 14.30 10.68
N GLN D 6 -18.83 14.52 10.73
CA GLN D 6 -18.14 14.89 11.97
C GLN D 6 -18.60 16.23 12.53
N ARG D 7 -18.95 16.21 13.81
CA ARG D 7 -19.30 17.41 14.55
C ARG D 7 -18.49 17.42 15.84
N GLU D 8 -17.77 18.50 16.08
CA GLU D 8 -16.95 18.63 17.27
C GLU D 8 -17.22 19.95 17.97
N THR D 9 -17.60 19.88 19.24
CA THR D 9 -17.86 21.07 20.03
C THR D 9 -16.86 21.19 21.16
N SER D 10 -16.50 22.42 21.52
CA SER D 10 -15.65 22.62 22.68
C SER D 10 -16.44 22.29 23.94
N CYS D 11 -15.77 21.72 24.94
CA CYS D 11 -16.45 21.29 26.14
C CYS D 11 -15.60 21.52 27.38
N SER D 12 -16.17 21.26 28.54
CA SER D 12 -15.44 21.39 29.79
C SER D 12 -14.85 20.05 30.17
N ARG D 13 -13.82 20.09 31.01
CA ARG D 13 -13.24 18.87 31.56
C ARG D 13 -14.34 18.18 32.37
N PRO D 14 -14.60 16.91 32.05
CA PRO D 14 -15.80 16.19 32.48
C PRO D 14 -15.81 15.68 33.92
N ARG D 15 -16.83 14.87 34.22
CA ARG D 15 -17.03 14.30 35.54
C ARG D 15 -16.18 13.05 35.71
N LEU D 16 -15.00 13.20 36.32
CA LEU D 16 -14.06 12.09 36.48
C LEU D 16 -14.53 10.99 37.44
N ASN D 17 -13.69 9.99 37.67
CA ASN D 17 -14.13 8.79 38.40
C ASN D 17 -13.22 8.30 39.54
N SER D 18 -13.32 8.96 40.69
CA SER D 18 -12.68 8.52 41.94
C SER D 18 -11.17 8.32 41.86
N ASN D 19 -10.69 7.28 42.54
CA ASN D 19 -9.27 6.97 42.64
C ASN D 19 -9.12 5.53 43.15
N LEU D 20 -7.89 5.02 43.18
CA LEU D 20 -7.64 3.71 43.77
C LEU D 20 -6.94 3.89 45.12
N ASP D 21 -6.98 5.12 45.63
CA ASP D 21 -6.26 5.46 46.84
C ASP D 21 -7.19 5.95 47.96
N ALA D 22 -7.93 7.01 47.69
CA ALA D 22 -8.72 7.66 48.74
C ALA D 22 -10.15 7.11 48.85
N ASP D 23 -10.35 5.88 48.40
CA ASP D 23 -11.63 5.20 48.55
C ASP D 23 -11.45 4.04 49.50
N LEU D 24 -10.19 3.64 49.66
CA LEU D 24 -9.80 2.58 50.58
C LEU D 24 -9.45 3.22 51.91
N TYR D 25 -10.28 4.19 52.31
CA TYR D 25 -10.07 4.95 53.53
C TYR D 25 -9.98 4.04 54.74
N GLY D 26 -8.77 3.77 55.19
CA GLY D 26 -8.56 3.06 56.44
C GLY D 26 -8.96 1.60 56.41
N TYR D 27 -8.68 0.93 55.30
CA TYR D 27 -8.71 -0.52 55.29
C TYR D 27 -7.39 -0.94 55.92
N ARG D 28 -7.36 -2.13 56.51
CA ARG D 28 -6.08 -2.72 56.91
C ARG D 28 -5.59 -3.63 55.79
N TRP D 29 -4.29 -3.64 55.58
CA TRP D 29 -3.69 -4.36 54.46
C TRP D 29 -2.93 -5.60 54.91
N ALA D 30 -2.73 -6.52 53.96
CA ALA D 30 -1.97 -7.75 54.20
C ALA D 30 -1.62 -8.39 52.87
N ARG D 31 -0.39 -8.87 52.73
CA ARG D 31 -0.01 -9.59 51.51
C ARG D 31 -0.29 -11.08 51.64
N ASP D 32 -0.89 -11.68 50.61
CA ASP D 32 -1.27 -13.09 50.61
C ASP D 32 -0.55 -13.89 49.53
N ASN D 33 -0.41 -15.19 49.77
CA ASN D 33 0.04 -16.16 48.76
C ASN D 33 -0.02 -17.59 49.30
N GLY D 38 2.37 -15.50 40.15
CA GLY D 38 1.57 -14.63 39.29
C GLY D 38 1.43 -13.24 39.88
N ALA D 39 0.21 -12.74 39.91
CA ALA D 39 -0.08 -11.43 40.47
C ALA D 39 0.20 -11.37 41.96
N THR D 40 0.60 -10.19 42.44
CA THR D 40 0.68 -9.94 43.88
C THR D 40 -0.73 -9.77 44.42
N ILE D 41 -1.01 -10.38 45.57
CA ILE D 41 -2.37 -10.37 46.11
C ILE D 41 -2.46 -9.75 47.49
N TYR D 42 -3.27 -8.70 47.62
CA TYR D 42 -3.48 -8.02 48.88
C TYR D 42 -4.89 -8.28 49.39
N ARG D 43 -5.03 -8.40 50.70
CA ARG D 43 -6.33 -8.57 51.34
C ARG D 43 -6.67 -7.29 52.08
N LEU D 44 -7.87 -6.76 51.86
CA LEU D 44 -8.30 -5.55 52.53
C LEU D 44 -9.43 -5.88 53.52
N TYR D 45 -9.13 -5.72 54.81
CA TYR D 45 -10.02 -6.18 55.88
C TYR D 45 -10.07 -5.20 57.05
N GLY D 46 -10.78 -5.61 58.09
CA GLY D 46 -10.77 -4.88 59.36
C GLY D 46 -11.42 -3.51 59.34
N LYS D 47 -12.23 -3.24 58.31
CA LYS D 47 -12.90 -1.97 58.22
C LYS D 47 -14.37 -2.13 58.61
N PRO D 48 -14.82 -1.35 59.61
CA PRO D 48 -16.21 -1.44 60.09
C PRO D 48 -17.18 -0.93 59.03
N ASN D 49 -18.36 -1.54 58.98
CA ASN D 49 -19.41 -1.17 58.02
C ASN D 49 -19.03 -1.40 56.56
N ALA D 50 -17.81 -1.90 56.33
CA ALA D 50 -17.32 -2.10 54.96
C ALA D 50 -16.89 -3.55 54.73
N PRO D 51 -17.09 -4.06 53.50
CA PRO D 51 -16.80 -5.45 53.15
C PRO D 51 -15.31 -5.72 52.90
N GLU D 52 -14.92 -6.99 53.01
CA GLU D 52 -13.56 -7.41 52.72
C GLU D 52 -13.27 -7.37 51.22
N LEU D 53 -12.04 -7.00 50.86
CA LEU D 53 -11.67 -6.87 49.45
C LEU D 53 -10.34 -7.56 49.12
N PHE D 54 -10.17 -7.93 47.86
CA PHE D 54 -8.91 -8.45 47.36
C PHE D 54 -8.36 -7.56 46.25
N LEU D 55 -7.07 -7.29 46.32
CA LEU D 55 -6.41 -6.51 45.28
C LEU D 55 -5.35 -7.37 44.58
N LYS D 56 -5.49 -7.52 43.27
CA LYS D 56 -4.48 -8.18 42.44
C LYS D 56 -3.66 -7.15 41.66
N HIS D 57 -2.34 -7.24 41.78
CA HIS D 57 -1.45 -6.41 40.98
C HIS D 57 -0.58 -7.27 40.08
N GLY D 58 -0.70 -7.02 38.78
CA GLY D 58 0.13 -7.68 37.79
C GLY D 58 1.03 -6.70 37.06
N LYS D 59 2.30 -7.06 36.93
CA LYS D 59 3.22 -6.23 36.18
C LYS D 59 3.77 -7.04 35.00
N GLY D 60 4.09 -6.35 33.92
CA GLY D 60 4.62 -7.00 32.73
C GLY D 60 3.62 -7.93 32.09
N SER D 61 4.04 -9.15 31.83
CA SER D 61 3.14 -10.14 31.24
C SER D 61 2.02 -10.50 32.21
N VAL D 62 2.29 -10.36 33.51
CA VAL D 62 1.28 -10.68 34.52
C VAL D 62 0.12 -9.68 34.47
N ALA D 63 0.41 -8.45 34.04
CA ALA D 63 -0.66 -7.47 33.87
C ALA D 63 -1.70 -7.96 32.84
N ASN D 64 -1.23 -8.65 31.80
CA ASN D 64 -2.15 -9.20 30.80
C ASN D 64 -3.01 -10.30 31.39
N ASP D 65 -2.43 -11.11 32.27
CA ASP D 65 -3.16 -12.14 32.97
C ASP D 65 -4.28 -11.56 33.82
N VAL D 66 -3.95 -10.49 34.53
CA VAL D 66 -4.93 -9.84 35.40
C VAL D 66 -6.04 -9.16 34.57
N THR D 67 -5.65 -8.56 33.44
CA THR D 67 -6.61 -8.00 32.48
C THR D 67 -7.54 -9.09 31.90
N ASP D 68 -6.98 -10.23 31.54
CA ASP D 68 -7.80 -11.38 31.11
C ASP D 68 -8.86 -11.73 32.15
N GLU D 69 -8.49 -11.73 33.41
CA GLU D 69 -9.43 -12.11 34.46
C GLU D 69 -10.50 -11.04 34.62
N MSE D 70 -10.11 -9.78 34.55
CA MSE D 70 -11.08 -8.70 34.70
C MSE D 70 -12.22 -8.81 33.69
O MSE D 70 -13.39 -8.72 34.06
CB MSE D 70 -10.41 -7.32 34.63
CG MSE D 70 -11.39 -6.17 34.85
SE MSE D 70 -12.28 -5.58 33.22
CE MSE D 70 -10.70 -5.09 32.26
N VAL D 71 -11.90 -9.02 32.42
CA VAL D 71 -12.96 -9.04 31.40
CA VAL D 71 -12.95 -9.04 31.40
C VAL D 71 -13.79 -10.31 31.45
N ARG D 72 -13.19 -11.41 31.90
CA ARG D 72 -13.92 -12.66 32.00
C ARG D 72 -14.87 -12.60 33.21
N LEU D 73 -14.41 -11.92 34.25
CA LEU D 73 -15.19 -11.66 35.45
C LEU D 73 -16.39 -10.80 35.07
N ASN D 74 -16.11 -9.76 34.29
CA ASN D 74 -17.11 -8.78 33.87
C ASN D 74 -18.21 -9.45 33.02
N TRP D 75 -17.81 -10.39 32.18
CA TRP D 75 -18.76 -11.10 31.31
C TRP D 75 -19.54 -12.18 32.06
N LEU D 76 -18.83 -13.08 32.74
CA LEU D 76 -19.44 -14.28 33.31
C LEU D 76 -20.34 -13.97 34.52
N THR D 77 -20.18 -12.79 35.12
CA THR D 77 -20.92 -12.45 36.33
C THR D 77 -22.43 -12.39 36.06
N ALA D 78 -22.79 -12.20 34.80
CA ALA D 78 -24.19 -12.20 34.38
C ALA D 78 -24.80 -13.59 34.46
N PHE D 79 -23.96 -14.62 34.49
CA PHE D 79 -24.44 -16.00 34.44
C PHE D 79 -24.14 -16.85 35.70
N MSE D 80 -23.15 -16.44 36.48
CA MSE D 80 -22.63 -17.25 37.60
C MSE D 80 -22.25 -16.36 38.77
O MSE D 80 -21.94 -15.18 38.57
CB MSE D 80 -21.40 -18.06 37.16
CG MSE D 80 -21.62 -19.06 36.05
SE MSE D 80 -22.90 -20.47 36.49
CE MSE D 80 -21.73 -21.68 37.44
N PRO D 81 -22.24 -16.90 40.00
CA PRO D 81 -21.81 -16.11 41.16
C PRO D 81 -20.28 -15.96 41.20
N LEU D 82 -19.82 -14.72 41.10
CA LEU D 82 -18.41 -14.39 41.01
C LEU D 82 -18.08 -13.24 41.94
N PRO D 83 -16.79 -13.02 42.22
CA PRO D 83 -16.43 -11.76 42.90
C PRO D 83 -16.84 -10.57 42.07
N THR D 84 -17.23 -9.48 42.74
CA THR D 84 -17.67 -8.24 42.10
C THR D 84 -16.49 -7.31 41.88
N ILE D 85 -16.37 -6.77 40.68
CA ILE D 85 -15.31 -5.82 40.40
C ILE D 85 -15.63 -4.44 41.00
N LYS D 86 -14.82 -4.02 41.96
CA LYS D 86 -15.01 -2.70 42.57
C LYS D 86 -14.24 -1.65 41.80
N HIS D 87 -13.09 -2.01 41.26
CA HIS D 87 -12.22 -1.07 40.59
C HIS D 87 -11.18 -1.83 39.79
N PHE D 88 -10.89 -1.34 38.58
CA PHE D 88 -9.82 -1.89 37.78
C PHE D 88 -9.05 -0.77 37.09
N ILE D 89 -7.74 -0.91 37.01
CA ILE D 89 -6.90 0.10 36.37
C ILE D 89 -5.83 -0.56 35.51
N ARG D 90 -5.66 -0.06 34.28
CA ARG D 90 -4.64 -0.59 33.37
C ARG D 90 -3.78 0.56 32.84
N THR D 91 -2.47 0.45 33.05
CA THR D 91 -1.50 1.35 32.44
C THR D 91 -0.64 0.44 31.54
N PRO D 92 0.26 1.01 30.72
CA PRO D 92 1.00 0.13 29.82
C PRO D 92 1.70 -1.08 30.48
N ASP D 93 2.23 -0.91 31.68
CA ASP D 93 2.98 -1.99 32.31
C ASP D 93 2.33 -2.66 33.53
N ASP D 94 1.25 -2.06 34.03
CA ASP D 94 0.61 -2.56 35.26
C ASP D 94 -0.90 -2.73 35.13
N ALA D 95 -1.43 -3.71 35.87
CA ALA D 95 -2.86 -3.91 36.03
C ALA D 95 -3.17 -4.01 37.52
N TRP D 96 -4.26 -3.38 37.95
CA TRP D 96 -4.72 -3.48 39.33
C TRP D 96 -6.19 -3.85 39.34
N LEU D 97 -6.51 -5.01 39.93
CA LEU D 97 -7.89 -5.49 40.00
C LEU D 97 -8.35 -5.61 41.44
N LEU D 98 -9.34 -4.79 41.79
CA LEU D 98 -9.91 -4.76 43.13
C LEU D 98 -11.28 -5.41 43.08
N THR D 99 -11.46 -6.46 43.87
CA THR D 99 -12.71 -7.20 43.83
C THR D 99 -13.19 -7.47 45.24
N THR D 100 -14.49 -7.73 45.37
CA THR D 100 -15.05 -8.13 46.65
C THR D 100 -14.62 -9.56 46.98
N ALA D 101 -14.55 -9.87 48.27
CA ALA D 101 -14.20 -11.21 48.70
C ALA D 101 -15.45 -12.08 48.84
N ILE D 102 -15.40 -13.31 48.33
CA ILE D 102 -16.44 -14.28 48.62
C ILE D 102 -16.10 -14.96 49.94
N PRO D 103 -17.00 -14.85 50.93
CA PRO D 103 -16.77 -15.47 52.24
C PRO D 103 -16.85 -16.99 52.16
N GLY D 104 -16.05 -17.68 52.97
CA GLY D 104 -16.09 -19.12 52.98
C GLY D 104 -14.74 -19.77 52.81
N LYS D 105 -14.76 -21.07 52.52
CA LYS D 105 -13.54 -21.86 52.40
C LYS D 105 -13.55 -22.49 51.02
N THR D 106 -12.37 -22.80 50.50
CA THR D 106 -12.29 -23.45 49.20
C THR D 106 -12.83 -24.85 49.34
N ALA D 107 -13.22 -25.45 48.22
CA ALA D 107 -13.67 -26.84 48.21
C ALA D 107 -12.58 -27.77 48.74
N PHE D 108 -11.33 -27.43 48.44
CA PHE D 108 -10.20 -28.19 48.97
C PHE D 108 -10.22 -28.15 50.49
N GLN D 109 -10.44 -26.97 51.05
CA GLN D 109 -10.46 -26.80 52.50
C GLN D 109 -11.53 -27.66 53.17
N VAL D 110 -12.73 -27.65 52.59
CA VAL D 110 -13.84 -28.39 53.17
C VAL D 110 -13.72 -29.90 52.96
N LEU D 111 -13.10 -30.32 51.85
CA LEU D 111 -12.82 -31.74 51.67
C LEU D 111 -11.84 -32.24 52.72
N GLU D 112 -10.79 -31.46 52.96
CA GLU D 112 -9.77 -31.80 53.95
C GLU D 112 -10.36 -31.81 55.35
N GLU D 113 -11.30 -30.91 55.61
CA GLU D 113 -11.81 -30.68 56.96
C GLU D 113 -13.01 -31.58 57.29
N TYR D 114 -13.84 -31.89 56.30
CA TYR D 114 -14.98 -32.76 56.49
C TYR D 114 -14.98 -33.89 55.47
N PRO D 115 -14.17 -34.95 55.70
CA PRO D 115 -14.07 -36.10 54.79
C PRO D 115 -15.41 -36.80 54.59
N ASP D 116 -16.21 -36.89 55.66
CA ASP D 116 -17.49 -37.56 55.58
C ASP D 116 -18.54 -36.73 54.83
N SER D 117 -18.14 -35.54 54.39
CA SER D 117 -19.02 -34.71 53.58
C SER D 117 -18.71 -34.86 52.09
N GLY D 118 -17.69 -35.65 51.79
CA GLY D 118 -17.17 -35.79 50.44
C GLY D 118 -18.21 -35.96 49.35
N GLU D 119 -19.14 -36.90 49.55
CA GLU D 119 -20.17 -37.12 48.54
C GLU D 119 -21.10 -35.92 48.35
N ASN D 120 -21.48 -35.26 49.44
CA ASN D 120 -22.29 -34.04 49.34
C ASN D 120 -21.56 -32.91 48.62
N ILE D 121 -20.28 -32.78 48.94
CA ILE D 121 -19.44 -31.78 48.32
C ILE D 121 -19.35 -32.03 46.81
N VAL D 122 -19.10 -33.29 46.43
CA VAL D 122 -18.96 -33.64 45.03
C VAL D 122 -20.28 -33.45 44.27
N ASP D 123 -21.39 -33.84 44.89
CA ASP D 123 -22.71 -33.60 44.31
C ASP D 123 -22.94 -32.12 44.02
N ALA D 124 -22.51 -31.27 44.95
CA ALA D 124 -22.66 -29.83 44.80
C ALA D 124 -21.76 -29.33 43.67
N LEU D 125 -20.55 -29.86 43.58
CA LEU D 125 -19.61 -29.48 42.52
C LEU D 125 -20.18 -29.85 41.16
N ALA D 126 -20.85 -31.01 41.12
CA ALA D 126 -21.43 -31.49 39.87
C ALA D 126 -22.57 -30.59 39.39
N VAL D 127 -23.45 -30.20 40.30
CA VAL D 127 -24.54 -29.28 39.99
C VAL D 127 -24.03 -27.93 39.47
N PHE D 128 -23.04 -27.37 40.15
CA PHE D 128 -22.44 -26.10 39.76
C PHE D 128 -21.81 -26.20 38.37
N LEU D 129 -21.14 -27.32 38.10
CA LEU D 129 -20.45 -27.49 36.83
C LEU D 129 -21.44 -27.67 35.68
N ARG D 130 -22.50 -28.44 35.94
CA ARG D 130 -23.58 -28.57 34.97
C ARG D 130 -24.19 -27.22 34.65
N ARG D 131 -24.27 -26.36 35.66
CA ARG D 131 -24.84 -25.03 35.47
C ARG D 131 -23.97 -24.20 34.54
N LEU D 132 -22.67 -24.20 34.80
CA LEU D 132 -21.71 -23.48 33.96
C LEU D 132 -21.79 -24.00 32.52
N HIS D 133 -21.81 -25.31 32.38
CA HIS D 133 -21.80 -25.93 31.06
C HIS D 133 -23.13 -25.82 30.32
N SER D 134 -24.14 -25.30 31.00
CA SER D 134 -25.46 -25.13 30.39
C SER D 134 -25.65 -23.78 29.73
N ILE D 135 -24.73 -22.86 29.99
CA ILE D 135 -24.79 -21.54 29.36
C ILE D 135 -24.58 -21.71 27.86
N PRO D 136 -25.55 -21.25 27.04
CA PRO D 136 -25.39 -21.43 25.61
C PRO D 136 -24.12 -20.74 25.12
N VAL D 137 -23.35 -21.43 24.28
CA VAL D 137 -22.06 -20.90 23.89
C VAL D 137 -22.21 -19.64 23.03
N CYS D 138 -23.39 -19.42 22.47
CA CYS D 138 -23.64 -18.20 21.71
C CYS D 138 -23.54 -16.92 22.56
N ASN D 139 -23.48 -17.07 23.88
CA ASN D 139 -23.32 -15.93 24.79
C ASN D 139 -21.87 -15.54 25.04
N CYS D 140 -20.96 -16.44 24.76
CA CYS D 140 -19.57 -16.31 25.23
C CYS D 140 -18.61 -15.76 24.18
N PRO D 141 -18.00 -14.60 24.45
CA PRO D 141 -17.10 -13.97 23.46
C PRO D 141 -15.63 -14.43 23.57
N PHE D 142 -15.36 -15.44 24.38
CA PHE D 142 -13.97 -15.87 24.60
C PHE D 142 -13.71 -17.25 24.03
N ASN D 143 -12.60 -17.36 23.30
CA ASN D 143 -12.15 -18.60 22.69
C ASN D 143 -11.07 -19.27 23.55
N SER D 144 -11.36 -20.43 24.11
CA SER D 144 -10.36 -21.19 24.85
C SER D 144 -10.14 -22.56 24.22
N ASP D 145 -10.33 -22.67 22.90
CA ASP D 145 -10.30 -24.00 22.29
C ASP D 145 -8.91 -24.62 22.23
N ARG D 146 -8.83 -25.88 21.82
CA ARG D 146 -7.56 -26.58 21.94
C ARG D 146 -6.49 -26.07 20.99
N VAL D 147 -6.89 -25.59 19.82
CA VAL D 147 -5.92 -24.99 18.89
C VAL D 147 -5.25 -23.79 19.56
N PHE D 148 -6.06 -22.97 20.22
CA PHE D 148 -5.58 -21.80 20.94
C PHE D 148 -4.69 -22.24 22.10
N ARG D 149 -5.18 -23.17 22.93
CA ARG D 149 -4.39 -23.59 24.09
C ARG D 149 -3.12 -24.36 23.71
N LEU D 150 -3.16 -25.17 22.65
CA LEU D 150 -1.95 -25.92 22.27
C LEU D 150 -0.83 -24.98 21.85
N ALA D 151 -1.21 -23.92 21.13
CA ALA D 151 -0.22 -22.93 20.70
C ALA D 151 0.42 -22.23 21.91
N GLN D 152 -0.37 -21.93 22.93
CA GLN D 152 0.16 -21.35 24.14
C GLN D 152 1.09 -22.33 24.83
N ALA D 153 0.66 -23.59 24.89
CA ALA D 153 1.46 -24.62 25.55
C ALA D 153 2.81 -24.79 24.85
N GLN D 154 2.79 -24.80 23.52
CA GLN D 154 4.01 -24.92 22.74
C GLN D 154 4.94 -23.74 23.03
N SER D 155 4.36 -22.56 23.20
CA SER D 155 5.16 -21.38 23.51
C SER D 155 5.81 -21.50 24.89
N ARG D 156 5.06 -22.02 25.86
CA ARG D 156 5.58 -22.18 27.21
C ARG D 156 6.70 -23.21 27.28
N MSE D 157 6.54 -24.29 26.52
CA MSE D 157 7.57 -25.32 26.44
C MSE D 157 8.87 -24.73 25.92
O MSE D 157 9.94 -24.86 26.54
CB MSE D 157 7.12 -26.45 25.52
CG MSE D 157 8.17 -27.54 25.33
SE MSE D 157 7.43 -29.06 24.39
CE MSE D 157 6.93 -28.17 22.73
N ASN D 158 8.77 -24.07 24.77
CA ASN D 158 9.95 -23.54 24.09
C ASN D 158 10.58 -22.39 24.85
N ASN D 159 9.78 -21.72 25.67
CA ASN D 159 10.31 -20.65 26.51
C ASN D 159 10.79 -21.13 27.88
N GLY D 160 10.79 -22.45 28.05
CA GLY D 160 11.31 -23.06 29.26
C GLY D 160 10.51 -22.71 30.51
N LEU D 161 9.22 -22.49 30.33
CA LEU D 161 8.35 -22.05 31.43
C LEU D 161 7.55 -23.18 32.07
N VAL D 162 7.65 -24.38 31.53
CA VAL D 162 6.80 -25.47 32.00
C VAL D 162 7.41 -26.05 33.27
N ASP D 163 6.57 -26.24 34.30
CA ASP D 163 7.04 -26.77 35.59
C ASP D 163 7.03 -28.30 35.58
N ALA D 164 8.13 -28.91 35.17
CA ALA D 164 8.17 -30.35 35.00
C ALA D 164 8.13 -31.10 36.33
N SER D 165 8.44 -30.40 37.41
CA SER D 165 8.44 -31.03 38.72
C SER D 165 7.02 -31.12 39.28
N ASP D 166 6.07 -30.48 38.59
CA ASP D 166 4.69 -30.42 39.07
C ASP D 166 3.75 -31.33 38.24
N PHE D 167 4.32 -32.24 37.44
CA PHE D 167 3.50 -33.15 36.63
C PHE D 167 2.72 -34.14 37.52
N ASP D 168 1.59 -34.64 37.01
CA ASP D 168 0.84 -35.68 37.70
C ASP D 168 1.69 -36.93 37.87
N ASP D 169 1.26 -37.80 38.79
CA ASP D 169 2.03 -39.01 39.13
C ASP D 169 2.39 -39.88 37.92
N GLU D 170 1.46 -40.04 37.00
CA GLU D 170 1.68 -40.95 35.87
C GLU D 170 2.64 -40.39 34.83
N ARG D 171 3.02 -39.13 35.00
CA ARG D 171 4.07 -38.49 34.19
C ARG D 171 5.26 -37.98 35.02
N ASN D 172 5.39 -38.51 36.23
CA ASN D 172 6.49 -38.14 37.12
C ASN D 172 7.86 -38.26 36.44
N GLY D 173 8.62 -37.18 36.39
CA GLY D 173 9.98 -37.25 35.84
C GLY D 173 10.10 -37.23 34.32
N TRP D 174 8.96 -37.28 33.63
CA TRP D 174 8.96 -37.14 32.17
C TRP D 174 9.56 -35.80 31.73
N PRO D 175 10.36 -35.82 30.66
CA PRO D 175 10.71 -34.56 30.00
C PRO D 175 9.47 -33.92 29.40
N VAL D 176 9.45 -32.59 29.31
CA VAL D 176 8.29 -31.87 28.78
C VAL D 176 7.97 -32.29 27.35
N GLU D 177 9.01 -32.45 26.54
CA GLU D 177 8.86 -32.85 25.15
C GLU D 177 8.13 -34.20 25.02
N GLN D 178 8.36 -35.08 25.99
CA GLN D 178 7.68 -36.37 26.01
C GLN D 178 6.18 -36.19 26.22
N VAL D 179 5.81 -35.33 27.17
CA VAL D 179 4.41 -35.03 27.41
C VAL D 179 3.80 -34.42 26.14
N TRP D 180 4.55 -33.52 25.51
CA TRP D 180 4.10 -32.89 24.26
C TRP D 180 3.84 -33.93 23.16
N LYS D 181 4.83 -34.76 22.89
CA LYS D 181 4.71 -35.79 21.87
C LYS D 181 3.57 -36.78 22.14
N GLU D 182 3.48 -37.26 23.38
CA GLU D 182 2.46 -38.25 23.76
C GLU D 182 1.04 -37.70 23.75
N MSE D 183 0.89 -36.44 24.17
CA MSE D 183 -0.41 -35.78 24.13
C MSE D 183 -0.95 -35.76 22.71
O MSE D 183 -2.15 -35.90 22.49
CB MSE D 183 -0.28 -34.35 24.67
CG MSE D 183 -1.56 -33.53 24.59
SE MSE D 183 -1.34 -31.84 25.51
CE MSE D 183 0.11 -31.08 24.42
N HIS D 184 -0.07 -35.60 21.73
CA HIS D 184 -0.52 -35.47 20.36
C HIS D 184 -1.01 -36.79 19.76
N LYS D 185 -0.54 -37.90 20.30
CA LYS D 185 -1.00 -39.22 19.87
C LYS D 185 -2.49 -39.41 20.18
N LEU D 186 -3.05 -38.55 21.02
CA LEU D 186 -4.46 -38.60 21.36
C LEU D 186 -5.35 -37.76 20.42
N LEU D 187 -4.73 -37.02 19.51
CA LEU D 187 -5.47 -36.16 18.59
C LEU D 187 -5.70 -36.86 17.24
N PRO D 188 -6.81 -36.53 16.55
CA PRO D 188 -7.83 -35.57 16.95
C PRO D 188 -8.98 -36.25 17.67
N PHE D 189 -9.89 -35.46 18.24
CA PHE D 189 -11.19 -35.94 18.69
C PHE D 189 -12.20 -34.82 18.41
N SER D 190 -13.48 -35.17 18.31
CA SER D 190 -14.51 -34.15 18.09
C SER D 190 -14.74 -33.36 19.36
N PRO D 191 -14.65 -32.02 19.26
CA PRO D 191 -14.87 -31.22 20.46
C PRO D 191 -16.35 -31.23 20.82
N ASP D 192 -16.62 -31.19 22.12
CA ASP D 192 -17.98 -31.05 22.64
C ASP D 192 -17.93 -29.74 23.40
N SER D 193 -18.13 -28.64 22.67
CA SER D 193 -17.80 -27.31 23.18
C SER D 193 -18.85 -26.74 24.14
N VAL D 194 -18.39 -26.23 25.27
CA VAL D 194 -19.26 -25.54 26.23
C VAL D 194 -18.51 -24.34 26.80
N VAL D 195 -19.19 -23.51 27.58
CA VAL D 195 -18.50 -22.46 28.32
C VAL D 195 -17.72 -23.11 29.46
N THR D 196 -16.39 -22.98 29.45
CA THR D 196 -15.58 -23.58 30.51
C THR D 196 -14.89 -22.55 31.40
N HIS D 197 -14.58 -22.96 32.62
CA HIS D 197 -13.90 -22.12 33.60
C HIS D 197 -12.40 -22.05 33.27
N GLY D 198 -11.82 -23.20 32.91
CA GLY D 198 -10.43 -23.24 32.50
C GLY D 198 -9.42 -23.63 33.58
N ASP D 199 -9.79 -23.44 34.84
CA ASP D 199 -8.98 -23.98 35.96
C ASP D 199 -9.92 -24.40 37.10
N PHE D 200 -10.76 -25.38 36.81
CA PHE D 200 -11.83 -25.79 37.70
C PHE D 200 -11.30 -26.75 38.74
N SER D 201 -10.37 -26.26 39.54
CA SER D 201 -9.76 -27.03 40.61
C SER D 201 -10.51 -26.83 41.92
N LEU D 202 -10.13 -27.59 42.95
CA LEU D 202 -10.75 -27.44 44.25
C LEU D 202 -10.38 -26.11 44.91
N ASP D 203 -9.28 -25.49 44.46
CA ASP D 203 -8.85 -24.22 45.03
C ASP D 203 -9.73 -23.05 44.58
N ASN D 204 -10.50 -23.24 43.51
CA ASN D 204 -11.19 -22.12 42.86
C ASN D 204 -12.72 -22.09 43.05
N LEU D 205 -13.22 -22.95 43.92
CA LEU D 205 -14.65 -23.02 44.20
C LEU D 205 -14.87 -22.78 45.68
N ILE D 206 -15.83 -21.93 46.03
CA ILE D 206 -15.99 -21.49 47.41
C ILE D 206 -17.30 -21.95 48.03
N PHE D 207 -17.17 -22.62 49.18
CA PHE D 207 -18.30 -23.05 50.00
C PHE D 207 -18.42 -22.14 51.20
N ASP D 208 -19.66 -21.79 51.53
CA ASP D 208 -19.92 -21.05 52.74
C ASP D 208 -21.20 -21.58 53.37
N GLU D 209 -21.12 -21.89 54.66
CA GLU D 209 -22.25 -22.42 55.42
C GLU D 209 -22.91 -23.61 54.70
N GLY D 210 -22.09 -24.47 54.10
CA GLY D 210 -22.57 -25.71 53.52
C GLY D 210 -22.87 -25.73 52.03
N LYS D 211 -22.97 -24.56 51.41
CA LYS D 211 -23.35 -24.50 50.00
C LYS D 211 -22.27 -23.86 49.13
N LEU D 212 -22.29 -24.21 47.84
CA LEU D 212 -21.28 -23.73 46.91
C LEU D 212 -21.71 -22.38 46.35
N ILE D 213 -21.13 -21.32 46.87
CA ILE D 213 -21.64 -19.98 46.58
C ILE D 213 -20.85 -19.17 45.56
N GLY D 214 -19.80 -19.73 44.96
CA GLY D 214 -19.15 -19.03 43.88
C GLY D 214 -17.84 -19.63 43.40
N CYS D 215 -17.31 -19.09 42.31
CA CYS D 215 -15.99 -19.51 41.85
C CYS D 215 -15.10 -18.29 41.65
N ILE D 216 -13.80 -18.54 41.59
CA ILE D 216 -12.80 -17.48 41.49
C ILE D 216 -11.78 -17.86 40.43
N ASP D 217 -10.83 -16.95 40.17
CA ASP D 217 -9.74 -17.18 39.20
C ASP D 217 -10.28 -17.59 37.83
N VAL D 218 -11.05 -16.69 37.21
CA VAL D 218 -11.71 -17.03 35.95
C VAL D 218 -10.93 -16.55 34.72
N GLY D 219 -9.62 -16.31 34.88
CA GLY D 219 -8.79 -15.79 33.81
C GLY D 219 -8.71 -16.60 32.52
N ARG D 220 -9.10 -17.87 32.59
CA ARG D 220 -8.99 -18.77 31.45
C ARG D 220 -10.34 -19.19 30.91
N VAL D 221 -11.40 -18.51 31.37
CA VAL D 221 -12.75 -18.80 30.90
C VAL D 221 -12.88 -18.66 29.37
N GLY D 222 -13.58 -19.59 28.75
CA GLY D 222 -13.85 -19.49 27.33
C GLY D 222 -14.49 -20.76 26.81
N ILE D 223 -14.87 -20.75 25.54
CA ILE D 223 -15.42 -21.92 24.90
C ILE D 223 -14.33 -22.97 24.69
N ALA D 224 -14.56 -24.17 25.18
CA ALA D 224 -13.62 -25.30 25.05
C ALA D 224 -14.39 -26.61 25.24
N ASP D 225 -13.72 -27.74 25.06
CA ASP D 225 -14.36 -29.03 25.31
C ASP D 225 -14.73 -29.15 26.80
N ARG D 226 -15.85 -29.80 27.10
CA ARG D 226 -16.29 -29.89 28.49
C ARG D 226 -15.26 -30.63 29.37
N TYR D 227 -14.45 -31.50 28.77
CA TYR D 227 -13.44 -32.21 29.56
C TYR D 227 -12.34 -31.28 30.11
N GLN D 228 -12.26 -30.05 29.61
CA GLN D 228 -11.31 -29.09 30.16
C GLN D 228 -11.58 -28.86 31.65
N ASP D 229 -12.85 -28.84 32.02
CA ASP D 229 -13.24 -28.64 33.41
C ASP D 229 -13.33 -29.95 34.15
N LEU D 230 -13.99 -30.95 33.54
CA LEU D 230 -14.09 -32.26 34.14
C LEU D 230 -12.73 -32.83 34.49
N ALA D 231 -11.75 -32.70 33.60
CA ALA D 231 -10.44 -33.35 33.85
C ALA D 231 -9.72 -32.79 35.06
N ILE D 232 -9.64 -31.46 35.11
CA ILE D 232 -8.92 -30.80 36.19
C ILE D 232 -9.55 -31.12 37.55
N LEU D 233 -10.87 -31.06 37.62
CA LEU D 233 -11.59 -31.39 38.86
C LEU D 233 -11.40 -32.85 39.23
N TRP D 234 -11.59 -33.74 38.25
CA TRP D 234 -11.43 -35.18 38.44
C TRP D 234 -10.06 -35.51 39.02
N ASN D 235 -9.04 -34.85 38.48
CA ASN D 235 -7.66 -35.02 38.90
C ASN D 235 -7.49 -34.63 40.37
N CYS D 236 -8.04 -33.48 40.77
CA CYS D 236 -7.97 -33.00 42.15
C CYS D 236 -8.59 -33.98 43.13
N LEU D 237 -9.68 -34.59 42.70
CA LEU D 237 -10.42 -35.52 43.54
C LEU D 237 -9.68 -36.84 43.74
N GLY D 238 -8.72 -37.13 42.87
CA GLY D 238 -7.93 -38.36 43.00
C GLY D 238 -7.17 -38.44 44.32
N GLU D 239 -6.79 -37.28 44.85
CA GLU D 239 -6.09 -37.22 46.14
C GLU D 239 -7.00 -37.48 47.33
N PHE D 240 -8.31 -37.44 47.11
CA PHE D 240 -9.26 -37.68 48.19
C PHE D 240 -9.85 -39.09 48.10
N SER D 241 -10.39 -39.44 46.95
CA SER D 241 -10.92 -40.79 46.72
C SER D 241 -11.21 -41.09 45.26
N PRO D 242 -10.88 -42.30 44.82
CA PRO D 242 -11.28 -42.76 43.49
C PRO D 242 -12.80 -42.90 43.39
N SER D 243 -13.46 -43.22 44.50
CA SER D 243 -14.92 -43.28 44.46
C SER D 243 -15.52 -41.89 44.23
N LEU D 244 -14.88 -40.85 44.76
CA LEU D 244 -15.34 -39.49 44.52
C LEU D 244 -15.12 -39.05 43.07
N GLN D 245 -14.05 -39.51 42.44
CA GLN D 245 -13.84 -39.23 41.01
C GLN D 245 -15.00 -39.78 40.18
N LYS D 246 -15.34 -41.04 40.42
CA LYS D 246 -16.43 -41.67 39.68
C LYS D 246 -17.75 -40.97 39.93
N ARG D 247 -17.98 -40.53 41.16
CA ARG D 247 -19.23 -39.87 41.53
C ARG D 247 -19.41 -38.56 40.76
N LEU D 248 -18.32 -37.84 40.56
CA LEU D 248 -18.34 -36.61 39.79
C LEU D 248 -18.96 -36.80 38.41
N PHE D 249 -18.43 -37.73 37.63
CA PHE D 249 -18.96 -37.99 36.30
C PHE D 249 -20.41 -38.45 36.37
N GLN D 250 -20.70 -39.38 37.28
CA GLN D 250 -22.05 -39.92 37.45
C GLN D 250 -23.08 -38.83 37.77
N LYS D 251 -22.75 -37.95 38.70
CA LYS D 251 -23.65 -36.85 39.05
C LYS D 251 -23.68 -35.78 37.97
N TYR D 252 -22.58 -35.62 37.25
CA TYR D 252 -22.55 -34.67 36.15
C TYR D 252 -23.45 -35.15 35.01
N GLY D 253 -23.56 -36.46 34.87
CA GLY D 253 -24.44 -37.05 33.87
C GLY D 253 -23.74 -37.94 32.86
N ILE D 254 -22.46 -38.21 33.10
CA ILE D 254 -21.69 -39.08 32.20
C ILE D 254 -21.44 -40.46 32.84
N ASP D 255 -22.07 -41.48 32.28
CA ASP D 255 -21.94 -42.84 32.78
C ASP D 255 -20.61 -43.49 32.39
N ASN D 256 -20.22 -43.32 31.14
N ASN D 256 -20.20 -43.26 31.15
CA ASN D 256 -18.96 -43.90 30.66
CA ASN D 256 -19.00 -43.87 30.61
C ASN D 256 -18.00 -42.82 30.16
C ASN D 256 -18.00 -42.80 30.13
N PRO D 257 -17.18 -42.28 31.06
CA PRO D 257 -16.23 -41.20 30.77
C PRO D 257 -15.28 -41.50 29.61
N ASP D 258 -15.10 -40.51 28.74
CA ASP D 258 -14.21 -40.64 27.58
C ASP D 258 -12.77 -40.52 28.04
N MSE D 259 -12.14 -41.66 28.25
CA MSE D 259 -10.78 -41.72 28.77
C MSE D 259 -9.77 -40.93 27.95
O MSE D 259 -8.83 -40.36 28.51
CB MSE D 259 -10.35 -43.17 28.87
CG MSE D 259 -11.10 -43.93 29.94
SE MSE D 259 -10.60 -43.22 31.67
CE MSE D 259 -12.25 -42.37 32.19
N ASN D 260 -9.97 -40.89 26.64
CA ASN D 260 -9.09 -40.16 25.74
C ASN D 260 -9.14 -38.66 25.97
N LYS D 261 -10.35 -38.12 26.06
CA LYS D 261 -10.52 -36.68 26.30
C LYS D 261 -10.01 -36.32 27.67
N LEU D 262 -10.21 -37.22 28.63
CA LEU D 262 -9.76 -36.97 29.98
C LEU D 262 -8.22 -36.85 30.00
N GLN D 263 -7.55 -37.84 29.42
CA GLN D 263 -6.08 -37.84 29.37
C GLN D 263 -5.55 -36.66 28.58
N PHE D 264 -6.20 -36.30 27.48
CA PHE D 264 -5.74 -35.14 26.73
C PHE D 264 -5.74 -33.87 27.57
N HIS D 265 -6.82 -33.62 28.30
CA HIS D 265 -6.92 -32.37 29.06
C HIS D 265 -6.02 -32.35 30.30
N LEU D 266 -5.80 -33.52 30.88
CA LEU D 266 -4.85 -33.64 31.98
C LEU D 266 -3.44 -33.29 31.52
N MSE D 267 -3.03 -33.87 30.38
CA MSE D 267 -1.71 -33.58 29.83
C MSE D 267 -1.56 -32.11 29.41
O MSE D 267 -0.52 -31.50 29.63
CB MSE D 267 -1.42 -34.51 28.66
CG MSE D 267 -1.36 -35.97 29.09
SE MSE D 267 -0.84 -37.13 27.64
CE MSE D 267 1.07 -36.86 27.69
N LEU D 268 -2.59 -31.55 28.80
CA LEU D 268 -2.55 -30.14 28.40
C LEU D 268 -2.32 -29.23 29.61
N ASP D 269 -2.98 -29.52 30.73
CA ASP D 269 -2.80 -28.69 31.92
C ASP D 269 -1.38 -28.78 32.50
N GLU D 270 -0.64 -29.84 32.14
CA GLU D 270 0.77 -29.95 32.56
C GLU D 270 1.61 -28.77 32.07
N PHE D 271 1.17 -28.11 31.01
CA PHE D 271 1.94 -27.04 30.41
C PHE D 271 1.67 -25.68 31.03
N PHE D 272 0.71 -25.61 31.94
CA PHE D 272 0.27 -24.31 32.46
C PHE D 272 0.51 -24.09 33.94
N SER E 12 23.08 77.09 -1.65
CA SER E 12 21.67 77.14 -2.02
C SER E 12 20.77 76.42 -0.99
N ARG E 13 21.28 76.25 0.23
CA ARG E 13 20.54 75.58 1.30
C ARG E 13 19.24 76.31 1.64
N PRO E 14 18.11 75.59 1.58
CA PRO E 14 16.77 76.18 1.71
C PRO E 14 16.25 76.24 3.14
N ARG E 15 15.00 76.68 3.29
CA ARG E 15 14.36 76.80 4.59
C ARG E 15 13.27 75.75 4.77
N LEU E 16 13.40 74.93 5.81
CA LEU E 16 12.37 73.96 6.16
C LEU E 16 11.17 74.69 6.77
N ASN E 17 10.00 74.09 6.65
CA ASN E 17 8.76 74.71 7.12
C ASN E 17 8.56 74.65 8.65
N SER E 18 8.67 73.44 9.21
CA SER E 18 8.49 73.26 10.66
C SER E 18 9.01 71.91 11.20
N ASN E 19 9.29 71.89 12.50
CA ASN E 19 9.67 70.65 13.19
C ASN E 19 8.52 70.12 14.02
N LEU E 20 8.62 68.86 14.44
CA LEU E 20 7.55 68.24 15.23
C LEU E 20 7.38 68.95 16.59
N ASP E 21 8.49 69.33 17.21
N ASP E 21 8.51 69.31 17.19
CA ASP E 21 8.43 69.90 18.55
CA ASP E 21 8.55 69.96 18.50
C ASP E 21 7.70 71.26 18.58
C ASP E 21 7.66 71.20 18.54
N ALA E 22 7.70 71.96 17.45
CA ALA E 22 6.97 73.23 17.34
C ALA E 22 5.46 73.04 17.57
N ASP E 23 4.94 71.92 17.10
CA ASP E 23 3.51 71.63 17.17
C ASP E 23 3.06 71.11 18.54
N LEU E 24 3.99 70.95 19.47
CA LEU E 24 3.67 70.22 20.70
C LEU E 24 3.66 71.08 21.95
N TYR E 25 3.98 72.36 21.80
CA TYR E 25 4.11 73.23 22.95
C TYR E 25 2.79 73.33 23.70
N GLY E 26 2.89 73.37 25.03
CA GLY E 26 1.73 73.61 25.87
C GLY E 26 0.80 72.43 26.07
N TYR E 27 1.12 71.27 25.48
CA TYR E 27 0.27 70.09 25.59
C TYR E 27 0.60 69.19 26.79
N ARG E 28 -0.44 68.70 27.45
CA ARG E 28 -0.30 67.63 28.43
C ARG E 28 -0.18 66.31 27.66
N TRP E 29 0.51 65.33 28.22
CA TRP E 29 0.69 64.05 27.52
C TRP E 29 0.07 62.88 28.26
N ALA E 30 -0.58 62.00 27.52
CA ALA E 30 -1.08 60.74 28.07
C ALA E 30 -0.84 59.63 27.06
N ARG E 31 -0.83 58.40 27.54
CA ARG E 31 -0.55 57.27 26.67
C ARG E 31 -1.77 56.36 26.70
N ASP E 32 -2.29 56.01 25.51
CA ASP E 32 -3.52 55.22 25.43
C ASP E 32 -3.23 53.84 24.86
N ASN E 33 -3.63 52.80 25.59
CA ASN E 33 -3.52 51.44 25.07
C ASN E 33 -4.76 51.14 24.21
N VAL E 34 -4.73 51.60 22.96
CA VAL E 34 -5.82 51.40 21.98
C VAL E 34 -5.39 51.31 20.50
N GLY E 35 -4.12 50.99 20.23
CA GLY E 35 -3.62 50.95 18.85
C GLY E 35 -4.04 49.78 17.95
N GLN E 36 -4.55 50.09 16.75
CA GLN E 36 -4.86 49.05 15.75
C GLN E 36 -3.63 48.18 15.47
N SER E 37 -2.49 48.85 15.31
CA SER E 37 -1.25 48.25 14.83
C SER E 37 -0.28 47.83 15.95
N GLY E 38 -0.39 48.47 17.11
CA GLY E 38 0.57 48.24 18.16
C GLY E 38 1.51 49.42 18.30
N ALA E 39 1.22 50.46 17.52
CA ALA E 39 1.89 51.74 17.69
C ALA E 39 1.65 52.27 19.10
N THR E 40 2.58 53.08 19.59
CA THR E 40 2.33 53.74 20.86
C THR E 40 1.49 54.95 20.54
N ILE E 41 0.43 55.16 21.32
CA ILE E 41 -0.51 56.25 21.01
C ILE E 41 -0.49 57.27 22.12
N TYR E 42 -0.12 58.50 21.76
CA TYR E 42 -0.11 59.59 22.72
C TYR E 42 -1.30 60.50 22.46
N ARG E 43 -2.02 60.84 23.52
CA ARG E 43 -3.08 61.84 23.47
C ARG E 43 -2.51 63.17 23.98
N LEU E 44 -2.68 64.23 23.19
CA LEU E 44 -2.19 65.57 23.55
C LEU E 44 -3.38 66.45 23.89
N TYR E 45 -3.39 66.99 25.10
CA TYR E 45 -4.59 67.65 25.60
C TYR E 45 -4.22 68.71 26.63
N GLY E 46 -5.24 69.41 27.14
CA GLY E 46 -5.03 70.32 28.26
C GLY E 46 -4.36 71.64 27.93
N LYS E 47 -4.28 71.96 26.63
CA LYS E 47 -3.67 73.22 26.20
C LYS E 47 -4.74 74.28 25.96
N PRO E 48 -4.68 75.40 26.72
CA PRO E 48 -5.66 76.48 26.57
C PRO E 48 -5.83 76.94 25.12
N ASN E 49 -7.08 77.11 24.70
CA ASN E 49 -7.40 77.61 23.36
C ASN E 49 -6.69 76.83 22.26
N ALA E 50 -6.83 75.51 22.30
CA ALA E 50 -6.19 74.63 21.33
C ALA E 50 -6.82 73.24 21.35
N PRO E 51 -6.91 72.60 20.17
CA PRO E 51 -7.57 71.30 20.02
C PRO E 51 -6.73 70.13 20.54
N GLU E 52 -7.41 69.03 20.83
CA GLU E 52 -6.75 67.78 21.17
C GLU E 52 -6.10 67.18 19.92
N LEU E 53 -4.95 66.55 20.09
CA LEU E 53 -4.27 65.91 18.97
C LEU E 53 -3.90 64.51 19.38
N PHE E 54 -3.63 63.65 18.41
CA PHE E 54 -3.07 62.33 18.69
C PHE E 54 -1.75 62.16 17.97
N LEU E 55 -0.80 61.51 18.63
CA LEU E 55 0.51 61.24 18.07
C LEU E 55 0.76 59.75 18.11
N LYS E 56 0.90 59.12 16.95
CA LYS E 56 1.20 57.70 16.89
C LYS E 56 2.69 57.52 16.64
N HIS E 57 3.32 56.61 17.37
CA HIS E 57 4.72 56.31 17.10
C HIS E 57 4.87 54.82 16.82
N GLY E 58 5.48 54.50 15.67
CA GLY E 58 5.75 53.13 15.32
C GLY E 58 7.24 52.91 15.19
N LYS E 59 7.74 51.86 15.85
CA LYS E 59 9.17 51.52 15.76
C LYS E 59 9.32 50.16 15.06
N GLY E 60 10.39 50.01 14.29
CA GLY E 60 10.66 48.74 13.62
C GLY E 60 9.54 48.38 12.65
N SER E 61 9.06 47.14 12.70
CA SER E 61 8.00 46.73 11.78
C SER E 61 6.81 47.69 11.87
N VAL E 62 6.52 48.16 13.08
CA VAL E 62 5.33 49.01 13.29
C VAL E 62 5.48 50.38 12.61
N ALA E 63 6.72 50.80 12.35
CA ALA E 63 6.91 52.03 11.59
C ALA E 63 6.24 51.92 10.23
N ASN E 64 6.26 50.74 9.62
CA ASN E 64 5.59 50.54 8.33
C ASN E 64 4.07 50.68 8.45
N ASP E 65 3.49 50.13 9.52
CA ASP E 65 2.04 50.24 9.72
C ASP E 65 1.61 51.71 9.84
N VAL E 66 2.40 52.49 10.56
CA VAL E 66 2.08 53.90 10.74
C VAL E 66 2.21 54.67 9.43
N THR E 67 3.23 54.35 8.65
CA THR E 67 3.41 54.90 7.32
C THR E 67 2.24 54.54 6.42
N ASP E 68 1.76 53.30 6.54
CA ASP E 68 0.62 52.84 5.76
C ASP E 68 -0.60 53.70 6.08
N GLU E 69 -0.83 53.97 7.36
CA GLU E 69 -1.99 54.78 7.71
C GLU E 69 -1.83 56.18 7.18
N MSE E 70 -0.63 56.74 7.31
CA MSE E 70 -0.38 58.08 6.80
C MSE E 70 -0.81 58.26 5.34
O MSE E 70 -1.53 59.21 5.03
CB MSE E 70 1.09 58.50 7.00
CG MSE E 70 1.37 59.95 6.63
SE MSE E 70 1.68 60.33 4.73
CE MSE E 70 3.22 59.22 4.54
N VAL E 71 -0.37 57.39 4.43
CA VAL E 71 -0.71 57.65 3.03
C VAL E 71 -2.16 57.41 2.73
N ARG E 72 -2.77 56.51 3.49
CA ARG E 72 -4.18 56.24 3.30
C ARG E 72 -5.05 57.39 3.81
N LEU E 73 -4.65 57.99 4.93
CA LEU E 73 -5.34 59.19 5.41
C LEU E 73 -5.28 60.29 4.36
N ASN E 74 -4.09 60.48 3.83
CA ASN E 74 -3.85 61.53 2.85
C ASN E 74 -4.71 61.34 1.61
N TRP E 75 -4.92 60.10 1.21
CA TRP E 75 -5.71 59.82 0.02
C TRP E 75 -7.21 59.94 0.27
N LEU E 76 -7.66 59.22 1.30
CA LEU E 76 -9.09 59.06 1.54
C LEU E 76 -9.77 60.35 2.03
N THR E 77 -8.98 61.29 2.52
CA THR E 77 -9.54 62.55 3.02
C THR E 77 -10.29 63.35 1.94
N ALA E 78 -10.01 63.06 0.68
CA ALA E 78 -10.75 63.70 -0.42
C ALA E 78 -12.20 63.23 -0.53
N PHE E 79 -12.49 62.10 0.10
CA PHE E 79 -13.78 61.40 -0.06
C PHE E 79 -14.60 61.23 1.22
N MSE E 80 -13.93 61.20 2.37
CA MSE E 80 -14.59 60.86 3.64
C MSE E 80 -14.02 61.72 4.77
O MSE E 80 -12.88 62.18 4.68
CB MSE E 80 -14.36 59.36 3.94
CG MSE E 80 -14.95 58.42 2.89
SE MSE E 80 -16.89 58.48 2.76
CE MSE E 80 -17.27 57.43 4.38
N PRO E 81 -14.81 61.93 5.85
CA PRO E 81 -14.30 62.69 7.00
C PRO E 81 -13.35 61.85 7.88
N LEU E 82 -12.10 62.29 8.00
CA LEU E 82 -11.05 61.53 8.72
C LEU E 82 -10.25 62.53 9.54
N PRO E 83 -9.36 62.05 10.43
CA PRO E 83 -8.49 63.03 11.09
C PRO E 83 -7.64 63.73 10.07
N THR E 84 -7.23 64.95 10.40
CA THR E 84 -6.35 65.71 9.51
C THR E 84 -4.89 65.51 9.93
N ILE E 85 -4.02 65.20 8.97
CA ILE E 85 -2.58 65.10 9.23
C ILE E 85 -1.94 66.46 9.51
N LYS E 86 -1.31 66.59 10.67
CA LYS E 86 -0.58 67.79 10.99
C LYS E 86 0.91 67.67 10.72
N HIS E 87 1.47 66.48 10.94
CA HIS E 87 2.89 66.29 10.72
C HIS E 87 3.15 64.80 10.61
N PHE E 88 4.11 64.43 9.77
CA PHE E 88 4.51 63.01 9.74
C PHE E 88 6.02 62.97 9.51
N ILE E 89 6.70 62.06 10.19
CA ILE E 89 8.15 61.91 10.02
C ILE E 89 8.47 60.43 9.86
N ARG E 90 9.31 60.08 8.90
CA ARG E 90 9.78 58.71 8.78
C ARG E 90 11.31 58.70 8.75
N THR E 91 11.89 57.88 9.61
CA THR E 91 13.32 57.54 9.54
C THR E 91 13.37 56.02 9.33
N PRO E 92 14.56 55.44 9.08
CA PRO E 92 14.61 54.00 8.84
C PRO E 92 13.86 53.13 9.86
N ASP E 93 13.99 53.42 11.15
CA ASP E 93 13.40 52.54 12.16
C ASP E 93 12.16 53.12 12.85
N ASP E 94 11.73 54.31 12.45
CA ASP E 94 10.73 55.01 13.24
C ASP E 94 9.79 55.82 12.37
N ALA E 95 8.52 55.88 12.78
CA ALA E 95 7.54 56.73 12.11
C ALA E 95 6.69 57.42 13.17
N TRP E 96 6.43 58.71 12.95
CA TRP E 96 5.65 59.50 13.88
C TRP E 96 4.55 60.17 13.07
N LEU E 97 3.30 59.99 13.51
CA LEU E 97 2.14 60.57 12.80
C LEU E 97 1.27 61.39 13.76
N LEU E 98 1.25 62.70 13.53
CA LEU E 98 0.49 63.62 14.35
C LEU E 98 -0.77 64.05 13.60
N THR E 99 -1.93 63.76 14.19
CA THR E 99 -3.23 64.12 13.58
C THR E 99 -4.12 64.87 14.57
N THR E 100 -5.15 65.52 14.04
CA THR E 100 -6.14 66.18 14.87
C THR E 100 -7.04 65.09 15.44
N ALA E 101 -7.63 65.35 16.60
CA ALA E 101 -8.62 64.42 17.16
C ALA E 101 -9.99 64.70 16.57
N ILE E 102 -10.70 63.67 16.15
CA ILE E 102 -12.11 63.83 15.86
C ILE E 102 -12.86 63.85 17.18
N PRO E 103 -13.56 64.96 17.48
CA PRO E 103 -14.26 65.09 18.76
C PRO E 103 -15.38 64.06 18.89
N GLY E 104 -15.64 63.60 20.11
CA GLY E 104 -16.77 62.72 20.34
C GLY E 104 -16.39 61.38 20.93
N LYS E 105 -17.23 60.38 20.73
CA LYS E 105 -17.01 59.05 21.31
C LYS E 105 -17.18 57.97 20.25
N THR E 106 -16.61 56.78 20.49
CA THR E 106 -16.78 55.70 19.52
C THR E 106 -18.22 55.22 19.48
N ALA E 107 -18.59 54.60 18.36
CA ALA E 107 -19.92 54.02 18.19
C ALA E 107 -20.18 53.01 19.30
N PHE E 108 -19.15 52.27 19.69
CA PHE E 108 -19.28 51.34 20.80
C PHE E 108 -19.70 52.08 22.06
N GLN E 109 -18.99 53.15 22.38
CA GLN E 109 -19.29 53.95 23.57
C GLN E 109 -20.71 54.51 23.56
N VAL E 110 -21.14 55.07 22.44
CA VAL E 110 -22.46 55.69 22.42
CA VAL E 110 -22.46 55.69 22.36
C VAL E 110 -23.58 54.64 22.47
N LEU E 111 -23.31 53.46 21.93
CA LEU E 111 -24.29 52.38 21.99
C LEU E 111 -24.49 51.94 23.46
N GLU E 112 -23.41 51.89 24.21
CA GLU E 112 -23.49 51.52 25.63
C GLU E 112 -24.11 52.64 26.45
N GLU E 113 -23.85 53.88 26.05
CA GLU E 113 -24.43 55.03 26.76
C GLU E 113 -25.92 55.22 26.42
N TYR E 114 -26.31 54.89 25.19
CA TYR E 114 -27.69 55.07 24.76
C TYR E 114 -28.22 53.80 24.12
N PRO E 115 -28.47 52.78 24.95
CA PRO E 115 -28.89 51.45 24.46
C PRO E 115 -30.17 51.55 23.64
N ASP E 116 -31.02 52.52 23.96
CA ASP E 116 -32.27 52.76 23.23
C ASP E 116 -32.08 53.33 21.82
N SER E 117 -30.87 53.79 21.52
CA SER E 117 -30.57 54.42 20.23
C SER E 117 -29.90 53.47 19.25
N GLY E 118 -29.93 52.16 19.54
CA GLY E 118 -29.21 51.20 18.72
C GLY E 118 -29.62 51.20 17.26
N GLU E 119 -30.92 51.22 17.00
CA GLU E 119 -31.41 51.28 15.63
C GLU E 119 -30.95 52.55 14.92
N ASN E 120 -31.04 53.70 15.59
CA ASN E 120 -30.55 54.93 14.98
C ASN E 120 -29.05 54.87 14.69
N ILE E 121 -28.29 54.30 15.62
CA ILE E 121 -26.85 54.19 15.45
C ILE E 121 -26.46 53.29 14.27
N VAL E 122 -27.12 52.15 14.15
CA VAL E 122 -26.86 51.24 13.05
C VAL E 122 -27.28 51.86 11.69
N ASP E 123 -28.42 52.55 11.68
CA ASP E 123 -28.86 53.25 10.46
C ASP E 123 -27.78 54.20 9.97
N ALA E 124 -27.18 54.95 10.89
CA ALA E 124 -26.14 55.90 10.54
C ALA E 124 -24.88 55.20 10.06
N LEU E 125 -24.52 54.10 10.73
CA LEU E 125 -23.39 53.27 10.29
C LEU E 125 -23.60 52.76 8.86
N ALA E 126 -24.82 52.33 8.53
CA ALA E 126 -25.10 51.82 7.19
C ALA E 126 -24.97 52.90 6.13
N VAL E 127 -25.46 54.10 6.44
CA VAL E 127 -25.37 55.22 5.50
C VAL E 127 -23.92 55.59 5.24
N PHE E 128 -23.14 55.60 6.31
CA PHE E 128 -21.71 55.96 6.22
C PHE E 128 -20.95 54.94 5.39
N LEU E 129 -21.27 53.67 5.62
CA LEU E 129 -20.64 52.57 4.91
C LEU E 129 -21.06 52.57 3.44
N ARG E 130 -22.31 52.90 3.16
CA ARG E 130 -22.75 53.03 1.78
C ARG E 130 -21.98 54.15 1.07
N ARG E 131 -21.70 55.26 1.76
CA ARG E 131 -20.92 56.34 1.16
C ARG E 131 -19.52 55.87 0.81
N LEU E 132 -18.88 55.19 1.75
CA LEU E 132 -17.52 54.71 1.54
C LEU E 132 -17.46 53.78 0.34
N HIS E 133 -18.40 52.84 0.30
CA HIS E 133 -18.47 51.88 -0.78
C HIS E 133 -18.97 52.40 -2.12
N SER E 134 -19.35 53.67 -2.17
CA SER E 134 -19.76 54.29 -3.43
CA SER E 134 -19.77 54.28 -3.43
C SER E 134 -18.63 55.01 -4.14
N ILE E 135 -17.47 55.12 -3.48
CA ILE E 135 -16.31 55.75 -4.11
C ILE E 135 -15.88 54.90 -5.31
N PRO E 136 -15.84 55.47 -6.53
CA PRO E 136 -15.43 54.63 -7.65
C PRO E 136 -14.04 54.06 -7.43
N VAL E 137 -13.87 52.75 -7.68
CA VAL E 137 -12.62 52.08 -7.35
C VAL E 137 -11.49 52.61 -8.24
N CYS E 138 -11.85 53.22 -9.37
CA CYS E 138 -10.82 53.80 -10.25
C CYS E 138 -10.01 54.92 -9.58
N ASN E 139 -10.52 55.42 -8.45
CA ASN E 139 -9.85 56.48 -7.70
C ASN E 139 -8.80 55.97 -6.72
N CYS E 140 -8.82 54.67 -6.42
CA CYS E 140 -8.09 54.14 -5.26
C CYS E 140 -6.78 53.46 -5.64
N PRO E 141 -5.64 53.96 -5.12
CA PRO E 141 -4.34 53.41 -5.54
C PRO E 141 -3.91 52.27 -4.63
N PHE E 142 -4.78 51.87 -3.69
CA PHE E 142 -4.43 50.83 -2.72
C PHE E 142 -5.16 49.50 -2.95
N ASN E 143 -4.36 48.43 -2.93
CA ASN E 143 -4.84 47.06 -3.06
C ASN E 143 -4.95 46.41 -1.69
N SER E 144 -6.16 46.01 -1.31
CA SER E 144 -6.39 45.27 -0.07
C SER E 144 -7.15 43.98 -0.35
N ASP E 145 -6.96 43.41 -1.53
CA ASP E 145 -7.82 42.30 -1.94
C ASP E 145 -7.53 41.02 -1.17
N ARG E 146 -8.36 40.01 -1.42
CA ARG E 146 -8.27 38.71 -0.73
C ARG E 146 -6.88 38.07 -0.79
N VAL E 147 -6.30 37.96 -1.98
CA VAL E 147 -5.00 37.33 -2.15
CA VAL E 147 -5.01 37.29 -2.10
C VAL E 147 -3.93 38.07 -1.35
N PHE E 148 -4.04 39.39 -1.32
CA PHE E 148 -3.08 40.22 -0.58
C PHE E 148 -3.22 40.01 0.93
N ARG E 149 -4.45 40.05 1.42
CA ARG E 149 -4.68 39.87 2.86
C ARG E 149 -4.31 38.46 3.34
N LEU E 150 -4.56 37.47 2.49
CA LEU E 150 -4.27 36.09 2.89
C LEU E 150 -2.77 35.91 3.00
N ALA E 151 -2.02 36.53 2.09
CA ALA E 151 -0.56 36.45 2.17
C ALA E 151 -0.07 37.14 3.43
N GLN E 152 -0.69 38.27 3.78
CA GLN E 152 -0.37 38.93 5.05
C GLN E 152 -0.66 38.01 6.23
N ALA E 153 -1.83 37.35 6.18
CA ALA E 153 -2.25 36.49 7.28
C ALA E 153 -1.29 35.31 7.44
N GLN E 154 -0.90 34.73 6.31
CA GLN E 154 0.03 33.62 6.33
C GLN E 154 1.35 34.05 7.00
N SER E 155 1.82 35.24 6.62
CA SER E 155 3.06 35.75 7.21
C SER E 155 2.94 35.99 8.70
N ARG E 156 1.85 36.60 9.13
CA ARG E 156 1.61 36.83 10.56
C ARG E 156 1.58 35.51 11.36
N MSE E 157 0.91 34.50 10.81
CA MSE E 157 0.87 33.19 11.44
C MSE E 157 2.28 32.59 11.52
O MSE E 157 2.69 32.11 12.57
CB MSE E 157 -0.05 32.25 10.64
CG MSE E 157 -0.02 30.82 11.14
SE MSE E 157 -1.33 29.63 10.28
CE MSE E 157 -0.61 29.61 8.47
N ASN E 158 3.01 32.64 10.42
CA ASN E 158 4.35 32.06 10.36
C ASN E 158 5.34 32.79 11.28
N ASN E 159 5.13 34.09 11.44
CA ASN E 159 5.95 34.90 12.35
C ASN E 159 5.51 34.79 13.82
N GLY E 160 4.43 34.07 14.08
CA GLY E 160 3.97 33.83 15.45
C GLY E 160 3.15 34.99 16.05
N LEU E 161 2.64 35.84 15.18
CA LEU E 161 2.02 37.11 15.62
C LEU E 161 0.52 37.02 15.89
N VAL E 162 -0.10 35.91 15.50
CA VAL E 162 -1.55 35.80 15.63
C VAL E 162 -1.98 35.64 17.08
N ASP E 163 -2.92 36.47 17.53
CA ASP E 163 -3.39 36.39 18.91
C ASP E 163 -4.45 35.31 19.01
N ALA E 164 -4.02 34.09 19.37
CA ALA E 164 -4.95 32.97 19.42
C ALA E 164 -5.99 33.07 20.53
N SER E 165 -5.73 33.92 21.52
CA SER E 165 -6.69 34.06 22.62
C SER E 165 -7.81 35.05 22.28
N ASP E 166 -7.73 35.68 21.12
CA ASP E 166 -8.70 36.71 20.76
C ASP E 166 -9.68 36.27 19.66
N PHE E 167 -9.71 34.97 19.36
CA PHE E 167 -10.62 34.45 18.33
C PHE E 167 -12.07 34.59 18.79
N ASP E 168 -12.99 34.64 17.83
CA ASP E 168 -14.42 34.59 18.13
C ASP E 168 -14.82 33.28 18.83
N ASP E 169 -16.00 33.27 19.46
CA ASP E 169 -16.43 32.11 20.24
C ASP E 169 -16.52 30.83 19.40
N GLU E 170 -16.90 30.96 18.13
CA GLU E 170 -16.97 29.82 17.21
C GLU E 170 -15.63 29.09 17.14
N ARG E 171 -14.55 29.84 17.34
CA ARG E 171 -13.22 29.28 17.17
C ARG E 171 -12.40 29.30 18.46
N ASN E 172 -13.08 29.33 19.60
CA ASN E 172 -12.39 29.39 20.88
C ASN E 172 -11.54 28.14 21.10
N GLY E 173 -10.26 28.32 21.38
CA GLY E 173 -9.37 27.19 21.62
C GLY E 173 -8.75 26.56 20.38
N TRP E 174 -9.23 26.97 19.21
CA TRP E 174 -8.70 26.45 17.95
C TRP E 174 -7.22 26.82 17.77
N PRO E 175 -6.40 25.86 17.34
CA PRO E 175 -5.06 26.23 16.88
C PRO E 175 -5.16 27.20 15.71
N VAL E 176 -4.25 28.15 15.62
CA VAL E 176 -4.24 29.08 14.48
C VAL E 176 -4.21 28.30 13.15
N GLU E 177 -3.47 27.18 13.13
CA GLU E 177 -3.37 26.34 11.95
C GLU E 177 -4.73 25.77 11.53
N GLN E 178 -5.58 25.44 12.50
CA GLN E 178 -6.91 24.95 12.18
C GLN E 178 -7.78 26.03 11.56
N VAL E 179 -7.67 27.25 12.07
CA VAL E 179 -8.36 28.39 11.46
C VAL E 179 -7.94 28.54 10.01
N TRP E 180 -6.63 28.53 9.78
CA TRP E 180 -6.08 28.64 8.43
C TRP E 180 -6.63 27.57 7.47
N LYS E 181 -6.53 26.31 7.88
CA LYS E 181 -7.01 25.19 7.07
C LYS E 181 -8.51 25.28 6.77
N GLU E 182 -9.32 25.53 7.78
CA GLU E 182 -10.77 25.59 7.62
C GLU E 182 -11.19 26.78 6.74
N MSE E 183 -10.51 27.90 6.87
CA MSE E 183 -10.81 29.09 6.08
C MSE E 183 -10.65 28.80 4.59
O MSE E 183 -11.43 29.29 3.78
CB MSE E 183 -9.93 30.27 6.49
CG MSE E 183 -10.22 31.59 5.72
SE MSE E 183 -9.17 33.04 6.43
CE MSE E 183 -7.41 32.20 6.27
N HIS E 184 -9.65 28.01 4.23
CA HIS E 184 -9.39 27.73 2.82
C HIS E 184 -10.40 26.76 2.25
N LYS E 185 -11.08 26.04 3.13
CA LYS E 185 -12.09 25.08 2.69
C LYS E 185 -13.33 25.84 2.21
N LEU E 186 -13.43 27.11 2.59
CA LEU E 186 -14.59 27.88 2.20
C LEU E 186 -14.65 28.02 0.70
N LEU E 187 -15.88 28.00 0.19
CA LEU E 187 -16.17 28.18 -1.21
C LEU E 187 -15.50 29.47 -1.71
N PRO E 188 -14.56 29.36 -2.65
CA PRO E 188 -13.95 30.58 -3.22
C PRO E 188 -15.01 31.38 -3.95
N PHE E 189 -14.86 32.70 -3.99
CA PHE E 189 -15.93 33.54 -4.52
C PHE E 189 -15.39 34.65 -5.41
N SER E 190 -16.26 35.19 -6.26
CA SER E 190 -15.87 36.33 -7.09
C SER E 190 -16.04 37.60 -6.28
N PRO E 191 -14.96 38.38 -6.15
CA PRO E 191 -15.05 39.57 -5.30
C PRO E 191 -16.03 40.59 -5.86
N ASP E 192 -16.74 41.27 -4.97
CA ASP E 192 -17.56 42.42 -5.32
C ASP E 192 -16.77 43.60 -4.77
N SER E 193 -15.86 44.13 -5.58
CA SER E 193 -14.81 45.02 -5.06
C SER E 193 -15.25 46.48 -4.94
N VAL E 194 -14.95 47.06 -3.78
CA VAL E 194 -15.26 48.44 -3.47
C VAL E 194 -14.08 48.99 -2.70
N VAL E 195 -14.04 50.30 -2.49
CA VAL E 195 -13.09 50.87 -1.54
C VAL E 195 -13.53 50.50 -0.12
N THR E 196 -12.67 49.81 0.63
CA THR E 196 -13.02 49.39 1.98
C THR E 196 -12.14 50.06 3.02
N HIS E 197 -12.63 50.11 4.26
CA HIS E 197 -11.89 50.69 5.38
C HIS E 197 -10.87 49.70 5.90
N GLY E 198 -11.28 48.43 6.01
CA GLY E 198 -10.38 47.37 6.48
C GLY E 198 -10.50 46.97 7.95
N ASP E 199 -11.03 47.88 8.78
CA ASP E 199 -11.25 47.57 10.19
C ASP E 199 -12.45 48.39 10.67
N PHE E 200 -13.58 48.12 10.03
CA PHE E 200 -14.80 48.90 10.21
C PHE E 200 -15.54 48.36 11.44
N SER E 201 -14.95 48.57 12.60
CA SER E 201 -15.50 48.10 13.87
C SER E 201 -16.17 49.25 14.59
N LEU E 202 -16.90 48.93 15.64
CA LEU E 202 -17.55 49.96 16.45
C LEU E 202 -16.55 50.87 17.15
N ASP E 203 -15.28 50.47 17.26
CA ASP E 203 -14.29 51.32 17.88
C ASP E 203 -13.74 52.39 16.92
N ASN E 204 -13.97 52.22 15.63
CA ASN E 204 -13.33 53.09 14.64
C ASN E 204 -14.23 54.10 13.95
N LEU E 205 -15.48 54.20 14.42
CA LEU E 205 -16.44 55.19 13.90
C LEU E 205 -16.78 56.13 15.05
N ILE E 206 -16.72 57.44 14.80
CA ILE E 206 -16.85 58.41 15.87
C ILE E 206 -18.15 59.20 15.77
N PHE E 207 -18.90 59.24 16.87
CA PHE E 207 -20.14 59.98 16.98
C PHE E 207 -19.96 61.23 17.83
N ASP E 208 -20.54 62.34 17.37
CA ASP E 208 -20.46 63.58 18.13
C ASP E 208 -21.82 64.25 18.03
N GLU E 209 -22.38 64.63 19.19
CA GLU E 209 -23.70 65.24 19.27
C GLU E 209 -24.74 64.51 18.45
N GLY E 210 -24.73 63.18 18.53
CA GLY E 210 -25.73 62.36 17.88
C GLY E 210 -25.47 62.07 16.41
N LYS E 211 -24.35 62.55 15.87
CA LYS E 211 -24.07 62.33 14.44
C LYS E 211 -22.77 61.59 14.23
N LEU E 212 -22.73 60.70 13.24
CA LEU E 212 -21.50 60.01 12.89
C LEU E 212 -20.67 60.95 12.06
N ILE E 213 -19.58 61.48 12.61
CA ILE E 213 -18.87 62.56 11.93
C ILE E 213 -17.51 62.18 11.38
N GLY E 214 -17.05 60.95 11.64
CA GLY E 214 -15.77 60.53 11.08
C GLY E 214 -15.38 59.09 11.35
N CYS E 215 -14.33 58.64 10.68
CA CYS E 215 -13.75 57.33 10.99
C CYS E 215 -12.23 57.46 11.20
N ILE E 216 -11.68 56.53 11.97
CA ILE E 216 -10.27 56.58 12.34
C ILE E 216 -9.60 55.24 12.02
N ASP E 217 -8.28 55.15 12.24
CA ASP E 217 -7.52 53.90 12.06
C ASP E 217 -7.68 53.36 10.63
N VAL E 218 -7.17 54.08 9.65
CA VAL E 218 -7.46 53.70 8.26
C VAL E 218 -6.29 52.98 7.55
N GLY E 219 -5.40 52.38 8.33
CA GLY E 219 -4.20 51.79 7.80
C GLY E 219 -4.41 50.60 6.88
N ARG E 220 -5.61 50.03 6.93
CA ARG E 220 -5.93 48.87 6.08
C ARG E 220 -6.83 49.22 4.89
N VAL E 221 -7.04 50.52 4.66
CA VAL E 221 -7.83 50.97 3.50
C VAL E 221 -7.31 50.45 2.16
N GLY E 222 -8.21 49.98 1.30
CA GLY E 222 -7.85 49.57 -0.04
C GLY E 222 -9.01 48.87 -0.73
N ILE E 223 -8.84 48.55 -2.00
CA ILE E 223 -9.88 47.85 -2.73
C ILE E 223 -9.98 46.42 -2.21
N ALA E 224 -11.20 46.02 -1.82
CA ALA E 224 -11.45 44.66 -1.35
C ALA E 224 -12.94 44.32 -1.50
N ASP E 225 -13.34 43.11 -1.13
CA ASP E 225 -14.76 42.76 -1.20
C ASP E 225 -15.53 43.58 -0.16
N ARG E 226 -16.76 43.98 -0.47
CA ARG E 226 -17.54 44.80 0.47
C ARG E 226 -17.75 44.10 1.82
N TYR E 227 -17.72 42.78 1.81
CA TYR E 227 -17.91 42.03 3.07
C TYR E 227 -16.74 42.14 4.04
N GLN E 228 -15.59 42.65 3.58
CA GLN E 228 -14.50 42.98 4.51
C GLN E 228 -14.99 43.93 5.60
N ASP E 229 -15.79 44.91 5.18
CA ASP E 229 -16.30 45.91 6.12
C ASP E 229 -17.58 45.43 6.79
N LEU E 230 -18.49 44.86 6.01
CA LEU E 230 -19.72 44.34 6.59
C LEU E 230 -19.47 43.27 7.69
N ALA E 231 -18.52 42.37 7.46
CA ALA E 231 -18.29 41.28 8.41
C ALA E 231 -17.82 41.78 9.75
N ILE E 232 -16.88 42.71 9.74
CA ILE E 232 -16.27 43.15 10.96
C ILE E 232 -17.32 43.88 11.80
N LEU E 233 -18.11 44.72 11.15
CA LEU E 233 -19.11 45.47 11.87
C LEU E 233 -20.22 44.55 12.39
N TRP E 234 -20.64 43.62 11.54
CA TRP E 234 -21.66 42.63 11.91
C TRP E 234 -21.18 41.85 13.14
N ASN E 235 -19.90 41.52 13.17
CA ASN E 235 -19.33 40.80 14.31
C ASN E 235 -19.44 41.63 15.61
N CYS E 236 -19.09 42.90 15.53
CA CYS E 236 -19.18 43.81 16.69
C CYS E 236 -20.60 43.94 17.20
N LEU E 237 -21.55 44.06 16.28
CA LEU E 237 -22.96 44.22 16.63
C LEU E 237 -23.51 42.97 17.29
N GLY E 238 -22.87 41.83 17.04
CA GLY E 238 -23.23 40.59 17.70
C GLY E 238 -23.05 40.58 19.20
N GLU E 239 -22.30 41.53 19.72
CA GLU E 239 -22.15 41.66 21.16
C GLU E 239 -23.43 42.21 21.78
N PHE E 240 -24.25 42.87 20.96
CA PHE E 240 -25.40 43.62 21.45
C PHE E 240 -26.74 42.99 21.09
N SER E 241 -26.91 42.63 19.83
CA SER E 241 -28.24 42.32 19.33
C SER E 241 -28.27 41.67 17.94
N PRO E 242 -28.89 40.49 17.83
CA PRO E 242 -29.08 39.85 16.53
C PRO E 242 -29.93 40.72 15.62
N SER E 243 -30.87 41.45 16.21
CA SER E 243 -31.68 42.36 15.41
C SER E 243 -30.85 43.50 14.80
N LEU E 244 -29.88 44.02 15.55
CA LEU E 244 -29.04 45.08 15.02
C LEU E 244 -28.13 44.53 13.92
N GLN E 245 -27.71 43.28 14.06
CA GLN E 245 -26.87 42.64 13.03
C GLN E 245 -27.64 42.53 11.72
N LYS E 246 -28.87 42.05 11.78
CA LYS E 246 -29.71 41.96 10.60
C LYS E 246 -29.99 43.34 10.03
N ARG E 247 -30.23 44.30 10.92
CA ARG E 247 -30.56 45.66 10.51
C ARG E 247 -29.44 46.32 9.70
N LEU E 248 -28.19 46.06 10.08
CA LEU E 248 -27.05 46.54 9.31
C LEU E 248 -27.13 46.11 7.84
N PHE E 249 -27.34 44.83 7.58
CA PHE E 249 -27.44 44.38 6.20
C PHE E 249 -28.64 45.01 5.50
N GLN E 250 -29.78 45.00 6.18
CA GLN E 250 -31.01 45.54 5.63
C GLN E 250 -30.90 46.99 5.17
N LYS E 251 -30.36 47.85 6.02
CA LYS E 251 -30.24 49.27 5.72
C LYS E 251 -29.14 49.50 4.69
N TYR E 252 -28.13 48.65 4.70
CA TYR E 252 -27.03 48.77 3.75
C TYR E 252 -27.54 48.44 2.35
N GLY E 253 -28.55 47.56 2.30
CA GLY E 253 -29.19 47.24 1.04
C GLY E 253 -29.03 45.81 0.59
N ILE E 254 -28.67 44.93 1.52
CA ILE E 254 -28.57 43.49 1.23
C ILE E 254 -29.64 42.72 1.98
N ASP E 255 -30.60 42.15 1.26
CA ASP E 255 -31.65 41.40 1.92
C ASP E 255 -31.30 39.92 2.14
N ASN E 256 -30.35 39.40 1.37
CA ASN E 256 -29.95 38.00 1.49
C ASN E 256 -28.45 37.86 1.69
N PRO E 257 -27.98 38.10 2.92
CA PRO E 257 -26.53 38.21 3.14
C PRO E 257 -25.81 36.92 2.75
N ASP E 258 -24.67 37.06 2.09
CA ASP E 258 -23.93 35.90 1.60
C ASP E 258 -23.13 35.35 2.79
N MSE E 259 -23.63 34.25 3.35
CA MSE E 259 -23.05 33.67 4.55
C MSE E 259 -21.62 33.17 4.38
O MSE E 259 -20.83 33.15 5.32
CB MSE E 259 -23.94 32.52 5.03
CG MSE E 259 -25.27 33.01 5.53
SE MSE E 259 -25.00 34.15 7.06
CE MSE E 259 -25.29 35.85 6.32
N ASN E 260 -21.30 32.75 3.16
CA ASN E 260 -19.97 32.24 2.85
C ASN E 260 -18.95 33.38 2.89
N LYS E 261 -19.29 34.50 2.25
CA LYS E 261 -18.43 35.67 2.28
C LYS E 261 -18.31 36.26 3.67
N LEU E 262 -19.39 36.16 4.43
CA LEU E 262 -19.40 36.71 5.77
C LEU E 262 -18.42 35.91 6.63
N GLN E 263 -18.53 34.59 6.52
CA GLN E 263 -17.70 33.65 7.28
C GLN E 263 -16.25 33.80 6.88
N PHE E 264 -16.00 33.89 5.59
CA PHE E 264 -14.63 34.08 5.15
C PHE E 264 -13.95 35.29 5.79
N HIS E 265 -14.63 36.44 5.78
CA HIS E 265 -13.98 37.65 6.24
C HIS E 265 -13.83 37.69 7.75
N LEU E 266 -14.76 37.04 8.45
CA LEU E 266 -14.66 36.86 9.91
C LEU E 266 -13.44 36.03 10.29
N MSE E 267 -13.25 34.92 9.59
CA MSE E 267 -12.09 34.08 9.85
C MSE E 267 -10.78 34.80 9.48
O MSE E 267 -9.80 34.75 10.21
CB MSE E 267 -12.20 32.75 9.12
CG MSE E 267 -13.39 31.90 9.59
SE MSE E 267 -13.50 30.23 8.61
CE MSE E 267 -12.26 29.18 9.66
N LEU E 268 -10.79 35.51 8.36
CA LEU E 268 -9.59 36.25 7.94
C LEU E 268 -9.15 37.27 8.99
N ASP E 269 -10.10 37.94 9.64
CA ASP E 269 -9.76 38.98 10.62
C ASP E 269 -9.17 38.37 11.89
N GLU E 270 -9.32 37.06 12.06
CA GLU E 270 -8.70 36.36 13.20
C GLU E 270 -7.19 36.48 13.15
N PHE E 271 -6.66 36.69 11.96
CA PHE E 271 -5.19 36.72 11.79
C PHE E 271 -4.55 38.08 12.05
N PHE E 272 -5.36 39.10 12.30
CA PHE E 272 -4.89 40.47 12.41
C PHE E 272 -5.11 41.08 13.79
N MSE F 2 -9.91 40.52 26.32
CA MSE F 2 -10.79 41.67 26.50
C MSE F 2 -10.79 42.52 25.24
O MSE F 2 -9.79 42.57 24.51
CB MSE F 2 -10.36 42.49 27.71
CG MSE F 2 -11.48 43.25 28.39
SE MSE F 2 -12.69 42.07 29.37
CE MSE F 2 -13.98 43.39 30.01
N SER F 3 -11.89 43.22 24.98
CA SER F 3 -12.00 44.06 23.78
C SER F 3 -12.39 45.49 24.15
N HIS F 4 -12.32 46.38 23.17
CA HIS F 4 -12.70 47.79 23.35
C HIS F 4 -11.96 48.45 24.52
N ILE F 5 -10.75 47.98 24.78
CA ILE F 5 -9.94 48.52 25.88
C ILE F 5 -9.62 50.00 25.65
N GLN F 6 -9.84 50.80 26.70
CA GLN F 6 -9.66 52.24 26.65
C GLN F 6 -8.83 52.64 27.86
N ARG F 7 -7.56 52.24 27.89
CA ARG F 7 -6.75 52.47 29.08
C ARG F 7 -5.65 53.50 28.91
N GLU F 8 -5.78 54.57 29.68
CA GLU F 8 -4.88 55.71 29.59
C GLU F 8 -3.99 55.78 30.83
N THR F 9 -2.71 56.06 30.60
CA THR F 9 -1.81 56.29 31.71
C THR F 9 -1.16 57.64 31.49
N SER F 10 -0.77 58.30 32.58
CA SER F 10 0.00 59.54 32.46
C SER F 10 1.38 59.21 31.95
N CYS F 11 1.98 60.12 31.19
CA CYS F 11 3.34 59.90 30.72
C CYS F 11 4.10 61.21 30.54
N SER F 12 5.42 61.10 30.54
CA SER F 12 6.25 62.23 30.15
C SER F 12 6.29 62.26 28.65
N ARG F 13 6.75 63.38 28.09
CA ARG F 13 6.99 63.48 26.66
C ARG F 13 8.04 62.44 26.28
N PRO F 14 7.77 61.66 25.23
CA PRO F 14 8.77 60.68 24.78
C PRO F 14 9.95 61.35 24.09
N ARG F 15 10.98 60.56 23.80
CA ARG F 15 12.12 61.06 23.03
C ARG F 15 11.74 61.15 21.56
N LEU F 16 11.74 62.37 21.02
CA LEU F 16 11.40 62.60 19.62
C LEU F 16 12.60 62.34 18.71
N ASN F 17 12.33 61.97 17.47
CA ASN F 17 13.39 61.75 16.49
C ASN F 17 14.06 63.07 16.10
N SER F 18 15.37 63.02 15.87
CA SER F 18 16.15 64.21 15.51
C SER F 18 15.62 64.86 14.22
N ASN F 19 16.02 66.11 14.01
CA ASN F 19 15.51 66.89 12.87
C ASN F 19 16.16 66.53 11.53
N LEU F 20 15.66 67.14 10.46
CA LEU F 20 16.22 66.93 9.13
C LEU F 20 17.53 67.70 9.01
N ASP F 21 17.58 68.91 9.56
CA ASP F 21 18.79 69.72 9.48
C ASP F 21 19.94 69.04 10.23
N ALA F 22 19.60 68.04 11.04
CA ALA F 22 20.60 67.20 11.69
C ALA F 22 21.22 66.21 10.68
N ASP F 23 20.36 65.58 9.87
CA ASP F 23 20.82 64.65 8.85
C ASP F 23 21.62 65.35 7.76
N LEU F 24 21.32 66.62 7.53
CA LEU F 24 21.88 67.36 6.40
C LEU F 24 23.20 68.06 6.68
N TYR F 25 23.62 68.08 7.94
CA TYR F 25 24.82 68.82 8.32
C TYR F 25 26.09 68.28 7.66
N GLY F 26 26.95 69.18 7.20
CA GLY F 26 28.26 68.82 6.67
C GLY F 26 28.30 68.54 5.19
N TYR F 27 27.16 68.66 4.53
CA TYR F 27 27.08 68.41 3.09
C TYR F 27 27.22 69.69 2.27
N ARG F 28 27.83 69.57 1.10
CA ARG F 28 27.77 70.65 0.12
C ARG F 28 26.45 70.49 -0.64
N TRP F 29 25.87 71.61 -1.06
CA TRP F 29 24.58 71.58 -1.73
C TRP F 29 24.68 71.99 -3.19
N ALA F 30 23.81 71.44 -4.03
CA ALA F 30 23.70 71.86 -5.41
C ALA F 30 22.33 71.50 -5.95
N ARG F 31 21.56 72.52 -6.31
CA ARG F 31 20.23 72.30 -6.87
C ARG F 31 20.38 71.64 -8.23
N ASP F 32 19.80 70.45 -8.36
CA ASP F 32 19.90 69.70 -9.61
C ASP F 32 18.58 69.78 -10.39
N ASN F 33 18.66 69.50 -11.69
CA ASN F 33 17.48 69.43 -12.55
C ASN F 33 16.67 70.73 -12.63
N VAL F 34 17.37 71.86 -12.72
CA VAL F 34 16.72 73.16 -12.95
C VAL F 34 15.87 73.11 -14.21
N GLY F 35 14.56 72.92 -14.05
CA GLY F 35 13.65 72.74 -15.16
C GLY F 35 12.19 72.78 -14.75
N GLN F 36 11.95 72.80 -13.43
CA GLN F 36 10.64 73.08 -12.81
C GLN F 36 9.43 72.25 -13.26
N SER F 37 9.63 70.95 -13.45
CA SER F 37 8.54 70.07 -13.89
C SER F 37 8.13 69.04 -12.82
N GLY F 38 8.18 69.44 -11.56
CA GLY F 38 7.89 68.54 -10.46
C GLY F 38 8.58 69.02 -9.21
N ALA F 39 9.01 68.10 -8.35
CA ALA F 39 9.67 68.49 -7.11
C ALA F 39 10.99 69.23 -7.34
N THR F 40 11.31 70.16 -6.45
CA THR F 40 12.65 70.75 -6.43
C THR F 40 13.60 69.69 -5.91
N ILE F 41 14.74 69.52 -6.58
CA ILE F 41 15.71 68.49 -6.18
C ILE F 41 17.07 69.09 -5.83
N TYR F 42 17.60 68.67 -4.69
CA TYR F 42 18.91 69.07 -4.26
C TYR F 42 19.82 67.85 -4.17
N ARG F 43 21.00 67.95 -4.76
CA ARG F 43 22.03 66.92 -4.60
C ARG F 43 22.95 67.38 -3.47
N LEU F 44 23.18 66.50 -2.50
CA LEU F 44 24.07 66.83 -1.38
C LEU F 44 25.34 65.98 -1.45
N TYR F 45 26.50 66.61 -1.29
CA TYR F 45 27.77 65.91 -1.50
C TYR F 45 28.96 66.59 -0.82
N GLY F 46 30.15 66.12 -1.15
CA GLY F 46 31.39 66.71 -0.67
C GLY F 46 31.69 66.39 0.78
N LYS F 47 30.95 65.45 1.34
CA LYS F 47 31.11 65.10 2.74
C LYS F 47 32.01 63.87 2.87
N PRO F 48 33.12 64.02 3.61
CA PRO F 48 34.11 62.94 3.80
C PRO F 48 33.50 61.72 4.51
N ASN F 49 33.81 60.54 3.98
CA ASN F 49 33.25 59.29 4.49
C ASN F 49 31.73 59.32 4.64
N ALA F 50 31.06 59.93 3.66
CA ALA F 50 29.59 60.00 3.67
C ALA F 50 29.04 59.88 2.26
N PRO F 51 27.91 59.19 2.10
CA PRO F 51 27.39 58.95 0.75
C PRO F 51 26.67 60.19 0.20
N GLU F 52 26.63 60.28 -1.12
CA GLU F 52 25.90 61.35 -1.77
C GLU F 52 24.40 61.14 -1.53
N LEU F 53 23.67 62.24 -1.41
CA LEU F 53 22.23 62.16 -1.14
C LEU F 53 21.44 63.07 -2.08
N PHE F 54 20.15 62.78 -2.22
CA PHE F 54 19.21 63.63 -2.95
C PHE F 54 18.09 64.02 -1.99
N LEU F 55 17.62 65.27 -2.11
CA LEU F 55 16.52 65.76 -1.30
C LEU F 55 15.43 66.30 -2.23
N LYS F 56 14.27 65.64 -2.24
CA LYS F 56 13.15 66.08 -3.06
C LYS F 56 12.17 66.89 -2.20
N HIS F 57 11.75 68.03 -2.72
CA HIS F 57 10.78 68.87 -2.01
C HIS F 57 9.58 69.15 -2.91
N GLY F 58 8.41 68.65 -2.52
CA GLY F 58 7.19 68.95 -3.25
C GLY F 58 6.22 69.81 -2.45
N LYS F 59 5.60 70.77 -3.11
CA LYS F 59 4.56 71.56 -2.46
C LYS F 59 3.24 71.31 -3.18
N GLY F 60 2.13 71.47 -2.48
CA GLY F 60 0.83 71.32 -3.10
C GLY F 60 0.67 69.90 -3.64
N SER F 61 0.13 69.77 -4.85
CA SER F 61 -0.11 68.45 -5.43
C SER F 61 1.18 67.64 -5.53
N VAL F 62 2.28 68.35 -5.76
CA VAL F 62 3.58 67.73 -5.87
C VAL F 62 3.97 67.05 -4.56
N ALA F 63 3.52 67.60 -3.43
CA ALA F 63 3.74 66.89 -2.16
C ALA F 63 3.15 65.47 -2.16
N ASN F 64 1.99 65.31 -2.75
CA ASN F 64 1.40 63.97 -2.90
C ASN F 64 2.24 63.04 -3.75
N ASP F 65 2.80 63.57 -4.83
CA ASP F 65 3.68 62.77 -5.69
C ASP F 65 4.89 62.26 -4.90
N VAL F 66 5.50 63.15 -4.13
CA VAL F 66 6.70 62.78 -3.37
C VAL F 66 6.34 61.73 -2.30
N THR F 67 5.20 61.93 -1.65
CA THR F 67 4.70 60.96 -0.67
C THR F 67 4.48 59.59 -1.33
N ASP F 68 3.92 59.62 -2.53
CA ASP F 68 3.67 58.41 -3.33
C ASP F 68 4.97 57.67 -3.59
N GLU F 69 6.01 58.40 -3.98
CA GLU F 69 7.30 57.76 -4.20
C GLU F 69 7.86 57.20 -2.90
N MSE F 70 7.73 57.95 -1.81
CA MSE F 70 8.33 57.49 -0.56
C MSE F 70 7.77 56.14 -0.12
O MSE F 70 8.54 55.25 0.29
CB MSE F 70 8.12 58.51 0.57
CG MSE F 70 8.80 58.13 1.91
SE MSE F 70 7.68 56.95 3.05
CE MSE F 70 6.17 58.10 3.16
N VAL F 71 6.46 55.98 -0.17
CA VAL F 71 5.88 54.71 0.29
CA VAL F 71 5.85 54.73 0.30
C VAL F 71 6.19 53.55 -0.63
N ARG F 72 6.28 53.83 -1.92
CA ARG F 72 6.68 52.80 -2.87
C ARG F 72 8.15 52.39 -2.72
N LEU F 73 9.02 53.38 -2.51
CA LEU F 73 10.41 53.08 -2.19
C LEU F 73 10.47 52.21 -0.94
N ASN F 74 9.72 52.59 0.09
CA ASN F 74 9.77 51.86 1.35
C ASN F 74 9.35 50.40 1.16
N TRP F 75 8.30 50.20 0.37
CA TRP F 75 7.79 48.85 0.11
C TRP F 75 8.69 48.01 -0.80
N LEU F 76 9.07 48.57 -1.94
CA LEU F 76 9.77 47.78 -2.96
C LEU F 76 11.22 47.44 -2.61
N THR F 77 11.82 48.18 -1.68
CA THR F 77 13.24 47.97 -1.40
C THR F 77 13.53 46.59 -0.78
N ALA F 78 12.48 45.93 -0.27
CA ALA F 78 12.64 44.61 0.30
C ALA F 78 12.85 43.54 -0.76
N PHE F 79 12.60 43.90 -2.02
CA PHE F 79 12.67 42.96 -3.12
C PHE F 79 13.67 43.38 -4.21
N MSE F 80 13.94 44.68 -4.31
CA MSE F 80 14.76 45.25 -5.40
C MSE F 80 15.78 46.24 -4.86
O MSE F 80 15.62 46.74 -3.74
CB MSE F 80 13.85 45.95 -6.43
CG MSE F 80 12.85 45.03 -7.13
SE MSE F 80 13.69 43.66 -8.25
CE MSE F 80 13.95 44.74 -9.84
N PRO F 81 16.84 46.53 -5.64
CA PRO F 81 17.84 47.50 -5.21
C PRO F 81 17.38 48.92 -5.54
N LEU F 82 17.10 49.70 -4.49
CA LEU F 82 16.52 51.02 -4.62
C LEU F 82 17.28 52.02 -3.75
N PRO F 83 17.09 53.32 -4.00
CA PRO F 83 17.63 54.30 -3.06
C PRO F 83 17.06 54.04 -1.67
N THR F 84 17.88 54.23 -0.63
CA THR F 84 17.43 54.08 0.76
C THR F 84 16.89 55.40 1.31
N ILE F 85 15.74 55.34 1.97
CA ILE F 85 15.14 56.52 2.60
C ILE F 85 15.89 56.86 3.87
N LYS F 86 16.50 58.04 3.90
CA LYS F 86 17.20 58.47 5.11
C LYS F 86 16.24 59.21 6.03
N HIS F 87 15.34 59.98 5.44
CA HIS F 87 14.44 60.82 6.23
C HIS F 87 13.30 61.26 5.33
N PHE F 88 12.08 61.29 5.86
CA PHE F 88 10.95 61.84 5.14
C PHE F 88 10.09 62.68 6.07
N ILE F 89 9.61 63.82 5.59
CA ILE F 89 8.75 64.68 6.39
C ILE F 89 7.53 65.08 5.57
N ARG F 90 6.34 64.95 6.14
N ARG F 90 6.34 64.97 6.13
CA ARG F 90 5.13 65.45 5.51
CA ARG F 90 5.13 65.45 5.47
C ARG F 90 4.43 66.47 6.41
C ARG F 90 4.36 66.42 6.36
N THR F 91 4.17 67.64 5.87
CA THR F 91 3.34 68.62 6.56
C THR F 91 2.17 68.89 5.61
N PRO F 92 1.17 69.68 6.03
CA PRO F 92 -0.03 69.73 5.18
C PRO F 92 0.20 70.19 3.72
N ASP F 93 1.19 71.02 3.45
CA ASP F 93 1.37 71.49 2.07
CA ASP F 93 1.40 71.50 2.09
C ASP F 93 2.75 71.16 1.50
N ASP F 94 3.56 70.40 2.25
CA ASP F 94 4.93 70.10 1.82
C ASP F 94 5.36 68.68 2.14
N ALA F 95 6.21 68.14 1.28
CA ALA F 95 6.83 66.85 1.57
C ALA F 95 8.31 66.96 1.26
N TRP F 96 9.13 66.35 2.11
CA TRP F 96 10.57 66.39 1.94
C TRP F 96 11.07 64.95 2.00
N LEU F 97 11.80 64.54 0.96
CA LEU F 97 12.27 63.15 0.89
C LEU F 97 13.78 63.11 0.69
N LEU F 98 14.48 62.53 1.67
CA LEU F 98 15.94 62.46 1.62
C LEU F 98 16.33 61.02 1.41
N THR F 99 17.05 60.75 0.32
CA THR F 99 17.41 59.39 -0.04
C THR F 99 18.89 59.33 -0.42
N THR F 100 19.46 58.12 -0.36
CA THR F 100 20.85 57.94 -0.75
C THR F 100 20.95 57.90 -2.27
N ALA F 101 22.06 58.40 -2.80
CA ALA F 101 22.26 58.38 -4.24
C ALA F 101 22.76 57.00 -4.64
N ILE F 102 22.29 56.51 -5.77
CA ILE F 102 22.86 55.29 -6.33
C ILE F 102 23.90 55.72 -7.33
N PRO F 103 25.17 55.36 -7.07
CA PRO F 103 26.27 55.80 -7.93
C PRO F 103 26.18 55.07 -9.26
N GLY F 104 26.65 55.71 -10.32
CA GLY F 104 26.61 55.07 -11.62
C GLY F 104 26.08 55.99 -12.69
N LYS F 105 25.76 55.40 -13.85
CA LYS F 105 25.22 56.14 -14.97
C LYS F 105 23.92 55.44 -15.37
N THR F 106 23.04 56.15 -16.07
CA THR F 106 21.78 55.54 -16.51
C THR F 106 22.05 54.55 -17.64
N ALA F 107 21.08 53.67 -17.86
CA ALA F 107 21.17 52.71 -18.97
C ALA F 107 21.30 53.43 -20.30
N PHE F 108 20.63 54.57 -20.46
CA PHE F 108 20.83 55.39 -21.65
C PHE F 108 22.28 55.81 -21.83
N GLN F 109 22.91 56.29 -20.76
CA GLN F 109 24.27 56.78 -20.87
C GLN F 109 25.19 55.63 -21.19
N VAL F 110 24.92 54.47 -20.59
CA VAL F 110 25.78 53.31 -20.80
C VAL F 110 25.66 52.76 -22.22
N LEU F 111 24.43 52.69 -22.74
CA LEU F 111 24.23 52.30 -24.14
C LEU F 111 24.95 53.23 -25.09
N GLU F 112 24.92 54.54 -24.82
CA GLU F 112 25.67 55.50 -25.63
C GLU F 112 27.18 55.31 -25.52
N GLU F 113 27.66 55.04 -24.31
CA GLU F 113 29.09 54.92 -24.10
C GLU F 113 29.61 53.59 -24.68
N TYR F 114 28.78 52.56 -24.59
CA TYR F 114 29.18 51.21 -25.03
C TYR F 114 28.27 50.65 -26.12
N PRO F 115 28.20 51.32 -27.27
CA PRO F 115 27.28 50.88 -28.34
C PRO F 115 27.53 49.43 -28.80
N ASP F 116 28.79 48.99 -28.77
CA ASP F 116 29.13 47.62 -29.16
C ASP F 116 28.68 46.58 -28.14
N SER F 117 28.13 47.05 -27.03
CA SER F 117 27.64 46.15 -25.99
C SER F 117 26.12 46.13 -25.91
N GLY F 118 25.47 46.71 -26.91
CA GLY F 118 24.02 46.87 -26.87
C GLY F 118 23.29 45.59 -26.53
N GLU F 119 23.67 44.50 -27.17
CA GLU F 119 23.02 43.22 -26.92
C GLU F 119 23.21 42.70 -25.49
N ASN F 120 24.42 42.82 -24.94
CA ASN F 120 24.63 42.45 -23.54
C ASN F 120 23.86 43.35 -22.57
N ILE F 121 23.72 44.62 -22.93
CA ILE F 121 23.06 45.57 -22.05
C ILE F 121 21.57 45.27 -21.99
N VAL F 122 20.99 44.94 -23.14
CA VAL F 122 19.57 44.59 -23.19
C VAL F 122 19.30 43.28 -22.46
N ASP F 123 20.24 42.33 -22.57
CA ASP F 123 20.13 41.09 -21.80
C ASP F 123 20.03 41.42 -20.32
N ALA F 124 20.87 42.32 -19.84
CA ALA F 124 20.85 42.70 -18.43
C ALA F 124 19.53 43.36 -18.00
N LEU F 125 19.00 44.22 -18.88
CA LEU F 125 17.72 44.89 -18.65
C LEU F 125 16.56 43.88 -18.56
N ALA F 126 16.58 42.90 -19.46
CA ALA F 126 15.56 41.85 -19.45
C ALA F 126 15.64 41.01 -18.17
N VAL F 127 16.85 40.66 -17.73
CA VAL F 127 16.99 39.89 -16.50
C VAL F 127 16.44 40.68 -15.29
N PHE F 128 16.75 41.97 -15.25
CA PHE F 128 16.32 42.85 -14.17
C PHE F 128 14.80 42.99 -14.16
N LEU F 129 14.23 43.18 -15.34
CA LEU F 129 12.77 43.27 -15.47
C LEU F 129 12.06 41.95 -15.07
N ARG F 130 12.65 40.82 -15.44
CA ARG F 130 12.10 39.52 -15.05
C ARG F 130 12.09 39.38 -13.52
N ARG F 131 13.14 39.90 -12.89
CA ARG F 131 13.24 39.86 -11.42
C ARG F 131 12.09 40.64 -10.79
N LEU F 132 11.90 41.87 -11.24
CA LEU F 132 10.78 42.71 -10.78
C LEU F 132 9.44 42.01 -10.95
N HIS F 133 9.20 41.50 -12.15
CA HIS F 133 7.92 40.84 -12.47
C HIS F 133 7.76 39.47 -11.81
N SER F 134 8.80 39.00 -11.11
CA SER F 134 8.70 37.73 -10.41
CA SER F 134 8.71 37.74 -10.41
C SER F 134 8.25 37.90 -8.96
N ILE F 135 8.18 39.14 -8.48
CA ILE F 135 7.64 39.37 -7.14
C ILE F 135 6.16 38.96 -7.11
N PRO F 136 5.79 38.01 -6.24
CA PRO F 136 4.39 37.53 -6.24
C PRO F 136 3.44 38.72 -6.00
N VAL F 137 2.35 38.84 -6.77
CA VAL F 137 1.54 40.06 -6.68
C VAL F 137 0.88 40.18 -5.32
N CYS F 138 0.72 39.05 -4.64
CA CYS F 138 0.12 39.02 -3.31
C CYS F 138 0.90 39.83 -2.27
N ASN F 139 2.14 40.20 -2.62
CA ASN F 139 2.97 41.01 -1.73
C ASN F 139 2.74 42.52 -1.89
N CYS F 140 2.03 42.92 -2.94
CA CYS F 140 2.01 44.34 -3.33
C CYS F 140 0.72 45.10 -2.93
N PRO F 141 0.86 46.16 -2.12
CA PRO F 141 -0.32 46.90 -1.63
C PRO F 141 -0.76 48.03 -2.59
N PHE F 142 -0.13 48.13 -3.75
CA PHE F 142 -0.40 49.24 -4.68
C PHE F 142 -1.08 48.82 -5.99
N ASN F 143 -2.12 49.57 -6.34
CA ASN F 143 -2.92 49.35 -7.54
C ASN F 143 -2.51 50.35 -8.60
N SER F 144 -1.99 49.85 -9.73
CA SER F 144 -1.67 50.66 -10.92
C SER F 144 -2.39 50.11 -12.15
N ASP F 145 -3.56 49.51 -11.92
CA ASP F 145 -4.23 48.80 -13.01
C ASP F 145 -4.81 49.77 -14.05
N ARG F 146 -5.27 49.25 -15.17
CA ARG F 146 -5.59 50.16 -16.27
C ARG F 146 -6.85 50.98 -16.01
N VAL F 147 -7.77 50.45 -15.21
CA VAL F 147 -8.94 51.25 -14.84
C VAL F 147 -8.52 52.52 -14.07
N PHE F 148 -7.60 52.33 -13.12
CA PHE F 148 -7.02 53.43 -12.35
C PHE F 148 -6.22 54.39 -13.25
N ARG F 149 -5.40 53.85 -14.14
CA ARG F 149 -4.55 54.70 -14.99
C ARG F 149 -5.40 55.43 -16.05
N LEU F 150 -6.42 54.76 -16.57
CA LEU F 150 -7.28 55.41 -17.56
C LEU F 150 -7.99 56.60 -16.94
N ALA F 151 -8.43 56.46 -15.69
CA ALA F 151 -9.09 57.57 -15.01
C ALA F 151 -8.15 58.75 -14.84
N GLN F 152 -6.90 58.47 -14.47
CA GLN F 152 -5.89 59.51 -14.38
C GLN F 152 -5.64 60.16 -15.74
N ALA F 153 -5.58 59.34 -16.79
CA ALA F 153 -5.36 59.84 -18.13
C ALA F 153 -6.49 60.78 -18.61
N GLN F 154 -7.73 60.40 -18.33
CA GLN F 154 -8.88 61.21 -18.71
C GLN F 154 -8.76 62.58 -18.03
N SER F 155 -8.34 62.54 -16.78
CA SER F 155 -8.24 63.73 -15.96
C SER F 155 -7.18 64.68 -16.53
N ARG F 156 -6.01 64.12 -16.87
CA ARG F 156 -4.94 64.94 -17.45
C ARG F 156 -5.38 65.55 -18.78
N MSE F 157 -6.11 64.77 -19.58
CA MSE F 157 -6.62 65.27 -20.84
C MSE F 157 -7.59 66.41 -20.60
O MSE F 157 -7.49 67.46 -21.22
CB MSE F 157 -7.30 64.15 -21.64
CG MSE F 157 -8.00 64.62 -22.88
SE MSE F 157 -8.76 63.16 -23.90
CE MSE F 157 -10.11 62.55 -22.63
N ASN F 158 -8.53 66.21 -19.67
CA ASN F 158 -9.53 67.25 -19.41
C ASN F 158 -8.94 68.51 -18.77
N ASN F 159 -7.81 68.36 -18.10
CA ASN F 159 -7.15 69.48 -17.45
C ASN F 159 -6.06 70.11 -18.30
N GLY F 160 -5.95 69.65 -19.54
CA GLY F 160 -4.99 70.21 -20.49
C GLY F 160 -3.54 69.91 -20.16
N LEU F 161 -3.29 68.80 -19.47
CA LEU F 161 -1.96 68.53 -18.97
C LEU F 161 -1.19 67.53 -19.83
N VAL F 162 -1.80 67.05 -20.91
CA VAL F 162 -1.12 66.09 -21.77
C VAL F 162 -0.12 66.82 -22.69
N ASP F 163 1.08 66.26 -22.81
CA ASP F 163 2.15 66.87 -23.61
C ASP F 163 2.02 66.38 -25.04
N ALA F 164 1.22 67.11 -25.82
CA ALA F 164 0.92 66.74 -27.19
C ALA F 164 2.16 66.75 -28.09
N SER F 165 3.15 67.55 -27.72
CA SER F 165 4.41 67.66 -28.50
C SER F 165 5.29 66.42 -28.37
N ASP F 166 4.96 65.54 -27.42
CA ASP F 166 5.87 64.46 -27.06
C ASP F 166 5.30 63.08 -27.43
N PHE F 167 4.27 63.04 -28.27
CA PHE F 167 3.72 61.76 -28.73
C PHE F 167 4.76 60.98 -29.55
N ASP F 168 4.63 59.66 -29.57
CA ASP F 168 5.45 58.85 -30.47
C ASP F 168 5.20 59.20 -31.94
N ASP F 169 6.17 58.86 -32.78
CA ASP F 169 6.12 59.23 -34.20
C ASP F 169 4.82 58.86 -34.89
N GLU F 170 4.30 57.68 -34.59
CA GLU F 170 3.04 57.18 -35.16
C GLU F 170 1.85 58.10 -34.87
N ARG F 171 1.96 58.88 -33.80
CA ARG F 171 0.86 59.75 -33.38
C ARG F 171 1.25 61.22 -33.43
N ASN F 172 2.31 61.53 -34.17
CA ASN F 172 2.81 62.89 -34.20
C ASN F 172 1.76 63.86 -34.69
N GLY F 173 1.45 64.86 -33.86
CA GLY F 173 0.51 65.89 -34.27
C GLY F 173 -0.96 65.51 -34.12
N TRP F 174 -1.25 64.32 -33.58
CA TRP F 174 -2.65 63.93 -33.33
C TRP F 174 -3.22 64.76 -32.20
N PRO F 175 -4.51 65.11 -32.29
CA PRO F 175 -5.16 65.72 -31.13
C PRO F 175 -5.22 64.70 -30.01
N VAL F 176 -5.12 65.15 -28.77
CA VAL F 176 -5.14 64.23 -27.62
C VAL F 176 -6.41 63.38 -27.68
N GLU F 177 -7.52 63.99 -28.06
CA GLU F 177 -8.80 63.31 -28.11
C GLU F 177 -8.79 62.15 -29.10
N GLN F 178 -8.01 62.29 -30.17
CA GLN F 178 -7.86 61.21 -31.14
C GLN F 178 -7.10 60.04 -30.53
N VAL F 179 -6.05 60.32 -29.76
CA VAL F 179 -5.32 59.25 -29.10
C VAL F 179 -6.25 58.50 -28.14
N TRP F 180 -7.01 59.27 -27.37
CA TRP F 180 -7.96 58.73 -26.39
C TRP F 180 -8.95 57.80 -27.08
N LYS F 181 -9.55 58.28 -28.16
CA LYS F 181 -10.59 57.51 -28.86
C LYS F 181 -10.03 56.23 -29.47
N GLU F 182 -8.92 56.34 -30.20
CA GLU F 182 -8.36 55.17 -30.85
CA GLU F 182 -8.33 55.18 -30.86
C GLU F 182 -7.79 54.16 -29.85
N MSE F 183 -7.24 54.64 -28.74
CA MSE F 183 -6.75 53.74 -27.70
C MSE F 183 -7.87 52.85 -27.15
O MSE F 183 -7.64 51.68 -26.86
CB MSE F 183 -6.09 54.53 -26.57
CG MSE F 183 -5.70 53.67 -25.37
SE MSE F 183 -4.81 54.71 -24.00
CE MSE F 183 -6.26 55.91 -23.53
N HIS F 184 -9.07 53.40 -26.99
CA HIS F 184 -10.18 52.60 -26.46
C HIS F 184 -10.62 51.49 -27.42
N LYS F 185 -10.30 51.64 -28.70
CA LYS F 185 -10.60 50.59 -29.68
C LYS F 185 -9.80 49.30 -29.45
N LEU F 186 -8.75 49.36 -28.63
CA LEU F 186 -7.96 48.17 -28.31
C LEU F 186 -8.48 47.41 -27.09
N LEU F 187 -9.51 47.95 -26.44
CA LEU F 187 -10.07 47.34 -25.24
C LEU F 187 -11.33 46.53 -25.59
N PRO F 188 -11.57 45.43 -24.87
CA PRO F 188 -10.84 44.97 -23.68
C PRO F 188 -9.79 43.91 -24.00
N PHE F 189 -8.91 43.65 -23.03
CA PHE F 189 -8.03 42.50 -23.09
C PHE F 189 -7.82 41.99 -21.66
N SER F 190 -7.48 40.71 -21.52
CA SER F 190 -7.31 40.15 -20.20
C SER F 190 -5.95 40.55 -19.64
N PRO F 191 -5.93 41.13 -18.44
CA PRO F 191 -4.65 41.58 -17.92
C PRO F 191 -3.80 40.38 -17.50
N ASP F 192 -2.50 40.49 -17.70
CA ASP F 192 -1.52 39.55 -17.19
C ASP F 192 -0.78 40.30 -16.09
N SER F 193 -1.32 40.27 -14.86
CA SER F 193 -0.92 41.22 -13.82
C SER F 193 0.34 40.84 -13.04
N VAL F 194 1.22 41.83 -12.88
CA VAL F 194 2.49 41.65 -12.18
C VAL F 194 2.79 42.93 -11.39
N VAL F 195 3.81 42.85 -10.54
CA VAL F 195 4.33 44.07 -9.92
C VAL F 195 5.09 44.84 -10.99
N THR F 196 4.60 46.03 -11.32
CA THR F 196 5.24 46.89 -12.33
C THR F 196 5.89 48.12 -11.71
N HIS F 197 6.91 48.62 -12.41
CA HIS F 197 7.61 49.85 -12.03
C HIS F 197 6.80 51.10 -12.42
N GLY F 198 6.28 51.12 -13.65
CA GLY F 198 5.42 52.22 -14.07
C GLY F 198 6.07 53.23 -14.99
N ASP F 199 7.39 53.32 -14.93
CA ASP F 199 8.14 54.15 -15.89
C ASP F 199 9.50 53.49 -16.11
N PHE F 200 9.47 52.30 -16.69
CA PHE F 200 10.67 51.47 -16.80
C PHE F 200 11.48 51.89 -18.04
N SER F 201 12.00 53.11 -17.99
CA SER F 201 12.72 53.66 -19.14
C SER F 201 14.23 53.63 -18.90
N LEU F 202 14.99 53.88 -19.96
CA LEU F 202 16.46 53.82 -19.90
C LEU F 202 17.01 54.86 -18.93
N ASP F 203 16.21 55.90 -18.64
CA ASP F 203 16.64 56.95 -17.72
C ASP F 203 16.53 56.52 -16.25
N ASN F 204 15.73 55.50 -15.97
CA ASN F 204 15.45 55.15 -14.58
C ASN F 204 16.13 53.88 -14.09
N LEU F 205 17.06 53.36 -14.87
CA LEU F 205 17.78 52.16 -14.50
C LEU F 205 19.26 52.51 -14.42
N ILE F 206 19.95 52.06 -13.37
CA ILE F 206 21.30 52.54 -13.11
C ILE F 206 22.33 51.41 -13.20
N PHE F 207 23.42 51.66 -13.92
CA PHE F 207 24.55 50.75 -14.06
C PHE F 207 25.78 51.29 -13.34
N ASP F 208 26.56 50.41 -12.74
CA ASP F 208 27.84 50.82 -12.16
C ASP F 208 28.83 49.64 -12.29
N GLU F 209 30.07 49.95 -12.68
CA GLU F 209 31.08 48.92 -12.92
C GLU F 209 30.55 47.71 -13.71
N GLY F 210 29.75 47.99 -14.74
CA GLY F 210 29.31 46.97 -15.67
C GLY F 210 28.02 46.25 -15.37
N LYS F 211 27.48 46.43 -14.17
CA LYS F 211 26.25 45.73 -13.80
C LYS F 211 25.07 46.65 -13.51
N LEU F 212 23.88 46.17 -13.83
CA LEU F 212 22.64 46.86 -13.50
C LEU F 212 22.45 46.79 -11.98
N ILE F 213 22.64 47.92 -11.30
CA ILE F 213 22.67 47.89 -9.84
C ILE F 213 21.46 48.50 -9.13
N GLY F 214 20.59 49.20 -9.85
CA GLY F 214 19.39 49.72 -9.22
C GLY F 214 18.39 50.38 -10.15
N CYS F 215 17.19 50.67 -9.63
CA CYS F 215 16.26 51.51 -10.37
C CYS F 215 15.75 52.66 -9.51
N ILE F 216 15.28 53.72 -10.15
CA ILE F 216 14.86 54.93 -9.46
C ILE F 216 13.52 55.39 -10.01
N ASP F 217 12.96 56.42 -9.38
CA ASP F 217 11.72 57.05 -9.86
C ASP F 217 10.53 56.08 -9.79
N VAL F 218 10.23 55.62 -8.57
CA VAL F 218 9.29 54.52 -8.42
C VAL F 218 7.87 54.96 -8.01
N GLY F 219 7.51 56.22 -8.23
CA GLY F 219 6.19 56.72 -7.83
C GLY F 219 4.97 56.08 -8.45
N ARG F 220 5.13 55.38 -9.58
CA ARG F 220 4.00 54.71 -10.24
C ARG F 220 3.96 53.21 -9.99
N VAL F 221 4.80 52.72 -9.07
CA VAL F 221 4.87 51.29 -8.79
C VAL F 221 3.50 50.76 -8.34
N GLY F 222 3.11 49.61 -8.88
CA GLY F 222 1.90 48.93 -8.45
C GLY F 222 1.57 47.77 -9.37
N ILE F 223 0.51 47.05 -9.04
CA ILE F 223 0.07 45.94 -9.87
C ILE F 223 -0.53 46.45 -11.19
N ALA F 224 -0.03 45.94 -12.31
CA ALA F 224 -0.55 46.28 -13.63
C ALA F 224 -0.17 45.17 -14.61
N ASP F 225 -0.62 45.30 -15.85
CA ASP F 225 -0.23 44.34 -16.87
C ASP F 225 1.28 44.43 -17.10
N ARG F 226 1.93 43.29 -17.34
CA ARG F 226 3.38 43.29 -17.59
C ARG F 226 3.80 44.20 -18.76
N TYR F 227 2.93 44.38 -19.75
CA TYR F 227 3.28 45.25 -20.86
C TYR F 227 3.43 46.72 -20.47
N GLN F 228 2.96 47.09 -19.29
CA GLN F 228 3.21 48.46 -18.81
C GLN F 228 4.70 48.76 -18.81
N ASP F 229 5.51 47.80 -18.35
CA ASP F 229 6.95 48.01 -18.28
C ASP F 229 7.64 47.63 -19.59
N LEU F 230 7.21 46.53 -20.20
CA LEU F 230 7.79 46.14 -21.50
C LEU F 230 7.61 47.23 -22.55
N ALA F 231 6.45 47.88 -22.56
CA ALA F 231 6.16 48.86 -23.63
C ALA F 231 7.07 50.05 -23.50
N ILE F 232 7.22 50.55 -22.27
CA ILE F 232 8.02 51.75 -22.07
C ILE F 232 9.48 51.51 -22.44
N LEU F 233 10.06 50.39 -22.00
CA LEU F 233 11.46 50.09 -22.32
C LEU F 233 11.64 49.79 -23.80
N TRP F 234 10.69 49.06 -24.38
CA TRP F 234 10.76 48.73 -25.81
C TRP F 234 10.78 50.01 -26.63
N ASN F 235 9.96 50.97 -26.20
CA ASN F 235 9.90 52.28 -26.87
C ASN F 235 11.25 52.96 -26.82
N CYS F 236 11.87 53.01 -25.63
CA CYS F 236 13.19 53.62 -25.47
C CYS F 236 14.26 52.97 -26.35
N LEU F 237 14.17 51.66 -26.49
CA LEU F 237 15.19 50.93 -27.25
C LEU F 237 15.11 51.24 -28.75
N GLY F 238 14.00 51.87 -29.15
CA GLY F 238 13.79 52.34 -30.51
C GLY F 238 14.80 53.39 -30.92
N GLU F 239 15.39 54.08 -29.95
CA GLU F 239 16.42 55.07 -30.27
C GLU F 239 17.71 54.37 -30.68
N PHE F 240 17.76 53.06 -30.47
CA PHE F 240 18.98 52.30 -30.75
C PHE F 240 18.84 51.38 -31.95
N SER F 241 17.93 50.42 -31.91
CA SER F 241 17.68 49.61 -33.11
C SER F 241 16.46 48.74 -32.94
N PRO F 242 15.84 48.37 -34.07
CA PRO F 242 14.71 47.44 -33.93
C PRO F 242 15.18 46.05 -33.45
N SER F 243 16.43 45.67 -33.75
CA SER F 243 16.92 44.38 -33.26
C SER F 243 17.00 44.37 -31.73
N LEU F 244 17.41 45.49 -31.11
CA LEU F 244 17.47 45.53 -29.65
C LEU F 244 16.07 45.54 -29.04
N GLN F 245 15.15 46.21 -29.72
CA GLN F 245 13.74 46.15 -29.33
C GLN F 245 13.23 44.70 -29.25
N LYS F 246 13.41 43.97 -30.34
CA LYS F 246 13.02 42.55 -30.38
C LYS F 246 13.75 41.75 -29.32
N ARG F 247 15.04 42.02 -29.14
CA ARG F 247 15.84 41.26 -28.20
C ARG F 247 15.30 41.34 -26.77
N LEU F 248 14.79 42.51 -26.40
CA LEU F 248 14.21 42.69 -25.08
C LEU F 248 13.11 41.66 -24.82
N PHE F 249 12.16 41.54 -25.73
CA PHE F 249 11.10 40.53 -25.60
C PHE F 249 11.63 39.09 -25.56
N GLN F 250 12.58 38.80 -26.44
CA GLN F 250 13.17 37.45 -26.54
CA GLN F 250 13.11 37.44 -26.53
C GLN F 250 13.77 37.00 -25.22
N LYS F 251 14.59 37.88 -24.64
CA LYS F 251 15.33 37.54 -23.44
C LYS F 251 14.45 37.58 -22.20
N TYR F 252 13.40 38.42 -22.24
CA TYR F 252 12.44 38.47 -21.16
C TYR F 252 11.63 37.18 -21.14
N GLY F 253 11.47 36.58 -22.32
CA GLY F 253 10.82 35.29 -22.41
C GLY F 253 9.56 35.31 -23.24
N ILE F 254 9.34 36.37 -24.00
CA ILE F 254 8.16 36.41 -24.87
C ILE F 254 8.55 36.23 -26.35
N ASP F 255 8.23 35.06 -26.90
CA ASP F 255 8.57 34.71 -28.29
C ASP F 255 7.72 35.42 -29.32
N ASN F 256 6.43 35.55 -29.05
CA ASN F 256 5.54 36.34 -29.91
CA ASN F 256 5.57 36.36 -29.90
C ASN F 256 4.78 37.42 -29.13
N PRO F 257 5.32 38.64 -29.14
CA PRO F 257 4.78 39.76 -28.36
C PRO F 257 3.38 40.17 -28.81
N ASP F 258 2.53 40.46 -27.83
CA ASP F 258 1.15 40.86 -28.05
C ASP F 258 1.12 42.30 -28.52
N MSE F 259 0.96 42.48 -29.83
CA MSE F 259 1.05 43.81 -30.43
C MSE F 259 -0.06 44.72 -29.91
O MSE F 259 0.12 45.93 -29.78
CB MSE F 259 0.97 43.72 -31.94
CG MSE F 259 2.17 43.01 -32.57
SE MSE F 259 3.80 44.00 -32.22
CE MSE F 259 4.68 42.77 -31.07
N ASN F 260 -1.21 44.13 -29.61
CA ASN F 260 -2.32 44.88 -29.06
C ASN F 260 -2.03 45.48 -27.68
N LYS F 261 -1.53 44.65 -26.75
CA LYS F 261 -1.17 45.17 -25.44
C LYS F 261 0.01 46.15 -25.54
N LEU F 262 0.93 45.88 -26.46
CA LEU F 262 2.05 46.81 -26.64
C LEU F 262 1.52 48.18 -27.05
N GLN F 263 0.71 48.21 -28.10
CA GLN F 263 0.15 49.46 -28.60
C GLN F 263 -0.69 50.14 -27.53
N PHE F 264 -1.50 49.38 -26.81
CA PHE F 264 -2.31 50.01 -25.77
C PHE F 264 -1.44 50.74 -24.76
N HIS F 265 -0.38 50.10 -24.29
CA HIS F 265 0.41 50.72 -23.23
C HIS F 265 1.27 51.87 -23.73
N LEU F 266 1.68 51.81 -24.99
CA LEU F 266 2.39 52.93 -25.62
C LEU F 266 1.46 54.14 -25.67
N MSE F 267 0.20 53.90 -26.04
CA MSE F 267 -0.76 55.00 -26.18
C MSE F 267 -1.14 55.54 -24.81
O MSE F 267 -1.26 56.75 -24.64
CB MSE F 267 -2.02 54.53 -26.94
CG MSE F 267 -1.73 54.11 -28.38
SE MSE F 267 -3.33 53.56 -29.34
CE MSE F 267 -3.98 55.32 -29.86
N LEU F 268 -1.32 54.65 -23.84
CA LEU F 268 -1.62 55.09 -22.47
C LEU F 268 -0.54 56.02 -21.93
N ASP F 269 0.74 55.69 -22.17
CA ASP F 269 1.83 56.54 -21.68
C ASP F 269 1.88 57.94 -22.31
N GLU F 270 1.25 58.11 -23.48
CA GLU F 270 1.15 59.43 -24.11
C GLU F 270 0.51 60.47 -23.16
N PHE F 271 -0.35 59.99 -22.26
CA PHE F 271 -1.07 60.89 -21.35
C PHE F 271 -0.28 61.30 -20.12
N PHE F 272 0.90 60.73 -19.94
CA PHE F 272 1.62 60.92 -18.68
C PHE F 272 2.95 61.66 -18.80
N MSE G 2 72.44 18.59 14.31
CA MSE G 2 72.54 17.64 15.41
C MSE G 2 71.34 17.75 16.37
O MSE G 2 70.60 18.74 16.35
CB MSE G 2 73.83 17.85 16.20
CG MSE G 2 74.89 16.80 15.94
SE MSE G 2 76.23 16.89 17.33
CE MSE G 2 75.87 18.74 17.86
N SER G 3 71.18 16.74 17.21
CA SER G 3 70.04 16.72 18.13
C SER G 3 70.47 16.82 19.60
N HIS G 4 69.48 17.01 20.46
CA HIS G 4 69.68 17.13 21.91
C HIS G 4 70.53 18.31 22.34
N ILE G 5 70.45 19.42 21.63
CA ILE G 5 71.31 20.55 21.97
C ILE G 5 70.81 21.33 23.20
N GLN G 6 71.75 21.86 23.96
CA GLN G 6 71.45 22.73 25.09
C GLN G 6 72.55 23.77 25.08
N ARG G 7 72.27 24.91 24.45
CA ARG G 7 73.27 25.95 24.31
C ARG G 7 72.80 27.19 25.05
N GLU G 8 73.59 27.61 26.03
CA GLU G 8 73.16 28.73 26.87
C GLU G 8 74.06 29.94 26.66
N THR G 9 73.44 31.10 26.51
CA THR G 9 74.19 32.35 26.43
C THR G 9 73.75 33.31 27.52
N SER G 10 74.64 34.21 27.90
CA SER G 10 74.29 35.31 28.80
CA SER G 10 74.27 35.29 28.80
C SER G 10 73.39 36.30 28.04
N CYS G 11 72.45 36.91 28.74
CA CYS G 11 71.65 37.95 28.13
C CYS G 11 71.31 39.03 29.14
N SER G 12 70.94 40.20 28.65
CA SER G 12 70.39 41.23 29.52
C SER G 12 68.91 40.91 29.67
N ARG G 13 68.27 41.50 30.67
CA ARG G 13 66.83 41.38 30.83
C ARG G 13 66.15 41.93 29.58
N PRO G 14 65.24 41.15 28.99
CA PRO G 14 64.48 41.53 27.80
C PRO G 14 63.44 42.60 28.10
N ARG G 15 62.95 43.24 27.04
CA ARG G 15 61.91 44.26 27.16
C ARG G 15 60.53 43.62 27.30
N LEU G 16 59.81 43.96 28.36
CA LEU G 16 58.45 43.48 28.54
C LEU G 16 57.44 44.20 27.63
N ASN G 17 56.19 43.79 27.73
CA ASN G 17 55.13 44.30 26.84
C ASN G 17 54.41 45.56 27.36
N SER G 18 53.59 46.14 26.48
CA SER G 18 52.76 47.29 26.85
C SER G 18 51.79 46.87 27.94
N ASN G 19 51.92 47.50 29.11
CA ASN G 19 51.22 47.10 30.31
C ASN G 19 49.69 47.15 30.19
N LEU G 20 49.01 46.23 30.88
CA LEU G 20 47.55 46.25 30.97
C LEU G 20 47.11 47.54 31.65
N ASP G 21 47.79 47.88 32.74
CA ASP G 21 47.50 49.08 33.51
C ASP G 21 47.52 50.33 32.63
N ALA G 22 48.27 50.27 31.54
CA ALA G 22 48.36 51.40 30.61
C ALA G 22 47.59 51.17 29.30
N ASP G 23 47.49 49.90 28.87
CA ASP G 23 46.71 49.53 27.68
C ASP G 23 45.30 50.07 27.84
N LEU G 24 44.79 50.00 29.06
CA LEU G 24 43.56 50.69 29.40
C LEU G 24 43.85 51.92 30.26
N TYR G 25 43.26 53.05 29.88
CA TYR G 25 43.42 54.31 30.59
C TYR G 25 42.19 55.15 30.29
N GLY G 26 41.93 56.14 31.13
CA GLY G 26 40.91 57.16 30.88
C GLY G 26 39.59 56.71 30.28
N TYR G 27 39.19 55.47 30.57
CA TYR G 27 37.88 54.98 30.17
C TYR G 27 36.84 55.34 31.24
N ARG G 28 35.79 54.55 31.34
CA ARG G 28 34.72 54.79 32.31
C ARG G 28 34.19 53.43 32.71
N TRP G 29 34.09 53.18 34.02
CA TRP G 29 33.94 51.81 34.51
C TRP G 29 32.54 51.44 35.01
N ALA G 30 31.76 50.81 34.13
CA ALA G 30 30.46 50.30 34.50
C ALA G 30 30.59 48.84 34.95
N ARG G 31 29.55 48.29 35.56
CA ARG G 31 29.62 46.95 36.14
C ARG G 31 28.50 46.03 35.65
N ASP G 32 28.73 45.35 34.53
CA ASP G 32 27.70 44.49 33.93
C ASP G 32 27.45 43.20 34.72
N ASN G 33 26.29 42.59 34.46
CA ASN G 33 25.95 41.29 35.05
C ASN G 33 25.74 40.21 33.99
N GLY G 38 30.69 33.28 36.07
CA GLY G 38 30.49 34.17 37.20
C GLY G 38 31.63 35.16 37.35
N ALA G 39 32.21 35.53 36.23
CA ALA G 39 33.30 36.50 36.22
C ALA G 39 32.76 37.91 36.39
N THR G 40 33.50 38.75 37.10
CA THR G 40 33.14 40.14 37.22
C THR G 40 33.42 40.82 35.88
N ILE G 41 32.45 41.56 35.37
CA ILE G 41 32.62 42.21 34.09
C ILE G 41 32.53 43.73 34.21
N TYR G 42 33.47 44.41 33.56
CA TYR G 42 33.52 45.85 33.55
C TYR G 42 33.37 46.35 32.12
N ARG G 43 32.60 47.41 31.95
CA ARG G 43 32.44 48.04 30.66
C ARG G 43 33.38 49.23 30.64
N LEU G 44 34.33 49.23 29.72
CA LEU G 44 35.17 50.41 29.53
C LEU G 44 34.68 51.22 28.33
N TYR G 45 34.38 52.49 28.56
CA TYR G 45 33.89 53.36 27.50
C TYR G 45 34.12 54.84 27.86
N GLY G 46 33.48 55.74 27.12
CA GLY G 46 33.56 57.15 27.44
C GLY G 46 34.95 57.73 27.28
N LYS G 47 35.64 57.31 26.22
CA LYS G 47 36.94 57.85 25.86
C LYS G 47 36.95 58.13 24.36
N PRO G 48 37.24 59.39 23.98
CA PRO G 48 37.10 59.98 22.64
C PRO G 48 37.00 59.00 21.48
N ASN G 49 38.09 58.72 20.80
CA ASN G 49 38.01 57.91 19.59
C ASN G 49 38.20 56.41 19.86
N ALA G 50 38.39 56.06 21.12
CA ALA G 50 38.61 54.67 21.50
C ALA G 50 37.34 53.84 21.43
N PRO G 51 37.48 52.55 21.10
CA PRO G 51 36.34 51.63 21.08
C PRO G 51 35.95 51.21 22.48
N GLU G 52 34.70 50.79 22.64
CA GLU G 52 34.18 50.30 23.91
C GLU G 52 34.84 48.95 24.22
N LEU G 53 35.17 48.71 25.49
CA LEU G 53 35.84 47.48 25.88
C LEU G 53 35.15 46.75 27.02
N PHE G 54 35.35 45.44 27.07
CA PHE G 54 34.91 44.64 28.22
C PHE G 54 36.14 44.06 28.91
N LEU G 55 36.13 44.06 30.24
CA LEU G 55 37.16 43.38 31.00
C LEU G 55 36.51 42.32 31.90
N LYS G 56 36.90 41.06 31.69
CA LYS G 56 36.43 39.96 32.53
C LYS G 56 37.50 39.57 33.53
N HIS G 57 37.11 39.39 34.78
CA HIS G 57 37.99 38.85 35.81
C HIS G 57 37.40 37.58 36.39
N GLY G 58 38.12 36.46 36.25
CA GLY G 58 37.70 35.22 36.86
C GLY G 58 38.66 34.79 37.96
N LYS G 59 38.10 34.31 39.07
CA LYS G 59 38.90 33.79 40.17
C LYS G 59 38.56 32.33 40.36
N GLY G 60 39.51 31.56 40.90
CA GLY G 60 39.31 30.14 41.13
C GLY G 60 38.96 29.39 39.87
N SER G 61 37.93 28.55 39.93
CA SER G 61 37.52 27.78 38.76
C SER G 61 37.07 28.68 37.63
N VAL G 62 36.53 29.85 37.99
CA VAL G 62 36.08 30.82 36.99
C VAL G 62 37.28 31.31 36.14
N ALA G 63 38.46 31.36 36.73
CA ALA G 63 39.65 31.75 35.96
C ALA G 63 39.89 30.78 34.82
N ASN G 64 39.61 29.50 35.05
CA ASN G 64 39.73 28.50 34.00
C ASN G 64 38.72 28.76 32.89
N ASP G 65 37.51 29.14 33.28
CA ASP G 65 36.47 29.47 32.31
C ASP G 65 36.88 30.65 31.41
N VAL G 66 37.43 31.68 32.03
CA VAL G 66 37.89 32.85 31.26
C VAL G 66 39.04 32.47 30.35
N THR G 67 39.90 31.59 30.82
CA THR G 67 41.02 31.12 30.01
C THR G 67 40.51 30.34 28.80
N ASP G 68 39.49 29.51 29.03
CA ASP G 68 38.85 28.72 27.98
C ASP G 68 38.30 29.60 26.89
N GLU G 69 37.59 30.66 27.29
CA GLU G 69 37.04 31.57 26.32
C GLU G 69 38.15 32.26 25.54
N MSE G 70 39.19 32.71 26.23
CA MSE G 70 40.27 33.43 25.56
C MSE G 70 40.89 32.65 24.40
O MSE G 70 41.08 33.21 23.32
CB MSE G 70 41.36 33.90 26.54
CG MSE G 70 42.46 34.73 25.88
SE MSE G 70 43.91 33.66 25.04
CE MSE G 70 44.48 32.69 26.61
N VAL G 71 41.21 31.37 24.60
CA VAL G 71 41.86 30.63 23.52
C VAL G 71 40.92 30.29 22.39
N ARG G 72 39.63 30.21 22.70
CA ARG G 72 38.66 29.97 21.66
C ARG G 72 38.40 31.24 20.86
N LEU G 73 38.35 32.39 21.55
CA LEU G 73 38.33 33.67 20.84
C LEU G 73 39.52 33.81 19.93
N ASN G 74 40.69 33.43 20.44
CA ASN G 74 41.94 33.58 19.70
C ASN G 74 41.92 32.71 18.44
N TRP G 75 41.49 31.47 18.58
CA TRP G 75 41.43 30.54 17.46
C TRP G 75 40.35 30.89 16.44
N LEU G 76 39.13 31.09 16.91
CA LEU G 76 37.97 31.16 16.01
C LEU G 76 37.90 32.47 15.21
N THR G 77 38.56 33.50 15.70
CA THR G 77 38.45 34.81 15.06
C THR G 77 39.09 34.81 13.68
N ALA G 78 39.92 33.81 13.39
CA ALA G 78 40.48 33.64 12.06
C ALA G 78 39.38 33.33 11.05
N PHE G 79 38.27 32.78 11.54
CA PHE G 79 37.16 32.30 10.71
C PHE G 79 35.85 33.07 10.88
N MSE G 80 35.64 33.70 12.03
CA MSE G 80 34.35 34.37 12.33
C MSE G 80 34.54 35.76 12.92
O MSE G 80 35.58 36.07 13.49
CB MSE G 80 33.53 33.54 13.33
CG MSE G 80 33.09 32.18 12.83
SE MSE G 80 31.60 32.23 11.61
CE MSE G 80 32.45 31.46 10.09
N PRO G 81 33.50 36.62 12.80
CA PRO G 81 33.62 37.94 13.44
C PRO G 81 33.34 37.83 14.95
N LEU G 82 34.37 38.08 15.74
CA LEU G 82 34.32 37.90 17.19
C LEU G 82 34.93 39.12 17.85
N PRO G 83 34.74 39.26 19.17
CA PRO G 83 35.47 40.31 19.90
C PRO G 83 36.96 40.11 19.76
N THR G 84 37.71 41.19 19.66
CA THR G 84 39.17 41.09 19.56
C THR G 84 39.80 41.09 20.96
N ILE G 85 40.77 40.22 21.17
CA ILE G 85 41.52 40.22 22.42
C ILE G 85 42.56 41.35 22.45
N LYS G 86 42.41 42.29 23.37
CA LYS G 86 43.40 43.35 23.55
C LYS G 86 44.51 42.92 24.51
N HIS G 87 44.12 42.16 25.53
CA HIS G 87 45.05 41.81 26.60
C HIS G 87 44.49 40.64 27.39
N PHE G 88 45.35 39.71 27.80
CA PHE G 88 44.95 38.63 28.69
C PHE G 88 46.05 38.36 29.72
N ILE G 89 45.65 38.12 30.96
CA ILE G 89 46.59 37.81 32.04
C ILE G 89 46.11 36.59 32.79
N ARG G 90 47.02 35.64 33.03
CA ARG G 90 46.73 34.50 33.87
C ARG G 90 47.78 34.40 34.99
N THR G 91 47.30 34.36 36.23
CA THR G 91 48.13 34.07 37.38
C THR G 91 47.49 32.81 37.99
N PRO G 92 48.11 32.23 39.04
CA PRO G 92 47.57 30.93 39.46
C PRO G 92 46.09 30.89 39.86
N ASP G 93 45.57 31.96 40.45
CA ASP G 93 44.19 31.95 40.90
CA ASP G 93 44.20 32.00 40.96
C ASP G 93 43.31 32.98 40.19
N ASP G 94 43.89 33.74 39.26
CA ASP G 94 43.13 34.78 38.56
C ASP G 94 43.36 34.84 37.05
N ALA G 95 42.31 35.26 36.34
CA ALA G 95 42.39 35.50 34.91
C ALA G 95 41.70 36.81 34.56
N TRP G 96 42.34 37.59 33.69
CA TRP G 96 41.82 38.89 33.27
C TRP G 96 41.79 38.92 31.76
N LEU G 97 40.60 39.11 31.19
CA LEU G 97 40.44 39.14 29.75
C LEU G 97 39.82 40.46 29.31
N LEU G 98 40.56 41.20 28.50
CA LEU G 98 40.13 42.50 28.01
C LEU G 98 39.85 42.39 26.51
N THR G 99 38.62 42.67 26.11
CA THR G 99 38.20 42.48 24.72
C THR G 99 37.43 43.68 24.17
N THR G 100 37.35 43.78 22.85
CA THR G 100 36.57 44.83 22.22
C THR G 100 35.08 44.53 22.27
N ALA G 101 34.26 45.57 22.27
CA ALA G 101 32.81 45.41 22.22
C ALA G 101 32.37 45.31 20.78
N ILE G 102 31.33 44.52 20.54
CA ILE G 102 30.74 44.47 19.21
C ILE G 102 29.45 45.26 19.25
N PRO G 103 29.39 46.35 18.48
CA PRO G 103 28.22 47.23 18.45
C PRO G 103 27.04 46.53 17.77
N GLY G 104 25.85 46.73 18.30
CA GLY G 104 24.67 46.13 17.71
C GLY G 104 23.64 45.67 18.72
N LYS G 105 22.63 44.97 18.22
CA LYS G 105 21.57 44.41 19.05
C LYS G 105 21.61 42.91 18.89
N THR G 106 21.11 42.19 19.90
CA THR G 106 21.08 40.74 19.82
C THR G 106 20.00 40.30 18.85
N ALA G 107 20.09 39.07 18.37
CA ALA G 107 19.07 38.52 17.47
C ALA G 107 17.70 38.50 18.12
N PHE G 108 17.67 38.30 19.44
CA PHE G 108 16.41 38.40 20.19
C PHE G 108 15.84 39.81 20.07
N GLN G 109 16.67 40.83 20.29
CA GLN G 109 16.17 42.20 20.23
C GLN G 109 15.70 42.57 18.82
N VAL G 110 16.41 42.06 17.81
CA VAL G 110 16.05 42.34 16.41
C VAL G 110 14.76 41.66 15.99
N LEU G 111 14.57 40.44 16.48
CA LEU G 111 13.31 39.74 16.26
C LEU G 111 12.16 40.49 16.87
N GLU G 112 12.37 41.05 18.06
CA GLU G 112 11.30 41.77 18.75
C GLU G 112 10.98 43.08 18.06
N GLU G 113 12.00 43.72 17.50
CA GLU G 113 11.81 45.02 16.86
C GLU G 113 11.19 44.90 15.47
N TYR G 114 11.53 43.83 14.78
CA TYR G 114 11.06 43.59 13.41
C TYR G 114 10.32 42.25 13.30
N PRO G 115 9.22 42.10 14.06
CA PRO G 115 8.52 40.80 14.06
C PRO G 115 8.03 40.38 12.67
N ASP G 116 7.67 41.35 11.82
CA ASP G 116 7.23 41.06 10.45
C ASP G 116 8.38 40.57 9.57
N SER G 117 9.60 40.62 10.09
CA SER G 117 10.78 40.11 9.36
C SER G 117 11.30 38.82 9.96
N GLY G 118 10.47 38.14 10.75
CA GLY G 118 10.91 36.91 11.40
C GLY G 118 11.57 35.92 10.44
N GLU G 119 10.88 35.63 9.34
CA GLU G 119 11.38 34.67 8.36
C GLU G 119 12.72 35.09 7.76
N ASN G 120 12.85 36.36 7.41
CA ASN G 120 14.11 36.89 6.90
C ASN G 120 15.26 36.79 7.91
N ILE G 121 14.94 37.08 9.17
CA ILE G 121 15.94 37.00 10.23
C ILE G 121 16.41 35.55 10.44
N VAL G 122 15.48 34.61 10.48
CA VAL G 122 15.85 33.19 10.58
C VAL G 122 16.70 32.74 9.37
N ASP G 123 16.37 33.22 8.17
CA ASP G 123 17.20 32.92 6.99
C ASP G 123 18.64 33.37 7.22
N ALA G 124 18.81 34.54 7.80
CA ALA G 124 20.15 35.06 8.03
C ALA G 124 20.89 34.28 9.12
N LEU G 125 20.16 33.88 10.16
CA LEU G 125 20.72 33.04 11.22
C LEU G 125 21.21 31.70 10.66
N ALA G 126 20.43 31.11 9.76
CA ALA G 126 20.82 29.83 9.14
C ALA G 126 22.08 29.97 8.25
N VAL G 127 22.17 31.06 7.51
CA VAL G 127 23.35 31.31 6.68
C VAL G 127 24.60 31.45 7.56
N PHE G 128 24.46 32.19 8.65
CA PHE G 128 25.55 32.40 9.59
C PHE G 128 25.98 31.08 10.24
N LEU G 129 25.00 30.25 10.57
CA LEU G 129 25.31 28.97 11.18
C LEU G 129 25.97 28.02 10.18
N ARG G 130 25.52 28.08 8.92
CA ARG G 130 26.15 27.25 7.89
C ARG G 130 27.60 27.64 7.71
N ARG G 131 27.88 28.94 7.88
CA ARG G 131 29.25 29.43 7.75
C ARG G 131 30.16 28.82 8.83
N LEU G 132 29.71 28.88 10.07
CA LEU G 132 30.45 28.30 11.20
C LEU G 132 30.72 26.82 10.94
N HIS G 133 29.66 26.09 10.57
CA HIS G 133 29.73 24.66 10.33
C HIS G 133 30.47 24.26 9.05
N SER G 134 30.83 25.25 8.24
CA SER G 134 31.58 24.95 7.02
CA SER G 134 31.58 24.97 7.01
C SER G 134 33.09 25.02 7.24
N ILE G 135 33.50 25.49 8.42
CA ILE G 135 34.93 25.50 8.74
C ILE G 135 35.43 24.05 8.84
N PRO G 136 36.38 23.67 7.97
CA PRO G 136 36.85 22.28 8.01
C PRO G 136 37.35 21.89 9.41
N VAL G 137 36.93 20.72 9.89
CA VAL G 137 37.23 20.25 11.24
CA VAL G 137 37.24 20.34 11.27
C VAL G 137 38.75 20.12 11.49
N CYS G 138 39.48 19.94 10.41
CA CYS G 138 40.94 19.82 10.50
C CYS G 138 41.63 21.07 11.06
N ASN G 139 40.92 22.21 11.07
CA ASN G 139 41.42 23.45 11.62
C ASN G 139 41.27 23.61 13.13
N CYS G 140 40.40 22.80 13.72
CA CYS G 140 39.97 23.03 15.10
C CYS G 140 40.70 22.14 16.14
N PRO G 141 41.38 22.77 17.11
CA PRO G 141 42.15 22.03 18.13
C PRO G 141 41.35 21.74 19.41
N PHE G 142 40.06 22.02 19.39
CA PHE G 142 39.22 21.82 20.57
C PHE G 142 38.22 20.68 20.38
N ASN G 143 38.06 19.89 21.43
CA ASN G 143 37.10 18.81 21.45
C ASN G 143 35.92 19.17 22.36
N SER G 144 34.72 19.21 21.78
CA SER G 144 33.50 19.47 22.54
C SER G 144 32.44 18.39 22.32
N ASP G 145 32.89 17.15 22.09
CA ASP G 145 31.97 16.10 21.68
C ASP G 145 31.10 15.63 22.85
N ARG G 146 30.20 14.70 22.58
CA ARG G 146 29.17 14.38 23.56
C ARG G 146 29.75 13.62 24.74
N VAL G 147 30.81 12.84 24.50
CA VAL G 147 31.45 12.11 25.59
C VAL G 147 32.05 13.11 26.59
N PHE G 148 32.69 14.14 26.06
CA PHE G 148 33.24 15.25 26.85
C PHE G 148 32.15 16.04 27.59
N ARG G 149 31.07 16.38 26.89
CA ARG G 149 30.02 17.17 27.53
C ARG G 149 29.25 16.36 28.57
N LEU G 150 29.07 15.06 28.32
CA LEU G 150 28.28 14.24 29.24
C LEU G 150 28.99 14.09 30.60
N ALA G 151 30.32 14.00 30.55
CA ALA G 151 31.12 13.94 31.77
C ALA G 151 31.00 15.26 32.54
N GLN G 152 30.93 16.38 31.82
CA GLN G 152 30.72 17.66 32.47
C GLN G 152 29.34 17.70 33.09
N ALA G 153 28.35 17.23 32.34
CA ALA G 153 26.97 17.22 32.82
C ALA G 153 26.81 16.40 34.11
N GLN G 154 27.44 15.22 34.14
CA GLN G 154 27.38 14.35 35.31
C GLN G 154 27.94 15.05 36.56
N SER G 155 29.05 15.76 36.37
CA SER G 155 29.70 16.47 37.46
C SER G 155 28.84 17.62 38.01
N ARG G 156 28.23 18.38 37.11
CA ARG G 156 27.35 19.47 37.53
C ARG G 156 26.16 18.89 38.30
N MSE G 157 25.65 17.76 37.84
CA MSE G 157 24.53 17.11 38.51
C MSE G 157 24.99 16.62 39.89
O MSE G 157 24.29 16.83 40.89
CB MSE G 157 24.00 15.92 37.69
CG MSE G 157 23.08 14.97 38.48
SE MSE G 157 22.30 13.53 37.40
CE MSE G 157 23.91 12.45 37.11
N ASN G 158 26.16 16.01 39.94
CA ASN G 158 26.64 15.43 41.20
C ASN G 158 27.07 16.51 42.19
N ASN G 159 27.35 17.70 41.69
CA ASN G 159 27.75 18.81 42.54
C ASN G 159 26.62 19.77 42.84
N GLY G 160 25.42 19.42 42.38
CA GLY G 160 24.23 20.21 42.70
C GLY G 160 24.19 21.55 41.99
N LEU G 161 24.77 21.63 40.80
CA LEU G 161 24.88 22.89 40.09
C LEU G 161 23.81 23.08 39.00
N VAL G 162 23.03 22.04 38.74
CA VAL G 162 22.02 22.14 37.67
C VAL G 162 20.83 23.02 38.08
N ASP G 163 20.44 23.93 37.20
CA ASP G 163 19.32 24.84 37.46
C ASP G 163 18.01 24.14 37.10
N ALA G 164 17.43 23.45 38.08
CA ALA G 164 16.22 22.66 37.87
C ALA G 164 15.01 23.53 37.52
N SER G 165 15.07 24.80 37.85
CA SER G 165 13.96 25.72 37.62
C SER G 165 13.86 26.16 36.16
N ASP G 166 14.91 25.86 35.39
CA ASP G 166 15.07 26.43 34.05
C ASP G 166 14.98 25.36 32.96
N PHE G 167 14.43 24.20 33.29
CA PHE G 167 14.24 23.15 32.29
C PHE G 167 13.20 23.60 31.26
N ASP G 168 13.25 23.03 30.07
CA ASP G 168 12.21 23.27 29.05
C ASP G 168 10.87 22.78 29.53
N ASP G 169 9.78 23.29 28.92
CA ASP G 169 8.43 22.96 29.38
C ASP G 169 8.17 21.47 29.52
N GLU G 170 8.63 20.70 28.54
CA GLU G 170 8.34 19.27 28.51
C GLU G 170 9.05 18.52 29.64
N ARG G 171 9.99 19.18 30.32
CA ARG G 171 10.70 18.58 31.45
C ARG G 171 10.48 19.38 32.75
N ASN G 172 9.42 20.17 32.78
CA ASN G 172 9.21 21.09 33.89
C ASN G 172 8.99 20.35 35.21
N GLY G 173 9.80 20.66 36.21
CA GLY G 173 9.64 20.03 37.50
C GLY G 173 10.19 18.62 37.59
N TRP G 174 10.84 18.13 36.52
CA TRP G 174 11.48 16.82 36.59
C TRP G 174 12.67 16.87 37.50
N PRO G 175 12.93 15.78 38.23
CA PRO G 175 14.19 15.66 38.99
C PRO G 175 15.35 15.63 37.99
N VAL G 176 16.46 16.28 38.34
CA VAL G 176 17.66 16.24 37.48
C VAL G 176 18.03 14.81 37.07
N GLU G 177 17.92 13.88 38.03
CA GLU G 177 18.25 12.48 37.79
C GLU G 177 17.37 11.86 36.70
N GLN G 178 16.10 12.25 36.64
CA GLN G 178 15.22 11.75 35.58
C GLN G 178 15.63 12.25 34.18
N VAL G 179 16.04 13.51 34.08
CA VAL G 179 16.53 14.02 32.81
C VAL G 179 17.76 13.19 32.42
N TRP G 180 18.63 12.97 33.39
CA TRP G 180 19.85 12.21 33.14
C TRP G 180 19.57 10.80 32.62
N LYS G 181 18.61 10.10 33.23
CA LYS G 181 18.34 8.73 32.82
C LYS G 181 17.63 8.65 31.47
N GLU G 182 16.65 9.51 31.25
CA GLU G 182 15.88 9.45 30.02
C GLU G 182 16.72 9.87 28.81
N MSE G 183 17.63 10.82 29.02
CA MSE G 183 18.51 11.27 27.96
C MSE G 183 19.38 10.12 27.46
O MSE G 183 19.64 9.99 26.26
CB MSE G 183 19.40 12.42 28.46
CG MSE G 183 20.44 12.92 27.43
SE MSE G 183 21.49 14.40 28.14
CE MSE G 183 22.19 13.52 29.73
N HIS G 184 19.81 9.27 28.37
CA HIS G 184 20.66 8.15 27.98
C HIS G 184 19.96 7.09 27.11
N LYS G 185 18.63 7.06 27.13
CA LYS G 185 17.89 6.14 26.28
C LYS G 185 17.93 6.56 24.79
N LEU G 186 18.42 7.77 24.53
CA LEU G 186 18.51 8.28 23.18
C LEU G 186 19.84 7.87 22.54
N LEU G 187 20.72 7.28 23.34
CA LEU G 187 22.02 6.88 22.86
C LEU G 187 21.96 5.41 22.43
N PRO G 188 22.83 5.00 21.49
CA PRO G 188 23.83 5.85 20.83
C PRO G 188 23.31 6.45 19.53
N PHE G 189 24.08 7.39 18.97
CA PHE G 189 23.83 7.85 17.60
C PHE G 189 25.17 8.23 16.96
N SER G 190 25.23 8.14 15.63
CA SER G 190 26.43 8.49 14.89
C SER G 190 26.61 10.00 14.81
N PRO G 191 27.78 10.48 15.23
CA PRO G 191 28.05 11.92 15.20
C PRO G 191 28.20 12.46 13.77
N ASP G 192 27.66 13.65 13.55
CA ASP G 192 27.87 14.42 12.32
C ASP G 192 28.71 15.62 12.76
N SER G 193 30.03 15.44 12.76
CA SER G 193 30.90 16.36 13.50
C SER G 193 31.32 17.59 12.69
N VAL G 194 31.12 18.75 13.28
CA VAL G 194 31.52 20.02 12.68
C VAL G 194 32.09 20.92 13.77
N VAL G 195 32.66 22.06 13.39
CA VAL G 195 33.03 23.07 14.37
C VAL G 195 31.75 23.70 14.90
N THR G 196 31.54 23.62 16.21
CA THR G 196 30.35 24.17 16.84
C THR G 196 30.68 25.31 17.81
N HIS G 197 29.69 26.16 18.04
CA HIS G 197 29.79 27.28 18.98
C HIS G 197 29.56 26.83 20.42
N GLY G 198 28.51 26.03 20.64
CA GLY G 198 28.24 25.48 21.97
C GLY G 198 27.12 26.14 22.74
N ASP G 199 26.82 27.40 22.40
CA ASP G 199 25.68 28.10 23.00
C ASP G 199 25.11 29.08 21.96
N PHE G 200 24.62 28.52 20.86
CA PHE G 200 24.28 29.31 19.69
C PHE G 200 22.86 29.83 19.88
N SER G 201 22.72 30.77 20.81
CA SER G 201 21.40 31.26 21.19
C SER G 201 21.16 32.68 20.70
N LEU G 202 19.91 33.14 20.77
CA LEU G 202 19.54 34.45 20.25
C LEU G 202 20.26 35.60 20.97
N ASP G 203 20.64 35.38 22.24
CA ASP G 203 21.39 36.39 23.00
C ASP G 203 22.85 36.47 22.56
N ASN G 204 23.36 35.42 21.91
CA ASN G 204 24.79 35.38 21.56
C ASN G 204 25.12 35.73 20.11
N LEU G 205 24.13 36.22 19.37
CA LEU G 205 24.32 36.63 17.98
C LEU G 205 23.96 38.09 17.81
N ILE G 206 24.86 38.86 17.22
CA ILE G 206 24.72 40.31 17.19
C ILE G 206 24.47 40.81 15.77
N PHE G 207 23.42 41.63 15.61
CA PHE G 207 23.12 42.34 14.36
C PHE G 207 23.53 43.81 14.40
N ASP G 208 23.99 44.33 13.26
CA ASP G 208 24.22 45.77 13.10
C ASP G 208 23.95 46.11 11.63
N GLU G 209 23.24 47.20 11.41
CA GLU G 209 22.87 47.62 10.05
C GLU G 209 22.22 46.50 9.26
N GLY G 210 21.25 45.81 9.88
CA GLY G 210 20.51 44.75 9.23
C GLY G 210 21.29 43.49 8.91
N LYS G 211 22.50 43.37 9.45
CA LYS G 211 23.34 42.19 9.15
C LYS G 211 23.93 41.56 10.41
N LEU G 212 24.04 40.23 10.40
CA LEU G 212 24.74 39.51 11.46
C LEU G 212 26.22 39.80 11.34
N ILE G 213 26.77 40.44 12.37
CA ILE G 213 28.14 40.89 12.31
C ILE G 213 28.99 40.28 13.41
N GLY G 214 28.41 39.39 14.22
CA GLY G 214 29.22 38.76 15.24
C GLY G 214 28.53 37.77 16.14
N CYS G 215 29.34 36.96 16.80
CA CYS G 215 28.82 36.12 17.87
C CYS G 215 29.75 36.22 19.08
N ILE G 216 29.19 36.01 20.27
CA ILE G 216 29.93 36.15 21.50
C ILE G 216 29.76 34.89 22.34
N ASP G 217 30.44 34.82 23.47
CA ASP G 217 30.26 33.72 24.43
C ASP G 217 30.77 32.40 23.84
N VAL G 218 32.06 32.36 23.52
CA VAL G 218 32.61 31.24 22.76
C VAL G 218 33.35 30.16 23.56
N GLY G 219 33.15 30.13 24.87
CA GLY G 219 33.89 29.23 25.72
C GLY G 219 33.65 27.74 25.50
N ARG G 220 32.57 27.39 24.82
CA ARG G 220 32.30 25.97 24.57
C ARG G 220 32.61 25.56 23.13
N VAL G 221 33.28 26.43 22.40
CA VAL G 221 33.58 26.16 20.99
C VAL G 221 34.41 24.88 20.85
N GLY G 222 34.08 24.09 19.84
CA GLY G 222 34.86 22.89 19.54
C GLY G 222 34.08 21.95 18.63
N ILE G 223 34.74 20.87 18.25
CA ILE G 223 34.15 19.86 17.39
C ILE G 223 33.06 19.11 18.15
N ALA G 224 31.85 19.11 17.61
CA ALA G 224 30.73 18.41 18.22
C ALA G 224 29.71 18.12 17.12
N ASP G 225 28.60 17.48 17.47
CA ASP G 225 27.57 17.18 16.47
C ASP G 225 26.90 18.48 16.07
N ARG G 226 26.53 18.61 14.79
CA ARG G 226 25.93 19.86 14.32
C ARG G 226 24.64 20.19 15.09
N TYR G 227 23.98 19.17 15.61
CA TYR G 227 22.76 19.44 16.40
C TYR G 227 23.01 20.13 17.74
N GLN G 228 24.27 20.21 18.19
CA GLN G 228 24.56 20.97 19.40
C GLN G 228 24.17 22.43 19.19
N ASP G 229 24.43 22.96 18.00
CA ASP G 229 24.05 24.35 17.72
C ASP G 229 22.62 24.49 17.19
N LEU G 230 22.20 23.55 16.34
CA LEU G 230 20.84 23.63 15.80
C LEU G 230 19.81 23.56 16.93
N ALA G 231 20.02 22.65 17.87
CA ALA G 231 19.09 22.43 18.98
C ALA G 231 18.88 23.68 19.82
N ILE G 232 19.99 24.32 20.20
CA ILE G 232 19.89 25.46 21.08
C ILE G 232 19.17 26.62 20.38
N LEU G 233 19.51 26.87 19.12
CA LEU G 233 18.88 27.96 18.38
C LEU G 233 17.40 27.66 18.11
N TRP G 234 17.12 26.43 17.73
CA TRP G 234 15.73 25.94 17.54
C TRP G 234 14.88 26.17 18.80
N ASN G 235 15.47 25.85 19.96
CA ASN G 235 14.78 26.08 21.24
C ASN G 235 14.41 27.56 21.41
N CYS G 236 15.40 28.43 21.19
CA CYS G 236 15.19 29.88 21.31
C CYS G 236 14.08 30.37 20.38
N LEU G 237 14.03 29.82 19.18
CA LEU G 237 13.01 30.26 18.21
C LEU G 237 11.59 29.84 18.60
N GLY G 238 11.50 28.89 19.52
CA GLY G 238 10.22 28.51 20.12
C GLY G 238 9.47 29.66 20.76
N GLU G 239 10.16 30.68 21.24
CA GLU G 239 9.49 31.85 21.80
C GLU G 239 8.81 32.69 20.74
N PHE G 240 9.07 32.37 19.48
CA PHE G 240 8.53 33.12 18.37
C PHE G 240 7.47 32.33 17.61
N SER G 241 7.82 31.19 17.00
CA SER G 241 6.80 30.33 16.40
C SER G 241 7.37 28.99 15.96
N PRO G 242 6.50 27.96 15.86
CA PRO G 242 6.95 26.65 15.33
C PRO G 242 7.31 26.72 13.85
N SER G 243 6.72 27.67 13.13
CA SER G 243 7.06 27.85 11.72
C SER G 243 8.50 28.35 11.60
N LEU G 244 8.89 29.28 12.46
CA LEU G 244 10.26 29.78 12.44
C LEU G 244 11.25 28.68 12.87
N GLN G 245 10.85 27.85 13.82
CA GLN G 245 11.68 26.71 14.24
C GLN G 245 11.91 25.75 13.07
N LYS G 246 10.83 25.41 12.37
CA LYS G 246 10.94 24.57 11.19
C LYS G 246 11.81 25.21 10.10
N ARG G 247 11.67 26.51 9.93
CA ARG G 247 12.40 27.25 8.90
C ARG G 247 13.92 27.23 9.10
N LEU G 248 14.36 27.22 10.36
CA LEU G 248 15.78 27.15 10.64
C LEU G 248 16.36 25.89 10.00
N PHE G 249 15.76 24.74 10.26
CA PHE G 249 16.25 23.49 9.66
C PHE G 249 16.18 23.52 8.15
N GLN G 250 15.08 24.03 7.62
CA GLN G 250 14.89 24.05 6.17
C GLN G 250 15.97 24.88 5.48
N LYS G 251 16.26 26.06 6.02
CA LYS G 251 17.22 26.97 5.40
C LYS G 251 18.66 26.52 5.62
N TYR G 252 18.89 25.90 6.77
CA TYR G 252 20.19 25.32 7.07
C TYR G 252 20.45 24.19 6.10
N GLY G 253 19.39 23.54 5.66
CA GLY G 253 19.50 22.53 4.61
C GLY G 253 19.19 21.12 5.09
N ILE G 254 18.42 21.00 6.16
CA ILE G 254 18.00 19.67 6.62
C ILE G 254 16.50 19.48 6.37
N ASP G 255 16.17 18.61 5.43
CA ASP G 255 14.78 18.36 5.07
C ASP G 255 14.04 17.50 6.11
N ASN G 256 14.71 16.46 6.60
CA ASN G 256 14.13 15.59 7.62
C ASN G 256 14.92 15.66 8.91
N PRO G 257 14.57 16.63 9.77
CA PRO G 257 15.35 16.82 11.00
C PRO G 257 15.31 15.60 11.92
N ASP G 258 16.45 15.30 12.53
CA ASP G 258 16.60 14.11 13.35
C ASP G 258 16.07 14.42 14.73
N MSE G 259 14.86 13.95 15.03
CA MSE G 259 14.22 14.26 16.30
C MSE G 259 14.97 13.66 17.49
O MSE G 259 14.93 14.22 18.58
CB MSE G 259 12.78 13.77 16.29
CG MSE G 259 11.96 14.44 15.20
SE MSE G 259 11.79 16.33 15.57
CE MSE G 259 12.99 17.07 14.29
N ASN G 260 15.64 12.54 17.30
CA ASN G 260 16.43 11.94 18.37
C ASN G 260 17.63 12.82 18.75
N LYS G 261 18.38 13.25 17.75
CA LYS G 261 19.54 14.11 18.01
C LYS G 261 19.10 15.45 18.57
N LEU G 262 17.96 15.95 18.10
CA LEU G 262 17.42 17.22 18.60
C LEU G 262 17.12 17.11 20.09
N GLN G 263 16.33 16.09 20.44
CA GLN G 263 15.93 15.89 21.82
C GLN G 263 17.17 15.65 22.69
N PHE G 264 18.09 14.82 22.22
CA PHE G 264 19.31 14.60 22.99
C PHE G 264 20.05 15.89 23.32
N HIS G 265 20.26 16.74 22.32
CA HIS G 265 20.98 17.99 22.60
C HIS G 265 20.21 19.01 23.44
N LEU G 266 18.88 19.02 23.30
CA LEU G 266 18.05 19.86 24.17
C LEU G 266 18.18 19.38 25.62
N MSE G 267 18.13 18.07 25.82
CA MSE G 267 18.27 17.51 27.16
C MSE G 267 19.66 17.76 27.76
O MSE G 267 19.76 18.14 28.93
CB MSE G 267 17.93 16.02 27.14
CG MSE G 267 16.46 15.80 26.83
SE MSE G 267 16.01 13.93 26.84
CE MSE G 267 15.58 13.70 28.72
N LEU G 268 20.70 17.59 26.97
CA LEU G 268 22.05 17.88 27.43
C LEU G 268 22.23 19.32 27.93
N ASP G 269 21.67 20.28 27.21
CA ASP G 269 21.77 21.68 27.61
C ASP G 269 21.07 21.98 28.94
N GLU G 270 20.15 21.11 29.35
CA GLU G 270 19.51 21.25 30.67
C GLU G 270 20.53 21.29 31.80
N PHE G 271 21.68 20.65 31.59
CA PHE G 271 22.67 20.50 32.66
C PHE G 271 23.59 21.70 32.81
N PHE G 272 23.51 22.65 31.88
CA PHE G 272 24.48 23.73 31.84
C PHE G 272 23.90 25.12 32.11
N SER H 18 49.81 41.21 40.61
CA SER H 18 50.43 42.37 39.98
C SER H 18 51.23 42.00 38.73
N ASN H 19 52.42 42.56 38.61
CA ASN H 19 53.17 42.55 37.35
C ASN H 19 54.14 41.38 37.20
N LEU H 20 54.62 41.17 35.97
CA LEU H 20 55.72 40.24 35.71
C LEU H 20 56.97 40.68 36.45
N ASP H 21 57.11 41.98 36.67
CA ASP H 21 58.27 42.54 37.35
C ASP H 21 58.50 41.90 38.72
N ALA H 22 57.44 41.87 39.52
CA ALA H 22 57.52 41.36 40.88
C ALA H 22 57.95 39.91 40.85
N ASP H 23 57.47 39.20 39.84
CA ASP H 23 57.76 37.78 39.73
C ASP H 23 59.22 37.56 39.34
N LEU H 24 59.88 38.58 38.81
CA LEU H 24 61.21 38.35 38.25
C LEU H 24 62.33 38.99 39.06
N TYR H 25 61.97 39.74 40.10
CA TYR H 25 62.95 40.38 40.98
C TYR H 25 63.95 39.37 41.55
N GLY H 26 65.22 39.77 41.58
CA GLY H 26 66.27 38.95 42.19
C GLY H 26 66.83 37.79 41.39
N TYR H 27 66.30 37.54 40.19
CA TYR H 27 66.79 36.44 39.35
C TYR H 27 67.92 36.86 38.42
N ARG H 28 68.83 35.92 38.12
CA ARG H 28 69.82 36.10 37.04
C ARG H 28 69.24 35.55 35.74
N TRP H 29 69.65 36.10 34.60
CA TRP H 29 69.04 35.72 33.32
C TRP H 29 69.99 34.98 32.39
N ALA H 30 69.48 34.00 31.67
CA ALA H 30 70.23 33.41 30.57
C ALA H 30 69.29 33.02 29.45
N ARG H 31 69.83 32.87 28.25
CA ARG H 31 69.03 32.48 27.10
C ARG H 31 69.39 31.07 26.67
N ASP H 32 68.39 30.24 26.43
CA ASP H 32 68.61 28.85 26.04
C ASP H 32 68.14 28.49 24.64
N ASN H 33 69.05 27.93 23.85
CA ASN H 33 68.70 27.26 22.61
C ASN H 33 68.69 25.74 22.85
N VAL H 34 67.49 25.18 22.97
CA VAL H 34 67.31 23.73 23.11
C VAL H 34 66.75 23.10 21.82
N GLY H 35 66.98 23.75 20.69
CA GLY H 35 66.52 23.26 19.41
C GLY H 35 65.02 23.44 19.25
N GLN H 36 64.44 24.38 19.98
CA GLN H 36 62.99 24.58 19.96
C GLN H 36 62.49 25.17 18.63
N SER H 37 61.23 24.92 18.35
CA SER H 37 60.62 25.34 17.09
C SER H 37 60.69 26.85 16.85
N GLY H 38 60.29 27.65 17.85
CA GLY H 38 60.14 29.08 17.62
C GLY H 38 60.28 30.04 18.79
N ALA H 39 59.90 29.63 19.99
CA ALA H 39 59.90 30.54 21.12
C ALA H 39 61.29 30.89 21.62
N THR H 40 61.45 32.12 22.11
CA THR H 40 62.65 32.47 22.84
C THR H 40 62.50 31.99 24.27
N ILE H 41 63.53 31.30 24.79
CA ILE H 41 63.48 30.70 26.12
C ILE H 41 64.53 31.31 27.06
N TYR H 42 64.05 31.89 28.15
CA TYR H 42 64.94 32.39 29.19
C TYR H 42 64.93 31.49 30.40
N ARG H 43 66.11 31.25 30.98
CA ARG H 43 66.25 30.58 32.26
C ARG H 43 66.51 31.66 33.33
N LEU H 44 65.74 31.60 34.42
CA LEU H 44 65.87 32.57 35.50
C LEU H 44 66.37 31.81 36.71
N TYR H 45 67.52 32.22 37.25
CA TYR H 45 68.17 31.38 38.25
C TYR H 45 68.94 32.19 39.28
N GLY H 46 69.42 31.53 40.33
CA GLY H 46 70.32 32.19 41.26
C GLY H 46 69.63 33.05 42.30
N LYS H 47 68.33 32.90 42.48
CA LYS H 47 67.62 33.65 43.52
C LYS H 47 67.50 32.83 44.81
N PRO H 48 67.93 33.41 45.94
CA PRO H 48 67.85 32.72 47.22
C PRO H 48 66.40 32.44 47.64
N ASN H 49 66.16 31.30 48.28
CA ASN H 49 64.83 30.89 48.74
C ASN H 49 63.79 30.87 47.64
N ALA H 50 64.22 30.65 46.40
CA ALA H 50 63.30 30.73 45.26
C ALA H 50 63.64 29.72 44.17
N PRO H 51 62.61 29.15 43.53
CA PRO H 51 62.92 28.11 42.54
C PRO H 51 63.41 28.72 41.24
N GLU H 52 64.17 27.95 40.48
CA GLU H 52 64.52 28.33 39.11
C GLU H 52 63.26 28.42 38.26
N LEU H 53 63.19 29.42 37.39
CA LEU H 53 62.02 29.59 36.50
C LEU H 53 62.44 29.53 35.03
N PHE H 54 61.45 29.34 34.15
CA PHE H 54 61.66 29.50 32.72
C PHE H 54 60.64 30.46 32.16
N LEU H 55 61.06 31.26 31.19
CA LEU H 55 60.18 32.25 30.57
C LEU H 55 60.20 32.03 29.07
N LYS H 56 59.07 31.63 28.49
CA LYS H 56 58.97 31.58 27.02
C LYS H 56 58.34 32.85 26.46
N HIS H 57 58.90 33.36 25.36
CA HIS H 57 58.31 34.52 24.69
C HIS H 57 58.09 34.14 23.23
N GLY H 58 56.86 34.24 22.76
CA GLY H 58 56.58 34.01 21.34
C GLY H 58 56.01 35.25 20.69
N LYS H 59 56.48 35.59 19.48
CA LYS H 59 55.90 36.67 18.68
C LYS H 59 55.18 36.11 17.46
N GLY H 60 54.25 36.87 16.91
CA GLY H 60 53.53 36.46 15.71
C GLY H 60 52.85 35.12 15.93
N SER H 61 53.00 34.22 14.97
CA SER H 61 52.38 32.90 15.05
C SER H 61 52.91 32.11 16.24
N VAL H 62 54.17 32.35 16.61
CA VAL H 62 54.75 31.69 17.78
C VAL H 62 54.03 32.12 19.08
N ALA H 63 53.42 33.29 19.10
CA ALA H 63 52.59 33.69 20.24
C ALA H 63 51.47 32.67 20.46
N ASN H 64 50.88 32.21 19.37
CA ASN H 64 49.86 31.18 19.46
C ASN H 64 50.38 29.84 20.01
N ASP H 65 51.58 29.44 19.61
CA ASP H 65 52.19 28.22 20.14
C ASP H 65 52.42 28.30 21.65
N VAL H 66 52.84 29.47 22.13
CA VAL H 66 53.08 29.67 23.56
C VAL H 66 51.74 29.66 24.32
N THR H 67 50.73 30.24 23.70
CA THR H 67 49.37 30.22 24.26
C THR H 67 48.86 28.79 24.34
N ASP H 68 49.10 28.02 23.27
CA ASP H 68 48.70 26.63 23.23
C ASP H 68 49.32 25.86 24.39
N GLU H 69 50.61 26.10 24.67
CA GLU H 69 51.22 25.37 25.77
C GLU H 69 50.64 25.76 27.11
N MSE H 70 50.41 27.06 27.30
CA MSE H 70 49.81 27.53 28.55
C MSE H 70 48.51 26.79 28.93
O MSE H 70 48.37 26.32 30.06
CB MSE H 70 49.55 29.05 28.49
CG MSE H 70 49.07 29.65 29.83
SE MSE H 70 47.12 29.59 30.03
CE MSE H 70 46.67 30.56 28.42
N VAL H 71 47.57 26.69 28.00
CA VAL H 71 46.25 26.14 28.35
CA VAL H 71 46.25 26.16 28.34
C VAL H 71 46.31 24.64 28.59
N ARG H 72 47.22 23.98 27.89
CA ARG H 72 47.42 22.55 28.05
C ARG H 72 48.14 22.26 29.38
N LEU H 73 49.08 23.13 29.77
CA LEU H 73 49.70 23.03 31.10
C LEU H 73 48.65 23.13 32.17
N ASN H 74 47.81 24.16 32.05
CA ASN H 74 46.74 24.42 32.99
C ASN H 74 45.79 23.23 33.12
N TRP H 75 45.46 22.61 31.99
CA TRP H 75 44.53 21.48 32.02
C TRP H 75 45.18 20.18 32.52
N LEU H 76 46.32 19.82 31.95
CA LEU H 76 46.93 18.51 32.19
C LEU H 76 47.52 18.36 33.61
N THR H 77 47.80 19.48 34.26
CA THR H 77 48.47 19.44 35.56
C THR H 77 47.57 18.82 36.62
N ALA H 78 46.27 18.75 36.34
CA ALA H 78 45.36 18.08 37.25
C ALA H 78 45.61 16.58 37.25
N PHE H 79 46.33 16.10 36.24
CA PHE H 79 46.48 14.65 36.03
C PHE H 79 47.92 14.15 36.05
N MSE H 80 48.86 15.05 35.79
CA MSE H 80 50.27 14.67 35.55
C MSE H 80 51.20 15.70 36.18
O MSE H 80 50.81 16.85 36.36
CB MSE H 80 50.56 14.56 34.05
CG MSE H 80 49.75 13.48 33.32
SE MSE H 80 50.14 11.67 33.92
CE MSE H 80 51.82 11.40 32.97
N PRO H 81 52.44 15.30 36.49
CA PRO H 81 53.42 16.22 37.08
C PRO H 81 54.04 17.10 36.02
N LEU H 82 53.76 18.39 36.07
CA LEU H 82 54.19 19.34 35.05
C LEU H 82 54.74 20.60 35.71
N PRO H 83 55.42 21.46 34.93
CA PRO H 83 55.80 22.77 35.47
C PRO H 83 54.55 23.57 35.82
N THR H 84 54.63 24.33 36.90
CA THR H 84 53.51 25.18 37.35
C THR H 84 53.56 26.55 36.68
N ILE H 85 52.42 27.05 36.23
CA ILE H 85 52.34 28.39 35.64
C ILE H 85 52.40 29.46 36.72
N LYS H 86 53.38 30.34 36.62
CA LYS H 86 53.50 31.41 37.57
C LYS H 86 52.79 32.65 37.04
N HIS H 87 52.87 32.85 35.72
CA HIS H 87 52.32 34.07 35.12
C HIS H 87 52.25 33.91 33.59
N PHE H 88 51.17 34.40 32.99
CA PHE H 88 51.06 34.36 31.53
C PHE H 88 50.46 35.67 31.05
N ILE H 89 51.02 36.20 29.97
CA ILE H 89 50.51 37.45 29.40
C ILE H 89 50.34 37.25 27.90
N ARG H 90 49.22 37.74 27.38
CA ARG H 90 48.96 37.69 25.95
C ARG H 90 48.51 39.06 25.44
N THR H 91 49.22 39.58 24.44
CA THR H 91 48.76 40.75 23.68
C THR H 91 48.60 40.30 22.22
N PRO H 92 48.04 41.15 21.34
CA PRO H 92 47.79 40.64 19.98
C PRO H 92 48.97 39.99 19.27
N ASP H 93 50.20 40.46 19.50
CA ASP H 93 51.35 39.97 18.77
CA ASP H 93 51.35 39.96 18.78
C ASP H 93 52.35 39.24 19.67
N ASP H 94 52.09 39.19 20.97
CA ASP H 94 53.07 38.61 21.89
C ASP H 94 52.46 37.72 22.98
N ALA H 95 53.19 36.68 23.36
CA ALA H 95 52.79 35.83 24.47
C ALA H 95 54.01 35.55 25.34
N TRP H 96 53.83 35.68 26.65
CA TRP H 96 54.89 35.42 27.63
C TRP H 96 54.38 34.39 28.63
N LEU H 97 55.16 33.34 28.89
CA LEU H 97 54.74 32.26 29.76
C LEU H 97 55.85 31.92 30.76
N LEU H 98 55.58 32.20 32.03
CA LEU H 98 56.56 32.02 33.09
C LEU H 98 56.16 30.79 33.89
N THR H 99 57.03 29.78 33.92
CA THR H 99 56.73 28.54 34.65
C THR H 99 57.84 28.21 35.65
N THR H 100 57.53 27.42 36.67
CA THR H 100 58.59 26.95 37.57
CA THR H 100 58.56 26.94 37.58
C THR H 100 59.30 25.77 36.91
N ALA H 101 60.61 25.69 37.11
CA ALA H 101 61.39 24.57 36.58
C ALA H 101 61.11 23.26 37.30
N ILE H 102 61.17 22.17 36.56
CA ILE H 102 61.22 20.84 37.17
C ILE H 102 62.70 20.53 37.31
N PRO H 103 63.15 20.20 38.52
CA PRO H 103 64.58 19.91 38.73
C PRO H 103 65.02 18.62 38.05
N GLY H 104 66.28 18.55 37.63
CA GLY H 104 66.80 17.32 37.06
C GLY H 104 67.41 17.45 35.69
N LYS H 105 67.59 16.29 35.04
CA LYS H 105 68.19 16.21 33.71
C LYS H 105 67.23 15.50 32.78
N THR H 106 67.39 15.67 31.47
CA THR H 106 66.48 14.98 30.54
C THR H 106 66.79 13.50 30.52
N ALA H 107 65.83 12.71 30.03
CA ALA H 107 66.03 11.28 29.80
C ALA H 107 67.24 11.04 28.91
N PHE H 108 67.42 11.87 27.88
CA PHE H 108 68.61 11.71 27.04
C PHE H 108 69.89 11.85 27.84
N GLN H 109 69.95 12.90 28.65
CA GLN H 109 71.15 13.15 29.46
C GLN H 109 71.48 11.96 30.36
N VAL H 110 70.48 11.41 31.03
CA VAL H 110 70.72 10.33 31.98
C VAL H 110 71.08 9.02 31.28
N LEU H 111 70.46 8.74 30.14
CA LEU H 111 70.84 7.57 29.35
C LEU H 111 72.29 7.65 28.90
N GLU H 112 72.71 8.85 28.51
CA GLU H 112 74.08 9.09 28.11
C GLU H 112 75.06 8.96 29.27
N GLU H 113 74.68 9.47 30.42
CA GLU H 113 75.55 9.47 31.59
C GLU H 113 75.61 8.10 32.26
N TYR H 114 74.51 7.36 32.22
CA TYR H 114 74.45 6.08 32.92
C TYR H 114 73.88 4.98 32.05
N PRO H 115 74.71 4.43 31.12
CA PRO H 115 74.27 3.34 30.25
C PRO H 115 73.72 2.13 31.00
N ASP H 116 74.32 1.79 32.13
CA ASP H 116 73.86 0.62 32.89
C ASP H 116 72.44 0.78 33.41
N SER H 117 71.90 2.00 33.32
CA SER H 117 70.53 2.26 33.77
C SER H 117 69.55 2.35 32.63
N GLY H 118 70.00 2.03 31.42
CA GLY H 118 69.14 2.15 30.26
C GLY H 118 67.83 1.41 30.41
N GLU H 119 67.91 0.17 30.87
CA GLU H 119 66.71 -0.66 31.01
C GLU H 119 65.73 -0.07 32.02
N ASN H 120 66.24 0.39 33.16
CA ASN H 120 65.37 1.06 34.14
C ASN H 120 64.77 2.36 33.60
N ILE H 121 65.56 3.10 32.84
CA ILE H 121 65.07 4.36 32.29
C ILE H 121 63.93 4.11 31.31
N VAL H 122 64.11 3.14 30.42
CA VAL H 122 63.09 2.84 29.42
C VAL H 122 61.83 2.30 30.08
N ASP H 123 62.01 1.45 31.10
CA ASP H 123 60.83 0.99 31.86
C ASP H 123 60.05 2.14 32.47
N ALA H 124 60.76 3.11 33.06
CA ALA H 124 60.09 4.25 33.66
C ALA H 124 59.34 5.08 32.62
N LEU H 125 59.97 5.25 31.45
CA LEU H 125 59.35 6.01 30.37
C LEU H 125 58.07 5.34 29.90
N ALA H 126 58.09 4.01 29.80
CA ALA H 126 56.91 3.27 29.33
C ALA H 126 55.77 3.33 30.33
N VAL H 127 56.10 3.19 31.62
CA VAL H 127 55.10 3.26 32.69
C VAL H 127 54.48 4.65 32.73
N PHE H 128 55.31 5.67 32.61
CA PHE H 128 54.85 7.06 32.58
C PHE H 128 53.95 7.32 31.37
N LEU H 129 54.32 6.78 30.22
CA LEU H 129 53.50 6.94 29.02
C LEU H 129 52.15 6.25 29.16
N ARG H 130 52.11 5.04 29.71
CA ARG H 130 50.83 4.38 30.02
C ARG H 130 49.97 5.23 30.94
N ARG H 131 50.61 5.90 31.89
CA ARG H 131 49.87 6.75 32.83
C ARG H 131 49.18 7.91 32.09
N LEU H 132 49.92 8.57 31.21
CA LEU H 132 49.34 9.64 30.41
C LEU H 132 48.18 9.10 29.55
N HIS H 133 48.43 7.98 28.87
CA HIS H 133 47.42 7.40 27.98
C HIS H 133 46.20 6.85 28.69
N SER H 134 46.31 6.65 30.00
CA SER H 134 45.22 6.13 30.82
CA SER H 134 45.19 6.12 30.76
C SER H 134 44.20 7.21 31.20
N ILE H 135 44.55 8.47 30.97
CA ILE H 135 43.61 9.53 31.29
C ILE H 135 42.37 9.39 30.40
N PRO H 136 41.19 9.22 31.00
CA PRO H 136 39.99 8.97 30.17
C PRO H 136 39.75 10.13 29.20
N VAL H 137 39.45 9.85 27.94
CA VAL H 137 39.41 10.91 26.93
C VAL H 137 38.29 11.91 27.19
N CYS H 138 37.30 11.52 28.00
CA CYS H 138 36.18 12.41 28.31
C CYS H 138 36.63 13.66 29.10
N ASN H 139 37.82 13.59 29.70
CA ASN H 139 38.37 14.74 30.43
C ASN H 139 39.04 15.79 29.52
N CYS H 140 39.37 15.42 28.28
CA CYS H 140 40.29 16.22 27.47
C CYS H 140 39.62 17.12 26.43
N PRO H 141 39.81 18.46 26.55
CA PRO H 141 39.12 19.37 25.63
C PRO H 141 39.93 19.65 24.37
N PHE H 142 41.02 18.92 24.16
CA PHE H 142 41.92 19.25 23.05
C PHE H 142 41.96 18.16 21.99
N ASN H 143 41.88 18.58 20.74
CA ASN H 143 42.00 17.68 19.60
C ASN H 143 43.36 17.80 18.96
N SER H 144 44.11 16.69 18.94
CA SER H 144 45.39 16.65 18.24
C SER H 144 45.47 15.51 17.22
N ASP H 145 44.34 15.13 16.62
CA ASP H 145 44.31 13.89 15.82
C ASP H 145 45.04 14.03 14.49
N ARG H 146 45.10 12.96 13.71
CA ARG H 146 45.93 13.00 12.51
C ARG H 146 45.42 13.98 11.47
N VAL H 147 44.10 14.14 11.40
CA VAL H 147 43.51 15.05 10.44
C VAL H 147 43.97 16.46 10.73
N PHE H 148 44.01 16.80 12.01
CA PHE H 148 44.41 18.11 12.47
C PHE H 148 45.89 18.34 12.19
N ARG H 149 46.71 17.37 12.60
CA ARG H 149 48.16 17.50 12.41
C ARG H 149 48.57 17.53 10.92
N LEU H 150 47.89 16.75 10.09
CA LEU H 150 48.19 16.69 8.66
C LEU H 150 47.93 18.03 7.99
N ALA H 151 46.86 18.70 8.39
CA ALA H 151 46.59 20.04 7.91
C ALA H 151 47.70 20.99 8.36
N GLN H 152 48.14 20.84 9.60
CA GLN H 152 49.27 21.63 10.09
C GLN H 152 50.50 21.35 9.23
N ALA H 153 50.73 20.07 8.95
CA ALA H 153 51.89 19.65 8.18
C ALA H 153 51.87 20.16 6.74
N GLN H 154 50.74 19.99 6.05
CA GLN H 154 50.59 20.46 4.68
C GLN H 154 50.87 21.95 4.61
N SER H 155 50.40 22.67 5.63
CA SER H 155 50.59 24.11 5.72
C SER H 155 52.08 24.45 5.80
N ARG H 156 52.78 23.78 6.71
CA ARG H 156 54.20 24.00 6.91
C ARG H 156 55.01 23.64 5.68
N MSE H 157 54.53 22.69 4.89
CA MSE H 157 55.22 22.28 3.68
C MSE H 157 55.09 23.37 2.63
O MSE H 157 56.05 23.70 1.93
CB MSE H 157 54.65 20.99 3.11
CG MSE H 157 55.18 20.64 1.75
SE MSE H 157 54.57 18.91 1.12
CE MSE H 157 52.66 19.27 1.17
N ASN H 158 53.90 23.92 2.53
CA ASN H 158 53.64 24.88 1.46
C ASN H 158 53.96 26.32 1.86
N ASN H 159 54.41 26.50 3.09
CA ASN H 159 55.01 27.76 3.52
C ASN H 159 56.51 27.58 3.73
N GLY H 160 57.08 26.55 3.11
CA GLY H 160 58.51 26.32 3.08
C GLY H 160 59.21 26.20 4.43
N LEU H 161 58.48 25.77 5.44
CA LEU H 161 59.00 25.78 6.82
C LEU H 161 59.50 24.43 7.31
N VAL H 162 59.43 23.41 6.46
CA VAL H 162 59.85 22.09 6.88
C VAL H 162 61.37 22.00 6.84
N ASP H 163 61.97 21.57 7.95
CA ASP H 163 63.42 21.44 8.04
C ASP H 163 63.87 20.11 7.44
N ALA H 164 64.08 20.12 6.12
CA ALA H 164 64.42 18.89 5.39
C ALA H 164 65.77 18.29 5.80
N SER H 165 66.63 19.10 6.42
CA SER H 165 67.95 18.64 6.82
C SER H 165 67.88 17.82 8.11
N ASP H 166 66.70 17.79 8.72
CA ASP H 166 66.53 17.15 10.01
C ASP H 166 65.70 15.86 9.88
N PHE H 167 65.54 15.38 8.66
CA PHE H 167 64.82 14.12 8.45
C PHE H 167 65.59 12.95 9.05
N ASP H 168 64.87 11.89 9.42
CA ASP H 168 65.51 10.66 9.86
C ASP H 168 66.35 10.09 8.73
N ASP H 169 67.31 9.24 9.08
CA ASP H 169 68.26 8.69 8.11
C ASP H 169 67.54 8.03 6.91
N GLU H 170 66.43 7.34 7.17
CA GLU H 170 65.73 6.59 6.14
C GLU H 170 65.16 7.49 5.06
N ARG H 171 65.05 8.77 5.37
CA ARG H 171 64.53 9.75 4.42
C ARG H 171 65.54 10.86 4.22
N ASN H 172 66.81 10.57 4.50
CA ASN H 172 67.85 11.57 4.34
C ASN H 172 67.97 12.00 2.88
N GLY H 173 68.00 13.31 2.67
CA GLY H 173 68.13 13.85 1.33
C GLY H 173 66.83 13.94 0.56
N TRP H 174 65.74 13.39 1.10
CA TRP H 174 64.46 13.44 0.42
C TRP H 174 63.90 14.86 0.32
N PRO H 175 63.29 15.21 -0.83
CA PRO H 175 62.56 16.48 -0.91
C PRO H 175 61.29 16.35 -0.07
N VAL H 176 60.78 17.47 0.46
CA VAL H 176 59.60 17.41 1.32
C VAL H 176 58.40 16.76 0.63
N GLU H 177 58.24 17.05 -0.66
CA GLU H 177 57.14 16.48 -1.44
C GLU H 177 57.14 14.95 -1.46
N GLN H 178 58.32 14.34 -1.51
CA GLN H 178 58.39 12.88 -1.51
C GLN H 178 57.89 12.30 -0.19
N VAL H 179 58.30 12.92 0.91
CA VAL H 179 57.84 12.49 2.23
C VAL H 179 56.34 12.67 2.33
N TRP H 180 55.83 13.79 1.83
CA TRP H 180 54.40 14.06 1.82
C TRP H 180 53.67 12.96 1.04
N LYS H 181 54.14 12.69 -0.17
CA LYS H 181 53.51 11.71 -1.04
C LYS H 181 53.56 10.30 -0.47
N GLU H 182 54.72 9.86 0.00
CA GLU H 182 54.84 8.48 0.45
C GLU H 182 54.06 8.24 1.72
N MSE H 183 53.99 9.27 2.56
CA MSE H 183 53.27 9.17 3.82
C MSE H 183 51.80 8.84 3.60
O MSE H 183 51.19 8.13 4.41
CB MSE H 183 53.42 10.47 4.63
CG MSE H 183 52.65 10.47 5.92
SE MSE H 183 52.99 12.07 6.98
CE MSE H 183 52.25 13.37 5.77
N HIS H 184 51.23 9.33 2.50
CA HIS H 184 49.82 9.15 2.24
C HIS H 184 49.44 7.75 1.74
N LYS H 185 50.44 7.00 1.28
CA LYS H 185 50.23 5.60 0.90
C LYS H 185 50.01 4.71 2.12
N LEU H 186 50.41 5.19 3.29
CA LEU H 186 50.28 4.42 4.54
C LEU H 186 48.86 4.46 5.12
N LEU H 187 48.04 5.34 4.58
CA LEU H 187 46.67 5.51 5.04
C LEU H 187 45.74 4.65 4.20
N PRO H 188 44.59 4.23 4.78
CA PRO H 188 44.11 4.60 6.12
C PRO H 188 44.50 3.62 7.24
N PHE H 189 44.33 4.09 8.47
CA PHE H 189 44.25 3.22 9.64
C PHE H 189 43.21 3.80 10.58
N SER H 190 42.60 2.96 11.40
CA SER H 190 41.64 3.45 12.38
C SER H 190 42.39 3.93 13.60
N PRO H 191 42.16 5.20 13.99
CA PRO H 191 42.83 5.80 15.16
C PRO H 191 42.52 5.06 16.46
N ASP H 192 43.53 5.04 17.32
CA ASP H 192 43.44 4.45 18.64
C ASP H 192 43.54 5.61 19.64
N SER H 193 42.42 6.29 19.87
CA SER H 193 42.37 7.58 20.55
C SER H 193 42.68 7.58 22.04
N VAL H 194 43.76 8.27 22.41
CA VAL H 194 44.12 8.46 23.80
C VAL H 194 44.57 9.90 24.03
N VAL H 195 44.71 10.29 25.29
CA VAL H 195 45.35 11.57 25.58
C VAL H 195 46.85 11.43 25.33
N THR H 196 47.38 12.24 24.41
CA THR H 196 48.78 12.17 24.01
C THR H 196 49.56 13.43 24.35
N HIS H 197 50.88 13.29 24.47
CA HIS H 197 51.76 14.43 24.73
C HIS H 197 52.04 15.24 23.45
N GLY H 198 52.34 14.54 22.36
CA GLY H 198 52.60 15.18 21.07
C GLY H 198 54.06 15.36 20.67
N ASP H 199 54.95 15.38 21.65
CA ASP H 199 56.41 15.37 21.34
C ASP H 199 57.09 14.62 22.47
N PHE H 200 56.77 13.35 22.58
CA PHE H 200 57.24 12.52 23.68
C PHE H 200 58.65 12.02 23.40
N SER H 201 59.61 12.94 23.38
CA SER H 201 61.00 12.60 23.05
C SER H 201 61.87 12.47 24.30
N LEU H 202 63.13 12.11 24.13
CA LEU H 202 64.01 11.98 25.29
C LEU H 202 64.39 13.33 25.90
N ASP H 203 64.06 14.42 25.20
CA ASP H 203 64.40 15.76 25.71
C ASP H 203 63.29 16.36 26.57
N ASN H 204 62.13 15.72 26.54
CA ASN H 204 60.96 16.28 27.21
C ASN H 204 60.51 15.52 28.44
N LEU H 205 61.28 14.53 28.85
CA LEU H 205 60.99 13.80 30.09
C LEU H 205 62.11 13.99 31.09
N ILE H 206 61.78 14.38 32.32
CA ILE H 206 62.79 14.86 33.25
C ILE H 206 62.98 13.91 34.43
N PHE H 207 64.25 13.54 34.65
CA PHE H 207 64.65 12.67 35.74
C PHE H 207 65.40 13.45 36.80
N ASP H 208 65.09 13.18 38.06
CA ASP H 208 65.81 13.81 39.15
C ASP H 208 66.05 12.75 40.23
N GLU H 209 67.30 12.67 40.67
CA GLU H 209 67.69 11.70 41.70
C GLU H 209 67.21 10.27 41.40
N GLY H 210 67.37 9.86 40.15
CA GLY H 210 67.08 8.49 39.76
C GLY H 210 65.64 8.17 39.38
N LYS H 211 64.74 9.14 39.48
CA LYS H 211 63.33 8.87 39.19
C LYS H 211 62.78 9.82 38.13
N LEU H 212 61.82 9.33 37.36
CA LEU H 212 61.15 10.14 36.36
C LEU H 212 60.15 11.01 37.11
N ILE H 213 60.34 12.33 37.06
CA ILE H 213 59.50 13.17 37.89
C ILE H 213 58.53 14.11 37.16
N GLY H 214 58.65 14.19 35.84
CA GLY H 214 57.68 14.97 35.07
C GLY H 214 58.01 15.15 33.60
N CYS H 215 57.08 15.77 32.86
CA CYS H 215 57.31 16.09 31.46
C CYS H 215 57.16 17.57 31.20
N ILE H 216 57.77 18.02 30.10
CA ILE H 216 57.72 19.42 29.70
C ILE H 216 57.29 19.54 28.23
N ASP H 217 57.10 20.78 27.78
CA ASP H 217 56.79 21.08 26.38
C ASP H 217 55.51 20.40 25.93
N VAL H 218 54.39 20.83 26.52
CA VAL H 218 53.12 20.13 26.33
C VAL H 218 52.21 20.86 25.34
N GLY H 219 52.79 21.70 24.49
CA GLY H 219 52.00 22.47 23.53
C GLY H 219 51.17 21.69 22.52
N ARG H 220 51.52 20.43 22.28
CA ARG H 220 50.77 19.61 21.33
C ARG H 220 49.86 18.57 21.99
N VAL H 221 49.69 18.69 23.30
CA VAL H 221 48.80 17.78 24.02
C VAL H 221 47.37 17.79 23.45
N GLY H 222 46.82 16.59 23.29
CA GLY H 222 45.45 16.42 22.86
C GLY H 222 45.15 14.98 22.49
N ILE H 223 43.90 14.71 22.15
CA ILE H 223 43.51 13.38 21.76
C ILE H 223 44.10 13.01 20.39
N ALA H 224 44.80 11.88 20.35
CA ALA H 224 45.39 11.36 19.13
C ALA H 224 45.63 9.86 19.28
N ASP H 225 46.16 9.26 18.23
CA ASP H 225 46.52 7.84 18.28
C ASP H 225 47.70 7.69 19.20
N ARG H 226 47.75 6.61 19.99
CA ARG H 226 48.82 6.45 20.95
C ARG H 226 50.21 6.38 20.29
N TYR H 227 50.23 6.00 19.01
CA TYR H 227 51.51 5.92 18.30
C TYR H 227 52.12 7.28 18.02
N GLN H 228 51.35 8.37 18.19
CA GLN H 228 51.95 9.71 18.12
C GLN H 228 53.07 9.83 19.16
N ASP H 229 52.85 9.25 20.33
CA ASP H 229 53.88 9.29 21.38
C ASP H 229 54.84 8.12 21.26
N LEU H 230 54.34 6.92 20.99
CA LEU H 230 55.21 5.74 20.96
C LEU H 230 56.24 5.86 19.85
N ALA H 231 55.83 6.35 18.69
CA ALA H 231 56.75 6.46 17.54
C ALA H 231 57.92 7.39 17.82
N ILE H 232 57.63 8.58 18.35
CA ILE H 232 58.68 9.57 18.56
C ILE H 232 59.71 9.06 19.57
N LEU H 233 59.24 8.41 20.62
CA LEU H 233 60.13 7.90 21.67
C LEU H 233 60.90 6.73 21.13
N TRP H 234 60.21 5.87 20.37
CA TRP H 234 60.87 4.71 19.79
C TRP H 234 62.00 5.12 18.83
N ASN H 235 61.77 6.18 18.07
CA ASN H 235 62.80 6.71 17.16
C ASN H 235 64.02 7.22 17.95
N CYS H 236 63.79 7.95 19.03
CA CYS H 236 64.87 8.44 19.89
C CYS H 236 65.70 7.29 20.45
N LEU H 237 65.03 6.23 20.91
CA LEU H 237 65.71 5.08 21.46
C LEU H 237 66.57 4.33 20.43
N GLY H 238 66.34 4.56 19.14
CA GLY H 238 67.20 3.98 18.12
C GLY H 238 68.63 4.52 18.16
N GLU H 239 68.83 5.64 18.85
CA GLU H 239 70.18 6.18 19.00
C GLU H 239 70.97 5.33 19.98
N PHE H 240 70.29 4.45 20.70
CA PHE H 240 70.96 3.63 21.70
C PHE H 240 71.10 2.16 21.30
N SER H 241 69.99 1.44 21.17
CA SER H 241 70.03 0.05 20.75
C SER H 241 68.65 -0.47 20.36
N PRO H 242 68.61 -1.50 19.50
CA PRO H 242 67.31 -2.09 19.17
C PRO H 242 66.68 -2.77 20.37
N SER H 243 67.47 -3.32 21.29
CA SER H 243 66.87 -3.95 22.46
C SER H 243 66.13 -2.95 23.35
N LEU H 244 66.64 -1.71 23.46
CA LEU H 244 65.90 -0.69 24.20
C LEU H 244 64.64 -0.24 23.46
N GLN H 245 64.70 -0.18 22.14
CA GLN H 245 63.52 0.16 21.35
C GLN H 245 62.44 -0.91 21.54
N LYS H 246 62.86 -2.17 21.53
CA LYS H 246 61.95 -3.29 21.69
C LYS H 246 61.34 -3.30 23.08
N ARG H 247 62.16 -3.00 24.08
CA ARG H 247 61.72 -3.03 25.47
C ARG H 247 60.65 -1.98 25.76
N LEU H 248 60.68 -0.86 25.04
CA LEU H 248 59.67 0.18 25.19
C LEU H 248 58.29 -0.41 24.89
N PHE H 249 58.15 -1.12 23.77
CA PHE H 249 56.85 -1.73 23.44
C PHE H 249 56.49 -2.88 24.38
N GLN H 250 57.49 -3.68 24.75
CA GLN H 250 57.27 -4.78 25.68
C GLN H 250 56.78 -4.31 27.04
N LYS H 251 57.43 -3.29 27.62
CA LYS H 251 56.95 -2.75 28.91
C LYS H 251 55.58 -2.09 28.78
N TYR H 252 55.37 -1.36 27.68
CA TYR H 252 54.08 -0.69 27.45
C TYR H 252 52.98 -1.73 27.28
N GLY H 253 53.33 -2.88 26.74
CA GLY H 253 52.42 -3.99 26.65
C GLY H 253 51.86 -4.25 25.25
N ILE H 254 52.55 -3.78 24.22
CA ILE H 254 52.15 -4.07 22.84
C ILE H 254 52.93 -5.25 22.27
N ASP H 255 52.21 -6.30 21.86
CA ASP H 255 52.82 -7.55 21.39
C ASP H 255 53.52 -7.40 20.04
N ASN H 256 52.83 -6.81 19.08
CA ASN H 256 53.38 -6.63 17.73
C ASN H 256 53.24 -5.17 17.31
N PRO H 257 54.31 -4.40 17.50
CA PRO H 257 54.26 -2.98 17.15
C PRO H 257 53.77 -2.81 15.71
N ASP H 258 52.84 -1.89 15.54
CA ASP H 258 52.27 -1.63 14.23
C ASP H 258 53.27 -0.76 13.47
N MSE H 259 54.04 -1.39 12.60
CA MSE H 259 55.10 -0.68 11.86
C MSE H 259 54.54 0.35 10.86
O MSE H 259 55.17 1.36 10.57
CB MSE H 259 56.06 -1.68 11.22
CG MSE H 259 56.72 -2.62 12.26
SE MSE H 259 57.60 -1.65 13.72
CE MSE H 259 58.95 -0.77 12.62
N ASN H 260 53.33 0.09 10.37
CA ASN H 260 52.65 1.07 9.52
C ASN H 260 52.30 2.36 10.27
N LYS H 261 51.71 2.23 11.46
CA LYS H 261 51.37 3.39 12.28
C LYS H 261 52.64 4.06 12.77
N LEU H 262 53.65 3.26 13.06
CA LEU H 262 54.92 3.80 13.54
C LEU H 262 55.55 4.70 12.47
N GLN H 263 55.66 4.16 11.26
CA GLN H 263 56.23 4.88 10.13
C GLN H 263 55.43 6.14 9.80
N PHE H 264 54.10 6.04 9.84
CA PHE H 264 53.26 7.19 9.56
C PHE H 264 53.57 8.37 10.49
N HIS H 265 53.68 8.10 11.80
CA HIS H 265 53.84 9.16 12.79
C HIS H 265 55.27 9.75 12.79
N LEU H 266 56.25 8.92 12.45
CA LEU H 266 57.61 9.42 12.21
C LEU H 266 57.66 10.33 11.00
N MSE H 267 57.02 9.92 9.92
CA MSE H 267 57.00 10.76 8.73
C MSE H 267 56.24 12.06 9.03
O MSE H 267 56.66 13.14 8.59
CB MSE H 267 56.40 10.02 7.54
CG MSE H 267 57.25 8.82 7.09
SE MSE H 267 56.52 7.91 5.54
CE MSE H 267 57.22 9.10 4.16
N LEU H 268 55.16 11.98 9.80
CA LEU H 268 54.41 13.19 10.17
C LEU H 268 55.28 14.16 10.97
N ASP H 269 56.05 13.63 11.90
CA ASP H 269 56.92 14.47 12.73
C ASP H 269 58.03 15.14 11.92
N GLU H 270 58.28 14.66 10.70
CA GLU H 270 59.28 15.28 9.84
C GLU H 270 58.90 16.72 9.55
N PHE H 271 57.60 17.00 9.56
CA PHE H 271 57.09 18.28 9.10
C PHE H 271 57.09 19.34 10.21
N PHE H 272 57.50 18.93 11.40
CA PHE H 272 57.39 19.83 12.56
C PHE H 272 58.71 20.25 13.19
N ARG I 7 -20.85 -64.11 21.09
CA ARG I 7 -19.91 -63.70 22.12
C ARG I 7 -19.87 -62.18 22.24
N GLU I 8 -20.96 -61.62 22.76
CA GLU I 8 -21.17 -60.18 22.92
C GLU I 8 -20.03 -59.49 23.68
N THR I 9 -19.73 -58.25 23.30
CA THR I 9 -18.68 -57.48 23.97
C THR I 9 -19.07 -56.03 24.18
N SER I 10 -19.01 -55.57 25.43
CA SER I 10 -19.31 -54.18 25.76
C SER I 10 -18.33 -53.22 25.10
N CYS I 11 -18.83 -52.07 24.65
CA CYS I 11 -17.99 -51.06 24.01
C CYS I 11 -18.61 -49.68 24.13
N SER I 12 -17.93 -48.67 23.58
CA SER I 12 -18.43 -47.30 23.63
C SER I 12 -18.98 -46.89 22.28
N ARG I 13 -19.44 -45.65 22.19
CA ARG I 13 -20.04 -45.15 20.97
C ARG I 13 -18.98 -44.79 19.93
N PRO I 14 -19.14 -45.31 18.70
CA PRO I 14 -18.17 -45.18 17.60
C PRO I 14 -18.31 -43.91 16.78
N ARG I 15 -17.24 -43.53 16.09
CA ARG I 15 -17.21 -42.36 15.22
C ARG I 15 -17.99 -42.59 13.92
N LEU I 16 -19.30 -42.36 13.97
CA LEU I 16 -20.16 -42.61 12.83
C LEU I 16 -19.96 -41.60 11.67
N ASN I 17 -20.68 -41.81 10.57
CA ASN I 17 -20.42 -41.06 9.34
C ASN I 17 -20.91 -39.62 9.30
N SER I 18 -20.85 -39.03 8.11
CA SER I 18 -21.24 -37.64 7.89
C SER I 18 -22.69 -37.58 7.41
N ASN I 19 -23.27 -36.37 7.45
CA ASN I 19 -24.68 -36.20 7.14
C ASN I 19 -24.92 -35.45 5.83
N LEU I 20 -26.19 -35.32 5.47
CA LEU I 20 -26.55 -34.71 4.19
C LEU I 20 -26.27 -33.20 4.19
N ASP I 21 -26.54 -32.54 5.32
CA ASP I 21 -26.37 -31.09 5.44
CA ASP I 21 -26.37 -31.10 5.42
C ASP I 21 -24.97 -30.64 5.01
N ALA I 22 -23.98 -31.50 5.24
CA ALA I 22 -22.58 -31.20 4.92
C ALA I 22 -22.35 -30.86 3.45
N ASP I 23 -22.77 -31.76 2.56
CA ASP I 23 -22.49 -31.67 1.14
C ASP I 23 -23.20 -30.52 0.43
N LEU I 24 -24.07 -29.81 1.15
CA LEU I 24 -25.03 -28.94 0.47
C LEU I 24 -24.76 -27.44 0.56
N TYR I 25 -23.77 -27.05 1.37
CA TYR I 25 -23.43 -25.64 1.52
C TYR I 25 -23.07 -24.96 0.20
N GLY I 26 -23.49 -23.72 0.04
CA GLY I 26 -23.06 -22.88 -1.07
C GLY I 26 -23.76 -23.10 -2.40
N TYR I 27 -24.72 -24.02 -2.45
CA TYR I 27 -25.50 -24.24 -3.67
C TYR I 27 -26.78 -23.40 -3.68
N ARG I 28 -27.23 -23.06 -4.87
CA ARG I 28 -28.57 -22.51 -5.05
CA ARG I 28 -28.57 -22.51 -5.04
C ARG I 28 -29.52 -23.68 -5.26
N TRP I 29 -30.78 -23.51 -4.86
CA TRP I 29 -31.77 -24.59 -4.95
C TRP I 29 -32.89 -24.30 -5.95
N ALA I 30 -33.27 -25.31 -6.73
CA ALA I 30 -34.44 -25.22 -7.59
C ALA I 30 -35.24 -26.52 -7.52
N ARG I 31 -36.55 -26.43 -7.78
CA ARG I 31 -37.38 -27.62 -7.80
C ARG I 31 -37.79 -27.93 -9.23
N ASP I 32 -37.50 -29.13 -9.72
CA ASP I 32 -37.87 -29.52 -11.09
C ASP I 32 -39.10 -30.44 -11.10
N ASN I 33 -40.06 -30.14 -11.97
CA ASN I 33 -41.22 -31.01 -12.13
C ASN I 33 -40.88 -32.24 -12.97
N VAL I 34 -40.35 -33.23 -12.26
CA VAL I 34 -40.14 -34.59 -12.73
C VAL I 34 -40.43 -35.32 -11.38
N GLY I 35 -40.17 -36.62 -11.18
CA GLY I 35 -39.47 -37.53 -12.05
C GLY I 35 -40.22 -38.78 -12.46
N GLN I 36 -39.45 -39.78 -12.84
CA GLN I 36 -39.93 -41.07 -13.34
C GLN I 36 -41.05 -41.67 -12.48
N SER I 37 -40.86 -41.67 -11.17
CA SER I 37 -41.85 -42.29 -10.27
C SER I 37 -42.53 -41.33 -9.30
N GLY I 38 -42.37 -40.02 -9.51
CA GLY I 38 -43.09 -39.04 -8.71
C GLY I 38 -42.28 -38.46 -7.55
N ALA I 39 -41.00 -38.76 -7.49
CA ALA I 39 -40.14 -38.13 -6.50
C ALA I 39 -40.02 -36.63 -6.76
N THR I 40 -39.89 -35.86 -5.70
CA THR I 40 -39.61 -34.46 -5.80
C THR I 40 -38.14 -34.37 -6.20
N ILE I 41 -37.84 -33.61 -7.24
CA ILE I 41 -36.46 -33.47 -7.68
C ILE I 41 -35.93 -32.05 -7.49
N TYR I 42 -34.84 -31.92 -6.74
CA TYR I 42 -34.17 -30.63 -6.55
C TYR I 42 -32.88 -30.56 -7.36
N ARG I 43 -32.65 -29.43 -7.99
CA ARG I 43 -31.40 -29.18 -8.70
C ARG I 43 -30.52 -28.25 -7.87
N LEU I 44 -29.26 -28.66 -7.63
CA LEU I 44 -28.34 -27.89 -6.84
C LEU I 44 -27.23 -27.32 -7.72
N TYR I 45 -27.10 -26.00 -7.72
CA TYR I 45 -26.30 -25.35 -8.75
C TYR I 45 -25.68 -24.03 -8.30
N GLY I 46 -24.81 -23.47 -9.15
CA GLY I 46 -24.28 -22.15 -8.94
C GLY I 46 -23.23 -22.06 -7.84
N LYS I 47 -22.56 -23.17 -7.57
CA LYS I 47 -21.48 -23.14 -6.59
C LYS I 47 -20.13 -23.17 -7.31
N PRO I 48 -19.34 -22.12 -7.10
CA PRO I 48 -17.97 -22.03 -7.63
C PRO I 48 -17.19 -23.31 -7.34
N ASN I 49 -16.52 -23.84 -8.36
CA ASN I 49 -15.57 -24.94 -8.16
C ASN I 49 -16.21 -26.24 -7.64
N ALA I 50 -17.51 -26.38 -7.89
CA ALA I 50 -18.22 -27.59 -7.48
C ALA I 50 -19.19 -28.02 -8.58
N PRO I 51 -19.44 -29.33 -8.70
CA PRO I 51 -20.35 -29.80 -9.75
C PRO I 51 -21.80 -29.51 -9.39
N GLU I 52 -22.67 -29.42 -10.39
CA GLU I 52 -24.11 -29.45 -10.17
C GLU I 52 -24.50 -30.81 -9.59
N LEU I 53 -25.48 -30.81 -8.67
CA LEU I 53 -25.99 -32.05 -8.08
C LEU I 53 -27.49 -32.13 -8.26
N PHE I 54 -28.04 -33.33 -8.11
CA PHE I 54 -29.49 -33.50 -8.05
C PHE I 54 -29.85 -34.23 -6.76
N LEU I 55 -30.92 -33.79 -6.11
CA LEU I 55 -31.44 -34.46 -4.92
C LEU I 55 -32.84 -34.98 -5.20
N LYS I 56 -33.02 -36.29 -5.09
CA LYS I 56 -34.35 -36.87 -5.23
C LYS I 56 -34.92 -37.17 -3.86
N HIS I 57 -36.16 -36.79 -3.61
CA HIS I 57 -36.82 -37.11 -2.34
C HIS I 57 -38.10 -37.87 -2.62
N GLY I 58 -38.17 -39.11 -2.12
CA GLY I 58 -39.39 -39.91 -2.20
C GLY I 58 -40.03 -40.11 -0.85
N LYS I 59 -41.37 -39.97 -0.77
CA LYS I 59 -42.11 -40.20 0.46
C LYS I 59 -43.01 -41.41 0.29
N GLY I 60 -43.22 -42.18 1.35
CA GLY I 60 -44.16 -43.29 1.30
C GLY I 60 -43.77 -44.28 0.21
N SER I 61 -44.73 -44.68 -0.63
CA SER I 61 -44.45 -45.62 -1.73
C SER I 61 -43.27 -45.17 -2.61
N VAL I 62 -43.23 -43.87 -2.89
CA VAL I 62 -42.19 -43.32 -3.77
C VAL I 62 -40.78 -43.49 -3.16
N ALA I 63 -40.70 -43.58 -1.84
CA ALA I 63 -39.39 -43.82 -1.20
C ALA I 63 -38.79 -45.16 -1.64
N ASN I 64 -39.66 -46.14 -1.89
CA ASN I 64 -39.21 -47.42 -2.44
C ASN I 64 -38.66 -47.29 -3.86
N ASP I 65 -39.25 -46.41 -4.66
CA ASP I 65 -38.76 -46.22 -6.02
C ASP I 65 -37.41 -45.54 -6.00
N VAL I 66 -37.25 -44.60 -5.07
CA VAL I 66 -35.96 -43.91 -4.93
C VAL I 66 -34.87 -44.87 -4.46
N THR I 67 -35.24 -45.73 -3.52
CA THR I 67 -34.34 -46.78 -3.07
C THR I 67 -33.96 -47.73 -4.21
N ASP I 68 -34.96 -48.08 -5.03
CA ASP I 68 -34.72 -48.95 -6.19
C ASP I 68 -33.69 -48.34 -7.11
N GLU I 69 -33.84 -47.05 -7.37
CA GLU I 69 -32.89 -46.39 -8.29
C GLU I 69 -31.50 -46.36 -7.70
N MSE I 70 -31.41 -46.13 -6.38
CA MSE I 70 -30.11 -46.04 -5.74
C MSE I 70 -29.30 -47.32 -5.97
O MSE I 70 -28.17 -47.26 -6.39
CB MSE I 70 -30.24 -45.74 -4.24
CG MSE I 70 -28.89 -45.57 -3.53
SE MSE I 70 -28.05 -47.23 -2.95
CE MSE I 70 -29.34 -47.65 -1.57
N VAL I 71 -29.89 -48.47 -5.70
CA VAL I 71 -29.10 -49.70 -5.82
C VAL I 71 -28.80 -50.09 -7.25
N ARG I 72 -29.65 -49.64 -8.15
CA ARG I 72 -29.39 -49.89 -9.56
C ARG I 72 -28.27 -48.98 -10.09
N LEU I 73 -28.21 -47.73 -9.63
CA LEU I 73 -27.07 -46.85 -9.94
C LEU I 73 -25.79 -47.49 -9.43
N ASN I 74 -25.84 -47.93 -8.19
CA ASN I 74 -24.67 -48.51 -7.52
C ASN I 74 -24.11 -49.72 -8.26
N TRP I 75 -25.00 -50.58 -8.74
CA TRP I 75 -24.59 -51.78 -9.45
C TRP I 75 -24.11 -51.46 -10.85
N LEU I 76 -24.95 -50.75 -11.59
CA LEU I 76 -24.73 -50.57 -13.03
C LEU I 76 -23.53 -49.69 -13.37
N THR I 77 -23.11 -48.85 -12.44
CA THR I 77 -22.01 -47.92 -12.76
C THR I 77 -20.67 -48.63 -12.96
N ALA I 78 -20.60 -49.89 -12.52
CA ALA I 78 -19.41 -50.70 -12.77
C ALA I 78 -19.27 -51.00 -14.27
N PHE I 79 -20.37 -50.85 -15.00
CA PHE I 79 -20.46 -51.25 -16.40
C PHE I 79 -20.74 -50.12 -17.39
N MSE I 80 -21.43 -49.08 -16.94
CA MSE I 80 -21.89 -48.02 -17.84
C MSE I 80 -21.68 -46.65 -17.21
O MSE I 80 -21.59 -46.56 -15.99
CB MSE I 80 -23.37 -48.22 -18.20
CG MSE I 80 -23.68 -49.51 -18.95
SE MSE I 80 -22.90 -49.62 -20.72
CE MSE I 80 -24.21 -48.56 -21.68
N PRO I 81 -21.62 -45.58 -18.02
CA PRO I 81 -21.47 -44.22 -17.47
C PRO I 81 -22.78 -43.68 -16.87
N LEU I 82 -22.79 -43.54 -15.55
CA LEU I 82 -24.00 -43.15 -14.83
C LEU I 82 -23.68 -42.00 -13.88
N PRO I 83 -24.71 -41.32 -13.35
CA PRO I 83 -24.45 -40.35 -12.27
C PRO I 83 -23.82 -41.03 -11.06
N THR I 84 -22.91 -40.36 -10.37
CA THR I 84 -22.29 -40.94 -9.18
C THR I 84 -23.13 -40.66 -7.94
N ILE I 85 -23.29 -41.67 -7.08
CA ILE I 85 -23.99 -41.47 -5.82
C ILE I 85 -23.11 -40.72 -4.82
N LYS I 86 -23.56 -39.54 -4.41
CA LYS I 86 -22.85 -38.78 -3.39
C LYS I 86 -23.31 -39.20 -1.99
N HIS I 87 -24.61 -39.40 -1.83
CA HIS I 87 -25.16 -39.68 -0.51
C HIS I 87 -26.56 -40.24 -0.66
N PHE I 88 -26.95 -41.17 0.22
CA PHE I 88 -28.31 -41.69 0.20
C PHE I 88 -28.78 -41.97 1.62
N ILE I 89 -30.01 -41.57 1.93
CA ILE I 89 -30.59 -41.79 3.26
C ILE I 89 -31.93 -42.52 3.10
N ARG I 90 -32.19 -43.51 3.94
CA ARG I 90 -33.50 -44.15 3.99
C ARG I 90 -34.00 -44.14 5.43
N THR I 91 -35.21 -43.65 5.64
CA THR I 91 -35.87 -43.71 6.95
C THR I 91 -37.21 -44.38 6.67
N PRO I 92 -38.00 -44.70 7.72
CA PRO I 92 -39.22 -45.47 7.42
C PRO I 92 -40.14 -44.90 6.31
N ASP I 93 -40.34 -43.58 6.28
CA ASP I 93 -41.26 -43.00 5.33
C ASP I 93 -40.60 -42.18 4.22
N ASP I 94 -39.27 -42.10 4.22
CA ASP I 94 -38.57 -41.20 3.31
C ASP I 94 -37.28 -41.78 2.76
N ALA I 95 -36.97 -41.43 1.51
CA ALA I 95 -35.66 -41.73 0.91
C ALA I 95 -35.13 -40.48 0.22
N TRP I 96 -33.84 -40.21 0.40
CA TRP I 96 -33.17 -39.08 -0.25
C TRP I 96 -31.97 -39.59 -1.03
N LEU I 97 -31.87 -39.20 -2.30
CA LEU I 97 -30.78 -39.65 -3.15
C LEU I 97 -30.08 -38.46 -3.77
N LEU I 98 -28.82 -38.24 -3.36
CA LEU I 98 -28.03 -37.14 -3.88
C LEU I 98 -27.01 -37.68 -4.90
N THR I 99 -27.10 -37.22 -6.14
CA THR I 99 -26.17 -37.67 -7.19
C THR I 99 -25.50 -36.49 -7.88
N THR I 100 -24.35 -36.73 -8.50
CA THR I 100 -23.72 -35.71 -9.33
C THR I 100 -24.44 -35.66 -10.65
N ALA I 101 -24.54 -34.47 -11.23
CA ALA I 101 -25.18 -34.34 -12.53
C ALA I 101 -24.25 -34.81 -13.63
N ILE I 102 -24.80 -35.40 -14.67
CA ILE I 102 -24.06 -35.61 -15.91
C ILE I 102 -24.24 -34.36 -16.75
N PRO I 103 -23.14 -33.71 -17.14
CA PRO I 103 -23.27 -32.49 -17.92
C PRO I 103 -23.85 -32.74 -19.31
N GLY I 104 -24.52 -31.76 -19.88
CA GLY I 104 -25.05 -31.88 -21.23
C GLY I 104 -26.56 -31.72 -21.34
N LYS I 105 -27.11 -32.21 -22.44
CA LYS I 105 -28.54 -32.14 -22.68
C LYS I 105 -29.08 -33.51 -23.04
N THR I 106 -30.40 -33.70 -22.85
CA THR I 106 -31.03 -34.96 -23.21
C THR I 106 -31.03 -35.17 -24.72
N ALA I 107 -31.12 -36.43 -25.14
CA ALA I 107 -31.21 -36.75 -26.57
C ALA I 107 -32.35 -35.99 -27.22
N PHE I 108 -33.49 -35.93 -26.53
CA PHE I 108 -34.65 -35.18 -27.01
C PHE I 108 -34.29 -33.74 -27.30
N GLN I 109 -33.66 -33.07 -26.33
CA GLN I 109 -33.24 -31.68 -26.50
C GLN I 109 -32.27 -31.50 -27.65
N VAL I 110 -31.30 -32.39 -27.79
CA VAL I 110 -30.31 -32.19 -28.85
C VAL I 110 -30.90 -32.48 -30.22
N LEU I 111 -31.88 -33.39 -30.28
CA LEU I 111 -32.56 -33.66 -31.53
C LEU I 111 -33.35 -32.44 -32.00
N GLU I 112 -33.99 -31.74 -31.06
CA GLU I 112 -34.71 -30.52 -31.41
C GLU I 112 -33.78 -29.39 -31.83
N GLU I 113 -32.62 -29.31 -31.19
CA GLU I 113 -31.67 -28.23 -31.44
C GLU I 113 -30.87 -28.46 -32.74
N TYR I 114 -30.65 -29.73 -33.08
CA TYR I 114 -29.92 -30.04 -34.30
C TYR I 114 -30.68 -31.06 -35.15
N PRO I 115 -31.81 -30.64 -35.73
CA PRO I 115 -32.67 -31.54 -36.51
C PRO I 115 -31.92 -32.31 -37.62
N ASP I 116 -30.81 -31.76 -38.10
CA ASP I 116 -30.02 -32.41 -39.14
C ASP I 116 -29.16 -33.55 -38.60
N SER I 117 -29.07 -33.66 -37.28
CA SER I 117 -28.19 -34.65 -36.67
C SER I 117 -28.94 -35.88 -36.22
N GLY I 118 -30.20 -35.99 -36.63
CA GLY I 118 -31.06 -37.10 -36.23
C GLY I 118 -30.42 -38.48 -36.42
N GLU I 119 -29.79 -38.68 -37.57
CA GLU I 119 -29.19 -39.97 -37.93
C GLU I 119 -28.02 -40.33 -37.04
N ASN I 120 -27.14 -39.36 -36.80
CA ASN I 120 -25.99 -39.58 -35.91
C ASN I 120 -26.44 -39.89 -34.51
N ILE I 121 -27.49 -39.17 -34.07
CA ILE I 121 -28.03 -39.35 -32.74
C ILE I 121 -28.62 -40.76 -32.58
N VAL I 122 -29.42 -41.18 -33.54
CA VAL I 122 -29.97 -42.54 -33.51
C VAL I 122 -28.89 -43.63 -33.56
N ASP I 123 -27.89 -43.48 -34.41
CA ASP I 123 -26.80 -44.45 -34.44
C ASP I 123 -26.09 -44.52 -33.08
N ALA I 124 -25.87 -43.37 -32.45
CA ALA I 124 -25.21 -43.36 -31.14
C ALA I 124 -26.06 -44.05 -30.07
N LEU I 125 -27.37 -43.83 -30.11
CA LEU I 125 -28.28 -44.46 -29.15
C LEU I 125 -28.30 -45.96 -29.34
N ALA I 126 -28.32 -46.40 -30.60
CA ALA I 126 -28.33 -47.84 -30.90
C ALA I 126 -27.05 -48.52 -30.43
N VAL I 127 -25.90 -47.88 -30.68
CA VAL I 127 -24.62 -48.43 -30.24
C VAL I 127 -24.54 -48.50 -28.72
N PHE I 128 -25.01 -47.46 -28.05
CA PHE I 128 -24.99 -47.42 -26.58
C PHE I 128 -25.92 -48.51 -26.04
N LEU I 129 -27.06 -48.69 -26.70
CA LEU I 129 -28.02 -49.71 -26.27
C LEU I 129 -27.44 -51.11 -26.43
N ARG I 130 -26.77 -51.37 -27.55
CA ARG I 130 -26.04 -52.62 -27.72
C ARG I 130 -25.04 -52.91 -26.59
N ARG I 131 -24.32 -51.88 -26.15
CA ARG I 131 -23.33 -52.03 -25.08
C ARG I 131 -24.01 -52.48 -23.79
N LEU I 132 -25.10 -51.81 -23.47
CA LEU I 132 -25.85 -52.16 -22.27
C LEU I 132 -26.36 -53.59 -22.35
N HIS I 133 -26.96 -53.94 -23.49
CA HIS I 133 -27.50 -55.28 -23.66
C HIS I 133 -26.44 -56.36 -23.74
N SER I 134 -25.18 -55.96 -23.90
CA SER I 134 -24.10 -56.94 -23.95
C SER I 134 -23.54 -57.33 -22.57
N ILE I 135 -23.96 -56.63 -21.51
CA ILE I 135 -23.52 -57.02 -20.17
C ILE I 135 -24.04 -58.43 -19.83
N PRO I 136 -23.13 -59.39 -19.56
CA PRO I 136 -23.59 -60.75 -19.30
C PRO I 136 -24.61 -60.78 -18.15
N VAL I 137 -25.71 -61.50 -18.33
CA VAL I 137 -26.79 -61.45 -17.34
C VAL I 137 -26.36 -62.07 -16.01
N CYS I 138 -25.30 -62.89 -16.05
CA CYS I 138 -24.75 -63.47 -14.82
C CYS I 138 -24.25 -62.41 -13.85
N ASN I 139 -24.01 -61.19 -14.36
CA ASN I 139 -23.63 -60.06 -13.52
C ASN I 139 -24.78 -59.36 -12.80
N CYS I 140 -26.01 -59.56 -13.25
CA CYS I 140 -27.12 -58.72 -12.82
C CYS I 140 -28.03 -59.34 -11.75
N PRO I 141 -28.12 -58.69 -10.58
CA PRO I 141 -28.95 -59.23 -9.49
C PRO I 141 -30.40 -58.76 -9.56
N PHE I 142 -30.78 -58.01 -10.60
CA PHE I 142 -32.15 -57.49 -10.69
C PHE I 142 -33.03 -58.17 -11.74
N ASN I 143 -34.22 -58.60 -11.30
CA ASN I 143 -35.23 -59.17 -12.19
C ASN I 143 -36.20 -58.08 -12.59
N SER I 144 -36.29 -57.83 -13.89
CA SER I 144 -37.27 -56.90 -14.42
C SER I 144 -38.10 -57.54 -15.51
N ASP I 145 -38.30 -58.86 -15.44
CA ASP I 145 -38.89 -59.57 -16.58
C ASP I 145 -40.39 -59.29 -16.71
N ARG I 146 -40.98 -59.84 -17.77
CA ARG I 146 -42.34 -59.45 -18.12
C ARG I 146 -43.32 -59.98 -17.08
N VAL I 147 -42.99 -61.11 -16.46
CA VAL I 147 -43.86 -61.64 -15.42
C VAL I 147 -43.94 -60.67 -14.25
N PHE I 148 -42.77 -60.13 -13.90
CA PHE I 148 -42.63 -59.18 -12.80
C PHE I 148 -43.30 -57.85 -13.14
N ARG I 149 -43.06 -57.36 -14.35
CA ARG I 149 -43.64 -56.07 -14.74
C ARG I 149 -45.17 -56.17 -14.90
N LEU I 150 -45.66 -57.31 -15.38
CA LEU I 150 -47.10 -57.47 -15.54
C LEU I 150 -47.81 -57.43 -14.19
N ALA I 151 -47.19 -58.04 -13.18
CA ALA I 151 -47.76 -58.01 -11.84
C ALA I 151 -47.69 -56.59 -11.31
N GLN I 152 -46.61 -55.88 -11.63
CA GLN I 152 -46.50 -54.47 -11.24
C GLN I 152 -47.63 -53.65 -11.88
N ALA I 153 -47.86 -53.90 -13.17
CA ALA I 153 -48.87 -53.18 -13.93
C ALA I 153 -50.27 -53.46 -13.36
N GLN I 154 -50.53 -54.72 -13.05
CA GLN I 154 -51.83 -55.09 -12.49
C GLN I 154 -52.11 -54.34 -11.19
N SER I 155 -51.08 -54.24 -10.33
CA SER I 155 -51.24 -53.53 -9.07
C SER I 155 -51.44 -52.05 -9.28
N ARG I 156 -50.72 -51.43 -10.23
CA ARG I 156 -50.91 -50.00 -10.50
C ARG I 156 -52.32 -49.73 -11.00
N MSE I 157 -52.84 -50.63 -11.85
CA MSE I 157 -54.21 -50.51 -12.33
C MSE I 157 -55.21 -50.60 -11.17
O MSE I 157 -56.08 -49.74 -11.01
CB MSE I 157 -54.49 -51.62 -13.35
CG MSE I 157 -55.94 -51.64 -13.83
SE MSE I 157 -56.27 -52.86 -15.30
CE MSE I 157 -55.57 -54.48 -14.50
N ASN I 158 -55.05 -51.63 -10.37
CA ASN I 158 -55.96 -51.90 -9.26
C ASN I 158 -55.88 -50.84 -8.18
N ASN I 159 -54.73 -50.21 -8.03
CA ASN I 159 -54.55 -49.17 -7.03
C ASN I 159 -54.97 -47.81 -7.55
N GLY I 160 -55.38 -47.77 -8.83
CA GLY I 160 -55.89 -46.55 -9.43
C GLY I 160 -54.82 -45.58 -9.90
N LEU I 161 -53.59 -46.07 -10.09
CA LEU I 161 -52.47 -45.18 -10.39
C LEU I 161 -52.15 -44.96 -11.88
N VAL I 162 -52.83 -45.67 -12.78
CA VAL I 162 -52.48 -45.59 -14.21
C VAL I 162 -52.95 -44.26 -14.78
N ASP I 163 -52.07 -43.57 -15.49
CA ASP I 163 -52.44 -42.30 -16.12
C ASP I 163 -53.11 -42.59 -17.46
N ALA I 164 -54.43 -42.74 -17.43
CA ALA I 164 -55.17 -43.09 -18.66
C ALA I 164 -55.19 -41.99 -19.72
N SER I 165 -54.82 -40.77 -19.33
CA SER I 165 -54.81 -39.67 -20.29
C SER I 165 -53.49 -39.58 -21.03
N ASP I 166 -52.55 -40.47 -20.71
CA ASP I 166 -51.22 -40.39 -21.30
C ASP I 166 -50.93 -41.59 -22.20
N PHE I 167 -51.97 -42.32 -22.59
CA PHE I 167 -51.81 -43.44 -23.54
C PHE I 167 -51.35 -42.96 -24.93
N ASP I 168 -50.64 -43.83 -25.65
CA ASP I 168 -50.32 -43.59 -27.07
C ASP I 168 -51.58 -43.39 -27.90
N ASP I 169 -51.43 -42.77 -29.07
CA ASP I 169 -52.55 -42.42 -29.93
C ASP I 169 -53.46 -43.59 -30.27
N GLU I 170 -52.85 -44.75 -30.52
CA GLU I 170 -53.58 -45.97 -30.87
C GLU I 170 -54.57 -46.34 -29.79
N ARG I 171 -54.30 -45.92 -28.57
CA ARG I 171 -55.12 -46.34 -27.43
C ARG I 171 -55.75 -45.13 -26.74
N ASN I 172 -55.77 -44.00 -27.42
CA ASN I 172 -56.39 -42.80 -26.84
C ASN I 172 -57.86 -43.02 -26.48
N GLY I 173 -58.21 -42.77 -25.21
CA GLY I 173 -59.60 -42.86 -24.79
C GLY I 173 -60.01 -44.26 -24.37
N TRP I 174 -59.10 -45.22 -24.51
CA TRP I 174 -59.37 -46.59 -24.07
C TRP I 174 -59.42 -46.65 -22.56
N PRO I 175 -60.37 -47.41 -22.03
CA PRO I 175 -60.35 -47.68 -20.58
C PRO I 175 -59.14 -48.55 -20.25
N VAL I 176 -58.51 -48.30 -19.11
CA VAL I 176 -57.31 -49.06 -18.74
C VAL I 176 -57.54 -50.58 -18.77
N GLU I 177 -58.73 -51.01 -18.38
CA GLU I 177 -59.05 -52.43 -18.39
C GLU I 177 -59.00 -53.02 -19.81
N GLN I 178 -59.31 -52.21 -20.83
CA GLN I 178 -59.24 -52.65 -22.21
C GLN I 178 -57.79 -52.86 -22.68
N VAL I 179 -56.91 -51.94 -22.28
CA VAL I 179 -55.48 -52.09 -22.56
C VAL I 179 -54.98 -53.38 -21.92
N TRP I 180 -55.36 -53.60 -20.67
CA TRP I 180 -54.94 -54.79 -19.94
C TRP I 180 -55.38 -56.05 -20.68
N LYS I 181 -56.68 -56.15 -20.95
CA LYS I 181 -57.22 -57.31 -21.69
C LYS I 181 -56.52 -57.55 -23.03
N GLU I 182 -56.38 -56.49 -23.84
CA GLU I 182 -55.87 -56.66 -25.19
C GLU I 182 -54.41 -57.02 -25.22
N MSE I 183 -53.65 -56.49 -24.27
CA MSE I 183 -52.23 -56.82 -24.16
C MSE I 183 -51.99 -58.31 -23.98
O MSE I 183 -51.02 -58.88 -24.50
CB MSE I 183 -51.63 -56.05 -22.98
CG MSE I 183 -50.16 -56.34 -22.67
SE MSE I 183 -49.47 -55.08 -21.38
CE MSE I 183 -50.68 -55.49 -19.90
N HIS I 184 -52.87 -58.96 -23.23
CA HIS I 184 -52.73 -60.37 -22.92
C HIS I 184 -52.95 -61.29 -24.12
N LYS I 185 -53.65 -60.77 -25.11
CA LYS I 185 -53.82 -61.49 -26.38
C LYS I 185 -52.52 -61.60 -27.19
N LEU I 186 -51.45 -60.94 -26.75
CA LEU I 186 -50.16 -61.01 -27.44
C LEU I 186 -49.21 -62.04 -26.83
N LEU I 187 -49.59 -62.55 -25.65
CA LEU I 187 -48.81 -63.57 -24.96
C LEU I 187 -49.23 -64.96 -25.46
N PRO I 188 -48.29 -65.91 -25.49
CA PRO I 188 -46.90 -65.73 -25.07
C PRO I 188 -45.98 -65.42 -26.25
N PHE I 189 -44.75 -65.01 -25.97
CA PHE I 189 -43.75 -64.93 -27.03
C PHE I 189 -42.41 -65.45 -26.51
N SER I 190 -41.46 -65.64 -27.41
CA SER I 190 -40.20 -66.30 -27.09
C SER I 190 -39.40 -65.58 -26.00
N PRO I 191 -38.83 -66.37 -25.07
CA PRO I 191 -38.01 -65.81 -23.99
C PRO I 191 -36.74 -65.13 -24.51
N ASP I 192 -36.48 -63.92 -24.05
CA ASP I 192 -35.23 -63.25 -24.34
C ASP I 192 -34.78 -62.50 -23.09
N SER I 193 -33.50 -62.61 -22.75
CA SER I 193 -33.01 -61.99 -21.53
C SER I 193 -31.72 -61.23 -21.77
N VAL I 194 -31.76 -59.92 -21.59
CA VAL I 194 -30.55 -59.10 -21.53
C VAL I 194 -30.68 -58.14 -20.37
N VAL I 195 -29.57 -57.52 -19.98
CA VAL I 195 -29.62 -56.41 -19.03
C VAL I 195 -30.27 -55.21 -19.71
N THR I 196 -31.38 -54.71 -19.15
CA THR I 196 -32.12 -53.59 -19.73
C THR I 196 -32.16 -52.37 -18.82
N HIS I 197 -32.44 -51.21 -19.41
CA HIS I 197 -32.55 -49.95 -18.68
C HIS I 197 -33.94 -49.80 -18.06
N GLY I 198 -34.96 -50.15 -18.83
CA GLY I 198 -36.33 -50.09 -18.34
C GLY I 198 -37.11 -48.84 -18.69
N ASP I 199 -36.43 -47.74 -19.01
CA ASP I 199 -37.13 -46.52 -19.47
C ASP I 199 -36.20 -45.79 -20.44
N PHE I 200 -35.93 -46.41 -21.57
CA PHE I 200 -34.87 -45.96 -22.46
C PHE I 200 -35.45 -44.96 -23.46
N SER I 201 -35.79 -43.78 -22.94
CA SER I 201 -36.45 -42.74 -23.73
C SER I 201 -35.45 -41.66 -24.09
N LEU I 202 -35.86 -40.74 -24.95
CA LEU I 202 -34.97 -39.67 -25.37
C LEU I 202 -34.67 -38.70 -24.23
N ASP I 203 -35.47 -38.75 -23.16
CA ASP I 203 -35.25 -37.88 -22.01
C ASP I 203 -34.11 -38.43 -21.13
N ASN I 204 -33.83 -39.73 -21.21
CA ASN I 204 -32.91 -40.37 -20.25
C ASN I 204 -31.51 -40.68 -20.76
N LEU I 205 -31.20 -40.19 -21.95
CA LEU I 205 -29.86 -40.30 -22.53
C LEU I 205 -29.28 -38.90 -22.72
N ILE I 206 -28.06 -38.69 -22.27
CA ILE I 206 -27.48 -37.36 -22.21
C ILE I 206 -26.31 -37.22 -23.17
N PHE I 207 -26.38 -36.17 -24.00
CA PHE I 207 -25.31 -35.82 -24.92
C PHE I 207 -24.56 -34.58 -24.43
N ASP I 208 -23.25 -34.60 -24.57
CA ASP I 208 -22.42 -33.42 -24.27
C ASP I 208 -21.31 -33.28 -25.31
N GLU I 209 -21.13 -32.06 -25.82
CA GLU I 209 -20.16 -31.78 -26.86
C GLU I 209 -20.26 -32.79 -28.02
N GLY I 210 -21.50 -33.10 -28.41
CA GLY I 210 -21.74 -33.99 -29.54
C GLY I 210 -21.56 -35.48 -29.31
N LYS I 211 -21.29 -35.89 -28.08
CA LYS I 211 -21.14 -37.32 -27.81
C LYS I 211 -22.13 -37.78 -26.75
N LEU I 212 -22.63 -38.99 -26.90
CA LEU I 212 -23.49 -39.61 -25.89
C LEU I 212 -22.66 -40.04 -24.69
N ILE I 213 -22.82 -39.36 -23.56
CA ILE I 213 -21.92 -39.61 -22.44
C ILE I 213 -22.50 -40.35 -21.23
N GLY I 214 -23.81 -40.57 -21.19
CA GLY I 214 -24.38 -41.36 -20.10
C GLY I 214 -25.87 -41.55 -20.17
N CYS I 215 -26.41 -42.37 -19.27
CA CYS I 215 -27.88 -42.47 -19.12
C CYS I 215 -28.27 -42.15 -17.68
N ILE I 216 -29.53 -41.78 -17.48
CA ILE I 216 -30.07 -41.43 -16.16
C ILE I 216 -31.37 -42.19 -15.88
N ASP I 217 -31.94 -42.02 -14.69
CA ASP I 217 -33.22 -42.66 -14.32
C ASP I 217 -33.24 -44.18 -14.47
N VAL I 218 -32.37 -44.85 -13.74
CA VAL I 218 -32.15 -46.27 -13.91
C VAL I 218 -32.96 -47.13 -12.94
N GLY I 219 -34.04 -46.58 -12.38
CA GLY I 219 -34.76 -47.29 -11.34
C GLY I 219 -35.44 -48.58 -11.77
N ARG I 220 -35.59 -48.76 -13.07
CA ARG I 220 -36.25 -49.95 -13.63
C ARG I 220 -35.25 -50.92 -14.25
N VAL I 221 -33.96 -50.68 -14.03
CA VAL I 221 -32.92 -51.58 -14.54
C VAL I 221 -33.08 -53.03 -14.07
N GLY I 222 -32.87 -53.97 -15.00
CA GLY I 222 -32.87 -55.37 -14.66
C GLY I 222 -32.95 -56.27 -15.88
N ILE I 223 -32.89 -57.58 -15.64
CA ILE I 223 -32.98 -58.53 -16.73
C ILE I 223 -34.41 -58.56 -17.31
N ALA I 224 -34.51 -58.34 -18.62
CA ALA I 224 -35.80 -58.32 -19.33
C ALA I 224 -35.60 -58.59 -20.83
N ASP I 225 -36.69 -58.61 -21.60
CA ASP I 225 -36.55 -58.71 -23.05
C ASP I 225 -35.93 -57.42 -23.63
N ARG I 226 -35.05 -57.56 -24.63
CA ARG I 226 -34.39 -56.37 -25.17
C ARG I 226 -35.40 -55.39 -25.76
N TYR I 227 -36.55 -55.91 -26.16
CA TYR I 227 -37.61 -55.02 -26.66
C TYR I 227 -38.19 -54.08 -25.59
N GLN I 228 -37.95 -54.34 -24.30
CA GLN I 228 -38.31 -53.36 -23.27
C GLN I 228 -37.70 -52.00 -23.60
N ASP I 229 -36.44 -52.03 -24.02
CA ASP I 229 -35.70 -50.80 -24.33
C ASP I 229 -35.95 -50.33 -25.76
N LEU I 230 -35.91 -51.28 -26.70
CA LEU I 230 -36.13 -50.95 -28.11
C LEU I 230 -37.52 -50.32 -28.35
N ALA I 231 -38.54 -50.81 -27.65
CA ALA I 231 -39.90 -50.32 -27.89
C ALA I 231 -40.09 -48.88 -27.45
N ILE I 232 -39.64 -48.59 -26.24
CA ILE I 232 -39.80 -47.26 -25.67
C ILE I 232 -39.09 -46.20 -26.50
N LEU I 233 -37.88 -46.52 -26.94
CA LEU I 233 -37.11 -45.59 -27.75
C LEU I 233 -37.73 -45.44 -29.13
N TRP I 234 -38.14 -46.56 -29.70
CA TRP I 234 -38.79 -46.54 -31.01
C TRP I 234 -40.02 -45.62 -30.98
N ASN I 235 -40.80 -45.74 -29.92
CA ASN I 235 -41.98 -44.90 -29.73
C ASN I 235 -41.60 -43.42 -29.67
N CYS I 236 -40.56 -43.07 -28.90
CA CYS I 236 -40.13 -41.68 -28.84
C CYS I 236 -39.72 -41.15 -30.21
N LEU I 237 -39.03 -41.98 -30.98
CA LEU I 237 -38.56 -41.56 -32.31
C LEU I 237 -39.73 -41.33 -33.27
N GLY I 238 -40.88 -41.94 -32.96
CA GLY I 238 -42.08 -41.76 -33.76
C GLY I 238 -42.62 -40.35 -33.74
N GLU I 239 -42.17 -39.56 -32.77
CA GLU I 239 -42.55 -38.15 -32.73
C GLU I 239 -41.80 -37.41 -33.83
N PHE I 240 -40.72 -38.02 -34.33
CA PHE I 240 -39.83 -37.32 -35.27
C PHE I 240 -39.92 -37.80 -36.71
N SER I 241 -39.59 -39.07 -36.98
CA SER I 241 -39.79 -39.62 -38.33
C SER I 241 -39.77 -41.15 -38.38
N PRO I 242 -40.53 -41.71 -39.33
CA PRO I 242 -40.51 -43.17 -39.47
C PRO I 242 -39.15 -43.65 -39.92
N SER I 243 -38.38 -42.81 -40.61
CA SER I 243 -37.03 -43.22 -41.02
C SER I 243 -36.07 -43.35 -39.81
N LEU I 244 -36.20 -42.48 -38.81
CA LEU I 244 -35.38 -42.63 -37.61
C LEU I 244 -35.80 -43.87 -36.79
N GLN I 245 -37.08 -44.16 -36.74
CA GLN I 245 -37.56 -45.37 -36.06
C GLN I 245 -36.97 -46.62 -36.70
N LYS I 246 -36.99 -46.68 -38.02
CA LYS I 246 -36.47 -47.85 -38.74
C LYS I 246 -34.96 -47.97 -38.55
N ARG I 247 -34.29 -46.82 -38.59
CA ARG I 247 -32.83 -46.81 -38.46
C ARG I 247 -32.39 -47.35 -37.11
N LEU I 248 -33.18 -47.12 -36.07
CA LEU I 248 -32.85 -47.65 -34.76
C LEU I 248 -32.63 -49.16 -34.85
N PHE I 249 -33.58 -49.87 -35.43
CA PHE I 249 -33.47 -51.33 -35.56
C PHE I 249 -32.34 -51.76 -36.50
N GLN I 250 -32.17 -51.04 -37.61
CA GLN I 250 -31.11 -51.36 -38.55
C GLN I 250 -29.72 -51.25 -37.91
N LYS I 251 -29.46 -50.14 -37.24
CA LYS I 251 -28.16 -49.96 -36.59
C LYS I 251 -27.97 -50.97 -35.45
N TYR I 252 -29.05 -51.23 -34.71
CA TYR I 252 -28.98 -52.19 -33.58
C TYR I 252 -28.64 -53.58 -34.12
N GLY I 253 -29.10 -53.87 -35.34
CA GLY I 253 -28.81 -55.11 -36.03
C GLY I 253 -29.95 -56.14 -36.12
N ILE I 254 -31.18 -55.67 -36.01
CA ILE I 254 -32.35 -56.55 -36.16
C ILE I 254 -32.95 -56.39 -37.56
N ASP I 255 -33.09 -57.50 -38.28
CA ASP I 255 -33.55 -57.51 -39.68
C ASP I 255 -35.04 -57.27 -39.79
N ASN I 256 -35.78 -57.89 -38.88
CA ASN I 256 -37.24 -57.94 -38.95
C ASN I 256 -37.83 -57.64 -37.58
N PRO I 257 -37.96 -56.36 -37.24
CA PRO I 257 -38.50 -55.93 -35.96
C PRO I 257 -39.78 -56.73 -35.64
N ASP I 258 -39.81 -57.28 -34.45
CA ASP I 258 -40.89 -58.13 -34.01
C ASP I 258 -42.03 -57.22 -33.57
N MSE I 259 -43.03 -57.04 -34.42
CA MSE I 259 -44.09 -56.07 -34.13
C MSE I 259 -44.96 -56.51 -32.95
O MSE I 259 -45.52 -55.66 -32.23
CB MSE I 259 -44.94 -55.82 -35.38
CG MSE I 259 -44.14 -55.30 -36.57
SE MSE I 259 -43.09 -53.75 -36.11
CE MSE I 259 -44.52 -52.43 -36.04
N ASN I 260 -45.09 -57.81 -32.74
CA ASN I 260 -45.79 -58.34 -31.57
C ASN I 260 -45.09 -57.98 -30.26
N LYS I 261 -43.79 -58.22 -30.16
CA LYS I 261 -43.05 -57.78 -28.95
C LYS I 261 -43.04 -56.27 -28.80
N LEU I 262 -42.93 -55.57 -29.91
CA LEU I 262 -42.93 -54.11 -29.89
C LEU I 262 -44.26 -53.63 -29.31
N GLN I 263 -45.36 -54.15 -29.84
CA GLN I 263 -46.68 -53.74 -29.36
C GLN I 263 -46.87 -54.08 -27.89
N PHE I 264 -46.46 -55.27 -27.49
CA PHE I 264 -46.58 -55.70 -26.10
C PHE I 264 -45.88 -54.72 -25.15
N HIS I 265 -44.63 -54.40 -25.45
CA HIS I 265 -43.87 -53.54 -24.56
C HIS I 265 -44.38 -52.08 -24.51
N LEU I 266 -44.94 -51.58 -25.60
CA LEU I 266 -45.58 -50.26 -25.61
C LEU I 266 -46.85 -50.25 -24.78
N MSE I 267 -47.64 -51.30 -24.90
CA MSE I 267 -48.83 -51.44 -24.08
C MSE I 267 -48.47 -51.55 -22.61
O MSE I 267 -49.14 -50.97 -21.75
CB MSE I 267 -49.67 -52.64 -24.54
CG MSE I 267 -50.26 -52.45 -25.93
SE MSE I 267 -51.35 -53.91 -26.57
CE MSE I 267 -53.10 -53.31 -25.94
N LEU I 268 -47.42 -52.31 -22.31
CA LEU I 268 -47.02 -52.47 -20.94
C LEU I 268 -46.61 -51.12 -20.31
N ASP I 269 -45.96 -50.26 -21.09
CA ASP I 269 -45.46 -48.99 -20.55
C ASP I 269 -46.60 -48.01 -20.28
N GLU I 270 -47.77 -48.28 -20.86
CA GLU I 270 -48.96 -47.47 -20.60
C GLU I 270 -49.36 -47.50 -19.13
N PHE I 271 -48.99 -48.58 -18.44
CA PHE I 271 -49.36 -48.73 -17.03
C PHE I 271 -48.40 -48.01 -16.10
N PHE I 272 -47.33 -47.43 -16.62
CA PHE I 272 -46.27 -46.91 -15.75
C PHE I 272 -46.04 -45.40 -15.83
N MSE J 2 -49.39 -32.87 -21.31
CA MSE J 2 -48.36 -32.93 -22.35
C MSE J 2 -47.18 -33.79 -21.90
O MSE J 2 -47.18 -34.31 -20.78
CB MSE J 2 -47.87 -31.52 -22.69
CG MSE J 2 -48.77 -30.40 -22.20
SE MSE J 2 -47.92 -28.65 -22.33
CE MSE J 2 -47.73 -28.54 -24.26
N SER J 3 -46.18 -33.92 -22.77
CA SER J 3 -44.97 -34.66 -22.44
C SER J 3 -43.76 -33.72 -22.45
N HIS J 4 -42.62 -34.21 -21.95
CA HIS J 4 -41.36 -33.46 -21.98
C HIS J 4 -41.40 -32.15 -21.20
N ILE J 5 -42.18 -32.14 -20.12
CA ILE J 5 -42.31 -30.96 -19.26
C ILE J 5 -41.02 -30.72 -18.47
N GLN J 6 -40.46 -29.53 -18.61
CA GLN J 6 -39.32 -29.11 -17.81
C GLN J 6 -39.66 -27.80 -17.09
N ARG J 7 -40.35 -27.93 -15.96
CA ARG J 7 -40.81 -26.77 -15.21
C ARG J 7 -40.08 -26.65 -13.89
N GLU J 8 -39.31 -25.56 -13.76
CA GLU J 8 -38.47 -25.32 -12.61
C GLU J 8 -38.96 -24.13 -11.79
N THR J 9 -39.11 -24.34 -10.49
CA THR J 9 -39.51 -23.29 -9.56
C THR J 9 -38.42 -23.04 -8.49
N SER J 10 -38.31 -21.81 -8.03
CA SER J 10 -37.41 -21.48 -6.92
C SER J 10 -37.91 -22.19 -5.66
N CYS J 11 -36.99 -22.56 -4.78
CA CYS J 11 -37.41 -23.14 -3.50
C CYS J 11 -36.39 -22.99 -2.36
N SER J 12 -36.91 -22.93 -1.14
CA SER J 12 -36.08 -23.05 0.05
C SER J 12 -35.61 -24.49 0.11
N ARG J 13 -34.49 -24.74 0.76
CA ARG J 13 -34.07 -26.13 0.90
C ARG J 13 -35.08 -26.83 1.81
N PRO J 14 -35.46 -28.06 1.45
CA PRO J 14 -36.50 -28.82 2.14
C PRO J 14 -36.11 -29.20 3.57
N ARG J 15 -37.11 -29.52 4.39
CA ARG J 15 -36.89 -30.05 5.72
C ARG J 15 -36.19 -31.41 5.61
N LEU J 16 -34.94 -31.46 6.05
CA LEU J 16 -34.15 -32.69 5.92
C LEU J 16 -34.34 -33.62 7.12
N ASN J 17 -34.27 -34.92 6.85
CA ASN J 17 -34.42 -35.95 7.89
C ASN J 17 -33.27 -35.92 8.89
N SER J 18 -33.62 -35.99 10.17
CA SER J 18 -32.66 -35.80 11.26
C SER J 18 -31.46 -36.75 11.21
N ASN J 19 -30.45 -36.42 12.01
CA ASN J 19 -29.19 -37.17 12.06
C ASN J 19 -29.34 -38.65 12.38
N LEU J 20 -28.25 -39.37 12.20
CA LEU J 20 -28.12 -40.70 12.76
C LEU J 20 -27.97 -40.54 14.27
N ASP J 21 -27.37 -39.42 14.68
CA ASP J 21 -27.15 -39.11 16.10
C ASP J 21 -28.44 -39.07 16.91
N ALA J 22 -29.47 -38.45 16.35
CA ALA J 22 -30.76 -38.28 17.01
C ALA J 22 -31.34 -39.61 17.50
N ASP J 23 -31.33 -40.60 16.62
CA ASP J 23 -31.95 -41.90 16.93
C ASP J 23 -31.06 -42.79 17.82
N LEU J 24 -29.98 -42.23 18.34
CA LEU J 24 -29.06 -42.99 19.21
C LEU J 24 -28.82 -42.27 20.53
N TYR J 25 -29.79 -41.47 20.95
CA TYR J 25 -29.65 -40.67 22.16
C TYR J 25 -29.43 -41.57 23.37
N GLY J 26 -28.17 -41.69 23.78
CA GLY J 26 -27.83 -42.39 25.01
C GLY J 26 -28.25 -43.86 25.07
N TYR J 27 -27.90 -44.63 24.04
CA TYR J 27 -28.06 -46.07 24.12
C TYR J 27 -26.84 -46.65 24.81
N ARG J 28 -26.94 -47.89 25.25
CA ARG J 28 -25.77 -48.63 25.69
C ARG J 28 -25.25 -49.45 24.51
N TRP J 29 -23.95 -49.36 24.25
CA TRP J 29 -23.35 -49.97 23.07
C TRP J 29 -22.57 -51.25 23.38
N ALA J 30 -22.70 -52.23 22.49
CA ALA J 30 -21.93 -53.46 22.61
C ALA J 30 -21.56 -53.99 21.23
N ARG J 31 -20.28 -54.33 21.08
CA ARG J 31 -19.75 -54.86 19.84
C ARG J 31 -20.07 -56.34 19.71
N ASP J 32 -20.53 -56.77 18.53
CA ASP J 32 -20.85 -58.18 18.32
C ASP J 32 -19.94 -58.82 17.28
N ASN J 33 -19.89 -60.14 17.30
CA ASN J 33 -19.02 -60.91 16.41
C ASN J 33 -19.49 -62.35 16.23
N GLY J 38 -18.94 -59.71 6.61
CA GLY J 38 -17.81 -59.02 7.23
C GLY J 38 -18.19 -57.72 7.91
N ALA J 39 -19.48 -57.36 7.85
CA ALA J 39 -19.96 -56.10 8.41
C ALA J 39 -19.72 -56.01 9.92
N THR J 40 -19.35 -54.82 10.40
CA THR J 40 -19.22 -54.59 11.83
C THR J 40 -20.61 -54.42 12.44
N ILE J 41 -20.87 -55.15 13.53
CA ILE J 41 -22.21 -55.21 14.10
C ILE J 41 -22.24 -54.78 15.56
N TYR J 42 -23.14 -53.84 15.85
CA TYR J 42 -23.35 -53.39 17.23
C TYR J 42 -24.77 -53.67 17.68
N ARG J 43 -24.93 -54.04 18.94
CA ARG J 43 -26.24 -54.05 19.57
C ARG J 43 -26.40 -52.84 20.48
N LEU J 44 -27.49 -52.11 20.27
CA LEU J 44 -27.84 -50.99 21.13
C LEU J 44 -28.86 -51.47 22.15
N TYR J 45 -28.64 -51.17 23.43
CA TYR J 45 -29.55 -51.67 24.46
C TYR J 45 -29.70 -50.73 25.64
N GLY J 46 -30.66 -51.03 26.51
CA GLY J 46 -30.86 -50.30 27.75
C GLY J 46 -31.32 -48.85 27.62
N LYS J 47 -32.57 -48.65 27.21
CA LYS J 47 -33.11 -47.30 27.07
C LYS J 47 -34.62 -47.22 27.31
N PRO J 48 -35.03 -46.33 28.23
CA PRO J 48 -36.40 -46.07 28.72
C PRO J 48 -37.53 -46.33 27.72
N ASN J 49 -37.84 -45.34 26.90
CA ASN J 49 -38.93 -45.49 25.92
C ASN J 49 -38.37 -45.91 24.57
N ALA J 50 -37.64 -47.02 24.54
CA ALA J 50 -36.98 -47.42 23.30
C ALA J 50 -36.66 -48.92 23.26
N PRO J 51 -36.94 -49.55 22.11
CA PRO J 51 -36.60 -50.95 21.85
C PRO J 51 -35.11 -51.07 21.56
N GLU J 52 -34.54 -52.26 21.74
CA GLU J 52 -33.12 -52.42 21.44
C GLU J 52 -32.91 -52.51 19.92
N LEU J 53 -31.76 -52.04 19.47
CA LEU J 53 -31.49 -51.91 18.05
C LEU J 53 -30.19 -52.62 17.65
N PHE J 54 -30.05 -52.86 16.36
CA PHE J 54 -28.79 -53.36 15.81
C PHE J 54 -28.28 -52.38 14.75
N LEU J 55 -26.97 -52.21 14.68
CA LEU J 55 -26.34 -51.32 13.72
C LEU J 55 -25.23 -52.04 12.95
N LYS J 56 -25.39 -52.13 11.64
CA LYS J 56 -24.37 -52.73 10.78
C LYS J 56 -23.56 -51.65 10.07
N HIS J 57 -22.24 -51.80 10.08
CA HIS J 57 -21.37 -50.91 9.33
C HIS J 57 -20.55 -51.66 8.29
N GLY J 58 -20.71 -51.28 7.04
CA GLY J 58 -19.93 -51.86 5.97
C GLY J 58 -19.04 -50.83 5.31
N LYS J 59 -17.77 -51.15 5.17
CA LYS J 59 -16.86 -50.29 4.43
C LYS J 59 -16.36 -51.02 3.18
N GLY J 60 -16.10 -50.26 2.13
CA GLY J 60 -15.59 -50.83 0.89
C GLY J 60 -16.58 -51.78 0.25
N SER J 61 -16.13 -53.00 -0.03
CA SER J 61 -16.98 -53.97 -0.70
C SER J 61 -18.09 -54.40 0.24
N VAL J 62 -17.82 -54.35 1.54
CA VAL J 62 -18.79 -54.76 2.55
C VAL J 62 -19.96 -53.77 2.57
N ALA J 63 -19.70 -52.53 2.16
CA ALA J 63 -20.77 -51.53 2.08
C ALA J 63 -21.82 -51.98 1.05
N ASN J 64 -21.38 -52.66 0.00
CA ASN J 64 -22.33 -53.20 -0.97
C ASN J 64 -23.16 -54.33 -0.35
N ASP J 65 -22.50 -55.17 0.44
CA ASP J 65 -23.20 -56.26 1.12
C ASP J 65 -24.30 -55.74 2.04
N VAL J 66 -23.99 -54.68 2.78
CA VAL J 66 -24.97 -54.09 3.69
C VAL J 66 -26.10 -53.42 2.89
N THR J 67 -25.73 -52.73 1.81
CA THR J 67 -26.72 -52.12 0.92
C THR J 67 -27.65 -53.18 0.32
N ASP J 68 -27.08 -54.30 -0.11
CA ASP J 68 -27.87 -55.45 -0.57
C ASP J 68 -28.88 -55.91 0.47
N GLU J 69 -28.45 -56.03 1.73
CA GLU J 69 -29.39 -56.46 2.77
C GLU J 69 -30.50 -55.45 2.95
N MSE J 70 -30.15 -54.17 2.97
CA MSE J 70 -31.12 -53.12 3.21
C MSE J 70 -32.28 -53.14 2.22
O MSE J 70 -33.43 -53.04 2.63
CB MSE J 70 -30.44 -51.74 3.21
CG MSE J 70 -31.40 -50.59 3.48
SE MSE J 70 -32.40 -49.94 1.92
CE MSE J 70 -30.87 -49.44 0.88
N VAL J 71 -31.99 -53.26 0.93
CA VAL J 71 -33.04 -53.26 -0.08
CA VAL J 71 -33.05 -53.25 -0.07
C VAL J 71 -33.88 -54.53 -0.05
N ARG J 72 -33.28 -55.62 0.36
CA ARG J 72 -34.02 -56.86 0.48
C ARG J 72 -34.90 -56.86 1.74
N LEU J 73 -34.43 -56.27 2.84
CA LEU J 73 -35.30 -56.01 3.99
C LEU J 73 -36.45 -55.12 3.57
N ASN J 74 -36.13 -54.07 2.83
CA ASN J 74 -37.13 -53.09 2.41
C ASN J 74 -38.23 -53.73 1.58
N TRP J 75 -37.85 -54.68 0.72
CA TRP J 75 -38.81 -55.40 -0.12
C TRP J 75 -39.58 -56.51 0.60
N LEU J 76 -38.87 -57.43 1.22
CA LEU J 76 -39.50 -58.64 1.75
C LEU J 76 -40.39 -58.41 2.97
N THR J 77 -40.28 -57.23 3.57
CA THR J 77 -41.03 -56.91 4.79
C THR J 77 -42.52 -56.74 4.53
N ALA J 78 -42.91 -56.65 3.26
CA ALA J 78 -44.31 -56.63 2.88
C ALA J 78 -44.91 -58.03 2.91
N PHE J 79 -44.06 -59.05 2.89
CA PHE J 79 -44.52 -60.44 2.81
C PHE J 79 -44.20 -61.30 4.04
N MSE J 80 -43.17 -60.90 4.80
CA MSE J 80 -42.64 -61.73 5.88
C MSE J 80 -42.30 -60.88 7.11
O MSE J 80 -42.10 -59.68 6.99
CB MSE J 80 -41.39 -62.50 5.40
CG MSE J 80 -41.64 -63.50 4.28
SE MSE J 80 -42.84 -64.96 4.79
CE MSE J 80 -41.60 -66.08 5.75
N PRO J 81 -42.22 -61.51 8.29
CA PRO J 81 -41.81 -60.78 9.51
C PRO J 81 -40.29 -60.57 9.59
N LEU J 82 -39.88 -59.31 9.43
CA LEU J 82 -38.46 -58.96 9.36
C LEU J 82 -38.14 -57.80 10.28
N PRO J 83 -36.85 -57.62 10.60
CA PRO J 83 -36.42 -56.41 11.32
C PRO J 83 -36.82 -55.16 10.55
N THR J 84 -37.16 -54.10 11.25
CA THR J 84 -37.56 -52.85 10.60
C THR J 84 -36.37 -51.94 10.39
N ILE J 85 -36.30 -51.32 9.22
CA ILE J 85 -35.26 -50.34 8.95
C ILE J 85 -35.61 -49.01 9.64
N LYS J 86 -34.81 -48.62 10.62
CA LYS J 86 -35.04 -47.35 11.31
C LYS J 86 -34.27 -46.25 10.59
N HIS J 87 -33.09 -46.60 10.10
CA HIS J 87 -32.26 -45.64 9.41
C HIS J 87 -31.21 -46.36 8.57
N PHE J 88 -31.02 -45.88 7.34
CA PHE J 88 -29.93 -46.38 6.51
C PHE J 88 -29.21 -45.21 5.86
N ILE J 89 -27.88 -45.30 5.81
CA ILE J 89 -27.07 -44.27 5.19
C ILE J 89 -26.02 -44.90 4.26
N ARG J 90 -25.91 -44.37 3.04
CA ARG J 90 -24.87 -44.81 2.10
C ARG J 90 -24.08 -43.61 1.59
N THR J 91 -22.77 -43.63 1.79
CA THR J 91 -21.85 -42.69 1.17
C THR J 91 -21.00 -43.55 0.23
N PRO J 92 -20.13 -42.92 -0.59
CA PRO J 92 -19.44 -43.76 -1.58
C PRO J 92 -18.73 -45.01 -1.01
N ASP J 93 -18.10 -44.91 0.16
CA ASP J 93 -17.33 -46.04 0.68
C ASP J 93 -17.89 -46.67 1.96
N ASP J 94 -19.03 -46.18 2.42
CA ASP J 94 -19.59 -46.61 3.70
C ASP J 94 -21.09 -46.84 3.69
N ALA J 95 -21.54 -47.85 4.42
CA ALA J 95 -22.96 -48.08 4.59
C ALA J 95 -23.30 -48.32 6.05
N TRP J 96 -24.37 -47.68 6.53
CA TRP J 96 -24.82 -47.89 7.90
C TRP J 96 -26.28 -48.31 7.87
N LEU J 97 -26.57 -49.43 8.51
CA LEU J 97 -27.91 -49.98 8.54
C LEU J 97 -28.34 -50.14 9.99
N LEU J 98 -29.32 -49.34 10.39
CA LEU J 98 -29.89 -49.42 11.73
C LEU J 98 -31.22 -50.13 11.67
N THR J 99 -31.35 -51.23 12.42
CA THR J 99 -32.59 -51.98 12.40
C THR J 99 -33.08 -52.33 13.80
N THR J 100 -34.37 -52.56 13.93
CA THR J 100 -34.92 -53.00 15.21
C THR J 100 -34.55 -54.45 15.44
N ALA J 101 -34.64 -54.90 16.69
CA ALA J 101 -34.24 -56.24 17.04
C ALA J 101 -35.45 -57.14 17.26
N ILE J 102 -35.42 -58.34 16.67
CA ILE J 102 -36.44 -59.33 16.95
C ILE J 102 -36.09 -60.00 18.26
N PRO J 103 -36.94 -59.81 19.28
CA PRO J 103 -36.66 -60.43 20.57
C PRO J 103 -36.83 -61.94 20.48
N GLY J 104 -35.97 -62.69 21.16
CA GLY J 104 -36.08 -64.14 21.17
C GLY J 104 -34.77 -64.86 20.99
N LYS J 105 -34.86 -66.13 20.63
CA LYS J 105 -33.69 -66.98 20.49
C LYS J 105 -33.67 -67.59 19.10
N THR J 106 -32.50 -67.99 18.64
CA THR J 106 -32.40 -68.61 17.33
C THR J 106 -32.96 -70.03 17.39
N ALA J 107 -33.36 -70.53 16.23
CA ALA J 107 -33.85 -71.90 16.09
C ALA J 107 -32.82 -72.89 16.63
N PHE J 108 -31.56 -72.64 16.28
CA PHE J 108 -30.44 -73.40 16.80
C PHE J 108 -30.47 -73.45 18.32
N GLN J 109 -30.55 -72.29 18.96
CA GLN J 109 -30.60 -72.21 20.42
C GLN J 109 -31.75 -73.05 20.97
N VAL J 110 -32.98 -72.73 20.56
CA VAL J 110 -34.17 -73.37 21.11
C VAL J 110 -34.17 -74.88 20.87
N LEU J 111 -33.44 -75.32 19.85
CA LEU J 111 -33.25 -76.75 19.63
C LEU J 111 -32.35 -77.35 20.72
N GLU J 112 -31.41 -76.55 21.22
CA GLU J 112 -30.52 -77.00 22.30
C GLU J 112 -31.14 -76.83 23.69
N GLU J 113 -31.76 -75.67 23.92
CA GLU J 113 -32.40 -75.40 25.21
C GLU J 113 -33.55 -76.36 25.44
N TYR J 114 -34.35 -76.57 24.41
CA TYR J 114 -35.53 -77.44 24.51
C TYR J 114 -35.46 -78.58 23.51
N PRO J 115 -34.59 -79.58 23.78
CA PRO J 115 -34.32 -80.69 22.85
C PRO J 115 -35.58 -81.40 22.41
N ASP J 116 -36.41 -81.80 23.38
CA ASP J 116 -37.68 -82.47 23.11
C ASP J 116 -38.56 -81.77 22.07
N SER J 117 -38.39 -80.46 21.92
CA SER J 117 -39.23 -79.67 21.03
C SER J 117 -38.79 -79.81 19.57
N GLY J 118 -37.87 -80.74 19.34
CA GLY J 118 -37.28 -80.98 18.03
C GLY J 118 -38.29 -81.12 16.91
N GLU J 119 -39.24 -82.03 17.08
CA GLU J 119 -40.23 -82.22 16.03
C GLU J 119 -41.13 -81.01 15.85
N ASN J 120 -41.58 -80.42 16.96
CA ASN J 120 -42.39 -79.21 16.89
C ASN J 120 -41.63 -78.03 16.29
N ILE J 121 -40.39 -77.85 16.73
CA ILE J 121 -39.53 -76.80 16.18
C ILE J 121 -39.38 -76.95 14.68
N VAL J 122 -39.07 -78.16 14.23
CA VAL J 122 -38.91 -78.41 12.80
C VAL J 122 -40.22 -78.17 12.03
N ASP J 123 -41.34 -78.56 12.64
CA ASP J 123 -42.66 -78.32 12.06
C ASP J 123 -42.87 -76.84 11.82
N ALA J 124 -42.48 -76.02 12.79
CA ALA J 124 -42.60 -74.57 12.68
C ALA J 124 -41.71 -74.04 11.57
N LEU J 125 -40.49 -74.56 11.49
CA LEU J 125 -39.55 -74.16 10.46
C LEU J 125 -40.11 -74.47 9.07
N ALA J 126 -40.73 -75.64 8.94
CA ALA J 126 -41.32 -76.07 7.67
C ALA J 126 -42.48 -75.17 7.25
N VAL J 127 -43.40 -74.91 8.17
CA VAL J 127 -44.53 -74.02 7.90
C VAL J 127 -44.01 -72.66 7.44
N PHE J 128 -43.00 -72.16 8.14
CA PHE J 128 -42.39 -70.88 7.81
C PHE J 128 -41.75 -70.87 6.41
N LEU J 129 -41.03 -71.93 6.07
CA LEU J 129 -40.37 -72.01 4.76
C LEU J 129 -41.38 -72.12 3.61
N ARG J 130 -42.45 -72.88 3.83
CA ARG J 130 -43.54 -72.99 2.86
C ARG J 130 -44.16 -71.62 2.59
N ARG J 131 -44.28 -70.81 3.64
CA ARG J 131 -44.80 -69.45 3.53
C ARG J 131 -43.94 -68.60 2.60
N LEU J 132 -42.65 -68.55 2.89
CA LEU J 132 -41.70 -67.83 2.05
C LEU J 132 -41.78 -68.33 0.61
N HIS J 133 -41.81 -69.65 0.44
CA HIS J 133 -41.79 -70.22 -0.91
C HIS J 133 -43.13 -70.10 -1.63
N SER J 134 -44.15 -69.61 -0.92
CA SER J 134 -45.47 -69.36 -1.51
C SER J 134 -45.67 -67.93 -2.02
N ILE J 135 -44.72 -67.04 -1.76
CA ILE J 135 -44.77 -65.71 -2.36
C ILE J 135 -44.62 -65.85 -3.88
N PRO J 136 -45.63 -65.40 -4.65
CA PRO J 136 -45.55 -65.51 -6.12
C PRO J 136 -44.28 -64.85 -6.65
N VAL J 137 -43.53 -65.53 -7.52
CA VAL J 137 -42.21 -65.02 -7.92
C VAL J 137 -42.34 -63.72 -8.69
N CYS J 138 -43.51 -63.47 -9.24
CA CYS J 138 -43.77 -62.22 -9.97
C CYS J 138 -43.65 -61.01 -9.06
N ASN J 139 -43.57 -61.24 -7.76
CA ASN J 139 -43.46 -60.15 -6.80
C ASN J 139 -42.01 -59.73 -6.56
N CYS J 140 -41.06 -60.59 -6.94
CA CYS J 140 -39.69 -60.42 -6.47
C CYS J 140 -38.76 -59.78 -7.50
N PRO J 141 -38.13 -58.64 -7.14
CA PRO J 141 -37.29 -57.95 -8.13
C PRO J 141 -35.81 -58.37 -8.10
N PHE J 142 -35.50 -59.41 -7.34
CA PHE J 142 -34.11 -59.84 -7.14
C PHE J 142 -33.81 -61.19 -7.79
N ASN J 143 -32.66 -61.25 -8.47
CA ASN J 143 -32.21 -62.47 -9.14
C ASN J 143 -31.12 -63.15 -8.31
N SER J 144 -31.39 -64.36 -7.86
CA SER J 144 -30.42 -65.15 -7.12
C SER J 144 -30.21 -66.50 -7.78
N ASP J 145 -30.42 -66.59 -9.09
CA ASP J 145 -30.40 -67.90 -9.75
C ASP J 145 -28.98 -68.49 -9.78
N ARG J 146 -28.87 -69.73 -10.24
CA ARG J 146 -27.59 -70.42 -10.12
C ARG J 146 -26.53 -69.87 -11.06
N VAL J 147 -26.95 -69.35 -12.20
CA VAL J 147 -26.01 -68.72 -13.12
C VAL J 147 -25.37 -67.50 -12.45
N PHE J 148 -26.19 -66.72 -11.75
CA PHE J 148 -25.72 -65.57 -10.99
C PHE J 148 -24.81 -65.98 -9.84
N ARG J 149 -25.22 -66.98 -9.08
CA ARG J 149 -24.46 -67.41 -7.92
C ARG J 149 -23.16 -68.14 -8.32
N LEU J 150 -23.21 -68.95 -9.37
CA LEU J 150 -21.98 -69.65 -9.81
C LEU J 150 -20.89 -68.68 -10.23
N ALA J 151 -21.27 -67.62 -10.95
CA ALA J 151 -20.33 -66.57 -11.32
C ALA J 151 -19.69 -65.90 -10.11
N GLN J 152 -20.47 -65.69 -9.06
CA GLN J 152 -19.94 -65.13 -7.83
C GLN J 152 -19.00 -66.11 -7.17
N ALA J 153 -19.43 -67.36 -7.10
CA ALA J 153 -18.60 -68.41 -6.52
C ALA J 153 -17.25 -68.51 -7.23
N GLN J 154 -17.29 -68.44 -8.56
CA GLN J 154 -16.09 -68.56 -9.37
C GLN J 154 -15.14 -67.40 -9.07
N SER J 155 -15.68 -66.19 -9.01
CA SER J 155 -14.89 -65.03 -8.62
C SER J 155 -14.27 -65.17 -7.22
N ARG J 156 -15.04 -65.68 -6.25
CA ARG J 156 -14.50 -65.88 -4.91
C ARG J 156 -13.34 -66.88 -4.90
N MSE J 157 -13.51 -67.98 -5.63
CA MSE J 157 -12.48 -68.99 -5.73
C MSE J 157 -11.20 -68.39 -6.31
O MSE J 157 -10.12 -68.53 -5.73
CB MSE J 157 -12.94 -70.15 -6.61
CG MSE J 157 -11.85 -71.16 -6.91
SE MSE J 157 -12.55 -72.66 -7.92
CE MSE J 157 -13.12 -71.72 -9.52
N ASN J 158 -11.34 -67.70 -7.43
CA ASN J 158 -10.20 -67.10 -8.12
C ASN J 158 -9.51 -66.04 -7.27
N ASN J 159 -10.30 -65.32 -6.49
CA ASN J 159 -9.77 -64.28 -5.61
C ASN J 159 -9.30 -64.80 -4.24
N GLY J 160 -9.27 -66.12 -4.08
CA GLY J 160 -8.75 -66.74 -2.87
C GLY J 160 -9.56 -66.49 -1.61
N LEU J 161 -10.85 -66.20 -1.77
CA LEU J 161 -11.70 -65.82 -0.64
C LEU J 161 -12.49 -66.97 -0.02
N VAL J 162 -12.41 -68.16 -0.60
CA VAL J 162 -13.21 -69.27 -0.12
C VAL J 162 -12.56 -69.90 1.12
N ASP J 163 -13.36 -70.10 2.17
CA ASP J 163 -12.88 -70.69 3.42
C ASP J 163 -12.90 -72.23 3.34
N ALA J 164 -11.77 -72.81 2.95
CA ALA J 164 -11.66 -74.25 2.75
C ALA J 164 -11.72 -75.05 4.05
N SER J 165 -11.47 -74.39 5.16
CA SER J 165 -11.48 -75.04 6.46
C SER J 165 -12.91 -75.18 6.97
N ASP J 166 -13.85 -74.52 6.29
CA ASP J 166 -15.23 -74.48 6.77
C ASP J 166 -16.14 -75.37 5.91
N PHE J 167 -15.55 -76.26 5.11
CA PHE J 167 -16.33 -77.15 4.25
C PHE J 167 -17.07 -78.20 5.09
N ASP J 168 -18.19 -78.70 4.58
CA ASP J 168 -18.92 -79.80 5.23
C ASP J 168 -18.04 -81.04 5.36
N ASP J 169 -18.43 -81.96 6.24
CA ASP J 169 -17.61 -83.11 6.59
C ASP J 169 -17.21 -83.97 5.38
N GLU J 170 -18.15 -84.13 4.46
CA GLU J 170 -18.00 -84.96 3.27
CA GLU J 170 -17.92 -85.01 3.32
C GLU J 170 -16.95 -84.39 2.31
N ARG J 171 -16.60 -83.12 2.53
CA ARG J 171 -15.63 -82.42 1.69
C ARG J 171 -14.41 -81.96 2.50
N ASN J 172 -14.21 -82.60 3.65
CA ASN J 172 -13.15 -82.20 4.58
C ASN J 172 -11.78 -82.23 3.91
N GLY J 173 -11.10 -81.10 3.88
CA GLY J 173 -9.74 -81.07 3.37
C GLY J 173 -9.64 -80.97 1.86
N TRP J 174 -10.77 -80.99 1.18
CA TRP J 174 -10.79 -80.81 -0.26
C TRP J 174 -10.25 -79.44 -0.65
N PRO J 175 -9.44 -79.39 -1.72
CA PRO J 175 -9.12 -78.10 -2.34
C PRO J 175 -10.37 -77.50 -2.98
N VAL J 176 -10.45 -76.17 -3.03
CA VAL J 176 -11.63 -75.47 -3.56
C VAL J 176 -11.86 -75.86 -5.02
N GLU J 177 -10.78 -75.96 -5.79
CA GLU J 177 -10.88 -76.38 -7.18
C GLU J 177 -11.64 -77.69 -7.33
N GLN J 178 -11.40 -78.63 -6.44
CA GLN J 178 -12.08 -79.93 -6.50
C GLN J 178 -13.57 -79.82 -6.25
N VAL J 179 -13.94 -78.95 -5.32
CA VAL J 179 -15.35 -78.71 -5.05
C VAL J 179 -15.99 -78.15 -6.31
N TRP J 180 -15.30 -77.21 -6.95
CA TRP J 180 -15.79 -76.56 -8.15
C TRP J 180 -16.04 -77.60 -9.26
N LYS J 181 -15.03 -78.42 -9.54
CA LYS J 181 -15.13 -79.45 -10.58
C LYS J 181 -16.25 -80.45 -10.33
N GLU J 182 -16.32 -80.97 -9.10
CA GLU J 182 -17.32 -81.97 -8.73
C GLU J 182 -18.74 -81.45 -8.76
N MSE J 183 -18.93 -80.18 -8.34
CA MSE J 183 -20.24 -79.57 -8.32
C MSE J 183 -20.83 -79.48 -9.74
O MSE J 183 -22.04 -79.56 -9.93
CB MSE J 183 -20.16 -78.18 -7.69
CG MSE J 183 -21.50 -77.42 -7.59
SE MSE J 183 -21.27 -75.68 -6.77
CE MSE J 183 -19.85 -74.95 -7.89
N HIS J 184 -19.96 -79.33 -10.72
CA HIS J 184 -20.41 -79.19 -12.10
C HIS J 184 -20.79 -80.52 -12.72
N LYS J 185 -20.41 -81.60 -12.06
CA LYS J 185 -20.80 -82.93 -12.50
C LYS J 185 -22.28 -83.20 -12.22
N LEU J 186 -22.89 -82.33 -11.42
CA LEU J 186 -24.31 -82.45 -11.07
C LEU J 186 -25.21 -81.61 -11.96
N LEU J 187 -24.62 -80.83 -12.86
CA LEU J 187 -25.40 -79.97 -13.76
C LEU J 187 -25.63 -80.67 -15.09
N PRO J 188 -26.75 -80.34 -15.77
CA PRO J 188 -27.76 -79.38 -15.32
C PRO J 188 -28.93 -80.05 -14.61
N PHE J 189 -29.84 -79.25 -14.07
CA PHE J 189 -31.14 -79.73 -13.61
C PHE J 189 -32.18 -78.63 -13.83
N SER J 190 -33.45 -79.00 -13.86
CA SER J 190 -34.52 -78.03 -14.09
C SER J 190 -34.75 -77.21 -12.84
N PRO J 191 -34.62 -75.88 -12.95
CA PRO J 191 -34.86 -75.02 -11.79
C PRO J 191 -36.33 -75.07 -11.39
N ASP J 192 -36.59 -75.05 -10.08
CA ASP J 192 -37.94 -74.96 -9.54
C ASP J 192 -37.96 -73.67 -8.72
N SER J 193 -38.14 -72.55 -9.41
CA SER J 193 -37.85 -71.23 -8.84
C SER J 193 -38.92 -70.70 -7.89
N VAL J 194 -38.48 -70.19 -6.74
CA VAL J 194 -39.37 -69.59 -5.75
C VAL J 194 -38.60 -68.45 -5.14
N VAL J 195 -39.26 -67.64 -4.32
CA VAL J 195 -38.55 -66.60 -3.57
C VAL J 195 -37.76 -67.30 -2.47
N THR J 196 -36.44 -67.15 -2.49
CA THR J 196 -35.61 -67.82 -1.48
C THR J 196 -34.95 -66.83 -0.53
N HIS J 197 -34.64 -67.31 0.67
CA HIS J 197 -33.94 -66.51 1.67
C HIS J 197 -32.46 -66.41 1.34
N GLY J 198 -31.86 -67.52 0.95
CA GLY J 198 -30.46 -67.53 0.55
C GLY J 198 -29.47 -67.93 1.63
N ASP J 199 -29.87 -67.88 2.90
CA ASP J 199 -29.04 -68.33 4.00
C ASP J 199 -29.94 -68.80 5.14
N PHE J 200 -30.76 -69.80 4.84
CA PHE J 200 -31.86 -70.22 5.71
C PHE J 200 -31.34 -71.22 6.72
N SER J 201 -30.44 -70.74 7.57
CA SER J 201 -29.78 -71.58 8.56
C SER J 201 -30.48 -71.46 9.92
N LEU J 202 -30.11 -72.32 10.85
CA LEU J 202 -30.72 -72.29 12.16
C LEU J 202 -30.37 -70.99 12.91
N ASP J 203 -29.30 -70.34 12.47
CA ASP J 203 -28.86 -69.08 13.09
C ASP J 203 -29.75 -67.90 12.74
N ASN J 204 -30.50 -68.02 11.64
CA ASN J 204 -31.17 -66.86 11.09
C ASN J 204 -32.69 -66.85 11.26
N LEU J 205 -33.20 -67.75 12.09
CA LEU J 205 -34.63 -67.76 12.41
C LEU J 205 -34.85 -67.54 13.90
N ILE J 206 -35.80 -66.68 14.24
CA ILE J 206 -35.99 -66.26 15.63
C ILE J 206 -37.31 -66.77 16.21
N PHE J 207 -37.20 -67.49 17.33
CA PHE J 207 -38.34 -68.00 18.07
C PHE J 207 -38.58 -67.13 19.30
N ASP J 208 -39.85 -66.91 19.62
CA ASP J 208 -40.18 -66.18 20.83
C ASP J 208 -41.50 -66.69 21.40
N GLU J 209 -41.48 -67.03 22.69
CA GLU J 209 -42.65 -67.56 23.39
C GLU J 209 -43.24 -68.78 22.68
N GLY J 210 -42.36 -69.63 22.16
CA GLY J 210 -42.78 -70.85 21.50
C GLY J 210 -43.07 -70.70 20.01
N LYS J 211 -43.16 -69.47 19.54
CA LYS J 211 -43.53 -69.22 18.15
C LYS J 211 -42.37 -68.69 17.31
N LEU J 212 -42.36 -69.08 16.04
CA LEU J 212 -41.35 -68.61 15.10
C LEU J 212 -41.83 -67.29 14.52
N ILE J 213 -41.25 -66.18 14.99
CA ILE J 213 -41.81 -64.86 14.72
C ILE J 213 -41.03 -64.02 13.72
N GLY J 214 -39.93 -64.53 13.20
CA GLY J 214 -39.15 -63.75 12.25
C GLY J 214 -37.89 -64.39 11.71
N CYS J 215 -37.34 -63.79 10.65
CA CYS J 215 -36.06 -64.23 10.12
C CYS J 215 -35.13 -63.03 9.92
N ILE J 216 -33.84 -63.30 9.86
CA ILE J 216 -32.84 -62.25 9.75
C ILE J 216 -31.82 -62.61 8.69
N ASP J 217 -30.90 -61.67 8.44
CA ASP J 217 -29.79 -61.89 7.51
C ASP J 217 -30.26 -62.17 6.08
N VAL J 218 -30.94 -61.20 5.47
CA VAL J 218 -31.64 -61.42 4.21
C VAL J 218 -30.89 -60.88 2.96
N GLY J 219 -29.59 -60.63 3.09
CA GLY J 219 -28.80 -60.08 2.00
C GLY J 219 -28.73 -60.89 0.71
N ARG J 220 -29.08 -62.17 0.79
CA ARG J 220 -28.99 -63.05 -0.38
C ARG J 220 -30.36 -63.42 -0.94
N VAL J 221 -31.40 -62.73 -0.47
CA VAL J 221 -32.78 -62.99 -0.92
C VAL J 221 -32.90 -62.80 -2.43
N GLY J 222 -33.63 -63.71 -3.08
CA GLY J 222 -33.89 -63.58 -4.50
C GLY J 222 -34.53 -64.83 -5.07
N ILE J 223 -34.91 -64.79 -6.34
CA ILE J 223 -35.47 -65.96 -7.01
C ILE J 223 -34.38 -66.98 -7.28
N ALA J 224 -34.61 -68.21 -6.85
CA ALA J 224 -33.64 -69.30 -7.01
C ALA J 224 -34.40 -70.62 -6.87
N ASP J 225 -33.71 -71.74 -7.00
CA ASP J 225 -34.34 -73.03 -6.80
C ASP J 225 -34.70 -73.22 -5.32
N ARG J 226 -35.86 -73.81 -5.04
CA ARG J 226 -36.29 -73.97 -3.66
C ARG J 226 -35.27 -74.74 -2.80
N TYR J 227 -34.42 -75.55 -3.43
CA TYR J 227 -33.42 -76.30 -2.68
C TYR J 227 -32.30 -75.41 -2.13
N GLN J 228 -32.24 -74.17 -2.58
CA GLN J 228 -31.29 -73.20 -2.00
C GLN J 228 -31.53 -73.06 -0.50
N ASP J 229 -32.80 -72.99 -0.11
CA ASP J 229 -33.15 -72.87 1.31
C ASP J 229 -33.25 -74.23 1.99
N LEU J 230 -33.86 -75.19 1.29
CA LEU J 230 -34.02 -76.52 1.86
C LEU J 230 -32.66 -77.16 2.19
N ALA J 231 -31.67 -76.99 1.31
CA ALA J 231 -30.37 -77.64 1.49
C ALA J 231 -29.64 -77.10 2.71
N ILE J 232 -29.63 -75.78 2.85
CA ILE J 232 -28.89 -75.15 3.93
C ILE J 232 -29.49 -75.51 5.28
N LEU J 233 -30.81 -75.46 5.38
CA LEU J 233 -31.48 -75.85 6.62
C LEU J 233 -31.31 -77.36 6.93
N TRP J 234 -31.47 -78.19 5.91
CA TRP J 234 -31.31 -79.64 6.05
C TRP J 234 -29.93 -79.97 6.62
N ASN J 235 -28.91 -79.28 6.12
CA ASN J 235 -27.53 -79.42 6.58
C ASN J 235 -27.38 -79.06 8.07
N CYS J 236 -28.00 -77.95 8.47
CA CYS J 236 -27.96 -77.51 9.86
C CYS J 236 -28.58 -78.53 10.79
N LEU J 237 -29.66 -79.16 10.32
CA LEU J 237 -30.39 -80.12 11.12
C LEU J 237 -29.61 -81.43 11.34
N GLY J 238 -28.61 -81.67 10.50
CA GLY J 238 -27.79 -82.86 10.62
C GLY J 238 -27.04 -82.92 11.94
N GLU J 239 -26.78 -81.75 12.52
CA GLU J 239 -26.13 -81.67 13.82
C GLU J 239 -26.95 -82.34 14.91
N PHE J 240 -28.27 -82.39 14.73
CA PHE J 240 -29.16 -82.83 15.79
C PHE J 240 -29.61 -84.28 15.63
N SER J 241 -30.24 -84.60 14.50
CA SER J 241 -30.59 -85.99 14.19
C SER J 241 -30.98 -86.11 12.72
N PRO J 242 -30.81 -87.31 12.16
CA PRO J 242 -31.21 -87.52 10.76
C PRO J 242 -32.73 -87.69 10.64
N SER J 243 -33.41 -87.91 11.76
CA SER J 243 -34.87 -87.97 11.76
C SER J 243 -35.50 -86.58 11.58
N LEU J 244 -34.87 -85.56 12.18
CA LEU J 244 -35.36 -84.19 12.02
C LEU J 244 -35.13 -83.69 10.60
N GLN J 245 -34.03 -84.14 10.00
CA GLN J 245 -33.74 -83.80 8.61
C GLN J 245 -34.87 -84.29 7.71
N LYS J 246 -35.24 -85.56 7.91
CA LYS J 246 -36.31 -86.16 7.13
C LYS J 246 -37.61 -85.43 7.38
N ARG J 247 -37.88 -85.12 8.65
CA ARG J 247 -39.10 -84.41 9.03
C ARG J 247 -39.27 -83.04 8.37
N LEU J 248 -38.16 -82.32 8.17
CA LEU J 248 -38.22 -81.04 7.47
C LEU J 248 -38.81 -81.22 6.08
N PHE J 249 -38.32 -82.23 5.35
CA PHE J 249 -38.82 -82.49 4.00
C PHE J 249 -40.24 -83.02 4.04
N GLN J 250 -40.52 -83.85 5.04
CA GLN J 250 -41.84 -84.42 5.24
C GLN J 250 -42.87 -83.30 5.42
N LYS J 251 -42.58 -82.38 6.33
CA LYS J 251 -43.52 -81.34 6.70
C LYS J 251 -43.63 -80.25 5.64
N TYR J 252 -42.58 -80.10 4.82
CA TYR J 252 -42.58 -79.12 3.75
C TYR J 252 -43.43 -79.60 2.58
N GLY J 253 -43.55 -80.92 2.44
CA GLY J 253 -44.35 -81.49 1.38
C GLY J 253 -43.58 -82.33 0.37
N ILE J 254 -42.28 -82.50 0.61
CA ILE J 254 -41.47 -83.34 -0.26
C ILE J 254 -41.25 -84.73 0.34
N ASP J 255 -41.86 -85.74 -0.29
CA ASP J 255 -41.77 -87.12 0.18
C ASP J 255 -40.43 -87.79 -0.11
N ASN J 256 -39.92 -87.63 -1.32
CA ASN J 256 -38.59 -88.13 -1.65
C ASN J 256 -37.67 -87.05 -2.21
N PRO J 257 -36.89 -86.44 -1.31
CA PRO J 257 -35.97 -85.34 -1.62
C PRO J 257 -35.07 -85.60 -2.84
N ASP J 258 -34.87 -84.57 -3.66
CA ASP J 258 -34.00 -84.68 -4.82
C ASP J 258 -32.56 -84.57 -4.35
N MSE J 259 -31.90 -85.71 -4.19
CA MSE J 259 -30.57 -85.75 -3.61
C MSE J 259 -29.56 -84.97 -4.45
O MSE J 259 -28.61 -84.39 -3.90
CB MSE J 259 -30.12 -87.19 -3.44
CG MSE J 259 -30.91 -87.92 -2.37
SE MSE J 259 -30.36 -87.36 -0.59
CE MSE J 259 -31.86 -86.28 -0.12
N ASN J 260 -29.76 -84.93 -5.76
CA ASN J 260 -28.84 -84.22 -6.63
C ASN J 260 -28.95 -82.71 -6.43
N LYS J 261 -30.18 -82.20 -6.35
CA LYS J 261 -30.41 -80.78 -6.11
C LYS J 261 -29.89 -80.39 -4.73
N LEU J 262 -30.06 -81.29 -3.77
CA LEU J 262 -29.61 -81.03 -2.41
C LEU J 262 -28.08 -80.85 -2.38
N GLN J 263 -27.37 -81.80 -2.99
CA GLN J 263 -25.92 -81.78 -3.00
C GLN J 263 -25.37 -80.60 -3.78
N PHE J 264 -26.01 -80.24 -4.89
CA PHE J 264 -25.55 -79.09 -5.63
C PHE J 264 -25.58 -77.83 -4.76
N HIS J 265 -26.65 -77.65 -3.99
CA HIS J 265 -26.77 -76.41 -3.25
C HIS J 265 -25.87 -76.37 -2.02
N LEU J 266 -25.61 -77.56 -1.46
CA LEU J 266 -24.69 -77.65 -0.35
C LEU J 266 -23.27 -77.34 -0.83
N MSE J 267 -22.93 -77.82 -2.01
CA MSE J 267 -21.61 -77.54 -2.55
C MSE J 267 -21.46 -76.06 -2.92
O MSE J 267 -20.42 -75.43 -2.68
CB MSE J 267 -21.31 -78.44 -3.75
CG MSE J 267 -21.18 -79.92 -3.33
SE MSE J 267 -20.78 -81.06 -4.82
CE MSE J 267 -18.88 -80.80 -4.94
N LEU J 268 -22.53 -75.48 -3.46
CA LEU J 268 -22.49 -74.07 -3.86
C LEU J 268 -22.29 -73.19 -2.64
N ASP J 269 -22.89 -73.57 -1.52
CA ASP J 269 -22.74 -72.75 -0.32
C ASP J 269 -21.32 -72.80 0.26
N GLU J 270 -20.53 -73.79 -0.16
CA GLU J 270 -19.15 -73.90 0.31
C GLU J 270 -18.34 -72.68 -0.13
N PHE J 271 -18.82 -72.00 -1.16
CA PHE J 271 -18.09 -70.89 -1.76
C PHE J 271 -18.35 -69.55 -1.11
N PHE J 272 -19.29 -69.52 -0.16
CA PHE J 272 -19.73 -68.26 0.39
C PHE J 272 -19.53 -68.12 1.89
N MSE K 2 52.79 -26.27 -18.13
CA MSE K 2 52.95 -26.19 -16.68
C MSE K 2 51.61 -26.27 -15.95
O MSE K 2 50.77 -25.38 -16.10
CB MSE K 2 53.68 -24.89 -16.30
CG MSE K 2 55.20 -24.93 -16.45
SE MSE K 2 56.10 -25.53 -14.84
CE MSE K 2 56.46 -27.37 -15.37
N SER K 3 51.42 -27.33 -15.17
CA SER K 3 50.24 -27.45 -14.33
C SER K 3 50.61 -27.27 -12.86
N HIS K 4 49.59 -27.09 -12.02
CA HIS K 4 49.79 -26.92 -10.57
C HIS K 4 50.67 -25.72 -10.21
N ILE K 5 50.61 -24.64 -10.99
CA ILE K 5 51.51 -23.54 -10.67
C ILE K 5 51.02 -22.73 -9.46
N GLN K 6 51.96 -22.23 -8.69
CA GLN K 6 51.64 -21.34 -7.59
C GLN K 6 52.73 -20.28 -7.57
N ARG K 7 52.44 -19.15 -8.18
CA ARG K 7 53.43 -18.08 -8.29
C ARG K 7 52.93 -16.85 -7.56
N GLU K 8 53.72 -16.37 -6.61
CA GLU K 8 53.30 -15.24 -5.79
C GLU K 8 54.22 -14.06 -6.03
N THR K 9 53.63 -12.88 -6.25
CA THR K 9 54.41 -11.64 -6.31
C THR K 9 53.97 -10.73 -5.19
N SER K 10 54.88 -9.86 -4.75
CA SER K 10 54.51 -8.80 -3.81
C SER K 10 53.68 -7.75 -4.56
N CYS K 11 52.66 -7.20 -3.91
CA CYS K 11 51.93 -6.09 -4.51
C CYS K 11 51.51 -5.02 -3.49
N SER K 12 51.22 -3.82 -3.98
CA SER K 12 50.66 -2.78 -3.14
C SER K 12 49.18 -3.06 -3.04
N ARG K 13 48.52 -2.47 -2.05
CA ARG K 13 47.08 -2.65 -1.92
C ARG K 13 46.38 -2.11 -3.19
N PRO K 14 45.50 -2.92 -3.79
CA PRO K 14 44.77 -2.47 -4.98
C PRO K 14 43.82 -1.34 -4.65
N ARG K 15 43.47 -0.55 -5.66
CA ARG K 15 42.54 0.55 -5.46
C ARG K 15 41.11 0.05 -5.32
N LEU K 16 40.46 0.43 -4.22
CA LEU K 16 39.05 0.11 -4.00
C LEU K 16 38.22 1.31 -4.41
N ASN K 17 37.52 1.20 -5.52
CA ASN K 17 36.93 2.37 -6.16
C ASN K 17 35.67 2.96 -5.52
N SER K 18 34.64 2.13 -5.30
CA SER K 18 33.33 2.68 -4.91
C SER K 18 32.65 2.02 -3.70
N ASN K 19 32.36 2.86 -2.71
CA ASN K 19 31.51 2.47 -1.58
C ASN K 19 30.05 2.72 -1.94
N LEU K 20 29.12 2.16 -1.16
CA LEU K 20 27.69 2.28 -1.45
C LEU K 20 27.21 3.72 -1.60
N ASP K 21 27.65 4.60 -0.71
CA ASP K 21 27.16 5.99 -0.69
C ASP K 21 27.53 6.77 -1.94
N ALA K 22 28.49 6.26 -2.70
CA ALA K 22 28.86 6.84 -4.00
C ALA K 22 27.62 6.92 -4.88
N ASP K 23 26.85 5.84 -4.89
CA ASP K 23 25.60 5.79 -5.64
C ASP K 23 24.45 6.48 -4.90
N LEU K 24 24.70 6.85 -3.63
CA LEU K 24 23.66 7.44 -2.79
C LEU K 24 24.01 8.81 -2.23
N TYR K 25 23.70 9.86 -2.99
CA TYR K 25 23.88 11.23 -2.53
C TYR K 25 22.73 12.12 -2.99
N GLY K 26 21.68 12.20 -2.19
CA GLY K 26 20.55 13.05 -2.51
C GLY K 26 19.40 12.25 -3.10
N TYR K 27 18.49 11.81 -2.23
CA TYR K 27 17.32 11.04 -2.63
C TYR K 27 16.29 11.13 -1.50
N ARG K 28 15.01 10.95 -1.83
CA ARG K 28 13.96 10.95 -0.80
C ARG K 28 13.83 9.57 -0.18
N TRP K 29 14.51 9.37 0.94
CA TRP K 29 14.55 8.08 1.61
C TRP K 29 13.23 7.68 2.26
N ALA K 30 12.39 6.96 1.52
CA ALA K 30 11.11 6.49 2.04
C ALA K 30 11.13 4.97 2.27
N ARG K 31 10.00 4.42 2.69
CA ARG K 31 9.91 2.98 2.94
C ARG K 31 9.00 2.27 1.94
N ASP K 32 8.72 0.99 2.20
CA ASP K 32 7.85 0.20 1.32
C ASP K 32 7.33 -1.07 2.01
N ASN K 33 6.21 -0.92 2.72
CA ASN K 33 5.59 -2.04 3.44
C ASN K 33 5.14 -3.16 2.50
N VAL K 34 5.57 -4.38 2.80
CA VAL K 34 5.16 -5.55 2.01
C VAL K 34 4.74 -6.73 2.90
N SER K 37 7.19 -10.15 1.74
CA SER K 37 8.64 -10.24 1.80
C SER K 37 9.15 -9.82 3.19
N GLY K 38 10.36 -10.27 3.53
CA GLY K 38 10.92 -9.96 4.83
C GLY K 38 11.84 -8.75 4.81
N ALA K 39 12.23 -8.34 3.61
CA ALA K 39 13.27 -7.31 3.48
C ALA K 39 12.76 -5.91 3.72
N THR K 40 13.63 -5.07 4.27
CA THR K 40 13.34 -3.64 4.39
C THR K 40 13.63 -2.96 3.05
N ILE K 41 12.65 -2.24 2.53
CA ILE K 41 12.79 -1.62 1.21
C ILE K 41 12.74 -0.09 1.28
N TYR K 42 13.67 0.55 0.60
CA TYR K 42 13.72 2.00 0.53
C TYR K 42 13.53 2.53 -0.89
N ARG K 43 12.63 3.51 -1.02
CA ARG K 43 12.48 4.27 -2.24
C ARG K 43 13.53 5.36 -2.25
N LEU K 44 14.19 5.54 -3.37
CA LEU K 44 15.12 6.65 -3.52
C LEU K 44 14.80 7.48 -4.77
N TYR K 45 14.28 8.68 -4.56
CA TYR K 45 14.02 9.59 -5.67
C TYR K 45 14.21 11.04 -5.26
N GLY K 46 14.14 11.94 -6.24
CA GLY K 46 14.28 13.36 -5.97
C GLY K 46 15.58 13.91 -6.51
N LYS K 47 16.50 13.02 -6.87
CA LYS K 47 17.74 13.43 -7.50
C LYS K 47 17.42 13.86 -8.92
N PRO K 48 17.73 15.13 -9.24
CA PRO K 48 17.49 15.66 -10.60
C PRO K 48 18.42 14.95 -11.56
N ASN K 49 18.06 14.86 -12.83
CA ASN K 49 18.93 14.25 -13.84
C ASN K 49 19.18 12.76 -13.57
N ALA K 50 18.38 12.17 -12.68
CA ALA K 50 18.69 10.84 -12.17
C ALA K 50 17.47 9.94 -12.00
N PRO K 51 17.63 8.64 -12.28
CA PRO K 51 16.58 7.63 -12.13
C PRO K 51 16.25 7.31 -10.67
N GLU K 52 15.02 6.90 -10.42
CA GLU K 52 14.55 6.50 -9.09
C GLU K 52 15.09 5.10 -8.77
N LEU K 53 15.43 4.85 -7.52
CA LEU K 53 16.05 3.56 -7.13
C LEU K 53 15.36 2.85 -5.97
N PHE K 54 15.61 1.55 -5.86
CA PHE K 54 15.18 0.78 -4.69
C PHE K 54 16.39 0.21 -3.97
N LEU K 55 16.30 0.16 -2.64
CA LEU K 55 17.33 -0.49 -1.83
C LEU K 55 16.71 -1.53 -0.90
N LYS K 56 17.07 -2.80 -1.09
CA LYS K 56 16.61 -3.87 -0.21
C LYS K 56 17.68 -4.25 0.80
N HIS K 57 17.27 -4.37 2.06
CA HIS K 57 18.16 -4.87 3.11
C HIS K 57 17.59 -6.14 3.72
N GLY K 58 18.34 -7.22 3.60
CA GLY K 58 17.96 -8.49 4.20
C GLY K 58 18.91 -8.89 5.31
N LYS K 59 18.36 -9.35 6.42
CA LYS K 59 19.12 -9.78 7.58
C LYS K 59 18.87 -11.26 7.78
N GLY K 60 19.85 -12.00 8.29
CA GLY K 60 19.70 -13.42 8.54
C GLY K 60 19.26 -14.20 7.30
N SER K 61 18.27 -15.07 7.45
CA SER K 61 17.82 -15.89 6.33
C SER K 61 17.36 -15.03 5.16
N VAL K 62 16.80 -13.85 5.46
CA VAL K 62 16.38 -12.93 4.40
C VAL K 62 17.57 -12.44 3.58
N ALA K 63 18.75 -12.33 4.21
CA ALA K 63 19.95 -11.96 3.45
C ALA K 63 20.16 -12.95 2.31
N ASN K 64 19.88 -14.22 2.57
CA ASN K 64 19.95 -15.23 1.53
C ASN K 64 18.94 -14.99 0.40
N ASP K 65 17.72 -14.60 0.75
CA ASP K 65 16.69 -14.33 -0.25
C ASP K 65 17.09 -13.16 -1.17
N VAL K 66 17.64 -12.11 -0.58
CA VAL K 66 18.11 -10.96 -1.35
C VAL K 66 19.26 -11.36 -2.26
N THR K 67 20.14 -12.23 -1.77
CA THR K 67 21.26 -12.70 -2.57
C THR K 67 20.76 -13.50 -3.78
N ASP K 68 19.75 -14.34 -3.55
CA ASP K 68 19.17 -15.19 -4.60
C ASP K 68 18.58 -14.33 -5.69
N GLU K 69 17.89 -13.29 -5.27
CA GLU K 69 17.31 -12.32 -6.17
C GLU K 69 18.40 -11.67 -7.01
N MSE K 70 19.49 -11.25 -6.36
CA MSE K 70 20.53 -10.51 -7.06
C MSE K 70 21.14 -11.33 -8.20
O MSE K 70 21.30 -10.82 -9.31
CB MSE K 70 21.63 -10.05 -6.10
CG MSE K 70 22.74 -9.21 -6.75
SE MSE K 70 24.16 -10.30 -7.58
CE MSE K 70 24.72 -11.20 -6.00
N VAL K 71 21.44 -12.60 -7.96
CA VAL K 71 22.10 -13.39 -9.00
C VAL K 71 21.15 -13.74 -10.14
N ARG K 72 19.87 -13.84 -9.81
CA ARG K 72 18.89 -14.10 -10.86
C ARG K 72 18.64 -12.83 -11.68
N LEU K 73 18.59 -11.68 -11.02
CA LEU K 73 18.54 -10.40 -11.73
C LEU K 73 19.73 -10.29 -12.66
N ASN K 74 20.90 -10.63 -12.12
CA ASN K 74 22.15 -10.49 -12.87
C ASN K 74 22.14 -11.38 -14.12
N TRP K 75 21.64 -12.60 -13.96
CA TRP K 75 21.65 -13.58 -15.04
C TRP K 75 20.57 -13.30 -16.08
N LEU K 76 19.33 -13.15 -15.64
CA LEU K 76 18.20 -13.05 -16.55
C LEU K 76 18.14 -11.74 -17.35
N THR K 77 18.79 -10.70 -16.86
CA THR K 77 18.70 -9.43 -17.56
C THR K 77 19.34 -9.46 -18.95
N ALA K 78 20.13 -10.48 -19.24
CA ALA K 78 20.68 -10.63 -20.58
C ALA K 78 19.59 -11.04 -21.57
N PHE K 79 18.47 -11.54 -21.05
CA PHE K 79 17.39 -12.06 -21.89
C PHE K 79 16.07 -11.29 -21.81
N MSE K 80 15.87 -10.55 -20.73
CA MSE K 80 14.57 -9.94 -20.43
C MSE K 80 14.74 -8.54 -19.84
O MSE K 80 15.79 -8.23 -19.26
CB MSE K 80 13.80 -10.80 -19.41
CG MSE K 80 13.42 -12.20 -19.86
SE MSE K 80 12.09 -12.23 -21.29
CE MSE K 80 10.49 -11.95 -20.22
N PRO K 81 13.72 -7.68 -19.96
CA PRO K 81 13.82 -6.37 -19.33
C PRO K 81 13.56 -6.44 -17.82
N LEU K 82 14.61 -6.19 -17.03
CA LEU K 82 14.54 -6.30 -15.58
C LEU K 82 15.14 -5.06 -14.92
N PRO K 83 14.94 -4.89 -13.61
CA PRO K 83 15.65 -3.82 -12.92
C PRO K 83 17.15 -4.04 -13.02
N THR K 84 17.92 -2.97 -13.14
CA THR K 84 19.38 -3.06 -13.22
C THR K 84 20.02 -2.99 -11.83
N ILE K 85 21.02 -3.84 -11.60
CA ILE K 85 21.76 -3.82 -10.34
C ILE K 85 22.83 -2.74 -10.35
N LYS K 86 22.67 -1.72 -9.53
CA LYS K 86 23.70 -0.68 -9.43
C LYS K 86 24.74 -0.99 -8.36
N HIS K 87 24.33 -1.72 -7.31
CA HIS K 87 25.26 -2.05 -6.24
C HIS K 87 24.71 -3.18 -5.41
N PHE K 88 25.59 -4.11 -5.03
CA PHE K 88 25.21 -5.19 -4.12
C PHE K 88 26.33 -5.45 -3.10
N ILE K 89 25.92 -5.71 -1.87
CA ILE K 89 26.84 -5.99 -0.77
C ILE K 89 26.38 -7.19 0.04
N ARG K 90 27.28 -8.13 0.27
CA ARG K 90 26.98 -9.24 1.18
C ARG K 90 28.01 -9.28 2.31
N THR K 91 27.53 -9.35 3.54
CA THR K 91 28.37 -9.61 4.69
C THR K 91 27.75 -10.85 5.33
N PRO K 92 28.37 -11.39 6.41
CA PRO K 92 27.82 -12.63 6.97
C PRO K 92 26.33 -12.66 7.36
N ASP K 93 25.82 -11.54 7.88
N ASP K 93 25.81 -11.55 7.87
CA ASP K 93 24.43 -11.51 8.37
CA ASP K 93 24.42 -11.54 8.32
C ASP K 93 23.56 -10.51 7.58
C ASP K 93 23.54 -10.58 7.52
N ASP K 94 24.13 -9.86 6.57
CA ASP K 94 23.40 -8.82 5.83
C ASP K 94 23.64 -8.79 4.33
N ALA K 95 22.59 -8.45 3.59
CA ALA K 95 22.67 -8.30 2.15
C ALA K 95 22.02 -6.98 1.75
N TRP K 96 22.71 -6.19 0.94
CA TRP K 96 22.15 -4.92 0.50
C TRP K 96 22.08 -4.89 -1.02
N LEU K 97 20.87 -4.71 -1.55
CA LEU K 97 20.65 -4.72 -2.98
C LEU K 97 20.07 -3.39 -3.45
N LEU K 98 20.79 -2.71 -4.34
CA LEU K 98 20.37 -1.42 -4.87
C LEU K 98 20.10 -1.55 -6.37
N THR K 99 18.85 -1.31 -6.78
CA THR K 99 18.44 -1.54 -8.15
C THR K 99 17.70 -0.33 -8.72
N THR K 100 17.65 -0.23 -10.04
CA THR K 100 16.84 0.82 -10.69
C THR K 100 15.34 0.52 -10.57
N ALA K 101 14.53 1.56 -10.58
CA ALA K 101 13.08 1.41 -10.60
C ALA K 101 12.59 1.33 -12.04
N ILE K 102 11.65 0.43 -12.30
CA ILE K 102 11.02 0.38 -13.61
C ILE K 102 9.71 1.17 -13.55
N PRO K 103 9.67 2.30 -14.27
CA PRO K 103 8.50 3.19 -14.30
C PRO K 103 7.32 2.50 -14.99
N GLY K 104 6.11 2.78 -14.52
CA GLY K 104 4.95 2.14 -15.10
C GLY K 104 3.95 1.66 -14.07
N LYS K 105 2.95 0.93 -14.54
CA LYS K 105 1.92 0.38 -13.69
C LYS K 105 1.92 -1.14 -13.84
N THR K 106 1.43 -1.85 -12.83
CA THR K 106 1.39 -3.31 -12.90
C THR K 106 0.31 -3.72 -13.89
N ALA K 107 0.39 -4.98 -14.34
CA ALA K 107 -0.64 -5.52 -15.22
C ALA K 107 -2.01 -5.54 -14.56
N PHE K 108 -2.05 -5.70 -13.23
CA PHE K 108 -3.31 -5.59 -12.50
C PHE K 108 -3.90 -4.19 -12.65
N GLN K 109 -3.10 -3.17 -12.38
CA GLN K 109 -3.57 -1.80 -12.50
C GLN K 109 -4.03 -1.45 -13.92
N VAL K 110 -3.32 -1.97 -14.92
CA VAL K 110 -3.66 -1.71 -16.33
C VAL K 110 -4.97 -2.42 -16.74
N LEU K 111 -5.14 -3.65 -16.29
CA LEU K 111 -6.43 -4.32 -16.48
C LEU K 111 -7.59 -3.55 -15.87
N GLU K 112 -7.38 -3.00 -14.68
CA GLU K 112 -8.42 -2.22 -14.02
C GLU K 112 -8.71 -0.91 -14.73
N GLU K 113 -7.66 -0.27 -15.25
CA GLU K 113 -7.86 1.02 -15.90
C GLU K 113 -8.50 0.86 -17.28
N TYR K 114 -8.15 -0.23 -17.95
CA TYR K 114 -8.62 -0.50 -19.31
C TYR K 114 -9.38 -1.81 -19.46
N PRO K 115 -10.48 -1.97 -18.72
CA PRO K 115 -11.22 -3.25 -18.74
C PRO K 115 -11.67 -3.67 -20.14
N ASP K 116 -11.99 -2.71 -20.99
CA ASP K 116 -12.41 -3.01 -22.37
C ASP K 116 -11.24 -3.53 -23.21
N SER K 117 -10.02 -3.47 -22.69
CA SER K 117 -8.86 -3.99 -23.42
C SER K 117 -8.32 -5.29 -22.82
N GLY K 118 -9.19 -5.99 -22.08
CA GLY K 118 -8.77 -7.19 -21.37
C GLY K 118 -8.12 -8.22 -22.27
N GLU K 119 -8.73 -8.48 -23.41
CA GLU K 119 -8.23 -9.49 -24.33
C GLU K 119 -6.89 -9.10 -24.92
N ASN K 120 -6.75 -7.82 -25.31
CA ASN K 120 -5.49 -7.30 -25.80
C ASN K 120 -4.37 -7.37 -24.77
N ILE K 121 -4.74 -7.16 -23.51
CA ILE K 121 -3.75 -7.15 -22.45
C ILE K 121 -3.29 -8.58 -22.22
N VAL K 122 -4.24 -9.53 -22.18
CA VAL K 122 -3.87 -10.94 -22.03
C VAL K 122 -3.00 -11.42 -23.21
N ASP K 123 -3.36 -10.99 -24.42
CA ASP K 123 -2.53 -11.29 -25.59
C ASP K 123 -1.10 -10.85 -25.35
N ALA K 124 -0.93 -9.65 -24.82
CA ALA K 124 0.42 -9.12 -24.59
C ALA K 124 1.14 -9.88 -23.48
N LEU K 125 0.41 -10.25 -22.43
CA LEU K 125 0.98 -11.10 -21.38
C LEU K 125 1.48 -12.45 -21.91
N ALA K 126 0.67 -13.08 -22.75
CA ALA K 126 1.07 -14.35 -23.37
C ALA K 126 2.31 -14.21 -24.25
N VAL K 127 2.43 -13.10 -24.98
CA VAL K 127 3.62 -12.89 -25.81
C VAL K 127 4.89 -12.79 -24.95
N PHE K 128 4.76 -12.06 -23.85
CA PHE K 128 5.85 -11.86 -22.92
C PHE K 128 6.22 -13.19 -22.28
N LEU K 129 5.22 -13.96 -21.86
CA LEU K 129 5.50 -15.26 -21.25
C LEU K 129 6.15 -16.20 -22.27
N ARG K 130 5.70 -16.15 -23.52
CA ARG K 130 6.37 -16.91 -24.58
C ARG K 130 7.85 -16.52 -24.73
N ARG K 131 8.15 -15.23 -24.63
CA ARG K 131 9.56 -14.77 -24.69
C ARG K 131 10.43 -15.45 -23.62
N LEU K 132 9.95 -15.40 -22.39
CA LEU K 132 10.70 -15.97 -21.25
C LEU K 132 10.93 -17.47 -21.46
N HIS K 133 9.87 -18.17 -21.85
CA HIS K 133 9.91 -19.62 -22.02
C HIS K 133 10.66 -20.05 -23.28
N SER K 134 11.00 -19.09 -24.12
CA SER K 134 11.75 -19.42 -25.33
CA SER K 134 11.75 -19.38 -25.34
C SER K 134 13.26 -19.32 -25.12
N ILE K 135 13.69 -18.90 -23.94
CA ILE K 135 15.13 -18.90 -23.65
C ILE K 135 15.59 -20.35 -23.57
N PRO K 136 16.61 -20.73 -24.35
CA PRO K 136 17.03 -22.13 -24.28
C PRO K 136 17.54 -22.49 -22.89
N VAL K 137 17.14 -23.65 -22.38
CA VAL K 137 17.48 -24.00 -20.99
C VAL K 137 18.97 -24.17 -20.78
N CYS K 138 19.71 -24.42 -21.86
CA CYS K 138 21.17 -24.52 -21.78
C CYS K 138 21.85 -23.27 -21.24
N ASN K 139 21.16 -22.13 -21.30
CA ASN K 139 21.69 -20.88 -20.75
C ASN K 139 21.53 -20.71 -19.23
N CYS K 140 20.63 -21.47 -18.61
CA CYS K 140 20.18 -21.18 -17.24
C CYS K 140 20.89 -22.01 -16.15
N PRO K 141 21.65 -21.35 -15.24
CA PRO K 141 22.39 -22.06 -14.20
C PRO K 141 21.56 -22.32 -12.94
N PHE K 142 20.25 -22.09 -12.99
CA PHE K 142 19.40 -22.25 -11.79
C PHE K 142 18.40 -23.38 -11.93
N ASN K 143 18.26 -24.15 -10.84
CA ASN K 143 17.27 -25.21 -10.77
C ASN K 143 16.12 -24.77 -9.89
N SER K 144 14.92 -24.73 -10.47
CA SER K 144 13.71 -24.47 -9.67
C SER K 144 12.68 -25.59 -9.84
N ASP K 145 13.14 -26.83 -10.01
CA ASP K 145 12.21 -27.90 -10.40
C ASP K 145 11.29 -28.32 -9.26
N ARG K 146 10.36 -29.23 -9.53
CA ARG K 146 9.33 -29.51 -8.52
C ARG K 146 9.92 -30.23 -7.32
N VAL K 147 10.97 -31.03 -7.53
CA VAL K 147 11.59 -31.74 -6.40
C VAL K 147 12.19 -30.69 -5.46
N PHE K 148 12.84 -29.69 -6.05
CA PHE K 148 13.41 -28.58 -5.29
C PHE K 148 12.34 -27.75 -4.56
N ARG K 149 11.24 -27.46 -5.25
CA ARG K 149 10.20 -26.63 -4.63
C ARG K 149 9.39 -27.41 -3.59
N LEU K 150 9.20 -28.71 -3.81
CA LEU K 150 8.43 -29.52 -2.88
C LEU K 150 9.17 -29.63 -1.54
N ALA K 151 10.51 -29.66 -1.61
CA ALA K 151 11.29 -29.71 -0.37
C ALA K 151 11.16 -28.38 0.38
N GLN K 152 11.10 -27.27 -0.35
CA GLN K 152 10.87 -25.97 0.28
C GLN K 152 9.47 -25.94 0.88
N ALA K 153 8.52 -26.46 0.13
CA ALA K 153 7.12 -26.51 0.57
C ALA K 153 6.97 -27.31 1.86
N GLN K 154 7.62 -28.46 1.92
CA GLN K 154 7.50 -29.31 3.09
C GLN K 154 8.05 -28.60 4.33
N SER K 155 9.17 -27.90 4.14
CA SER K 155 9.83 -27.21 5.25
C SER K 155 8.99 -26.05 5.75
N ARG K 156 8.39 -25.30 4.84
CA ARG K 156 7.54 -24.17 5.24
C ARG K 156 6.32 -24.69 6.00
N MSE K 157 5.80 -25.83 5.56
CA MSE K 157 4.69 -26.46 6.28
C MSE K 157 5.14 -26.89 7.68
O MSE K 157 4.49 -26.57 8.67
CB MSE K 157 4.15 -27.67 5.50
CG MSE K 157 3.14 -28.51 6.28
SE MSE K 157 2.42 -30.03 5.26
CE MSE K 157 4.03 -31.15 5.17
N ASN K 158 6.27 -27.59 7.76
CA ASN K 158 6.75 -28.11 9.04
C ASN K 158 7.17 -27.03 10.01
N ASN K 159 7.48 -25.85 9.51
CA ASN K 159 7.85 -24.74 10.38
C ASN K 159 6.69 -23.78 10.64
N GLY K 160 5.52 -24.12 10.12
CA GLY K 160 4.31 -23.33 10.34
C GLY K 160 4.33 -21.99 9.65
N LEU K 161 4.93 -21.92 8.47
CA LEU K 161 5.03 -20.66 7.74
C LEU K 161 3.98 -20.52 6.65
N VAL K 162 3.16 -21.54 6.46
CA VAL K 162 2.18 -21.48 5.37
C VAL K 162 0.98 -20.60 5.74
N ASP K 163 0.60 -19.69 4.83
CA ASP K 163 -0.53 -18.79 5.08
C ASP K 163 -1.85 -19.49 4.70
N ALA K 164 -2.43 -20.20 5.66
CA ALA K 164 -3.64 -20.97 5.42
C ALA K 164 -4.86 -20.11 5.09
N SER K 165 -4.82 -18.84 5.48
CA SER K 165 -5.89 -17.90 5.20
C SER K 165 -5.95 -17.45 3.74
N ASP K 166 -4.89 -17.74 3.00
CA ASP K 166 -4.74 -17.22 1.66
C ASP K 166 -4.87 -18.31 0.57
N PHE K 167 -5.46 -19.46 0.91
CA PHE K 167 -5.62 -20.53 -0.07
C PHE K 167 -6.68 -20.14 -1.11
N ASP K 168 -6.59 -20.70 -2.30
CA ASP K 168 -7.62 -20.49 -3.32
C ASP K 168 -8.97 -20.98 -2.83
N ASP K 169 -10.06 -20.46 -3.43
CA ASP K 169 -11.41 -20.79 -3.00
C ASP K 169 -11.69 -22.27 -2.86
N GLU K 170 -11.20 -23.06 -3.81
CA GLU K 170 -11.46 -24.49 -3.80
C GLU K 170 -10.77 -25.21 -2.63
N ARG K 171 -9.84 -24.53 -1.96
CA ARG K 171 -9.17 -25.09 -0.79
C ARG K 171 -9.39 -24.26 0.48
N ASN K 172 -10.42 -23.41 0.46
CA ASN K 172 -10.68 -22.52 1.59
C ASN K 172 -10.94 -23.28 2.89
N GLY K 173 -10.13 -23.00 3.91
CA GLY K 173 -10.32 -23.64 5.20
C GLY K 173 -9.71 -25.02 5.33
N TRP K 174 -9.07 -25.53 4.26
CA TRP K 174 -8.41 -26.83 4.33
C TRP K 174 -7.23 -26.73 5.27
N PRO K 175 -6.99 -27.78 6.08
CA PRO K 175 -5.72 -27.85 6.83
C PRO K 175 -4.59 -27.91 5.83
N VAL K 176 -3.45 -27.32 6.17
CA VAL K 176 -2.32 -27.36 5.26
CA VAL K 176 -2.27 -27.36 5.32
C VAL K 176 -1.92 -28.79 4.94
N GLU K 177 -2.03 -29.68 5.92
CA GLU K 177 -1.66 -31.08 5.70
C GLU K 177 -2.53 -31.72 4.62
N GLN K 178 -3.80 -31.31 4.54
CA GLN K 178 -4.69 -31.83 3.50
C GLN K 178 -4.28 -31.38 2.11
N VAL K 179 -3.88 -30.13 1.96
CA VAL K 179 -3.35 -29.65 0.70
C VAL K 179 -2.12 -30.49 0.31
N TRP K 180 -1.24 -30.71 1.28
CA TRP K 180 -0.01 -31.48 1.04
C TRP K 180 -0.31 -32.88 0.53
N LYS K 181 -1.21 -33.59 1.22
CA LYS K 181 -1.51 -34.98 0.84
C LYS K 181 -2.22 -35.08 -0.51
N GLU K 182 -3.25 -34.26 -0.72
CA GLU K 182 -4.00 -34.31 -1.98
C GLU K 182 -3.13 -33.92 -3.20
N MSE K 183 -2.27 -32.93 -3.03
CA MSE K 183 -1.33 -32.54 -4.09
C MSE K 183 -0.48 -33.72 -4.56
O MSE K 183 -0.20 -33.88 -5.76
CB MSE K 183 -0.43 -31.42 -3.59
CG MSE K 183 0.62 -30.92 -4.62
SE MSE K 183 1.64 -29.39 -3.99
CE MSE K 183 2.49 -30.26 -2.45
N HIS K 184 -0.05 -34.54 -3.63
CA HIS K 184 0.82 -35.65 -4.00
C HIS K 184 0.13 -36.71 -4.88
N LYS K 185 -1.19 -36.72 -4.89
CA LYS K 185 -1.94 -37.66 -5.73
CA LYS K 185 -1.92 -37.67 -5.73
C LYS K 185 -1.88 -37.28 -7.21
N LEU K 186 -1.42 -36.06 -7.50
CA LEU K 186 -1.31 -35.60 -8.89
C LEU K 186 0.06 -35.98 -9.48
N LEU K 187 0.88 -36.63 -8.66
CA LEU K 187 2.21 -37.07 -9.10
C LEU K 187 2.18 -38.56 -9.47
N PRO K 188 3.04 -38.97 -10.42
CA PRO K 188 4.04 -38.15 -11.11
C PRO K 188 3.54 -37.62 -12.44
N PHE K 189 4.26 -36.68 -13.03
CA PHE K 189 4.03 -36.28 -14.41
C PHE K 189 5.37 -35.93 -15.04
N SER K 190 5.45 -36.05 -16.36
CA SER K 190 6.67 -35.71 -17.09
C SER K 190 6.83 -34.20 -17.22
N PRO K 191 7.96 -33.68 -16.70
CA PRO K 191 8.20 -32.23 -16.73
C PRO K 191 8.34 -31.74 -18.17
N ASP K 192 7.81 -30.55 -18.44
CA ASP K 192 8.01 -29.86 -19.71
C ASP K 192 8.83 -28.62 -19.35
N SER K 193 10.15 -28.74 -19.39
CA SER K 193 11.02 -27.80 -18.67
C SER K 193 11.43 -26.59 -19.49
N VAL K 194 11.27 -25.41 -18.90
CA VAL K 194 11.70 -24.16 -19.55
C VAL K 194 12.30 -23.26 -18.49
N VAL K 195 12.84 -22.12 -18.91
CA VAL K 195 13.23 -21.10 -17.94
C VAL K 195 11.95 -20.45 -17.41
N THR K 196 11.73 -20.52 -16.10
CA THR K 196 10.52 -19.95 -15.49
C THR K 196 10.86 -18.80 -14.56
N HIS K 197 9.87 -17.92 -14.36
CA HIS K 197 9.99 -16.78 -13.46
C HIS K 197 9.78 -17.21 -12.01
N GLY K 198 8.72 -17.97 -11.76
CA GLY K 198 8.47 -18.47 -10.42
C GLY K 198 7.34 -17.78 -9.67
N ASP K 199 7.06 -16.52 -10.01
CA ASP K 199 5.91 -15.81 -9.41
C ASP K 199 5.35 -14.86 -10.46
N PHE K 200 4.90 -15.44 -11.57
CA PHE K 200 4.54 -14.69 -12.77
C PHE K 200 3.11 -14.20 -12.61
N SER K 201 2.94 -13.28 -11.67
CA SER K 201 1.60 -12.77 -11.33
C SER K 201 1.41 -11.38 -11.90
N LEU K 202 0.17 -10.88 -11.82
CA LEU K 202 -0.15 -9.57 -12.40
C LEU K 202 0.57 -8.42 -11.68
N ASP K 203 0.88 -8.59 -10.40
CA ASP K 203 1.62 -7.57 -9.65
C ASP K 203 3.10 -7.46 -10.08
N ASN K 204 3.61 -8.49 -10.73
CA ASN K 204 5.05 -8.55 -11.05
C ASN K 204 5.41 -8.22 -12.50
N LEU K 205 4.41 -7.79 -13.26
CA LEU K 205 4.57 -7.48 -14.66
C LEU K 205 4.25 -6.00 -14.85
N ILE K 206 5.17 -5.25 -15.44
CA ILE K 206 5.02 -3.81 -15.51
C ILE K 206 4.78 -3.32 -16.94
N PHE K 207 3.74 -2.50 -17.11
CA PHE K 207 3.44 -1.84 -18.38
C PHE K 207 3.85 -0.38 -18.39
N ASP K 208 4.32 0.10 -19.53
CA ASP K 208 4.47 1.54 -19.72
C ASP K 208 4.25 1.91 -21.18
N GLU K 209 3.56 3.02 -21.41
CA GLU K 209 3.20 3.46 -22.75
C GLU K 209 2.60 2.33 -23.59
N GLY K 210 1.75 1.52 -22.97
CA GLY K 210 0.96 0.52 -23.66
C GLY K 210 1.67 -0.79 -23.90
N LYS K 211 2.90 -0.90 -23.43
CA LYS K 211 3.71 -2.08 -23.70
C LYS K 211 4.23 -2.68 -22.40
N LEU K 212 4.40 -3.99 -22.40
CA LEU K 212 4.94 -4.71 -21.26
C LEU K 212 6.42 -4.44 -21.28
N ILE K 213 6.94 -3.71 -20.30
CA ILE K 213 8.34 -3.31 -20.36
C ILE K 213 9.22 -3.88 -19.27
N GLY K 214 8.71 -4.84 -18.51
CA GLY K 214 9.56 -5.45 -17.50
C GLY K 214 8.86 -6.39 -16.56
N CYS K 215 9.65 -7.19 -15.86
CA CYS K 215 9.11 -7.98 -14.78
C CYS K 215 10.04 -7.85 -13.58
N ILE K 216 9.49 -8.16 -12.40
CA ILE K 216 10.21 -7.95 -11.15
C ILE K 216 10.01 -9.17 -10.25
N ASP K 217 10.68 -9.16 -9.09
CA ASP K 217 10.51 -10.22 -8.09
C ASP K 217 11.01 -11.56 -8.66
N VAL K 218 12.30 -11.62 -8.96
CA VAL K 218 12.82 -12.76 -9.74
C VAL K 218 13.58 -13.80 -8.90
N GLY K 219 13.39 -13.81 -7.59
CA GLY K 219 14.14 -14.71 -6.73
C GLY K 219 13.91 -16.20 -6.94
N ARG K 220 12.83 -16.57 -7.62
CA ARG K 220 12.56 -17.99 -7.87
C ARG K 220 12.83 -18.43 -9.30
N VAL K 221 13.46 -17.57 -10.09
CA VAL K 221 13.79 -17.88 -11.48
C VAL K 221 14.63 -19.16 -11.55
N GLY K 222 14.33 -20.02 -12.51
CA GLY K 222 15.09 -21.24 -12.69
C GLY K 222 14.38 -22.18 -13.64
N ILE K 223 15.02 -23.30 -13.94
CA ILE K 223 14.39 -24.29 -14.81
C ILE K 223 13.28 -25.02 -14.05
N ALA K 224 12.08 -25.03 -14.63
CA ALA K 224 10.92 -25.71 -14.02
C ALA K 224 9.91 -26.00 -15.13
N ASP K 225 8.80 -26.66 -14.77
CA ASP K 225 7.77 -26.95 -15.76
C ASP K 225 7.09 -25.64 -16.17
N ARG K 226 6.77 -25.50 -17.45
CA ARG K 226 6.16 -24.25 -17.91
C ARG K 226 4.85 -23.94 -17.18
N TYR K 227 4.21 -24.96 -16.64
CA TYR K 227 2.99 -24.68 -15.87
C TYR K 227 3.19 -23.93 -14.57
N GLN K 228 4.43 -23.80 -14.11
CA GLN K 228 4.71 -23.01 -12.91
C GLN K 228 4.33 -21.55 -13.13
N ASP K 229 4.61 -21.03 -14.31
CA ASP K 229 4.24 -19.65 -14.64
C ASP K 229 2.81 -19.55 -15.18
N LEU K 230 2.40 -20.49 -16.02
CA LEU K 230 1.04 -20.46 -16.56
C LEU K 230 0.02 -20.52 -15.43
N ALA K 231 0.23 -21.40 -14.45
CA ALA K 231 -0.73 -21.56 -13.36
C ALA K 231 -0.91 -20.29 -12.54
N ILE K 232 0.19 -19.64 -12.18
CA ILE K 232 0.08 -18.47 -11.32
C ILE K 232 -0.63 -17.32 -12.04
N LEU K 233 -0.28 -17.10 -13.30
CA LEU K 233 -0.93 -16.05 -14.10
C LEU K 233 -2.40 -16.37 -14.36
N TRP K 234 -2.67 -17.63 -14.66
CA TRP K 234 -4.04 -18.08 -14.90
C TRP K 234 -4.88 -17.83 -13.64
N ASN K 235 -4.29 -18.14 -12.49
CA ASN K 235 -4.97 -17.90 -11.22
C ASN K 235 -5.32 -16.41 -11.07
N CYS K 236 -4.35 -15.53 -11.34
CA CYS K 236 -4.58 -14.09 -11.23
C CYS K 236 -5.70 -13.62 -12.16
N LEU K 237 -5.80 -14.21 -13.35
CA LEU K 237 -6.78 -13.79 -14.34
C LEU K 237 -8.21 -14.18 -13.95
N GLY K 238 -8.33 -15.08 -12.97
CA GLY K 238 -9.60 -15.45 -12.41
C GLY K 238 -10.38 -14.30 -11.77
N GLU K 239 -9.67 -13.27 -11.28
CA GLU K 239 -10.33 -12.07 -10.77
C GLU K 239 -10.95 -11.25 -11.88
N PHE K 240 -10.72 -11.66 -13.12
CA PHE K 240 -11.23 -10.89 -14.24
C PHE K 240 -12.29 -11.65 -15.00
N SER K 241 -11.94 -12.80 -15.59
CA SER K 241 -12.97 -13.65 -16.23
C SER K 241 -12.42 -15.02 -16.62
N PRO K 242 -13.29 -16.04 -16.69
CA PRO K 242 -12.85 -17.36 -17.17
C PRO K 242 -12.44 -17.30 -18.65
N SER K 243 -13.06 -16.40 -19.41
CA SER K 243 -12.67 -16.21 -20.81
C SER K 243 -11.23 -15.74 -20.93
N LEU K 244 -10.82 -14.82 -20.05
CA LEU K 244 -9.47 -14.30 -20.11
C LEU K 244 -8.45 -15.37 -19.67
N GLN K 245 -8.83 -16.16 -18.68
CA GLN K 245 -8.02 -17.30 -18.23
C GLN K 245 -7.73 -18.25 -19.38
N LYS K 246 -8.79 -18.61 -20.10
CA LYS K 246 -8.68 -19.54 -21.20
C LYS K 246 -7.88 -18.94 -22.35
N ARG K 247 -8.03 -17.63 -22.54
CA ARG K 247 -7.33 -16.93 -23.61
C ARG K 247 -5.83 -16.91 -23.38
N LEU K 248 -5.42 -16.82 -22.12
CA LEU K 248 -4.01 -16.92 -21.79
C LEU K 248 -3.42 -18.19 -22.39
N PHE K 249 -4.05 -19.34 -22.12
CA PHE K 249 -3.58 -20.61 -22.69
C PHE K 249 -3.59 -20.64 -24.22
N GLN K 250 -4.71 -20.19 -24.80
CA GLN K 250 -4.84 -20.22 -26.26
CA GLN K 250 -4.88 -20.15 -26.27
C GLN K 250 -3.75 -19.40 -26.94
N LYS K 251 -3.52 -18.18 -26.46
CA LYS K 251 -2.56 -17.30 -27.10
C LYS K 251 -1.13 -17.76 -26.84
N TYR K 252 -0.90 -18.37 -25.69
CA TYR K 252 0.41 -18.91 -25.38
C TYR K 252 0.72 -20.06 -26.31
N GLY K 253 -0.32 -20.78 -26.73
CA GLY K 253 -0.16 -21.84 -27.71
C GLY K 253 -0.64 -23.20 -27.25
N ILE K 254 -1.41 -23.24 -26.17
CA ILE K 254 -1.92 -24.51 -25.67
C ILE K 254 -3.45 -24.58 -25.82
N ASP K 255 -3.92 -25.40 -26.75
CA ASP K 255 -5.35 -25.52 -27.02
C ASP K 255 -6.08 -26.33 -25.94
N ASN K 256 -5.46 -27.43 -25.50
CA ASN K 256 -6.03 -28.26 -24.44
C ASN K 256 -5.16 -28.27 -23.20
N PRO K 257 -5.42 -27.36 -22.26
CA PRO K 257 -4.57 -27.23 -21.07
C PRO K 257 -4.58 -28.49 -20.19
N ASP K 258 -3.42 -28.84 -19.66
CA ASP K 258 -3.24 -30.05 -18.85
C ASP K 258 -3.74 -29.78 -17.43
N MSE K 259 -4.96 -30.22 -17.12
CA MSE K 259 -5.61 -29.86 -15.86
C MSE K 259 -4.86 -30.37 -14.64
O MSE K 259 -4.85 -29.73 -13.60
CB MSE K 259 -7.06 -30.33 -15.87
CG MSE K 259 -7.91 -29.63 -16.91
SE MSE K 259 -7.92 -27.70 -16.65
CE MSE K 259 -7.77 -27.15 -18.49
N ASN K 260 -4.24 -31.54 -14.78
CA ASN K 260 -3.40 -32.11 -13.72
C ASN K 260 -2.22 -31.22 -13.38
N LYS K 261 -1.47 -30.78 -14.40
CA LYS K 261 -0.31 -29.93 -14.15
C LYS K 261 -0.73 -28.53 -13.68
N LEU K 262 -1.87 -28.05 -14.15
CA LEU K 262 -2.38 -26.77 -13.67
C LEU K 262 -2.69 -26.87 -12.17
N GLN K 263 -3.50 -27.85 -11.82
CA GLN K 263 -3.87 -28.04 -10.42
C GLN K 263 -2.64 -28.28 -9.53
N PHE K 264 -1.70 -29.10 -9.99
CA PHE K 264 -0.46 -29.30 -9.22
C PHE K 264 0.25 -27.98 -8.89
N HIS K 265 0.44 -27.14 -9.90
CA HIS K 265 1.18 -25.91 -9.67
C HIS K 265 0.40 -24.88 -8.85
N LEU K 266 -0.94 -24.92 -8.94
CA LEU K 266 -1.75 -24.04 -8.10
C LEU K 266 -1.64 -24.48 -6.63
N MSE K 267 -1.67 -25.79 -6.39
CA MSE K 267 -1.56 -26.29 -5.03
C MSE K 267 -0.18 -26.01 -4.45
O MSE K 267 -0.06 -25.63 -3.28
CB MSE K 267 -1.92 -27.77 -4.94
CG MSE K 267 -3.37 -28.03 -5.31
SE MSE K 267 -3.81 -29.91 -5.30
CE MSE K 267 -4.25 -30.10 -3.41
N LEU K 268 0.87 -26.18 -5.25
CA LEU K 268 2.23 -25.92 -4.79
C LEU K 268 2.41 -24.49 -4.31
N ASP K 269 1.84 -23.53 -5.06
CA ASP K 269 1.97 -22.13 -4.68
C ASP K 269 1.26 -21.80 -3.35
N GLU K 270 0.32 -22.66 -2.95
CA GLU K 270 -0.35 -22.47 -1.64
C GLU K 270 0.66 -22.42 -0.50
N PHE K 271 1.82 -23.03 -0.68
CA PHE K 271 2.79 -23.16 0.41
C PHE K 271 3.73 -21.97 0.53
N PHE K 272 3.65 -21.04 -0.41
CA PHE K 272 4.62 -19.96 -0.48
C PHE K 272 4.01 -18.58 -0.23
N ASN L 19 33.25 -0.41 3.37
CA ASN L 19 33.48 -1.02 4.68
C ASN L 19 34.45 -2.19 4.58
N LEU L 20 34.96 -2.45 3.38
CA LEU L 20 36.02 -3.42 3.19
C LEU L 20 37.24 -3.00 4.01
N ASP L 21 37.49 -1.69 4.03
CA ASP L 21 38.62 -1.10 4.76
C ASP L 21 38.80 -1.61 6.19
N ALA L 22 37.71 -1.69 6.94
CA ALA L 22 37.76 -2.21 8.30
C ALA L 22 38.37 -3.61 8.31
N ASP L 23 37.84 -4.48 7.45
CA ASP L 23 38.26 -5.86 7.42
C ASP L 23 39.71 -6.01 6.91
N LEU L 24 40.23 -4.98 6.26
CA LEU L 24 41.49 -5.13 5.54
C LEU L 24 42.73 -4.52 6.18
N TYR L 25 42.53 -3.59 7.11
CA TYR L 25 43.70 -2.92 7.68
C TYR L 25 44.62 -3.91 8.38
N GLY L 26 45.92 -3.66 8.32
CA GLY L 26 46.90 -4.46 9.04
C GLY L 26 47.42 -5.66 8.27
N TYR L 27 46.80 -5.96 7.13
CA TYR L 27 47.23 -7.10 6.33
C TYR L 27 48.37 -6.76 5.37
N ARG L 28 49.29 -7.71 5.19
CA ARG L 28 50.24 -7.66 4.08
C ARG L 28 49.54 -8.19 2.84
N TRP L 29 49.93 -7.69 1.67
CA TRP L 29 49.27 -8.09 0.42
C TRP L 29 50.23 -8.82 -0.53
N ALA L 30 49.73 -9.86 -1.17
CA ALA L 30 50.45 -10.48 -2.27
C ALA L 30 49.47 -10.87 -3.36
N ARG L 31 50.01 -11.12 -4.55
CA ARG L 31 49.20 -11.51 -5.70
C ARG L 31 49.56 -12.92 -6.12
N ASP L 32 48.56 -13.78 -6.31
CA ASP L 32 48.80 -15.18 -6.64
C ASP L 32 48.34 -15.55 -8.04
N ASN L 33 49.26 -16.11 -8.81
CA ASN L 33 48.94 -16.82 -10.05
C ASN L 33 48.91 -18.33 -9.80
N VAL L 34 47.69 -18.88 -9.71
CA VAL L 34 47.52 -20.31 -9.53
C VAL L 34 46.97 -20.97 -10.80
N GLY L 35 47.15 -20.29 -11.92
CA GLY L 35 46.70 -20.81 -13.21
C GLY L 35 45.20 -20.66 -13.38
N GLN L 36 44.59 -19.79 -12.58
CA GLN L 36 43.15 -19.52 -12.66
C GLN L 36 42.77 -18.93 -14.01
N SER L 37 41.52 -19.12 -14.40
CA SER L 37 41.10 -18.71 -15.74
C SER L 37 40.93 -17.19 -15.89
N GLY L 38 40.47 -16.50 -14.84
CA GLY L 38 40.14 -15.10 -15.02
C GLY L 38 40.42 -14.10 -13.92
N ALA L 39 40.10 -14.46 -12.68
CA ALA L 39 40.10 -13.47 -11.60
C ALA L 39 41.51 -13.14 -11.10
N THR L 40 41.70 -11.92 -10.61
CA THR L 40 42.92 -11.59 -9.89
C THR L 40 42.76 -12.07 -8.45
N ILE L 41 43.76 -12.79 -7.94
CA ILE L 41 43.68 -13.32 -6.59
C ILE L 41 44.71 -12.69 -5.66
N TYR L 42 44.23 -12.05 -4.60
CA TYR L 42 45.15 -11.50 -3.61
C TYR L 42 45.15 -12.34 -2.34
N ARG L 43 46.33 -12.50 -1.76
CA ARG L 43 46.48 -13.17 -0.48
C ARG L 43 46.76 -12.11 0.57
N LEU L 44 45.97 -12.13 1.63
CA LEU L 44 46.09 -11.18 2.72
C LEU L 44 46.62 -11.92 3.92
N TYR L 45 47.76 -11.48 4.44
CA TYR L 45 48.43 -12.27 5.48
C TYR L 45 49.20 -11.40 6.44
N GLY L 46 49.67 -12.01 7.52
CA GLY L 46 50.61 -11.33 8.40
C GLY L 46 49.99 -10.33 9.35
N LYS L 47 48.69 -10.47 9.62
CA LYS L 47 48.05 -9.58 10.58
C LYS L 47 47.84 -10.28 11.92
N PRO L 48 48.22 -9.61 13.02
CA PRO L 48 48.10 -10.10 14.40
C PRO L 48 46.65 -10.37 14.81
N ASN L 49 46.43 -11.54 15.41
CA ASN L 49 45.09 -11.95 15.86
C ASN L 49 44.08 -11.97 14.72
N ALA L 50 44.55 -12.32 13.53
CA ALA L 50 43.66 -12.31 12.36
C ALA L 50 44.00 -13.41 11.37
N PRO L 51 42.97 -14.09 10.86
CA PRO L 51 43.18 -15.19 9.91
C PRO L 51 43.67 -14.68 8.58
N GLU L 52 44.43 -15.49 7.86
CA GLU L 52 44.76 -15.21 6.46
C GLU L 52 43.47 -15.12 5.65
N LEU L 53 43.40 -14.18 4.71
CA LEU L 53 42.24 -14.05 3.82
C LEU L 53 42.63 -14.17 2.36
N PHE L 54 41.65 -14.45 1.50
CA PHE L 54 41.86 -14.29 0.06
C PHE L 54 40.85 -13.32 -0.49
N LEU L 55 41.28 -12.55 -1.49
CA LEU L 55 40.39 -11.60 -2.16
C LEU L 55 40.43 -11.86 -3.66
N LYS L 56 39.30 -12.26 -4.23
CA LYS L 56 39.17 -12.37 -5.68
C LYS L 56 38.54 -11.10 -6.25
N HIS L 57 39.11 -10.61 -7.35
CA HIS L 57 38.53 -9.47 -8.05
C HIS L 57 38.29 -9.84 -9.50
N GLY L 58 37.03 -9.74 -9.93
CA GLY L 58 36.69 -10.01 -11.31
C GLY L 58 36.18 -8.76 -12.00
N LYS L 59 36.68 -8.48 -13.20
CA LYS L 59 36.16 -7.40 -14.05
C LYS L 59 35.43 -7.94 -15.27
N GLY L 60 34.50 -7.16 -15.82
CA GLY L 60 33.73 -7.55 -16.98
C GLY L 60 33.08 -8.91 -16.78
N SER L 61 33.22 -9.79 -17.77
CA SER L 61 32.63 -11.13 -17.69
C SER L 61 33.13 -11.93 -16.48
N VAL L 62 34.37 -11.69 -16.06
CA VAL L 62 34.91 -12.40 -14.89
C VAL L 62 34.18 -11.97 -13.60
N ALA L 63 33.59 -10.79 -13.61
CA ALA L 63 32.80 -10.39 -12.44
C ALA L 63 31.64 -11.37 -12.20
N ASN L 64 31.10 -11.91 -13.29
CA ASN L 64 30.04 -12.91 -13.21
C ASN L 64 30.55 -14.24 -12.64
N ASP L 65 31.77 -14.62 -13.01
CA ASP L 65 32.40 -15.81 -12.44
C ASP L 65 32.62 -15.70 -10.94
N VAL L 66 33.06 -14.55 -10.49
CA VAL L 66 33.30 -14.34 -9.06
C VAL L 66 31.97 -14.33 -8.30
N THR L 67 30.96 -13.72 -8.89
CA THR L 67 29.60 -13.72 -8.34
C THR L 67 29.07 -15.15 -8.23
N ASP L 68 29.32 -15.93 -9.28
CA ASP L 68 28.91 -17.33 -9.29
C ASP L 68 29.54 -18.08 -8.12
N GLU L 69 30.81 -17.81 -7.83
CA GLU L 69 31.45 -18.52 -6.73
C GLU L 69 30.86 -18.11 -5.39
N MSE L 70 30.61 -16.81 -5.23
CA MSE L 70 30.05 -16.31 -3.98
C MSE L 70 28.76 -17.04 -3.59
O MSE L 70 28.61 -17.48 -2.46
CB MSE L 70 29.80 -14.80 -4.08
CG MSE L 70 29.33 -14.17 -2.78
SE MSE L 70 27.39 -14.22 -2.49
CE MSE L 70 26.87 -13.25 -4.10
N VAL L 71 27.82 -17.17 -4.53
CA VAL L 71 26.53 -17.74 -4.16
CA VAL L 71 26.52 -17.72 -4.18
C VAL L 71 26.59 -19.23 -3.90
N ARG L 72 27.52 -19.89 -4.58
CA ARG L 72 27.74 -21.31 -4.36
C ARG L 72 28.44 -21.56 -3.03
N LEU L 73 29.40 -20.68 -2.68
CA LEU L 73 30.01 -20.72 -1.33
C LEU L 73 28.94 -20.57 -0.27
N ASN L 74 28.10 -19.55 -0.44
CA ASN L 74 27.03 -19.24 0.49
C ASN L 74 26.06 -20.40 0.67
N TRP L 75 25.74 -21.09 -0.43
CA TRP L 75 24.81 -22.22 -0.37
C TRP L 75 25.43 -23.48 0.20
N LEU L 76 26.57 -23.89 -0.37
CA LEU L 76 27.17 -25.20 -0.08
C LEU L 76 27.75 -25.30 1.33
N THR L 77 28.07 -24.15 1.93
CA THR L 77 28.71 -24.16 3.23
C THR L 77 27.83 -24.76 4.33
N ALA L 78 26.53 -24.83 4.07
CA ALA L 78 25.63 -25.48 5.02
C ALA L 78 25.83 -26.99 5.03
N PHE L 79 26.55 -27.51 4.04
CA PHE L 79 26.70 -28.96 3.88
C PHE L 79 28.14 -29.45 3.89
N MSE L 80 29.09 -28.58 3.55
CA MSE L 80 30.49 -28.99 3.38
C MSE L 80 31.43 -27.93 3.95
O MSE L 80 31.04 -26.76 4.10
CB MSE L 80 30.81 -29.22 1.89
CG MSE L 80 29.97 -30.33 1.25
SE MSE L 80 30.38 -32.12 1.90
CE MSE L 80 32.08 -32.35 0.96
N PRO L 81 32.67 -28.34 4.28
CA PRO L 81 33.68 -27.39 4.78
C PRO L 81 34.29 -26.55 3.68
N LEU L 82 33.99 -25.26 3.70
CA LEU L 82 34.39 -24.31 2.65
C LEU L 82 34.97 -23.04 3.25
N PRO L 83 35.66 -22.23 2.43
CA PRO L 83 36.04 -20.90 2.92
C PRO L 83 34.78 -20.11 3.30
N THR L 84 34.91 -19.25 4.30
CA THR L 84 33.78 -18.44 4.78
C THR L 84 33.78 -17.09 4.08
N ILE L 85 32.60 -16.64 3.64
CA ILE L 85 32.48 -15.32 3.03
C ILE L 85 32.59 -14.23 4.08
N LYS L 86 33.61 -13.39 3.97
CA LYS L 86 33.71 -12.25 4.86
C LYS L 86 32.99 -11.04 4.28
N HIS L 87 33.11 -10.87 2.97
CA HIS L 87 32.57 -9.64 2.37
C HIS L 87 32.50 -9.84 0.86
N PHE L 88 31.42 -9.37 0.25
CA PHE L 88 31.29 -9.43 -1.20
C PHE L 88 30.67 -8.14 -1.68
N ILE L 89 31.20 -7.64 -2.81
CA ILE L 89 30.70 -6.43 -3.43
C ILE L 89 30.53 -6.67 -4.92
N ARG L 90 29.40 -6.21 -5.44
CA ARG L 90 29.13 -6.28 -6.86
C ARG L 90 28.73 -4.89 -7.36
N THR L 91 29.45 -4.38 -8.35
CA THR L 91 29.00 -3.23 -9.11
C THR L 91 28.77 -3.70 -10.55
N PRO L 92 28.26 -2.83 -11.44
CA PRO L 92 27.92 -3.42 -12.74
C PRO L 92 29.10 -4.04 -13.47
N ASP L 93 30.31 -3.59 -13.17
CA ASP L 93 31.48 -3.99 -13.94
CA ASP L 93 31.48 -3.99 -13.94
C ASP L 93 32.53 -4.74 -13.12
N ASP L 94 32.35 -4.79 -11.80
CA ASP L 94 33.36 -5.42 -10.96
C ASP L 94 32.72 -6.28 -9.87
N ALA L 95 33.43 -7.31 -9.43
CA ALA L 95 33.00 -8.10 -8.28
C ALA L 95 34.23 -8.37 -7.42
N TRP L 96 34.06 -8.23 -6.10
CA TRP L 96 35.15 -8.49 -5.13
C TRP L 96 34.65 -9.47 -4.12
N LEU L 97 35.38 -10.57 -3.90
CA LEU L 97 34.97 -11.61 -2.98
C LEU L 97 36.08 -11.87 -1.95
N LEU L 98 35.82 -11.57 -0.69
CA LEU L 98 36.79 -11.74 0.37
C LEU L 98 36.37 -12.93 1.22
N THR L 99 37.25 -13.93 1.31
CA THR L 99 36.94 -15.15 2.05
C THR L 99 38.06 -15.47 3.04
N THR L 100 37.75 -16.23 4.08
CA THR L 100 38.82 -16.67 5.00
C THR L 100 39.53 -17.84 4.35
N ALA L 101 40.85 -17.89 4.48
CA ALA L 101 41.62 -19.03 3.98
C ALA L 101 41.34 -20.29 4.80
N ILE L 102 41.25 -21.42 4.11
CA ILE L 102 41.38 -22.73 4.74
C ILE L 102 42.88 -23.04 4.89
N PRO L 103 43.30 -23.39 6.12
CA PRO L 103 44.70 -23.69 6.41
C PRO L 103 45.16 -24.96 5.70
N GLY L 104 46.42 -24.99 5.28
CA GLY L 104 46.96 -26.23 4.75
C GLY L 104 47.57 -26.14 3.37
N LYS L 105 47.67 -27.30 2.71
CA LYS L 105 48.30 -27.46 1.41
C LYS L 105 47.38 -28.26 0.51
N THR L 106 47.56 -28.13 -0.80
CA THR L 106 46.70 -28.85 -1.73
C THR L 106 47.03 -30.34 -1.72
N ALA L 107 46.07 -31.13 -2.18
CA ALA L 107 46.24 -32.57 -2.27
C ALA L 107 47.42 -32.87 -3.15
N PHE L 108 47.59 -32.09 -4.22
CA PHE L 108 48.77 -32.27 -5.06
C PHE L 108 50.05 -32.06 -4.27
N GLN L 109 50.13 -30.96 -3.53
CA GLN L 109 51.31 -30.68 -2.72
C GLN L 109 51.61 -31.81 -1.76
N VAL L 110 50.58 -32.32 -1.07
CA VAL L 110 50.85 -33.36 -0.07
C VAL L 110 51.25 -34.69 -0.70
N LEU L 111 50.68 -35.02 -1.86
CA LEU L 111 51.08 -36.23 -2.59
C LEU L 111 52.54 -36.15 -2.98
N GLU L 112 53.00 -34.97 -3.41
CA GLU L 112 54.41 -34.82 -3.76
C GLU L 112 55.31 -34.85 -2.53
N GLU L 113 54.79 -34.37 -1.41
CA GLU L 113 55.56 -34.28 -0.17
C GLU L 113 55.61 -35.61 0.58
N TYR L 114 54.55 -36.40 0.44
CA TYR L 114 54.46 -37.69 1.12
C TYR L 114 54.08 -38.79 0.12
N PRO L 115 55.01 -39.12 -0.81
CA PRO L 115 54.68 -40.09 -1.86
C PRO L 115 54.20 -41.43 -1.29
N ASP L 116 54.68 -41.80 -0.11
CA ASP L 116 54.26 -43.06 0.53
C ASP L 116 52.80 -43.06 0.99
N SER L 117 52.18 -41.90 1.06
CA SER L 117 50.82 -41.80 1.60
C SER L 117 49.76 -41.67 0.52
N GLY L 118 50.13 -41.99 -0.71
CA GLY L 118 49.21 -41.86 -1.84
C GLY L 118 47.90 -42.60 -1.63
N GLU L 119 47.97 -43.78 -1.03
CA GLU L 119 46.77 -44.60 -0.84
C GLU L 119 45.85 -43.96 0.19
N ASN L 120 46.42 -43.47 1.28
CA ASN L 120 45.61 -42.78 2.29
C ASN L 120 44.98 -41.49 1.74
N ILE L 121 45.75 -40.74 0.96
CA ILE L 121 45.24 -39.53 0.31
C ILE L 121 44.08 -39.83 -0.66
N VAL L 122 44.26 -40.82 -1.52
CA VAL L 122 43.20 -41.17 -2.48
C VAL L 122 41.92 -41.62 -1.75
N ASP L 123 42.09 -42.41 -0.69
CA ASP L 123 40.93 -42.84 0.10
C ASP L 123 40.20 -41.64 0.70
N ALA L 124 40.95 -40.69 1.26
CA ALA L 124 40.34 -39.49 1.82
C ALA L 124 39.56 -38.68 0.76
N LEU L 125 40.15 -38.56 -0.42
CA LEU L 125 39.48 -37.86 -1.53
C LEU L 125 38.18 -38.54 -1.96
N ALA L 126 38.18 -39.86 -1.99
CA ALA L 126 37.02 -40.60 -2.46
C ALA L 126 35.89 -40.51 -1.45
N VAL L 127 36.25 -40.58 -0.16
CA VAL L 127 35.27 -40.43 0.90
C VAL L 127 34.67 -39.02 0.90
N PHE L 128 35.52 -38.02 0.71
CA PHE L 128 35.06 -36.63 0.64
C PHE L 128 34.14 -36.45 -0.55
N LEU L 129 34.52 -37.00 -1.69
CA LEU L 129 33.70 -36.86 -2.89
C LEU L 129 32.34 -37.53 -2.71
N ARG L 130 32.31 -38.69 -2.08
CA ARG L 130 31.03 -39.34 -1.75
C ARG L 130 30.14 -38.48 -0.87
N ARG L 131 30.76 -37.78 0.11
CA ARG L 131 30.04 -36.88 1.01
C ARG L 131 29.33 -35.77 0.21
N LEU L 132 30.06 -35.13 -0.70
CA LEU L 132 29.47 -34.09 -1.53
C LEU L 132 28.34 -34.66 -2.38
N HIS L 133 28.61 -35.80 -3.02
CA HIS L 133 27.62 -36.41 -3.90
C HIS L 133 26.40 -36.94 -3.19
N SER L 134 26.49 -37.10 -1.88
CA SER L 134 25.35 -37.63 -1.11
C SER L 134 24.36 -36.53 -0.69
N ILE L 135 24.70 -35.28 -0.90
CA ILE L 135 23.76 -34.20 -0.58
C ILE L 135 22.50 -34.36 -1.46
N PRO L 136 21.32 -34.50 -0.83
CA PRO L 136 20.15 -34.72 -1.68
C PRO L 136 19.96 -33.58 -2.70
N VAL L 137 19.66 -33.93 -3.95
CA VAL L 137 19.62 -32.92 -5.00
C VAL L 137 18.48 -31.94 -4.79
N CYS L 138 17.51 -32.29 -3.95
CA CYS L 138 16.39 -31.40 -3.70
C CYS L 138 16.83 -30.13 -2.97
N ASN L 139 18.04 -30.16 -2.41
CA ASN L 139 18.60 -29.02 -1.69
C ASN L 139 19.25 -27.98 -2.62
N CYS L 140 19.60 -28.41 -3.82
CA CYS L 140 20.52 -27.65 -4.68
C CYS L 140 19.82 -26.78 -5.74
N PRO L 141 20.01 -25.45 -5.68
CA PRO L 141 19.34 -24.54 -6.62
C PRO L 141 20.13 -24.30 -7.90
N PHE L 142 21.23 -25.02 -8.10
CA PHE L 142 22.13 -24.77 -9.24
C PHE L 142 22.13 -25.89 -10.24
N ASN L 143 22.05 -25.50 -11.50
CA ASN L 143 22.18 -26.42 -12.62
C ASN L 143 23.57 -26.33 -13.24
N SER L 144 24.30 -27.44 -13.25
CA SER L 144 25.59 -27.51 -13.92
C SER L 144 25.66 -28.67 -14.91
N ASP L 145 24.54 -29.07 -15.50
CA ASP L 145 24.49 -30.32 -16.25
C ASP L 145 25.21 -30.22 -17.61
N ARG L 146 25.28 -31.34 -18.32
CA ARG L 146 26.06 -31.41 -19.55
C ARG L 146 25.55 -30.46 -20.62
N VAL L 147 24.24 -30.28 -20.67
CA VAL L 147 23.63 -29.38 -21.64
C VAL L 147 24.15 -27.96 -21.43
N PHE L 148 24.15 -27.55 -20.17
CA PHE L 148 24.60 -26.24 -19.75
C PHE L 148 26.11 -26.04 -20.01
N ARG L 149 26.93 -27.02 -19.61
CA ARG L 149 28.38 -26.94 -19.85
C ARG L 149 28.77 -27.03 -21.33
N LEU L 150 28.05 -27.84 -22.10
CA LEU L 150 28.33 -27.92 -23.53
C LEU L 150 28.10 -26.58 -24.24
N ALA L 151 27.06 -25.85 -23.84
CA ALA L 151 26.84 -24.52 -24.40
C ALA L 151 27.96 -23.56 -24.01
N GLN L 152 28.47 -23.69 -22.77
CA GLN L 152 29.59 -22.84 -22.34
C GLN L 152 30.84 -23.20 -23.18
N ALA L 153 31.06 -24.49 -23.37
CA ALA L 153 32.21 -24.95 -24.14
C ALA L 153 32.14 -24.50 -25.59
N GLN L 154 30.94 -24.57 -26.18
CA GLN L 154 30.76 -24.16 -27.56
C GLN L 154 31.06 -22.67 -27.74
N SER L 155 30.65 -21.89 -26.75
CA SER L 155 30.86 -20.46 -26.77
C SER L 155 32.36 -20.15 -26.70
N ARG L 156 33.06 -20.83 -25.80
CA ARG L 156 34.50 -20.65 -25.65
C ARG L 156 35.25 -21.07 -26.92
N MSE L 157 34.82 -22.18 -27.52
CA MSE L 157 35.36 -22.60 -28.83
C MSE L 157 35.10 -21.56 -29.93
O MSE L 157 36.01 -21.15 -30.64
CB MSE L 157 34.81 -23.96 -29.26
CG MSE L 157 35.31 -24.44 -30.62
SE MSE L 157 34.55 -26.13 -31.24
CE MSE L 157 32.64 -25.67 -31.22
N ASN L 158 33.85 -21.14 -30.06
CA ASN L 158 33.46 -20.21 -31.12
C ASN L 158 34.09 -18.83 -30.95
N ASN L 159 34.52 -18.53 -29.72
CA ASN L 159 35.18 -17.26 -29.42
C ASN L 159 36.70 -17.38 -29.31
N GLY L 160 37.23 -18.56 -29.66
CA GLY L 160 38.67 -18.77 -29.68
C GLY L 160 39.34 -18.69 -28.32
N LEU L 161 38.64 -19.12 -27.28
CA LEU L 161 39.18 -19.05 -25.92
C LEU L 161 39.72 -20.38 -25.41
N VAL L 162 39.62 -21.43 -26.23
CA VAL L 162 40.10 -22.73 -25.80
C VAL L 162 41.63 -22.84 -25.88
N ASP L 163 42.24 -23.14 -24.74
CA ASP L 163 43.68 -23.31 -24.62
C ASP L 163 44.09 -24.66 -25.16
N ALA L 164 44.31 -24.73 -26.47
CA ALA L 164 44.65 -25.98 -27.15
C ALA L 164 46.00 -26.59 -26.74
N SER L 165 46.87 -25.79 -26.15
CA SER L 165 48.19 -26.28 -25.75
C SER L 165 48.13 -26.98 -24.41
N ASP L 166 46.95 -26.99 -23.79
CA ASP L 166 46.80 -27.54 -22.45
C ASP L 166 45.97 -28.82 -22.47
N PHE L 167 45.77 -29.39 -23.66
CA PHE L 167 44.98 -30.62 -23.78
C PHE L 167 45.73 -31.78 -23.14
N ASP L 168 45.00 -32.82 -22.71
CA ASP L 168 45.64 -34.05 -22.22
C ASP L 168 46.51 -34.68 -23.31
N ASP L 169 47.45 -35.54 -22.90
CA ASP L 169 48.38 -36.15 -23.84
C ASP L 169 47.71 -36.92 -24.98
N GLU L 170 46.60 -37.59 -24.65
CA GLU L 170 45.85 -38.33 -25.66
C GLU L 170 45.38 -37.42 -26.80
N ARG L 171 45.14 -36.16 -26.48
CA ARG L 171 44.68 -35.19 -27.48
C ARG L 171 45.75 -34.16 -27.80
N ASN L 172 47.00 -34.45 -27.48
CA ASN L 172 48.08 -33.55 -27.84
C ASN L 172 48.12 -33.30 -29.36
N GLY L 173 48.09 -32.03 -29.76
CA GLY L 173 48.12 -31.68 -31.18
C GLY L 173 46.77 -31.50 -31.86
N TRP L 174 45.72 -31.99 -31.23
CA TRP L 174 44.38 -31.92 -31.85
C TRP L 174 43.88 -30.49 -32.03
N PRO L 175 43.29 -30.20 -33.19
CA PRO L 175 42.55 -28.94 -33.28
C PRO L 175 41.28 -29.00 -32.42
N VAL L 176 40.85 -27.87 -31.89
CA VAL L 176 39.70 -27.81 -30.99
C VAL L 176 38.44 -28.44 -31.59
N GLU L 177 38.25 -28.22 -32.89
CA GLU L 177 37.09 -28.76 -33.60
C GLU L 177 37.06 -30.28 -33.57
N GLN L 178 38.23 -30.91 -33.59
CA GLN L 178 38.30 -32.36 -33.55
C GLN L 178 37.83 -32.88 -32.18
N VAL L 179 38.35 -32.29 -31.11
CA VAL L 179 37.91 -32.64 -29.77
C VAL L 179 36.39 -32.49 -29.68
N TRP L 180 35.89 -31.35 -30.16
CA TRP L 180 34.46 -31.07 -30.20
C TRP L 180 33.65 -32.14 -30.94
N LYS L 181 34.02 -32.43 -32.18
CA LYS L 181 33.35 -33.47 -32.94
C LYS L 181 33.43 -34.84 -32.28
N GLU L 182 34.63 -35.28 -31.92
CA GLU L 182 34.83 -36.59 -31.29
C GLU L 182 34.01 -36.74 -30.01
N MSE L 183 33.96 -35.68 -29.23
CA MSE L 183 33.27 -35.71 -27.96
C MSE L 183 31.78 -36.00 -28.14
O MSE L 183 31.17 -36.70 -27.33
CB MSE L 183 33.45 -34.39 -27.21
CG MSE L 183 32.70 -34.30 -25.89
SE MSE L 183 33.09 -32.65 -24.95
CE MSE L 183 32.56 -31.42 -26.33
N HIS L 184 31.20 -35.46 -29.21
CA HIS L 184 29.78 -35.65 -29.49
C HIS L 184 29.42 -37.08 -29.91
N LYS L 185 30.36 -37.82 -30.47
CA LYS L 185 30.17 -39.24 -30.75
C LYS L 185 29.80 -40.04 -29.49
N LEU L 186 30.22 -39.55 -28.32
CA LEU L 186 29.97 -40.27 -27.07
C LEU L 186 28.56 -40.06 -26.48
N LEU L 187 27.79 -39.14 -27.06
CA LEU L 187 26.43 -38.89 -26.61
C LEU L 187 25.46 -39.73 -27.46
N PRO L 188 24.31 -40.12 -26.89
CA PRO L 188 23.88 -39.85 -25.51
C PRO L 188 24.36 -40.89 -24.50
N PHE L 189 24.32 -40.53 -23.23
CA PHE L 189 24.48 -41.51 -22.16
C PHE L 189 23.43 -41.30 -21.08
N SER L 190 23.34 -42.27 -20.18
CA SER L 190 22.25 -42.32 -19.20
C SER L 190 22.26 -41.14 -18.23
N PRO L 191 21.06 -40.67 -17.85
CA PRO L 191 20.91 -39.58 -16.87
C PRO L 191 21.51 -39.94 -15.52
N ASP L 192 22.33 -39.05 -14.99
CA ASP L 192 22.75 -39.15 -13.60
C ASP L 192 22.87 -37.75 -13.03
N SER L 193 22.31 -37.55 -11.84
CA SER L 193 22.28 -36.21 -11.26
C SER L 193 22.68 -36.26 -9.80
N VAL L 194 23.85 -35.71 -9.48
CA VAL L 194 24.25 -35.50 -8.09
C VAL L 194 24.74 -34.07 -7.92
N VAL L 195 24.86 -33.61 -6.68
CA VAL L 195 25.52 -32.33 -6.43
C VAL L 195 27.01 -32.49 -6.71
N THR L 196 27.54 -31.70 -7.64
CA THR L 196 28.95 -31.82 -8.05
C THR L 196 29.73 -30.55 -7.74
N HIS L 197 31.06 -30.68 -7.71
CA HIS L 197 31.95 -29.56 -7.49
C HIS L 197 32.22 -28.81 -8.80
N GLY L 198 32.55 -29.57 -9.85
CA GLY L 198 32.81 -28.98 -11.16
C GLY L 198 34.27 -28.80 -11.55
N ASP L 199 35.16 -28.75 -10.57
CA ASP L 199 36.60 -28.76 -10.85
C ASP L 199 37.31 -29.51 -9.72
N PHE L 200 36.99 -30.78 -9.59
CA PHE L 200 37.44 -31.58 -8.46
C PHE L 200 38.85 -32.11 -8.71
N SER L 201 39.80 -31.18 -8.74
CA SER L 201 41.18 -31.50 -9.09
C SER L 201 42.04 -31.61 -7.83
N LEU L 202 43.29 -32.02 -7.99
CA LEU L 202 44.19 -32.13 -6.84
C LEU L 202 44.56 -30.76 -6.27
N ASP L 203 44.30 -29.69 -7.02
CA ASP L 203 44.65 -28.36 -6.53
C ASP L 203 43.54 -27.69 -5.70
N ASN L 204 42.35 -28.26 -5.73
CA ASN L 204 41.21 -27.63 -5.07
C ASN L 204 40.71 -28.36 -3.82
N LEU L 205 41.50 -29.33 -3.38
CA LEU L 205 41.20 -30.06 -2.14
C LEU L 205 42.34 -29.82 -1.14
N ILE L 206 42.00 -29.41 0.08
CA ILE L 206 43.03 -28.92 1.00
C ILE L 206 43.21 -29.83 2.20
N PHE L 207 44.48 -30.19 2.44
CA PHE L 207 44.91 -30.99 3.59
C PHE L 207 45.62 -30.16 4.64
N ASP L 208 45.32 -30.42 5.90
CA ASP L 208 46.01 -29.74 6.99
C ASP L 208 46.20 -30.73 8.12
N GLU L 209 47.44 -30.81 8.62
CA GLU L 209 47.80 -31.76 9.68
C GLU L 209 47.35 -33.18 9.35
N GLY L 210 47.57 -33.59 8.11
CA GLY L 210 47.33 -34.95 7.70
C GLY L 210 45.87 -35.33 7.43
N LYS L 211 44.98 -34.35 7.49
CA LYS L 211 43.58 -34.63 7.19
C LYS L 211 43.06 -33.74 6.07
N LEU L 212 42.11 -34.28 5.30
CA LEU L 212 41.41 -33.51 4.29
C LEU L 212 40.37 -32.64 4.99
N ILE L 213 40.56 -31.33 4.92
CA ILE L 213 39.67 -30.45 5.68
C ILE L 213 38.72 -29.56 4.86
N GLY L 214 38.87 -29.50 3.55
CA GLY L 214 37.92 -28.73 2.77
C GLY L 214 38.23 -28.61 1.30
N CYS L 215 37.32 -27.98 0.55
CA CYS L 215 37.53 -27.75 -0.88
C CYS L 215 37.37 -26.28 -1.20
N ILE L 216 38.00 -25.86 -2.29
CA ILE L 216 37.97 -24.46 -2.73
C ILE L 216 37.55 -24.35 -4.19
N ASP L 217 37.38 -23.12 -4.67
CA ASP L 217 37.06 -22.85 -6.08
C ASP L 217 35.76 -23.51 -6.48
N VAL L 218 34.66 -23.03 -5.90
CA VAL L 218 33.40 -23.73 -6.05
C VAL L 218 32.45 -23.10 -7.09
N GLY L 219 33.00 -22.29 -7.99
CA GLY L 219 32.20 -21.55 -8.96
C GLY L 219 31.37 -22.40 -9.90
N ARG L 220 31.72 -23.67 -10.07
CA ARG L 220 30.94 -24.53 -10.97
C ARG L 220 30.02 -25.53 -10.27
N VAL L 221 29.92 -25.41 -8.96
CA VAL L 221 29.01 -26.26 -8.19
C VAL L 221 27.58 -26.26 -8.74
N GLY L 222 27.01 -27.45 -8.85
CA GLY L 222 25.62 -27.61 -9.23
C GLY L 222 25.34 -29.05 -9.58
N ILE L 223 24.10 -29.32 -9.95
CA ILE L 223 23.68 -30.69 -10.28
C ILE L 223 24.25 -31.08 -11.65
N ALA L 224 24.91 -32.24 -11.70
CA ALA L 224 25.52 -32.73 -12.91
C ALA L 224 25.79 -34.23 -12.74
N ASP L 225 26.35 -34.86 -13.77
CA ASP L 225 26.72 -36.28 -13.67
C ASP L 225 27.88 -36.44 -12.69
N ARG L 226 27.85 -37.49 -11.88
CA ARG L 226 28.91 -37.69 -10.90
C ARG L 226 30.29 -37.78 -11.58
N TYR L 227 30.31 -38.16 -12.85
CA TYR L 227 31.60 -38.29 -13.56
C TYR L 227 32.23 -36.95 -13.91
N GLN L 228 31.49 -35.86 -13.79
CA GLN L 228 32.10 -34.53 -13.88
C GLN L 228 33.24 -34.41 -12.86
N ASP L 229 33.03 -34.95 -11.67
CA ASP L 229 34.04 -34.86 -10.61
C ASP L 229 35.01 -36.04 -10.66
N LEU L 230 34.48 -37.25 -10.85
CA LEU L 230 35.33 -38.43 -10.90
C LEU L 230 36.37 -38.35 -12.02
N ALA L 231 35.97 -37.84 -13.19
CA ALA L 231 36.89 -37.85 -14.33
C ALA L 231 38.07 -36.91 -14.11
N ILE L 232 37.79 -35.71 -13.59
CA ILE L 232 38.82 -34.71 -13.41
C ILE L 232 39.83 -35.18 -12.37
N LEU L 233 39.34 -35.75 -11.29
CA LEU L 233 40.25 -36.29 -10.29
C LEU L 233 41.03 -37.48 -10.83
N TRP L 234 40.35 -38.39 -11.52
CA TRP L 234 41.00 -39.59 -12.07
C TRP L 234 42.16 -39.19 -12.99
N ASN L 235 41.91 -38.18 -13.82
CA ASN L 235 42.94 -37.68 -14.74
C ASN L 235 44.17 -37.15 -13.98
N CYS L 236 43.94 -36.38 -12.91
CA CYS L 236 45.04 -35.87 -12.08
C CYS L 236 45.85 -36.98 -11.48
N LEU L 237 45.18 -38.03 -11.03
CA LEU L 237 45.86 -39.16 -10.41
C LEU L 237 46.73 -39.88 -11.44
N GLY L 238 46.40 -39.74 -12.71
CA GLY L 238 47.19 -40.34 -13.77
C GLY L 238 48.62 -39.81 -13.82
N GLU L 239 48.88 -38.69 -13.14
CA GLU L 239 50.24 -38.16 -13.09
C GLU L 239 51.08 -39.01 -12.16
N PHE L 240 50.42 -39.82 -11.34
CA PHE L 240 51.12 -40.56 -10.32
C PHE L 240 51.16 -42.08 -10.56
N SER L 241 50.01 -42.73 -10.60
CA SER L 241 49.98 -44.16 -10.97
C SER L 241 48.61 -44.67 -11.38
N PRO L 242 48.58 -45.71 -12.22
CA PRO L 242 47.28 -46.30 -12.58
C PRO L 242 46.64 -47.00 -11.38
N SER L 243 47.43 -47.44 -10.41
CA SER L 243 46.80 -48.08 -9.23
C SER L 243 46.07 -47.05 -8.34
N LEU L 244 46.58 -45.82 -8.27
CA LEU L 244 45.86 -44.77 -7.52
C LEU L 244 44.59 -44.38 -8.24
N GLN L 245 44.68 -44.29 -9.56
CA GLN L 245 43.48 -44.00 -10.35
C GLN L 245 42.41 -45.06 -10.08
N LYS L 246 42.81 -46.32 -10.06
CA LYS L 246 41.87 -47.41 -9.90
C LYS L 246 41.27 -47.42 -8.50
N ARG L 247 42.12 -47.17 -7.51
CA ARG L 247 41.67 -47.13 -6.12
C ARG L 247 40.61 -46.06 -5.88
N LEU L 248 40.69 -44.95 -6.62
CA LEU L 248 39.66 -43.90 -6.51
C LEU L 248 38.26 -44.46 -6.75
N PHE L 249 38.11 -45.20 -7.83
CA PHE L 249 36.81 -45.80 -8.14
C PHE L 249 36.44 -46.91 -7.15
N GLN L 250 37.42 -47.72 -6.76
CA GLN L 250 37.18 -48.80 -5.81
C GLN L 250 36.70 -48.28 -4.45
N LYS L 251 37.32 -47.22 -3.94
CA LYS L 251 36.89 -46.66 -2.65
C LYS L 251 35.51 -45.95 -2.78
N TYR L 252 35.31 -45.27 -3.91
CA TYR L 252 34.05 -44.57 -4.16
C TYR L 252 32.92 -45.59 -4.28
N GLY L 253 33.25 -46.78 -4.77
CA GLY L 253 32.33 -47.91 -4.77
C GLY L 253 31.78 -48.25 -6.15
N ILE L 254 32.51 -47.86 -7.19
CA ILE L 254 32.14 -48.20 -8.56
C ILE L 254 32.91 -49.42 -9.07
N ASP L 255 32.20 -50.41 -9.62
CA ASP L 255 32.82 -51.68 -9.98
C ASP L 255 33.49 -51.64 -11.34
N ASN L 256 32.84 -50.97 -12.29
CA ASN L 256 33.29 -50.90 -13.66
C ASN L 256 33.22 -49.43 -14.08
N PRO L 257 34.35 -48.73 -14.03
CA PRO L 257 34.28 -47.32 -14.39
C PRO L 257 33.79 -47.17 -15.83
N ASP L 258 32.87 -46.23 -16.01
CA ASP L 258 32.24 -45.99 -17.29
C ASP L 258 33.20 -45.17 -18.15
N MSE L 259 33.95 -45.86 -19.02
CA MSE L 259 34.96 -45.22 -19.86
C MSE L 259 34.39 -44.16 -20.81
O MSE L 259 35.04 -43.16 -21.07
CB MSE L 259 35.73 -46.27 -20.65
CG MSE L 259 36.28 -47.38 -19.80
SE MSE L 259 37.49 -46.70 -18.48
CE MSE L 259 38.99 -46.25 -19.62
N ASN L 260 33.17 -44.39 -21.31
CA ASN L 260 32.51 -43.39 -22.14
C ASN L 260 32.23 -42.09 -21.39
N LYS L 261 31.66 -42.20 -20.20
CA LYS L 261 31.41 -41.02 -19.37
C LYS L 261 32.70 -40.40 -18.91
N LEU L 262 33.68 -41.25 -18.62
CA LEU L 262 34.98 -40.75 -18.23
C LEU L 262 35.58 -39.93 -19.40
N GLN L 263 35.67 -40.52 -20.57
CA GLN L 263 36.25 -39.83 -21.74
C GLN L 263 35.45 -38.56 -22.07
N PHE L 264 34.13 -38.64 -22.01
CA PHE L 264 33.33 -37.46 -22.29
C PHE L 264 33.69 -36.28 -21.39
N HIS L 265 33.81 -36.54 -20.10
CA HIS L 265 34.04 -35.44 -19.14
C HIS L 265 35.47 -34.88 -19.16
N LEU L 266 36.44 -35.71 -19.52
CA LEU L 266 37.78 -35.20 -19.76
C LEU L 266 37.83 -34.32 -21.01
N MSE L 267 37.15 -34.74 -22.07
CA MSE L 267 37.11 -33.93 -23.28
C MSE L 267 36.41 -32.60 -23.03
O MSE L 267 36.85 -31.57 -23.52
CB MSE L 267 36.47 -34.72 -24.42
CG MSE L 267 37.30 -35.97 -24.80
SE MSE L 267 36.54 -36.97 -26.25
CE MSE L 267 37.15 -35.80 -27.64
N LEU L 268 35.35 -32.62 -22.23
CA LEU L 268 34.60 -31.41 -21.92
C LEU L 268 35.48 -30.42 -21.15
N ASP L 269 36.30 -30.92 -20.23
CA ASP L 269 37.13 -30.03 -19.43
C ASP L 269 38.24 -29.39 -20.26
N GLU L 270 38.55 -29.97 -21.42
CA GLU L 270 39.53 -29.37 -22.35
C GLU L 270 39.11 -27.98 -22.80
N PHE L 271 37.81 -27.72 -22.79
CA PHE L 271 37.27 -26.46 -23.28
C PHE L 271 37.33 -25.35 -22.23
N PHE L 272 37.75 -25.69 -21.00
CA PHE L 272 37.68 -24.75 -19.88
C PHE L 272 39.03 -24.35 -19.29
C1 KAN M . -28.68 -0.49 -15.26
C2 KAN M . -28.85 0.97 -15.64
C3 KAN M . -28.02 1.33 -16.87
C4 KAN M . -26.55 1.05 -16.56
C5 KAN M . -26.41 -0.42 -16.25
C6 KAN M . -24.93 -0.62 -15.93
C7 KAN M . -31.36 -4.93 -16.26
C8 KAN M . -31.44 -4.05 -15.04
C9 KAN M . -31.02 -2.63 -15.46
C10 KAN M . -29.55 -2.61 -15.96
C11 KAN M . -29.51 -3.52 -17.22
C12 KAN M . -29.92 -4.92 -16.83
C13 KAN M . -33.06 -3.83 -13.20
C14 KAN M . -34.25 -4.72 -12.85
C15 KAN M . -35.53 -4.37 -13.58
C16 KAN M . -35.89 -2.95 -13.26
C17 KAN M . -34.72 -2.08 -13.73
C18 KAN M . -35.02 -0.56 -13.65
N1 KAN M . -24.67 -2.02 -15.61
N2 KAN M . -28.12 -3.54 -17.73
N3 KAN M . -31.74 -6.29 -15.79
N4 KAN M . -36.62 -5.25 -13.14
O5 KAN M . -27.24 -0.75 -15.10
O6 KAN M . -30.24 1.22 -15.90
O7 KAN M . -28.22 2.74 -17.12
O8 KAN M . -25.74 1.35 -17.71
O9 KAN M . -29.16 -1.28 -16.35
O10 KAN M . -31.26 -1.67 -14.40
O11 KAN M . -32.81 -4.13 -14.56
O12 KAN M . -33.50 -2.45 -13.03
O13 KAN M . -33.82 -6.07 -13.09
O14 KAN M . -37.06 -2.61 -13.99
O15 KAN M . -33.93 0.17 -14.27
N1 0J9 N . -29.10 17.01 -16.12
C2 0J9 N . -28.00 16.67 -16.86
N3 0J9 N . -27.33 15.51 -16.50
C4 0J9 N . -27.77 14.78 -15.45
C5 0J9 N . -28.86 15.11 -14.72
C6 0J9 N . -29.50 16.25 -15.09
CAA 0J9 N . -24.83 13.87 -15.39
CAB 0J9 N . -25.78 11.74 -14.52
CAC 0J9 N . -26.28 12.43 -16.87
NAD 0J9 N . -30.57 16.67 -14.43
CAE 0J9 N . -28.78 12.84 -8.85
CAF 0J9 N . -27.81 12.87 -9.86
CAI 0J9 N . -31.19 14.39 -12.91
CAJ 0J9 N . -30.09 13.19 -9.14
CAK 0J9 N . -31.76 13.92 -10.64
CAL 0J9 N . -28.17 13.26 -11.15
NAO 0J9 N . -27.93 13.35 -13.96
CAQ 0J9 N . -29.88 13.97 -12.78
CAR 0J9 N . -29.02 14.10 -13.83
CAS 0J9 N . -30.44 13.57 -10.43
CAT 0J9 N . -29.48 13.62 -11.46
NAW 0J9 N . -27.27 13.65 -14.96
CAX 0J9 N . -26.06 12.93 -15.45
CAG 0J9 N . -32.15 14.29 -11.91
NA NA O . -17.23 -10.53 -13.63
C ACT P . -46.78 14.60 -13.39
O ACT P . -47.59 14.57 -14.34
OXT ACT P . -47.17 14.15 -12.29
CH3 ACT P . -45.40 15.16 -13.55
C ACT Q . -13.77 7.11 -13.87
O ACT Q . -14.52 6.45 -13.12
OXT ACT Q . -13.53 6.57 -14.99
CH3 ACT Q . -13.18 8.43 -13.45
C ACT R . -30.46 9.19 -12.47
O ACT R . -31.18 8.85 -11.49
OXT ACT R . -29.81 8.26 -13.02
CH3 ACT R . -30.37 10.59 -12.96
C1 KAN S . -11.61 17.89 -53.17
C2 KAN S . -10.71 17.40 -52.05
C3 KAN S . -11.52 16.99 -50.84
C4 KAN S . -12.28 18.22 -50.36
C5 KAN S . -13.19 18.67 -51.50
C6 KAN S . -13.86 19.92 -50.92
C7 KAN S . -14.00 15.83 -57.40
C8 KAN S . -12.67 16.53 -57.38
C9 KAN S . -12.12 16.37 -55.92
C10 KAN S . -13.04 17.00 -54.85
C11 KAN S . -14.37 16.25 -54.92
C12 KAN S . -14.95 16.41 -56.31
C13 KAN S . -10.74 16.67 -58.94
C14 KAN S . -10.52 16.15 -60.38
C15 KAN S . -10.14 14.71 -60.46
C16 KAN S . -8.88 14.53 -59.66
C17 KAN S . -9.16 14.94 -58.22
C18 KAN S . -7.91 14.71 -57.40
N1 KAN S . -14.78 20.48 -51.92
N2 KAN S . -15.29 16.86 -53.94
N3 KAN S . -14.56 16.04 -58.76
N4 KAN S . -9.81 14.44 -61.88
O5 KAN S . -12.39 19.00 -52.68
O6 KAN S . -9.98 16.26 -52.53
O7 KAN S . -10.61 16.57 -49.83
O8 KAN S . -13.08 17.85 -49.24
O9 KAN S . -12.50 16.83 -53.52
O10 KAN S . -10.80 16.91 -55.83
O11 KAN S . -11.85 15.93 -58.45
O12 KAN S . -9.57 16.35 -58.19
O13 KAN S . -11.73 16.39 -61.14
O14 KAN S . -8.53 13.15 -59.68
O15 KAN S . -8.23 15.08 -56.05
N1 0J9 T . 0.29 13.88 -40.00
C2 0J9 T . -0.89 14.14 -39.31
N3 0J9 T . -1.74 15.09 -39.85
C4 0J9 T . -1.40 15.72 -40.99
C5 0J9 T . -0.26 15.48 -41.66
C6 0J9 T . 0.56 14.54 -41.13
CAA 0J9 T . -3.25 18.06 -40.01
CAB 0J9 T . -3.86 18.16 -42.44
CAC 0J9 T . -4.43 16.15 -41.10
NAD 0J9 T . 1.71 14.24 -41.73
CAE 0J9 T . 1.08 20.28 -45.65
CAF 0J9 T . 0.08 20.12 -44.70
CAI 0J9 T . 1.47 15.57 -44.10
CAJ 0J9 T . 1.90 19.21 -45.95
CAK 0J9 T . 2.60 16.96 -45.67
CAL 0J9 T . -0.09 18.90 -44.08
NAO 0J9 T . -1.47 16.99 -42.56
CAQ 0J9 T . 0.53 16.52 -43.75
CAR 0J9 T . -0.38 16.26 -42.76
CAS 0J9 T . 1.73 17.98 -45.31
CAT 0J9 T . 0.72 17.80 -44.35
NAW 0J9 T . -2.07 16.66 -41.66
CAX 0J9 T . -3.39 17.25 -41.30
CAG 0J9 T . 2.45 15.73 -45.06
NA NA U . -3.20 3.27 -34.62
NA NA V . -11.60 10.64 -63.30
C ACT W . 9.19 4.95 -53.43
O ACT W . 9.64 5.25 -54.55
OXT ACT W . 8.55 3.87 -53.38
CH3 ACT W . 9.42 5.81 -52.23
C ACT X . -12.14 27.69 -38.62
O ACT X . -13.36 27.43 -38.76
OXT ACT X . -11.37 27.05 -39.36
CH3 ACT X . -11.62 28.70 -37.64
C1 KAN Y . -23.19 2.68 11.86
C2 KAN Y . -21.72 2.79 12.21
C3 KAN Y . -21.31 1.76 13.24
C4 KAN Y . -22.11 1.99 14.50
C5 KAN Y . -23.58 1.84 14.12
C6 KAN Y . -24.36 2.04 15.42
C7 KAN Y . -25.98 0.10 8.16
C8 KAN Y . -25.54 1.53 8.14
C9 KAN Y . -24.29 1.64 9.05
C10 KAN Y . -24.60 1.25 10.51
C11 KAN Y . -25.02 -0.23 10.47
C12 KAN Y . -26.27 -0.37 9.59
C13 KAN Y . -25.39 3.27 6.40
C14 KAN Y . -25.87 3.29 4.95
C15 KAN Y . -24.91 2.65 3.97
C16 KAN Y . -23.61 3.43 4.06
C17 KAN Y . -23.12 3.32 5.48
C18 KAN Y . -21.75 4.01 5.62
N1 KAN Y . -25.79 1.95 15.12
N2 KAN Y . -25.31 -0.66 11.85
N3 KAN Y . -27.22 0.03 7.36
N4 KAN Y . -25.45 2.73 2.59
O5 KAN Y . -23.97 2.83 13.08
O6 KAN Y . -20.97 2.57 11.02
O7 KAN Y . -19.91 1.87 13.52
O8 KAN Y . -21.72 1.02 15.47
O9 KAN Y . -23.43 1.35 11.34
O10 KAN Y . -23.76 2.97 8.99
O11 KAN Y . -25.32 1.86 6.75
O12 KAN Y . -24.09 3.89 6.41
O13 KAN Y . -27.14 2.64 4.95
O14 KAN Y . -22.68 2.89 3.14
O15 KAN Y . -21.28 3.79 6.96
N1 0J9 Z . -7.00 7.65 16.59
C2 0J9 Z . -7.44 6.88 17.65
N3 0J9 Z . -8.81 6.87 17.90
C4 0J9 Z . -9.65 7.60 17.13
C5 0J9 Z . -9.22 8.36 16.10
C6 0J9 Z . -7.87 8.35 15.85
CAA 0J9 Z . -11.43 7.46 19.64
CAB 0J9 Z . -13.31 7.40 18.02
CAC 0J9 Z . -11.71 5.51 18.10
NAD 0J9 Z . -7.35 9.08 14.86
CAE 0J9 Z . -13.17 13.08 14.67
CAF 0J9 Z . -13.18 12.14 15.69
CAI 0J9 Z . -9.59 9.83 13.49
CAJ 0J9 Z . -12.27 12.94 13.62
CAK 0J9 Z . -10.51 11.79 12.51
CAL 0J9 Z . -12.28 11.08 15.66
NAO 0J9 Z . -11.36 8.53 16.35
CAQ 0J9 Z . -10.50 9.79 14.54
CAR 0J9 Z . -10.36 8.86 15.54
CAS 0J9 Z . -11.38 11.87 13.60
CAT 0J9 Z . -11.36 10.90 14.62
NAW 0J9 Z . -10.98 7.72 17.23
CAX 0J9 Z . -11.85 7.03 18.25
CAG 0J9 Z . -9.61 10.73 12.45
N1 0J9 AA . -13.02 -14.29 46.93
C2 0J9 AA . -12.49 -13.56 45.86
N3 0J9 AA . -11.18 -13.79 45.52
C4 0J9 AA . -10.45 -14.69 46.21
C5 0J9 AA . -10.96 -15.39 47.24
C6 0J9 AA . -12.24 -15.16 47.57
CAA 0J9 AA . -7.99 -13.07 45.25
CAB 0J9 AA . -6.90 -15.30 45.14
CAC 0J9 AA . -8.79 -14.77 43.61
NAD 0J9 AA . -12.80 -15.81 48.58
CAE 0J9 AA . -6.46 -17.21 51.18
CAF 0J9 AA . -6.43 -16.41 50.04
CAI 0J9 AA . -10.95 -17.74 49.12
CAJ 0J9 AA . -7.60 -17.93 51.48
CAK 0J9 AA . -9.82 -18.61 51.03
CAL 0J9 AA . -7.56 -16.34 49.24
NAO 0J9 AA . -8.90 -15.81 46.85
CAQ 0J9 AA . -9.84 -17.06 48.65
CAR 0J9 AA . -9.94 -16.23 47.57
CAS 0J9 AA . -8.71 -17.86 50.66
CAT 0J9 AA . -8.72 -17.07 49.51
NAW 0J9 AA . -9.19 -15.07 46.04
CAX 0J9 AA . -8.23 -14.55 45.02
CAG 0J9 AA . -10.95 -18.57 50.23
NA NA BA . 0.70 -2.42 17.15
CL CL CA . -18.49 2.99 22.06
C ACT DA . -4.20 9.09 -0.69
O ACT DA . -4.24 9.93 -1.62
OXT ACT DA . -4.10 9.57 0.47
CH3 ACT DA . -4.25 7.62 -0.95
C ACT EA . 2.27 -3.54 14.69
O ACT EA . 2.16 -2.48 15.35
OXT ACT EA . 2.01 -3.47 13.47
CH3 ACT EA . 2.70 -4.83 15.33
C ACT FA . -22.88 14.02 26.77
O ACT FA . -22.75 14.87 27.69
OXT ACT FA . -21.89 13.88 26.02
CH3 ACT FA . -24.14 13.23 26.59
C1 KAN GA . -1.38 -25.60 39.47
C2 KAN GA . -2.51 -24.66 39.85
C3 KAN GA . -2.87 -23.70 38.75
C4 KAN GA . -1.63 -22.88 38.41
C5 KAN GA . -0.54 -23.85 37.94
C6 KAN GA . 0.68 -22.99 37.57
C7 KAN GA . -0.95 -30.45 37.40
C8 KAN GA . -0.90 -30.07 38.86
C9 KAN GA . -1.66 -28.73 39.02
C10 KAN GA . -1.05 -27.58 38.18
C11 KAN GA . -1.16 -28.01 36.70
C12 KAN GA . -0.39 -29.32 36.52
C13 KAN GA . -0.99 -31.29 41.00
C14 KAN GA . -1.06 -32.80 41.33
C15 KAN GA . -2.46 -33.36 41.32
C16 KAN GA . -3.29 -32.57 42.31
C17 KAN GA . -3.28 -31.10 41.88
C18 KAN GA . -4.16 -30.22 42.75
N1 KAN GA . 1.80 -23.83 37.09
N2 KAN GA . -0.54 -26.95 35.89
N3 KAN GA . -0.11 -31.66 37.28
N4 KAN GA . -2.42 -34.76 41.77
O5 KAN GA . -0.26 -24.78 39.02
O6 KAN GA . -3.69 -25.43 40.17
O7 KAN GA . -3.87 -22.85 39.29
O8 KAN GA . -1.97 -21.97 37.37
O9 KAN GA . -1.78 -26.34 38.34
O10 KAN GA . -1.65 -28.36 40.40
O11 KAN GA . -1.44 -31.19 39.64
O12 KAN GA . -1.91 -30.62 41.87
O13 KAN GA . -0.21 -33.50 40.41
O14 KAN GA . -4.62 -33.09 42.34
O15 KAN GA . -4.17 -28.89 42.22
C ACT HA . -25.45 -14.68 39.40
O ACT HA . -24.60 -13.94 39.94
OXT ACT HA . -25.73 -15.73 40.02
CH3 ACT HA . -26.07 -14.35 38.07
C1 PEG IA . -19.13 -28.80 55.52
O1 PEG IA . -19.85 -29.47 56.46
C2 PEG IA . -19.60 -28.78 54.08
O2 PEG IA . -20.75 -29.42 53.76
C3 PEG IA . -21.01 -29.28 52.43
C4 PEG IA . -22.26 -29.94 51.84
O4 PEG IA . -22.54 -29.81 50.52
C ACT JA . 3.41 -8.97 39.62
O ACT JA . 3.48 -8.95 38.37
OXT ACT JA . 3.45 -10.09 40.16
CH3 ACT JA . 3.31 -7.71 40.42
C ACT KA . -12.70 -35.32 14.72
O ACT KA . -11.87 -34.44 14.99
OXT ACT KA . -12.37 -36.49 15.03
CH3 ACT KA . -14.01 -34.99 14.05
C ACT LA . -5.15 -34.30 51.05
O ACT LA . -5.07 -33.47 50.11
OXT ACT LA . -4.66 -33.94 52.14
CH3 ACT LA . -5.81 -35.62 50.87
C1 PEG MA . -22.93 -34.53 29.49
O1 PEG MA . -22.22 -34.69 28.35
C2 PEG MA . -23.39 -33.13 29.87
O2 PEG MA . -24.11 -32.85 30.98
C3 PEG MA . -24.29 -31.49 30.91
C4 PEG MA . -25.06 -30.69 31.95
O4 PEG MA . -25.17 -29.34 31.79
C1 KAN NA . -8.95 43.58 17.47
C2 KAN NA . -9.10 45.04 17.05
C3 KAN NA . -8.25 45.39 15.83
C4 KAN NA . -6.79 45.08 16.15
C5 KAN NA . -6.68 43.59 16.46
C6 KAN NA . -5.22 43.35 16.83
C7 KAN NA . -11.65 39.17 16.45
C8 KAN NA . -11.75 40.06 17.65
C9 KAN NA . -11.31 41.48 17.24
C10 KAN NA . -9.83 41.48 16.78
C11 KAN NA . -9.77 40.57 15.54
C12 KAN NA . -10.22 39.16 15.92
C13 KAN NA . -13.35 40.25 19.46
C14 KAN NA . -14.45 39.24 19.80
C15 KAN NA . -15.74 39.53 19.08
C16 KAN NA . -16.21 40.93 19.49
C17 KAN NA . -15.11 41.88 19.09
C18 KAN NA . -15.57 43.27 19.52
N1 KAN NA . -5.01 41.93 17.13
N2 KAN NA . -8.39 40.52 15.05
N3 KAN NA . -12.04 37.83 16.92
N4 KAN NA . -16.76 38.54 19.46
O5 KAN NA . -7.53 43.28 17.62
O6 KAN NA . -10.48 45.32 16.76
O7 KAN NA . -8.40 46.79 15.53
O8 KAN NA . -5.96 45.42 15.04
O9 KAN NA . -9.41 42.79 16.38
O10 KAN NA . -11.53 42.41 18.31
O11 KAN NA . -13.13 40.00 18.09
O12 KAN NA . -13.84 41.57 19.74
O13 KAN NA . -13.90 37.94 19.50
O14 KAN NA . -17.43 41.27 18.83
O15 KAN NA . -14.59 44.24 19.14
N1 0J9 OA . -9.55 60.99 16.62
C2 0J9 OA . -8.42 60.64 15.88
N3 0J9 OA . -7.74 59.49 16.24
C4 0J9 OA . -8.20 58.76 17.29
C5 0J9 OA . -9.29 59.08 18.01
C6 0J9 OA . -9.95 60.22 17.64
CAA 0J9 OA . -5.21 57.80 17.43
CAB 0J9 OA . -6.34 55.67 18.16
CAC 0J9 OA . -6.65 56.52 15.84
NAD 0J9 OA . -11.04 60.62 18.29
CAE 0J9 OA . -9.26 57.02 23.96
CAF 0J9 OA . -8.29 57.05 22.97
CAI 0J9 OA . -11.64 58.33 19.81
CAJ 0J9 OA . -10.56 57.32 23.63
CAK 0J9 OA . -12.26 57.93 22.08
CAL 0J9 OA . -8.63 57.37 21.65
NAO 0J9 OA . -8.35 57.32 18.79
CAQ 0J9 OA . -10.32 57.93 19.96
CAR 0J9 OA . -9.46 58.06 18.91
CAS 0J9 OA . -10.92 57.65 22.32
CAT 0J9 OA . -9.94 57.67 21.30
NAW 0J9 OA . -7.68 57.65 17.79
CAX 0J9 OA . -6.48 56.93 17.31
CAG 0J9 OA . -12.63 58.26 20.78
NA NA PA . 2.57 33.38 18.96
C ACT QA . 5.80 51.07 18.92
O ACT QA . 4.88 50.50 19.55
OXT ACT QA . 6.13 50.53 17.83
CH3 ACT QA . 6.46 52.31 19.46
C ACT RA . -26.64 58.79 19.19
O ACT RA . -25.58 59.39 19.46
OXT ACT RA . -27.26 58.34 20.17
CH3 ACT RA . -27.13 58.64 17.77
C ACT SA . -10.61 53.49 19.90
O ACT SA . -11.28 53.09 20.87
OXT ACT SA . -10.79 52.90 18.81
CH3 ACT SA . -9.61 54.60 20.01
C1 KAN TA . 8.61 61.32 -20.72
C2 KAN TA . 9.52 60.83 -19.61
C3 KAN TA . 8.73 60.43 -18.37
C4 KAN TA . 7.96 61.66 -17.91
C5 KAN TA . 7.04 62.11 -19.02
C6 KAN TA . 6.37 63.39 -18.50
C7 KAN TA . 6.21 59.17 -24.93
C8 KAN TA . 7.56 59.85 -24.89
C9 KAN TA . 8.09 59.75 -23.44
C10 KAN TA . 7.15 60.43 -22.41
C11 KAN TA . 5.81 59.68 -22.46
C12 KAN TA . 5.26 59.79 -23.87
C13 KAN TA . 9.52 59.92 -26.42
C14 KAN TA . 9.71 59.36 -27.86
C15 KAN TA . 10.04 57.90 -27.93
C16 KAN TA . 11.29 57.68 -27.14
C17 KAN TA . 11.03 58.12 -25.71
C18 KAN TA . 12.27 57.94 -24.88
N1 KAN TA . 5.41 63.92 -19.48
N2 KAN TA . 4.87 60.31 -21.51
N3 KAN TA . 5.70 59.34 -26.31
N4 KAN TA . 10.36 57.57 -29.33
O5 KAN TA . 7.83 62.42 -20.20
O6 KAN TA . 10.24 59.65 -20.05
O7 KAN TA . 9.66 60.01 -17.39
O8 KAN TA . 7.23 61.37 -16.73
O9 KAN TA . 7.67 60.31 -21.08
O10 KAN TA . 9.40 60.30 -23.36
O11 KAN TA . 8.38 59.22 -25.92
O12 KAN TA . 10.68 59.52 -25.68
O13 KAN TA . 8.51 59.63 -28.59
O14 KAN TA . 11.54 56.29 -27.15
O15 KAN TA . 11.92 58.37 -23.57
N1 0J9 UA . 19.98 57.61 -7.15
C2 0J9 UA . 18.81 57.91 -6.47
N3 0J9 UA . 17.98 58.87 -7.05
C4 0J9 UA . 18.33 59.46 -8.21
C5 0J9 UA . 19.49 59.16 -8.86
C6 0J9 UA . 20.28 58.22 -8.30
CAA 0J9 UA . 16.54 61.94 -7.35
CAB 0J9 UA . 15.98 61.92 -9.79
CAC 0J9 UA . 15.27 60.03 -8.34
NAD 0J9 UA . 21.43 57.87 -8.87
CAE 0J9 UA . 20.96 63.79 -13.05
CAF 0J9 UA . 19.95 63.70 -12.10
CAI 0J9 UA . 21.26 59.13 -11.30
CAJ 0J9 UA . 21.75 62.68 -13.30
CAK 0J9 UA . 22.39 60.42 -12.93
CAL 0J9 UA . 19.76 62.50 -11.41
NAO 0J9 UA . 18.33 60.69 -9.83
CAQ 0J9 UA . 20.33 60.12 -10.99
CAR 0J9 UA . 19.41 59.92 -9.98
CAS 0J9 UA . 21.55 61.48 -12.61
CAT 0J9 UA . 20.54 61.36 -11.64
NAW 0J9 UA . 17.68 60.38 -8.90
CAX 0J9 UA . 16.38 61.05 -8.60
CAG 0J9 UA . 22.23 59.23 -12.27
NA NA VA . 16.57 47.12 -1.57
NA NA WA . 8.48 53.77 -30.60
C ACT XA . 28.57 48.04 -19.99
O ACT XA . 29.35 49.02 -19.94
OXT ACT XA . 28.62 47.34 -21.02
CH3 ACT XA . 27.64 47.71 -18.85
C ACT YA . 2.60 48.80 -31.75
O ACT YA . 2.01 49.87 -31.46
OXT ACT YA . 3.84 48.83 -31.73
CH3 ACT YA . 1.84 47.55 -32.10
C ACT ZA . 8.79 36.18 -17.06
O ACT ZA . 9.93 36.55 -16.70
OXT ACT ZA . 7.96 36.03 -16.13
CH3 ACT ZA . 8.43 35.93 -18.50
C ACT AB . 7.72 71.83 -5.76
O ACT AB . 6.50 71.66 -5.62
OXT ACT AB . 8.22 71.24 -6.74
CH3 ACT AB . 8.55 72.70 -4.86
C1 KAN BB . 20.52 29.58 29.88
C2 KAN BB . 21.40 30.51 29.05
C3 KAN BB . 22.83 30.03 28.96
C4 KAN BB . 23.39 29.93 30.37
C5 KAN BB . 22.54 28.94 31.16
C6 KAN BB . 23.17 28.86 32.54
C7 KAN BB . 17.32 25.54 28.81
C8 KAN BB . 16.94 26.98 28.99
C9 KAN BB . 18.20 27.82 28.66
C10 KAN BB . 19.38 27.51 29.60
C11 KAN BB . 19.74 26.03 29.33
C12 KAN BB . 18.53 25.16 29.68
C13 KAN BB . 14.93 28.31 28.51
C14 KAN BB . 13.53 27.91 28.00
C15 KAN BB . 13.46 27.75 26.51
C16 KAN BB . 13.85 29.07 25.88
C17 KAN BB . 15.24 29.40 26.34
C18 KAN BB . 15.69 30.70 25.71
N1 KAN BB . 22.43 27.91 33.38
N2 KAN BB . 20.90 25.72 30.17
N3 KAN BB . 16.12 24.74 29.17
N4 KAN BB . 12.04 27.47 26.18
O5 KAN BB . 21.14 29.43 31.19
O6 KAN BB . 20.87 30.60 27.73
O7 KAN BB . 23.58 30.97 28.16
O8 KAN BB . 24.76 29.51 30.33
O9 KAN BB . 20.52 28.29 29.26
O10 KAN BB . 17.89 29.20 28.75
O11 KAN BB . 15.80 27.22 28.15
O12 KAN BB . 15.31 29.51 27.78
O13 KAN BB . 13.17 26.69 28.65
O14 KAN BB . 13.86 28.89 24.49
O15 KAN BB . 17.03 30.91 26.12
N1 0J9 CB . 30.23 42.38 22.29
C2 0J9 CB . 31.30 41.67 22.81
N3 0J9 CB . 31.10 41.03 24.03
C4 0J9 CB . 29.91 41.10 24.65
C5 0J9 CB . 28.88 41.78 24.15
C6 0J9 CB . 29.06 42.41 22.95
CAA 0J9 CB . 31.55 40.50 27.24
CAB 0J9 CB . 29.46 39.30 27.92
CAC 0J9 CB . 30.81 38.45 25.99
NAD 0J9 CB . 28.09 43.10 22.39
CAE 0J9 CB . 24.23 41.89 28.73
CAF 0J9 CB . 25.52 41.38 28.75
CAI 0J9 CB . 26.00 42.62 24.12
CAJ 0J9 CB . 23.75 42.45 27.56
CAK 0J9 CB . 23.96 43.06 25.28
CAL 0J9 CB . 26.29 41.42 27.59
NAO 0J9 CB . 28.48 40.83 26.03
CAQ 0J9 CB . 26.61 42.00 25.20
CAR 0J9 CB . 27.90 41.55 25.08
CAS 0J9 CB . 24.53 42.49 26.41
CAT 0J9 CB . 25.84 41.97 26.39
NAW 0J9 CB . 29.52 40.56 25.81
CAX 0J9 CB . 30.33 39.72 26.73
CAG 0J9 CB . 24.70 43.13 24.11
NA NA DB . 37.43 37.54 13.32
NA NA EB . 11.54 24.11 23.23
C ACT FB . 15.69 42.98 10.00
O ACT FB . 14.61 43.54 9.73
OXT ACT FB . 15.83 41.82 9.57
CH3 ACT FB . 16.78 43.69 10.75
C ACT GB . 36.09 36.95 10.15
O ACT GB . 36.34 37.81 11.01
OXT ACT GB . 34.89 36.80 9.83
CH3 ACT GB . 37.18 36.12 9.51
C ACT HB . 12.35 17.17 20.54
O ACT HB . 12.73 17.07 21.73
OXT ACT HB . 12.52 16.16 19.82
CH3 ACT HB . 11.73 18.42 19.99
NA NA IB . 50.39 18.47 38.21
C ACT JB . 49.69 15.66 39.35
O ACT JB . 50.46 16.62 39.57
OXT ACT JB . 50.23 14.56 39.08
CH3 ACT JB . 48.20 15.83 39.43
C1 KAN KB . 63.14 18.21 16.77
C2 KAN KB . 62.75 18.40 18.22
C3 KAN KB . 61.34 18.97 18.34
C4 KAN KB . 61.32 20.31 17.63
C5 KAN KB . 61.70 20.09 16.17
C6 KAN KB . 61.68 21.44 15.44
C7 KAN KB . 62.84 14.16 13.37
C8 KAN KB . 64.06 14.56 14.17
C9 KAN KB . 63.52 15.32 15.41
C10 KAN KB . 62.73 16.59 15.01
C11 KAN KB . 61.50 16.11 14.22
C12 KAN KB . 62.00 15.37 12.99
C13 KAN KB . 66.18 13.54 14.81
C14 KAN KB . 66.87 12.23 14.40
C15 KAN KB . 66.46 11.01 15.19
C16 KAN KB . 66.73 11.29 16.65
C17 KAN KB . 65.91 12.50 17.08
C18 KAN KB . 66.08 12.78 18.58
N1 KAN KB . 62.05 21.26 14.02
N2 KAN KB . 60.75 17.27 13.80
N3 KAN KB . 63.37 13.50 12.15
N4 KAN KB . 67.31 9.90 14.74
O5 KAN KB . 63.02 19.50 16.09
O6 KAN KB . 62.81 17.11 18.88
O7 KAN KB . 61.04 19.16 19.73
O8 KAN KB . 60.03 20.93 17.75
O9 KAN KB . 62.23 17.30 16.17
O10 KAN KB . 64.60 15.68 16.27
O11 KAN KB . 64.80 13.34 14.47
O12 KAN KB . 66.33 13.64 16.26
O13 KAN KB . 66.65 12.07 13.00
O14 KAN KB . 66.44 10.14 17.44
O15 KAN KB . 65.25 13.89 18.94
C1 PEG LB . 71.13 7.47 39.65
O1 PEG LB . 71.59 7.81 40.89
C2 PEG LB . 71.79 6.33 38.88
O2 PEG LB . 71.46 5.87 37.63
C3 PEG LB . 70.46 6.33 36.81
C4 PEG LB . 69.46 7.47 37.05
O4 PEG LB . 68.53 7.79 36.12
N1 0J9 MB . 61.46 22.64 33.58
C2 0J9 MB . 60.45 23.37 32.96
N3 0J9 MB . 60.68 23.72 31.63
C4 0J9 MB . 61.81 23.35 31.01
C5 0J9 MB . 62.79 22.63 31.62
C6 0J9 MB . 62.58 22.29 32.92
CAA 0J9 MB . 61.27 25.82 29.15
CAB 0J9 MB . 62.18 24.28 27.41
CAC 0J9 MB . 60.05 23.72 28.51
NAD 0J9 MB . 63.48 21.58 33.61
CAE 0J9 MB . 68.61 23.57 29.40
CAF 0J9 MB . 67.42 24.22 29.18
CAI 0J9 MB . 65.11 20.67 31.48
CAJ 0J9 MB . 68.60 22.35 30.08
CAK 0J9 MB . 67.48 20.58 31.20
CAL 0J9 MB . 66.22 23.66 29.63
NAO 0J9 MB . 63.35 23.14 29.60
CAQ 0J9 MB . 64.97 21.82 30.71
CAR 0J9 MB . 63.72 22.38 30.63
CAS 0J9 MB . 67.42 21.80 30.53
CAT 0J9 MB . 66.19 22.44 30.30
NAW 0J9 MB . 62.19 23.60 29.76
CAX 0J9 MB . 61.42 24.35 28.73
CAG 0J9 MB . 66.31 20.00 31.65
C ACT NB . 65.28 20.02 26.32
O ACT NB . 64.46 20.35 25.43
OXT ACT NB . 66.34 19.49 25.93
CH3 ACT NB . 65.01 20.26 27.77
C1 KAN OB . -43.84 -41.03 -19.17
C2 KAN OB . -42.35 -40.91 -18.85
C3 KAN OB . -41.89 -41.94 -17.83
C4 KAN OB . -42.69 -41.76 -16.57
C5 KAN OB . -44.17 -41.97 -16.89
C6 KAN OB . -44.96 -41.75 -15.59
C7 KAN OB . -46.57 -43.65 -22.91
C8 KAN OB . -46.20 -42.20 -22.92
C9 KAN OB . -44.96 -42.05 -21.99
C10 KAN OB . -45.25 -42.49 -20.54
C11 KAN OB . -45.59 -43.98 -20.59
C12 KAN OB . -46.82 -44.15 -21.49
C13 KAN OB . -46.11 -40.39 -24.59
C14 KAN OB . -46.59 -40.28 -26.04
C15 KAN OB . -45.62 -40.88 -27.04
C16 KAN OB . -44.33 -40.10 -26.90
C17 KAN OB . -43.84 -40.27 -25.47
C18 KAN OB . -42.48 -39.60 -25.24
N1 KAN OB . -46.39 -41.95 -15.87
N2 KAN OB . -45.90 -44.40 -19.23
N3 KAN OB . -47.83 -43.77 -23.69
N4 KAN OB . -46.17 -40.73 -28.41
O5 KAN OB . -44.58 -40.97 -17.90
O6 KAN OB . -41.58 -41.10 -20.06
O7 KAN OB . -40.50 -41.72 -17.53
O8 KAN OB . -42.23 -42.74 -15.63
O9 KAN OB . -44.09 -42.33 -19.71
O10 KAN OB . -44.44 -40.70 -22.00
O11 KAN OB . -45.99 -41.80 -24.32
O12 KAN OB . -44.84 -39.76 -24.51
O13 KAN OB . -47.82 -40.95 -26.11
O14 KAN OB . -43.37 -40.60 -27.84
O15 KAN OB . -42.04 -39.89 -23.90
N1 0J9 PB . -27.77 -35.88 -14.52
C2 0J9 PB . -28.17 -36.73 -13.50
N3 0J9 PB . -29.52 -36.77 -13.22
C4 0J9 PB . -30.38 -36.03 -13.93
C5 0J9 PB . -29.99 -35.20 -14.92
C6 0J9 PB . -28.66 -35.16 -15.20
CAA 0J9 PB . -32.23 -36.27 -11.42
CAB 0J9 PB . -34.06 -36.30 -13.09
CAC 0J9 PB . -32.43 -38.18 -13.04
NAD 0J9 PB . -28.18 -34.37 -16.16
CAE 0J9 PB . -34.21 -30.59 -15.90
CAF 0J9 PB . -34.14 -31.60 -14.95
CAI 0J9 PB . -30.50 -33.57 -17.41
CAJ 0J9 PB . -33.32 -30.62 -16.98
CAK 0J9 PB . -31.54 -31.58 -18.22
CAL 0J9 PB . -33.19 -32.61 -15.09
NAO 0J9 PB . -32.11 -35.13 -14.59
CAQ 0J9 PB . -31.38 -33.73 -16.34
CAR 0J9 PB . -31.17 -34.71 -15.42
CAS 0J9 PB . -32.38 -31.63 -17.12
CAT 0J9 PB . -32.30 -32.66 -16.17
NAW 0J9 PB . -31.71 -35.94 -13.82
CAX 0J9 PB . -32.59 -36.66 -12.86
CAG 0J9 PB . -30.60 -32.58 -18.38
NA NA QB . -19.84 -45.82 -14.33
CL CL RB . -38.66 -40.44 -9.38
C ACT SB . -18.10 -47.12 -16.66
O ACT SB . -18.30 -46.00 -16.13
OXT ACT SB . -18.37 -47.21 -17.88
CH3 ACT SB . -17.56 -48.28 -15.89
C ACT TB . -25.02 -34.45 -31.97
O ACT TB . -24.88 -33.55 -32.82
OXT ACT TB . -24.70 -35.61 -32.32
CH3 ACT TB . -25.54 -34.17 -30.60
C ACT UB . -35.69 -35.04 -18.29
O ACT UB . -35.89 -33.99 -18.94
OXT ACT UB . -36.71 -35.63 -17.86
CH3 ACT UB . -34.31 -35.57 -18.04
C1 KAN VB . -21.29 -69.85 7.32
C2 KAN VB . -22.45 -68.95 7.73
C3 KAN VB . -22.84 -67.96 6.65
C4 KAN VB . -21.63 -67.09 6.35
C5 KAN VB . -20.50 -68.01 5.87
C6 KAN VB . -19.29 -67.11 5.54
C7 KAN VB . -20.81 -74.63 5.16
C8 KAN VB . -20.74 -74.29 6.62
C9 KAN VB . -21.53 -72.97 6.82
C10 KAN VB . -20.93 -71.80 5.99
C11 KAN VB . -21.06 -72.19 4.52
C12 KAN VB . -20.28 -73.48 4.29
C13 KAN VB . -20.85 -75.56 8.74
C14 KAN VB . -20.92 -77.06 9.03
C15 KAN VB . -22.30 -77.63 8.93
C16 KAN VB . -23.16 -76.90 9.94
C17 KAN VB . -23.14 -75.42 9.58
C18 KAN VB . -24.01 -74.62 10.55
N1 KAN VB . -18.19 -67.94 5.04
N2 KAN VB . -20.50 -71.09 3.71
N3 KAN VB . -19.97 -75.85 4.95
N4 KAN VB . -22.25 -79.05 9.29
O5 KAN VB . -20.19 -68.96 6.92
O6 KAN VB . -23.59 -69.77 8.03
O7 KAN VB . -23.90 -67.15 7.15
O8 KAN VB . -21.96 -66.09 5.38
O9 KAN VB . -21.67 -70.58 6.18
O10 KAN VB . -21.60 -72.62 8.21
O11 KAN VB . -21.25 -75.44 7.37
O12 KAN VB . -21.77 -74.92 9.61
O13 KAN VB . -20.00 -77.68 8.13
O14 KAN VB . -24.48 -77.42 9.92
O15 KAN VB . -23.96 -73.25 10.17
N1 0J9 WB . -32.77 -59.03 15.14
C2 0J9 WB . -32.30 -58.32 14.06
N3 0J9 WB . -30.99 -58.52 13.67
C4 0J9 WB . -30.22 -59.40 14.33
C5 0J9 WB . -30.67 -60.11 15.39
C6 0J9 WB . -31.96 -59.90 15.78
CAA 0J9 WB . -27.83 -57.72 13.23
CAB 0J9 WB . -26.73 -59.97 13.10
CAC 0J9 WB . -28.71 -59.46 11.68
NAD 0J9 WB . -32.49 -60.54 16.81
CAE 0J9 WB . -25.78 -62.20 18.90
CAF 0J9 WB . -25.83 -61.38 17.78
CAI 0J9 WB . -30.52 -62.37 17.34
CAJ 0J9 WB . -26.95 -62.83 19.31
CAK 0J9 WB . -29.25 -63.34 19.09
CAL 0J9 WB . -27.03 -61.21 17.10
NAO 0J9 WB . -28.62 -60.48 14.91
CAQ 0J9 WB . -29.43 -61.73 16.76
CAR 0J9 WB . -29.62 -60.90 15.70
CAS 0J9 WB . -28.14 -62.66 18.62
CAT 0J9 WB . -28.21 -61.85 17.48
NAW 0J9 WB . -28.95 -59.74 14.12
CAX 0J9 WB . -28.07 -59.22 13.05
CAG 0J9 WB . -30.46 -63.21 18.44
C ACT XB . -16.66 -53.30 7.57
O ACT XB . -16.28 -53.02 6.41
OXT ACT XB . -17.13 -54.45 7.73
CH3 ACT XB . -16.54 -52.33 8.71
NA NA YB . -8.33 -19.78 -9.10
C1 KAN ZB . 0.71 -14.23 -2.63
C2 KAN ZB . 1.60 -13.28 -3.42
C3 KAN ZB . 3.04 -13.78 -3.52
C4 KAN ZB . 3.57 -13.85 -2.10
C5 KAN ZB . 2.70 -14.82 -1.32
C6 KAN ZB . 3.28 -14.80 0.09
C7 KAN ZB . -2.52 -18.27 -3.56
C8 KAN ZB . -2.88 -16.83 -3.43
C9 KAN ZB . -1.62 -15.99 -3.79
C10 KAN ZB . -0.42 -16.30 -2.87
C11 KAN ZB . -0.06 -17.78 -3.09
C12 KAN ZB . -1.30 -18.61 -2.69
C13 KAN ZB . -4.92 -15.49 -3.96
C14 KAN ZB . -6.33 -15.89 -4.48
C15 KAN ZB . -6.36 -16.09 -5.98
C16 KAN ZB . -5.94 -14.80 -6.62
C17 KAN ZB . -4.55 -14.47 -6.14
C18 KAN ZB . -4.16 -13.13 -6.72
N1 KAN ZB . 2.50 -15.74 0.93
N2 KAN ZB . 1.07 -18.08 -2.21
N3 KAN ZB . -3.72 -19.03 -3.11
N4 KAN ZB . -7.77 -16.35 -6.38
O5 KAN ZB . 1.30 -14.36 -1.31
O6 KAN ZB . 1.08 -13.20 -4.75
O7 KAN ZB . 3.80 -12.84 -4.28
O8 KAN ZB . 4.94 -14.25 -2.09
O9 KAN ZB . 0.73 -15.50 -3.25
O10 KAN ZB . -1.94 -14.61 -3.71
O11 KAN ZB . -4.06 -16.58 -4.28
O12 KAN ZB . -4.51 -14.32 -4.69
O13 KAN ZB . -6.72 -17.10 -3.82
O14 KAN ZB . -5.91 -15.04 -8.03
O15 KAN ZB . -2.84 -12.81 -6.28
C ACT AC . 15.42 -8.31 6.85
O ACT AC . 14.90 -8.55 5.75
OXT ACT AC . 15.63 -9.31 7.58
CH3 ACT AC . 15.77 -6.91 7.27
N1 0J9 BC . 10.81 -1.57 -10.52
C2 0J9 BC . 11.82 -2.29 -9.89
N3 0J9 BC . 11.51 -2.87 -8.68
C4 0J9 BC . 10.29 -2.73 -8.14
C5 0J9 BC . 9.31 -2.03 -8.75
C6 0J9 BC . 9.61 -1.47 -9.94
CAA 0J9 BC . 11.66 -3.25 -5.34
CAB 0J9 BC . 9.49 -4.41 -4.87
CAC 0J9 BC . 11.03 -5.31 -6.60
NAD 0J9 BC . 8.70 -0.77 -10.60
CAE 0J9 BC . 4.62 -0.81 -4.49
CAF 0J9 BC . 5.85 -1.42 -4.35
CAI 0J9 BC . 6.46 -1.19 -9.12
CAJ 0J9 BC . 4.19 -0.47 -5.76
CAK 0J9 BC . 4.47 -0.36 -8.12
CAL 0J9 BC . 6.63 -1.68 -5.47
NAO 0J9 BC . 8.73 -2.85 -6.85
CAQ 0J9 BC . 7.00 -1.65 -7.93
CAR 0J9 BC . 8.25 -2.19 -7.91
CAS 0J9 BC . 4.98 -0.73 -6.89
CAT 0J9 BC . 6.23 -1.35 -6.77
NAW 0J9 BC . 9.81 -3.20 -7.00
CAX 0J9 BC . 10.49 -4.03 -5.96
CAG 0J9 BC . 5.21 -0.60 -9.25
NA NA CC . 17.63 -6.75 -19.52
C ACT DC . -7.44 -26.55 -11.73
O ACT DC . -7.08 -26.81 -10.55
OXT ACT DC . -7.04 -27.34 -12.61
CH3 ACT DC . -8.31 -25.36 -12.07
C ACT EC . -3.13 -0.86 -22.48
O ACT EC . -3.03 0.25 -21.92
OXT ACT EC . -2.07 -1.50 -22.65
CH3 ACT EC . -4.44 -1.42 -22.92
C1 KAN FC . 43.40 -26.20 -15.61
C2 KAN FC . 43.05 -25.97 -14.15
C3 KAN FC . 41.66 -25.38 -13.98
C4 KAN FC . 41.62 -24.07 -14.72
C5 KAN FC . 41.93 -24.32 -16.20
C6 KAN FC . 41.87 -22.94 -16.87
C7 KAN FC . 43.17 -30.35 -18.89
C8 KAN FC . 44.33 -29.92 -18.05
C9 KAN FC . 43.75 -29.11 -16.86
C10 KAN FC . 42.98 -27.84 -17.31
C11 KAN FC . 41.78 -28.36 -18.14
C12 KAN FC . 42.33 -29.14 -19.33
C13 KAN FC . 46.42 -30.93 -17.32
C14 KAN FC . 47.12 -32.23 -17.70
C15 KAN FC . 46.69 -33.44 -16.90
C16 KAN FC . 46.92 -33.11 -15.44
C17 KAN FC . 46.10 -31.88 -15.04
C18 KAN FC . 46.19 -31.50 -13.54
N1 KAN FC . 42.13 -23.08 -18.32
N2 KAN FC . 40.98 -27.22 -18.62
N3 KAN FC . 43.77 -31.04 -20.05
N4 KAN FC . 47.56 -34.56 -17.27
O5 KAN FC . 43.25 -24.92 -16.31
O6 KAN FC . 43.09 -27.22 -13.46
O7 KAN FC . 41.44 -25.17 -12.60
O8 KAN FC . 40.35 -23.44 -14.53
O9 KAN FC . 42.45 -27.12 -16.20
O10 KAN FC . 44.81 -28.73 -15.99
O11 KAN FC . 45.06 -31.12 -17.70
O12 KAN FC . 46.56 -30.78 -15.89
O13 KAN FC . 46.95 -32.41 -19.11
O14 KAN FC . 46.63 -34.23 -14.64
O15 KAN FC . 45.35 -30.37 -13.28
N1 0J9 GC . 41.71 -21.07 1.13
C2 0J9 GC . 40.70 -20.37 0.48
N3 0J9 GC . 40.92 -20.07 -0.86
C4 0J9 GC . 42.06 -20.48 -1.44
C5 0J9 GC . 43.03 -21.15 -0.81
C6 0J9 GC . 42.84 -21.45 0.49
CAA 0J9 GC . 41.44 -18.12 -3.35
CAB 0J9 GC . 42.42 -19.65 -5.09
CAC 0J9 GC . 40.31 -20.28 -3.94
NAD 0J9 GC . 43.76 -22.11 1.18
CAE 0J9 GC . 48.78 -20.23 -3.24
CAF 0J9 GC . 47.55 -19.60 -3.41
CAI 0J9 GC . 45.42 -23.11 -0.95
CAJ 0J9 GC . 48.82 -21.43 -2.54
CAK 0J9 GC . 47.79 -23.21 -1.34
CAL 0J9 GC . 46.39 -20.17 -2.89
NAO 0J9 GC . 43.56 -20.72 -2.83
CAQ 0J9 GC . 45.22 -21.98 -1.72
CAR 0J9 GC . 43.96 -21.42 -1.78
CAS 0J9 GC . 47.66 -22.00 -2.02
CAT 0J9 GC . 46.41 -21.37 -2.19
NAW 0J9 GC . 42.46 -20.29 -2.70
CAX 0J9 GC . 41.66 -19.58 -3.75
CAG 0J9 GC . 46.63 -23.79 -0.81
NA NA HC . 30.54 -25.15 5.82
C ACT IC . 40.57 1.13 8.87
O ACT IC . 39.75 2.06 9.06
OXT ACT IC . 41.36 1.30 7.91
CH3 ACT IC . 40.58 -0.09 9.74
C ACT JC . 29.94 -28.16 7.07
O ACT JC . 30.68 -27.16 7.01
OXT ACT JC . 30.51 -29.28 6.95
CH3 ACT JC . 28.46 -28.04 7.27
C ACT KC . 49.29 -37.27 4.85
O ACT KC . 49.12 -36.16 4.29
OXT ACT KC . 50.39 -37.40 5.43
CH3 ACT KC . 48.26 -38.36 4.82
C ACT LC . 39.57 -42.48 -21.08
O ACT LC . 39.66 -41.38 -21.67
OXT ACT LC . 40.60 -43.19 -21.09
CH3 ACT LC . 38.31 -42.93 -20.42
C ACT MC . 45.66 -24.03 -6.01
O ACT MC . 45.36 -23.80 -4.81
OXT ACT MC . 46.79 -24.51 -6.21
CH3 ACT MC . 44.71 -23.74 -7.13
#